data_2M56
#
_entry.id   2M56
#
loop_
_entity.id
_entity.type
_entity.pdbx_description
1 polymer 'Camphor 5-monooxygenase'
2 polymer Putidaredoxin
3 non-polymer 'PROTOPORPHYRIN IX CONTAINING FE'
4 non-polymer CAMPHOR
5 non-polymer 'FE2/S2 (INORGANIC) CLUSTER'
#
loop_
_entity_poly.entity_id
_entity_poly.type
_entity_poly.pdbx_seq_one_letter_code
_entity_poly.pdbx_strand_id
1 'polypeptide(L)'
;LAPLPPHVPEHLVFDFDMYNPSNLSAGVQEAWAVLQESNVPDLVWTRCNGGHWIATRGQLIREAYEDYRHFSSECPFIPR
EAGEAYDFIPTSMDPPEQRQFRALANQVVGMPVVDKLENRIQELACSLIESLRPQGQCNFTEDYAEPFPIRIFMLLAGLP
EEDIPHLKYLTDQMTRPDGSMTFAEAKEALYDYLIPIIEQRRQKPGTDAISIVANGQVNGRPITSDEAKRMCGLLLVGGL
DTVVNFLSFSMEFLAKSPEHRQELIQRPERIPAACEELLRRFSLVADGRILTSDYEFHGVQLKKGDQILLPQMLSGLDER
ENACPMHVDFSRQKVSHTTFGHGSHLCLGQHLARREIIVTLKEWLTRIPDFSIAPGAQIQHKSGIVSGVQALPLVWDPAT
TKAV
;
A
2 'polypeptide(L)'
;SKVVYVSHDGTRRELDVADGVSLMQAAVSNGIYDIVGDCGGSASCATCHVYVNEAFTDKVPAANEREIGMLESVTAELKP
NSRLCCQIIMTPELDGIVVDVPDRQW
;
B
#
# COMPACT_ATOMS: atom_id res chain seq x y z
N LEU A 1 14.84 26.96 6.50
CA LEU A 1 13.39 27.30 6.64
C LEU A 1 12.96 28.27 5.53
N ALA A 2 11.85 28.01 4.90
CA ALA A 2 11.36 28.95 3.84
C ALA A 2 10.55 30.03 4.58
N PRO A 3 10.48 31.21 4.01
CA PRO A 3 9.79 32.33 4.69
C PRO A 3 8.28 32.09 4.81
N LEU A 4 7.77 32.12 6.02
CA LEU A 4 6.30 31.89 6.24
C LEU A 4 5.45 32.74 5.28
N PRO A 5 4.54 32.10 4.55
CA PRO A 5 3.65 32.83 3.62
C PRO A 5 2.58 33.54 4.45
N PRO A 6 2.19 34.69 3.97
CA PRO A 6 1.25 35.59 4.70
C PRO A 6 -0.16 35.05 4.96
N HIS A 7 -0.61 33.99 4.33
CA HIS A 7 -2.00 33.49 4.68
C HIS A 7 -1.89 32.44 5.78
N VAL A 8 -0.67 32.05 6.13
CA VAL A 8 -0.46 31.07 7.23
C VAL A 8 -0.18 31.83 8.54
N PRO A 9 -1.04 31.60 9.50
CA PRO A 9 -0.88 32.25 10.83
C PRO A 9 0.32 31.66 11.60
N GLU A 10 0.99 32.49 12.36
CA GLU A 10 2.19 32.03 13.15
C GLU A 10 1.88 30.90 14.13
N HIS A 11 0.68 30.84 14.67
CA HIS A 11 0.37 29.79 15.68
C HIS A 11 0.20 28.37 15.06
N LEU A 12 0.21 28.24 13.75
CA LEU A 12 0.10 26.86 13.15
C LEU A 12 1.47 26.36 12.67
N VAL A 13 2.54 27.05 13.00
CA VAL A 13 3.88 26.60 12.53
C VAL A 13 4.54 25.54 13.43
N PHE A 14 4.96 24.48 12.82
CA PHE A 14 5.69 23.38 13.52
C PHE A 14 6.72 22.86 12.51
N ASP A 15 7.95 23.27 12.65
CA ASP A 15 9.00 22.89 11.66
C ASP A 15 9.40 21.41 11.72
N PHE A 16 8.55 20.54 11.23
CA PHE A 16 8.88 19.09 11.18
C PHE A 16 9.50 18.75 9.82
N ASP A 17 10.66 18.13 9.82
CA ASP A 17 11.32 17.75 8.53
C ASP A 17 11.04 16.27 8.25
N MET A 18 10.31 15.98 7.19
CA MET A 18 9.97 14.55 6.87
C MET A 18 11.17 13.77 6.33
N TYR A 19 12.23 14.42 5.91
CA TYR A 19 13.42 13.66 5.42
C TYR A 19 14.46 13.48 6.53
N ASN A 20 14.30 14.19 7.63
CA ASN A 20 15.25 14.05 8.78
C ASN A 20 14.59 14.64 10.04
N PRO A 21 13.62 13.93 10.57
CA PRO A 21 12.90 14.38 11.79
C PRO A 21 13.84 14.44 13.01
N SER A 22 13.56 15.35 13.91
CA SER A 22 14.43 15.55 15.13
C SER A 22 14.50 14.32 16.06
N ASN A 23 13.45 13.56 16.19
CA ASN A 23 13.50 12.38 17.11
C ASN A 23 13.68 11.07 16.34
N LEU A 24 14.45 11.09 15.27
CA LEU A 24 14.67 9.84 14.46
C LEU A 24 15.39 8.76 15.26
N SER A 25 16.20 9.14 16.22
CA SER A 25 16.95 8.12 17.01
C SER A 25 15.99 7.29 17.89
N ALA A 26 14.84 7.79 18.21
CA ALA A 26 13.88 6.99 19.04
C ALA A 26 13.00 6.10 18.15
N GLY A 27 13.19 6.16 16.85
CA GLY A 27 12.37 5.34 15.91
C GLY A 27 11.65 6.33 14.97
N VAL A 28 11.62 6.05 13.69
CA VAL A 28 10.96 7.00 12.74
C VAL A 28 9.44 7.11 13.00
N GLN A 29 8.78 6.03 13.38
CA GLN A 29 7.30 6.13 13.68
C GLN A 29 7.13 7.00 14.94
N GLU A 30 8.05 6.88 15.85
CA GLU A 30 8.05 7.72 17.08
C GLU A 30 8.39 9.15 16.70
N ALA A 31 9.28 9.30 15.74
CA ALA A 31 9.69 10.66 15.27
C ALA A 31 8.49 11.38 14.65
N TRP A 32 7.75 10.72 13.80
CA TRP A 32 6.56 11.36 13.17
C TRP A 32 5.43 11.54 14.21
N ALA A 33 5.37 10.67 15.19
CA ALA A 33 4.29 10.76 16.23
C ALA A 33 4.42 12.01 17.12
N VAL A 34 5.53 12.72 17.08
CA VAL A 34 5.62 13.97 17.92
C VAL A 34 4.59 14.99 17.41
N LEU A 35 4.16 14.82 16.18
CA LEU A 35 3.12 15.74 15.60
C LEU A 35 1.77 15.48 16.30
N GLN A 36 1.64 14.37 17.01
CA GLN A 36 0.35 14.04 17.68
C GLN A 36 0.42 14.29 19.20
N GLU A 37 1.42 14.97 19.69
CA GLU A 37 1.47 15.24 21.16
C GLU A 37 0.36 16.26 21.51
N SER A 38 0.04 16.37 22.78
CA SER A 38 -1.06 17.28 23.22
C SER A 38 -0.93 18.72 22.68
N ASN A 39 0.24 19.27 22.69
CA ASN A 39 0.43 20.70 22.25
C ASN A 39 0.38 20.94 20.71
N VAL A 40 0.29 19.92 19.88
CA VAL A 40 0.27 20.22 18.40
C VAL A 40 -1.16 20.16 17.83
N PRO A 41 -1.48 21.17 17.03
CA PRO A 41 -2.83 21.25 16.40
C PRO A 41 -3.00 20.19 15.30
N ASP A 42 -4.22 19.90 14.95
CA ASP A 42 -4.51 18.86 13.91
C ASP A 42 -3.88 19.19 12.55
N LEU A 43 -3.69 20.45 12.23
CA LEU A 43 -3.11 20.81 10.90
C LEU A 43 -2.04 21.90 11.08
N VAL A 44 -0.79 21.53 10.87
CA VAL A 44 0.32 22.52 11.06
C VAL A 44 1.02 22.87 9.75
N TRP A 45 1.82 23.92 9.79
CA TRP A 45 2.60 24.33 8.60
C TRP A 45 4.10 24.28 8.93
N THR A 46 4.85 23.51 8.19
CA THR A 46 6.33 23.44 8.44
C THR A 46 7.08 24.26 7.39
N ARG A 47 8.06 25.02 7.79
CA ARG A 47 8.85 25.84 6.81
C ARG A 47 9.98 24.99 6.20
N CYS A 48 10.06 23.74 6.59
CA CYS A 48 11.12 22.83 6.04
C CYS A 48 10.73 22.34 4.64
N ASN A 49 11.72 21.97 3.86
CA ASN A 49 11.47 21.43 2.47
C ASN A 49 10.58 22.35 1.62
N GLY A 50 10.78 23.64 1.68
CA GLY A 50 9.97 24.58 0.83
C GLY A 50 8.71 25.08 1.55
N GLY A 51 8.24 24.38 2.56
CA GLY A 51 7.02 24.86 3.29
C GLY A 51 5.78 24.11 2.79
N HIS A 52 5.06 23.50 3.70
CA HIS A 52 3.81 22.77 3.31
C HIS A 52 2.99 22.37 4.55
N TRP A 53 1.73 22.08 4.35
CA TRP A 53 0.85 21.68 5.51
C TRP A 53 1.06 20.21 5.91
N ILE A 54 0.69 19.86 7.13
CA ILE A 54 0.79 18.43 7.58
C ILE A 54 -0.44 18.04 8.42
N ALA A 55 -1.29 17.20 7.90
CA ALA A 55 -2.46 16.75 8.71
C ALA A 55 -1.93 15.70 9.71
N THR A 56 -2.04 15.96 10.99
CA THR A 56 -1.47 15.01 12.00
C THR A 56 -2.47 13.98 12.54
N ARG A 57 -3.74 14.10 12.24
CA ARG A 57 -4.71 13.08 12.78
C ARG A 57 -5.35 12.29 11.65
N GLY A 58 -5.77 11.07 11.95
CA GLY A 58 -6.38 10.19 10.91
C GLY A 58 -7.66 10.80 10.32
N GLN A 59 -8.48 11.45 11.12
CA GLN A 59 -9.73 12.06 10.57
C GLN A 59 -9.40 13.03 9.44
N LEU A 60 -8.41 13.88 9.62
CA LEU A 60 -8.04 14.86 8.56
C LEU A 60 -7.38 14.16 7.37
N ILE A 61 -6.52 13.20 7.62
CA ILE A 61 -5.84 12.48 6.49
C ILE A 61 -6.85 11.69 5.66
N ARG A 62 -7.78 11.01 6.29
CA ARG A 62 -8.81 10.23 5.53
C ARG A 62 -9.70 11.19 4.73
N GLU A 63 -10.16 12.23 5.37
CA GLU A 63 -11.06 13.22 4.70
C GLU A 63 -10.37 13.87 3.49
N ALA A 64 -9.11 14.21 3.61
CA ALA A 64 -8.38 14.86 2.48
C ALA A 64 -8.17 13.88 1.32
N TYR A 65 -7.89 12.63 1.61
CA TYR A 65 -7.68 11.62 0.51
C TYR A 65 -9.01 11.26 -0.18
N GLU A 66 -10.11 11.46 0.52
CA GLU A 66 -11.45 11.15 -0.07
C GLU A 66 -11.89 12.28 -1.01
N ASP A 67 -11.58 13.50 -0.64
CA ASP A 67 -11.97 14.67 -1.46
C ASP A 67 -10.88 15.01 -2.47
N TYR A 68 -10.92 14.40 -3.63
CA TYR A 68 -9.88 14.72 -4.65
C TYR A 68 -10.23 16.02 -5.41
N ARG A 69 -11.42 16.54 -5.22
CA ARG A 69 -11.78 17.83 -5.91
C ARG A 69 -11.00 18.99 -5.29
N HIS A 70 -10.71 18.90 -4.01
CA HIS A 70 -9.93 19.99 -3.34
C HIS A 70 -8.46 19.57 -3.24
N PHE A 71 -8.20 18.33 -2.87
CA PHE A 71 -6.80 17.83 -2.75
C PHE A 71 -6.46 16.99 -3.99
N SER A 72 -5.66 17.53 -4.86
CA SER A 72 -5.34 16.82 -6.14
C SER A 72 -4.04 15.99 -6.05
N SER A 73 -3.97 14.92 -6.83
CA SER A 73 -2.74 14.07 -6.84
C SER A 73 -1.76 14.53 -7.93
N GLU A 74 -2.09 15.57 -8.65
CA GLU A 74 -1.17 16.07 -9.71
C GLU A 74 0.24 16.34 -9.11
N CYS A 75 0.31 16.89 -7.90
CA CYS A 75 1.67 17.17 -7.26
C CYS A 75 1.76 16.57 -5.80
N PRO A 76 2.07 15.28 -5.76
CA PRO A 76 2.11 14.44 -4.47
C PRO A 76 3.43 14.24 -3.64
N PHE A 77 4.58 14.68 -4.08
CA PHE A 77 5.86 14.51 -3.27
C PHE A 77 6.14 15.90 -2.57
N ILE A 78 7.20 16.14 -1.72
CA ILE A 78 7.25 17.53 -1.03
C ILE A 78 8.44 18.54 -1.18
N PRO A 79 9.35 18.39 -2.11
CA PRO A 79 10.28 19.52 -2.47
C PRO A 79 9.43 20.08 -3.60
N ARG A 80 8.77 21.24 -3.48
CA ARG A 80 7.76 21.52 -4.55
C ARG A 80 8.20 21.04 -5.93
N GLU A 81 9.47 20.96 -6.21
CA GLU A 81 9.95 20.46 -7.53
C GLU A 81 9.81 18.91 -7.75
N ALA A 82 9.81 18.06 -6.74
CA ALA A 82 9.65 16.57 -7.03
C ALA A 82 8.20 16.25 -7.36
N GLY A 83 7.30 16.95 -6.71
CA GLY A 83 5.84 16.74 -6.94
C GLY A 83 5.49 17.20 -8.36
N GLU A 84 6.11 18.26 -8.84
CA GLU A 84 5.82 18.77 -10.22
C GLU A 84 6.41 17.82 -11.26
N ALA A 85 7.53 17.22 -10.98
CA ALA A 85 8.14 16.27 -11.96
C ALA A 85 7.45 14.88 -11.90
N TYR A 86 6.79 14.57 -10.79
CA TYR A 86 6.13 13.23 -10.62
C TYR A 86 4.98 12.98 -11.65
N ASP A 87 5.07 11.89 -12.42
CA ASP A 87 4.01 11.57 -13.45
C ASP A 87 3.86 10.06 -13.74
N PHE A 88 3.95 9.26 -12.69
CA PHE A 88 3.71 7.77 -12.81
C PHE A 88 2.20 7.61 -13.28
N ILE A 89 1.50 6.45 -13.45
CA ILE A 89 0.05 6.65 -14.03
C ILE A 89 -1.26 6.14 -13.36
N PRO A 90 -1.30 5.69 -12.13
CA PRO A 90 -2.64 5.55 -11.47
C PRO A 90 -2.61 6.46 -10.23
N THR A 91 -1.69 7.44 -10.23
CA THR A 91 -1.43 8.31 -9.05
C THR A 91 -1.29 9.80 -9.37
N SER A 92 -0.58 10.20 -10.41
CA SER A 92 -0.48 11.69 -10.64
C SER A 92 -1.80 12.21 -11.30
N MET A 93 -2.88 11.39 -11.29
CA MET A 93 -4.19 11.75 -11.96
C MET A 93 -5.42 11.88 -10.98
N ASP A 94 -6.36 12.80 -11.24
CA ASP A 94 -7.61 12.83 -10.38
C ASP A 94 -8.68 11.96 -11.14
N PRO A 95 -9.50 11.23 -10.38
CA PRO A 95 -10.28 10.03 -10.89
C PRO A 95 -11.47 9.95 -11.91
N PRO A 96 -11.72 10.87 -12.83
CA PRO A 96 -12.71 10.50 -13.85
C PRO A 96 -11.81 9.61 -14.75
N GLU A 97 -10.74 10.23 -15.14
CA GLU A 97 -9.59 9.66 -15.90
C GLU A 97 -8.72 8.57 -15.18
N GLN A 98 -8.25 8.84 -13.94
CA GLN A 98 -7.28 7.84 -13.27
C GLN A 98 -7.80 6.39 -13.25
N ARG A 99 -9.08 6.23 -13.05
CA ARG A 99 -9.70 4.87 -12.98
C ARG A 99 -9.32 3.91 -14.12
N GLN A 100 -9.33 4.34 -15.37
CA GLN A 100 -9.03 3.37 -16.50
C GLN A 100 -7.61 2.78 -16.42
N PHE A 101 -6.68 3.42 -15.76
CA PHE A 101 -5.29 2.83 -15.69
C PHE A 101 -5.14 1.82 -14.53
N ARG A 102 -6.02 1.85 -13.57
CA ARG A 102 -5.91 0.90 -12.42
C ARG A 102 -6.18 -0.55 -12.84
N ALA A 103 -7.06 -0.76 -13.81
CA ALA A 103 -7.37 -2.15 -14.25
C ALA A 103 -6.14 -2.78 -14.93
N LEU A 104 -5.42 -2.01 -15.71
CA LEU A 104 -4.21 -2.57 -16.40
C LEU A 104 -3.12 -2.88 -15.37
N ALA A 105 -2.97 -2.03 -14.39
CA ALA A 105 -1.94 -2.28 -13.33
C ALA A 105 -2.36 -3.48 -12.47
N ASN A 106 -3.65 -3.68 -12.31
CA ASN A 106 -4.13 -4.83 -11.51
C ASN A 106 -3.74 -6.15 -12.21
N GLN A 107 -3.69 -6.13 -13.53
CA GLN A 107 -3.33 -7.36 -14.31
C GLN A 107 -1.91 -7.82 -14.00
N VAL A 108 -1.01 -6.91 -13.68
CA VAL A 108 0.41 -7.31 -13.43
C VAL A 108 0.81 -7.33 -11.94
N VAL A 109 0.09 -6.69 -11.04
CA VAL A 109 0.51 -6.80 -9.58
C VAL A 109 -0.68 -7.11 -8.68
N GLY A 110 -1.84 -7.34 -9.23
CA GLY A 110 -3.03 -7.64 -8.39
C GLY A 110 -3.03 -9.12 -7.98
N MET A 111 -4.16 -9.61 -7.52
CA MET A 111 -4.26 -11.05 -7.10
C MET A 111 -3.99 -12.04 -8.22
N PRO A 112 -4.40 -11.75 -9.44
CA PRO A 112 -4.18 -12.71 -10.55
C PRO A 112 -2.67 -12.95 -10.78
N VAL A 113 -1.81 -12.00 -10.44
CA VAL A 113 -0.33 -12.26 -10.62
C VAL A 113 0.20 -12.90 -9.33
N VAL A 114 -0.44 -12.64 -8.19
CA VAL A 114 0.02 -13.27 -6.92
C VAL A 114 -0.22 -14.78 -7.04
N ASP A 115 -1.27 -15.15 -7.74
CA ASP A 115 -1.56 -16.60 -7.94
C ASP A 115 -0.56 -17.20 -8.92
N LYS A 116 -0.17 -16.44 -9.90
CA LYS A 116 0.85 -16.94 -10.88
C LYS A 116 2.20 -17.12 -10.17
N LEU A 117 2.50 -16.24 -9.23
CA LEU A 117 3.83 -16.28 -8.52
C LEU A 117 3.76 -17.02 -7.17
N GLU A 118 2.63 -17.60 -6.80
CA GLU A 118 2.56 -18.29 -5.45
C GLU A 118 3.73 -19.27 -5.24
N ASN A 119 3.98 -20.15 -6.18
CA ASN A 119 5.07 -21.15 -6.00
C ASN A 119 6.46 -20.49 -5.89
N ARG A 120 6.80 -19.60 -6.79
CA ARG A 120 8.16 -18.94 -6.72
C ARG A 120 8.31 -18.09 -5.45
N ILE A 121 7.26 -17.44 -4.98
CA ILE A 121 7.39 -16.61 -3.73
C ILE A 121 7.69 -17.52 -2.55
N GLN A 122 7.01 -18.64 -2.47
CA GLN A 122 7.23 -19.59 -1.34
C GLN A 122 8.61 -20.25 -1.47
N GLU A 123 8.99 -20.62 -2.67
CA GLU A 123 10.32 -21.28 -2.87
C GLU A 123 11.48 -20.33 -2.54
N LEU A 124 11.42 -19.09 -2.99
CA LEU A 124 12.55 -18.15 -2.71
C LEU A 124 12.64 -17.84 -1.22
N ALA A 125 11.52 -17.66 -0.56
CA ALA A 125 11.55 -17.35 0.90
C ALA A 125 12.20 -18.52 1.66
N CYS A 126 11.81 -19.72 1.34
CA CYS A 126 12.39 -20.91 2.02
C CYS A 126 13.86 -21.10 1.65
N SER A 127 14.22 -20.88 0.40
CA SER A 127 15.64 -21.05 -0.03
C SER A 127 16.55 -20.00 0.62
N LEU A 128 16.14 -18.74 0.61
CA LEU A 128 16.98 -17.67 1.24
C LEU A 128 17.15 -17.91 2.74
N ILE A 129 16.09 -18.29 3.42
CA ILE A 129 16.18 -18.52 4.91
C ILE A 129 16.96 -19.80 5.24
N GLU A 130 16.78 -20.86 4.48
CA GLU A 130 17.53 -22.13 4.79
C GLU A 130 19.03 -21.89 4.59
N SER A 131 19.39 -21.07 3.64
CA SER A 131 20.84 -20.78 3.40
C SER A 131 21.41 -19.96 4.58
N LEU A 132 20.59 -19.13 5.19
CA LEU A 132 21.08 -18.31 6.34
C LEU A 132 21.00 -19.09 7.67
N ARG A 133 20.06 -19.99 7.78
CA ARG A 133 19.83 -20.74 9.08
C ARG A 133 21.11 -21.22 9.79
N PRO A 134 21.97 -21.95 9.11
CA PRO A 134 23.18 -22.51 9.76
C PRO A 134 24.25 -21.45 10.07
N GLN A 135 24.09 -20.23 9.61
CA GLN A 135 25.13 -19.19 9.90
C GLN A 135 24.99 -18.67 11.33
N GLY A 136 23.79 -18.59 11.84
CA GLY A 136 23.58 -18.08 13.22
C GLY A 136 23.57 -16.55 13.21
N GLN A 137 23.58 -15.93 12.06
CA GLN A 137 23.59 -14.44 12.00
C GLN A 137 23.39 -13.96 10.55
N CYS A 138 23.03 -12.71 10.36
CA CYS A 138 22.82 -12.20 8.97
C CYS A 138 22.46 -10.71 8.95
N ASN A 139 22.79 -10.03 7.88
CA ASN A 139 22.41 -8.59 7.74
C ASN A 139 21.05 -8.58 7.02
N PHE A 140 20.00 -8.71 7.79
CA PHE A 140 18.62 -8.83 7.23
C PHE A 140 18.30 -7.88 6.07
N THR A 141 18.71 -6.64 6.12
CA THR A 141 18.35 -5.72 4.98
C THR A 141 18.98 -6.16 3.66
N GLU A 142 20.20 -6.65 3.69
CA GLU A 142 20.87 -7.06 2.42
C GLU A 142 20.71 -8.57 2.17
N ASP A 143 20.54 -9.36 3.19
CA ASP A 143 20.43 -10.83 2.96
C ASP A 143 19.00 -11.31 2.68
N TYR A 144 17.98 -10.56 3.06
CA TYR A 144 16.59 -11.06 2.77
C TYR A 144 15.62 -9.92 2.41
N ALA A 145 15.53 -8.88 3.21
CA ALA A 145 14.56 -7.77 2.94
C ALA A 145 14.66 -7.23 1.51
N GLU A 146 15.84 -7.18 0.95
CA GLU A 146 16.00 -6.62 -0.44
C GLU A 146 15.86 -7.70 -1.52
N PRO A 147 16.64 -8.76 -1.42
CA PRO A 147 16.60 -9.84 -2.45
C PRO A 147 15.27 -10.60 -2.54
N PHE A 148 14.58 -10.85 -1.45
CA PHE A 148 13.30 -11.64 -1.56
C PHE A 148 12.23 -10.94 -2.41
N PRO A 149 11.83 -9.75 -2.01
CA PRO A 149 10.77 -9.05 -2.78
C PRO A 149 11.31 -8.36 -4.06
N ILE A 150 12.61 -8.10 -4.17
CA ILE A 150 13.12 -7.43 -5.43
C ILE A 150 13.35 -8.52 -6.49
N ARG A 151 13.83 -9.67 -6.10
CA ARG A 151 14.04 -10.76 -7.10
C ARG A 151 12.69 -11.24 -7.62
N ILE A 152 11.67 -11.27 -6.79
CA ILE A 152 10.32 -11.70 -7.28
C ILE A 152 9.78 -10.66 -8.26
N PHE A 153 10.03 -9.38 -8.02
CA PHE A 153 9.53 -8.36 -8.97
C PHE A 153 10.31 -8.43 -10.28
N MET A 154 11.62 -8.58 -10.20
CA MET A 154 12.43 -8.68 -11.46
C MET A 154 11.97 -9.90 -12.26
N LEU A 155 11.55 -10.95 -11.57
CA LEU A 155 11.03 -12.17 -12.27
C LEU A 155 9.67 -11.82 -12.90
N LEU A 156 8.87 -11.10 -12.15
CA LEU A 156 7.51 -10.68 -12.64
C LEU A 156 7.65 -9.67 -13.79
N ALA A 157 8.71 -8.87 -13.80
CA ALA A 157 8.87 -7.86 -14.89
C ALA A 157 9.77 -8.38 -16.01
N GLY A 158 10.33 -9.56 -15.87
CA GLY A 158 11.21 -10.11 -16.93
C GLY A 158 12.51 -9.31 -17.04
N LEU A 159 13.03 -8.83 -15.93
CA LEU A 159 14.32 -8.06 -15.97
C LEU A 159 15.43 -8.89 -15.31
N PRO A 160 16.64 -8.76 -15.83
CA PRO A 160 17.77 -9.55 -15.28
C PRO A 160 18.21 -9.00 -13.91
N GLU A 161 18.47 -9.89 -12.98
CA GLU A 161 18.87 -9.47 -11.59
C GLU A 161 20.15 -8.62 -11.55
N GLU A 162 20.95 -8.68 -12.58
CA GLU A 162 22.22 -7.87 -12.59
C GLU A 162 21.89 -6.37 -12.63
N ASP A 163 20.67 -6.01 -12.92
CA ASP A 163 20.28 -4.57 -12.99
C ASP A 163 19.68 -4.08 -11.66
N ILE A 164 19.65 -4.91 -10.65
CA ILE A 164 19.01 -4.51 -9.35
C ILE A 164 19.75 -3.36 -8.65
N PRO A 165 21.07 -3.41 -8.59
CA PRO A 165 21.79 -2.33 -7.89
C PRO A 165 21.75 -1.01 -8.69
N HIS A 166 21.38 -1.03 -9.96
CA HIS A 166 21.27 0.28 -10.72
C HIS A 166 19.87 0.82 -10.47
N LEU A 167 18.89 -0.05 -10.57
CA LEU A 167 17.48 0.37 -10.34
C LEU A 167 17.24 0.70 -8.86
N LYS A 168 17.64 -0.17 -7.95
CA LYS A 168 17.42 0.11 -6.49
C LYS A 168 18.02 1.46 -6.10
N TYR A 169 19.08 1.88 -6.77
CA TYR A 169 19.67 3.21 -6.44
C TYR A 169 18.75 4.33 -6.96
N LEU A 170 18.29 4.23 -8.19
CA LEU A 170 17.38 5.30 -8.73
C LEU A 170 16.10 5.41 -7.88
N THR A 171 15.45 4.29 -7.62
CA THR A 171 14.18 4.32 -6.80
C THR A 171 14.42 4.94 -5.42
N ASP A 172 15.54 4.65 -4.81
CA ASP A 172 15.81 5.20 -3.44
C ASP A 172 16.03 6.72 -3.49
N GLN A 173 16.50 7.25 -4.61
CA GLN A 173 16.70 8.74 -4.71
C GLN A 173 15.33 9.45 -4.81
N MET A 174 14.30 8.73 -5.20
CA MET A 174 12.95 9.36 -5.32
C MET A 174 12.21 9.32 -3.98
N THR A 175 12.62 8.47 -3.07
CA THR A 175 11.94 8.40 -1.75
C THR A 175 12.87 8.93 -0.65
N ARG A 176 14.11 8.48 -0.65
CA ARG A 176 15.09 8.98 0.37
C ARG A 176 16.35 9.44 -0.37
N PRO A 177 16.27 10.59 -0.99
CA PRO A 177 17.41 11.15 -1.77
C PRO A 177 18.61 11.48 -0.87
N ASP A 178 19.78 11.05 -1.27
CA ASP A 178 21.00 11.36 -0.48
C ASP A 178 21.62 12.71 -0.93
N GLY A 179 21.10 13.32 -1.99
CA GLY A 179 21.65 14.63 -2.43
C GLY A 179 22.34 14.56 -3.81
N SER A 180 22.72 13.40 -4.28
CA SER A 180 23.42 13.32 -5.61
C SER A 180 22.44 13.46 -6.80
N MET A 181 21.18 13.14 -6.62
CA MET A 181 20.23 13.26 -7.76
C MET A 181 18.91 13.92 -7.34
N THR A 182 18.35 14.74 -8.19
CA THR A 182 17.01 15.34 -7.86
C THR A 182 15.95 14.29 -8.18
N PHE A 183 14.72 14.52 -7.82
CA PHE A 183 13.68 13.50 -8.14
C PHE A 183 13.53 13.39 -9.67
N ALA A 184 13.58 14.51 -10.35
CA ALA A 184 13.44 14.52 -11.84
C ALA A 184 14.60 13.76 -12.52
N GLU A 185 15.81 13.93 -12.05
CA GLU A 185 16.97 13.22 -12.68
C GLU A 185 16.84 11.71 -12.46
N ALA A 186 16.43 11.31 -11.28
CA ALA A 186 16.26 9.85 -11.00
C ALA A 186 15.09 9.30 -11.79
N LYS A 187 14.03 10.06 -11.92
CA LYS A 187 12.85 9.58 -12.68
C LYS A 187 13.18 9.46 -14.17
N GLU A 188 13.91 10.42 -14.71
CA GLU A 188 14.27 10.35 -16.15
C GLU A 188 15.25 9.21 -16.38
N ALA A 189 16.12 8.95 -15.45
CA ALA A 189 17.08 7.82 -15.61
C ALA A 189 16.31 6.50 -15.58
N LEU A 190 15.26 6.42 -14.77
CA LEU A 190 14.44 5.17 -14.72
C LEU A 190 13.68 5.02 -16.05
N TYR A 191 13.22 6.13 -16.60
CA TYR A 191 12.51 6.10 -17.91
C TYR A 191 13.50 5.70 -19.01
N ASP A 192 14.71 6.23 -18.92
CA ASP A 192 15.77 5.89 -19.93
C ASP A 192 16.01 4.38 -19.97
N TYR A 193 15.91 3.74 -18.82
CA TYR A 193 16.13 2.26 -18.75
C TYR A 193 14.92 1.51 -19.33
N LEU A 194 13.73 2.03 -19.14
CA LEU A 194 12.49 1.35 -19.62
C LEU A 194 12.14 1.63 -21.10
N ILE A 195 12.50 2.79 -21.62
CA ILE A 195 12.09 3.14 -23.04
C ILE A 195 12.42 2.06 -24.08
N PRO A 196 13.67 1.65 -24.18
CA PRO A 196 14.03 0.63 -25.21
C PRO A 196 13.43 -0.75 -24.85
N ILE A 197 13.17 -1.03 -23.60
CA ILE A 197 12.58 -2.36 -23.23
C ILE A 197 11.08 -2.37 -23.58
N ILE A 198 10.41 -1.25 -23.47
CA ILE A 198 8.94 -1.20 -23.79
C ILE A 198 8.74 -1.30 -25.32
N GLU A 199 9.61 -0.71 -26.10
CA GLU A 199 9.46 -0.79 -27.58
C GLU A 199 9.76 -2.21 -28.06
N GLN A 200 10.73 -2.85 -27.47
CA GLN A 200 11.04 -4.24 -27.88
C GLN A 200 9.87 -5.15 -27.53
N ARG A 201 9.31 -4.97 -26.36
CA ARG A 201 8.17 -5.83 -25.93
C ARG A 201 6.88 -5.42 -26.63
N ARG A 202 6.85 -4.28 -27.27
CA ARG A 202 5.63 -3.91 -28.05
C ARG A 202 5.75 -4.56 -29.44
N GLN A 203 6.97 -4.81 -29.88
CA GLN A 203 7.20 -5.47 -31.20
C GLN A 203 7.05 -7.00 -31.00
N LYS A 204 7.69 -7.52 -29.97
CA LYS A 204 7.56 -8.96 -29.61
C LYS A 204 6.98 -9.01 -28.19
N PRO A 205 5.67 -8.99 -28.08
CA PRO A 205 5.05 -8.99 -26.74
C PRO A 205 5.13 -10.37 -26.06
N GLY A 206 5.64 -10.45 -24.84
CA GLY A 206 5.75 -11.79 -24.16
C GLY A 206 4.77 -11.95 -22.98
N THR A 207 5.25 -12.54 -21.89
CA THR A 207 4.37 -12.79 -20.68
C THR A 207 4.74 -11.91 -19.46
N ASP A 208 5.85 -11.21 -19.49
CA ASP A 208 6.23 -10.38 -18.30
C ASP A 208 5.30 -9.16 -18.11
N ALA A 209 5.40 -8.53 -16.96
CA ALA A 209 4.53 -7.34 -16.64
C ALA A 209 4.75 -6.17 -17.60
N ILE A 210 5.96 -5.90 -18.01
CA ILE A 210 6.20 -4.75 -18.94
C ILE A 210 5.56 -5.04 -20.31
N SER A 211 5.56 -6.29 -20.72
CA SER A 211 4.91 -6.62 -22.02
C SER A 211 3.40 -6.41 -21.90
N ILE A 212 2.82 -6.85 -20.81
CA ILE A 212 1.34 -6.70 -20.60
C ILE A 212 0.95 -5.21 -20.49
N VAL A 213 1.74 -4.41 -19.82
CA VAL A 213 1.39 -2.95 -19.71
C VAL A 213 1.61 -2.25 -21.06
N ALA A 214 2.73 -2.52 -21.69
CA ALA A 214 3.04 -1.86 -23.00
C ALA A 214 2.02 -2.27 -24.08
N ASN A 215 1.48 -3.46 -24.00
CA ASN A 215 0.49 -3.91 -25.02
C ASN A 215 -0.93 -3.92 -24.43
N GLY A 216 -1.12 -3.35 -23.25
CA GLY A 216 -2.47 -3.37 -22.60
C GLY A 216 -3.42 -2.31 -23.16
N GLN A 217 -4.67 -2.39 -22.77
CA GLN A 217 -5.70 -1.42 -23.25
C GLN A 217 -6.34 -0.74 -22.04
N VAL A 218 -6.71 0.51 -22.15
CA VAL A 218 -7.39 1.18 -21.00
C VAL A 218 -8.79 1.61 -21.42
N ASN A 219 -9.77 0.90 -20.93
CA ASN A 219 -11.20 1.18 -21.26
C ASN A 219 -11.47 1.02 -22.77
N GLY A 220 -10.93 -0.02 -23.37
CA GLY A 220 -11.23 -0.31 -24.82
C GLY A 220 -10.21 0.26 -25.81
N ARG A 221 -9.28 1.10 -25.40
CA ARG A 221 -8.31 1.63 -26.41
C ARG A 221 -6.86 1.27 -25.99
N PRO A 222 -5.98 1.21 -26.95
CA PRO A 222 -4.56 0.80 -26.69
C PRO A 222 -3.72 1.91 -26.07
N ILE A 223 -3.01 1.57 -25.02
CA ILE A 223 -2.13 2.54 -24.29
C ILE A 223 -0.96 3.05 -25.17
N THR A 224 -0.53 4.26 -24.93
CA THR A 224 0.62 4.84 -25.71
C THR A 224 1.94 4.45 -25.06
N SER A 225 3.02 4.55 -25.80
CA SER A 225 4.36 4.20 -25.22
C SER A 225 4.66 5.09 -24.01
N ASP A 226 4.22 6.33 -24.06
CA ASP A 226 4.45 7.28 -22.91
C ASP A 226 3.68 6.81 -21.68
N GLU A 227 2.42 6.44 -21.85
CA GLU A 227 1.61 5.97 -20.67
C GLU A 227 2.21 4.69 -20.10
N ALA A 228 2.64 3.79 -20.95
CA ALA A 228 3.24 2.52 -20.48
C ALA A 228 4.51 2.82 -19.68
N LYS A 229 5.30 3.76 -20.16
CA LYS A 229 6.56 4.13 -19.45
C LYS A 229 6.24 4.74 -18.08
N ARG A 230 5.24 5.60 -18.03
CA ARG A 230 4.86 6.25 -16.73
C ARG A 230 4.26 5.22 -15.76
N MET A 231 3.63 4.18 -16.26
CA MET A 231 3.07 3.15 -15.34
C MET A 231 4.17 2.17 -14.92
N CYS A 232 5.00 1.76 -15.86
CA CYS A 232 6.11 0.80 -15.53
C CYS A 232 7.06 1.43 -14.50
N GLY A 233 7.30 2.72 -14.62
CA GLY A 233 8.19 3.42 -13.66
C GLY A 233 7.61 3.30 -12.25
N LEU A 234 6.31 3.47 -12.12
CA LEU A 234 5.66 3.36 -10.78
C LEU A 234 5.75 1.93 -10.26
N LEU A 235 5.59 0.94 -11.11
CA LEU A 235 5.67 -0.48 -10.65
C LEU A 235 7.10 -0.80 -10.15
N LEU A 236 8.10 -0.27 -10.81
CA LEU A 236 9.50 -0.54 -10.38
C LEU A 236 9.76 0.04 -8.98
N VAL A 237 9.30 1.24 -8.72
CA VAL A 237 9.50 1.85 -7.37
C VAL A 237 8.71 1.06 -6.32
N GLY A 238 7.49 0.70 -6.64
CA GLY A 238 6.65 -0.06 -5.69
C GLY A 238 7.24 -1.46 -5.45
N GLY A 239 7.85 -2.04 -6.44
CA GLY A 239 8.43 -3.39 -6.27
C GLY A 239 9.83 -3.34 -5.62
N LEU A 240 10.51 -2.22 -5.68
CA LEU A 240 11.89 -2.16 -5.10
C LEU A 240 11.98 -1.34 -3.80
N ASP A 241 10.96 -0.59 -3.40
CA ASP A 241 11.13 0.21 -2.15
C ASP A 241 9.87 0.28 -1.25
N THR A 242 9.14 -0.79 -1.10
CA THR A 242 7.95 -0.74 -0.18
C THR A 242 8.03 -1.93 0.79
N VAL A 243 7.80 -3.13 0.31
CA VAL A 243 7.88 -4.33 1.20
C VAL A 243 9.33 -4.49 1.70
N VAL A 244 10.29 -4.13 0.87
CA VAL A 244 11.73 -4.23 1.28
C VAL A 244 11.95 -3.51 2.61
N ASN A 245 11.40 -2.34 2.77
CA ASN A 245 11.58 -1.58 4.05
C ASN A 245 10.67 -2.12 5.16
N PHE A 246 9.43 -2.42 4.86
CA PHE A 246 8.49 -2.93 5.93
C PHE A 246 8.99 -4.26 6.53
N LEU A 247 9.55 -5.15 5.73
CA LEU A 247 10.03 -6.45 6.29
C LEU A 247 11.06 -6.20 7.42
N SER A 248 11.91 -5.20 7.25
CA SER A 248 12.94 -4.90 8.28
C SER A 248 12.30 -4.32 9.56
N PHE A 249 11.31 -3.45 9.42
CA PHE A 249 10.64 -2.89 10.66
C PHE A 249 9.99 -4.03 11.44
N SER A 250 9.36 -4.94 10.72
CA SER A 250 8.67 -6.11 11.36
C SER A 250 9.67 -7.06 12.01
N MET A 251 10.72 -7.43 11.30
CA MET A 251 11.72 -8.39 11.90
C MET A 251 12.47 -7.72 13.04
N GLU A 252 12.70 -6.42 12.98
CA GLU A 252 13.39 -5.73 14.11
C GLU A 252 12.51 -5.82 15.36
N PHE A 253 11.22 -5.67 15.19
CA PHE A 253 10.29 -5.76 16.34
C PHE A 253 10.27 -7.21 16.88
N LEU A 254 10.10 -8.18 16.01
CA LEU A 254 10.08 -9.60 16.49
C LEU A 254 11.39 -9.95 17.19
N ALA A 255 12.49 -9.47 16.67
CA ALA A 255 13.81 -9.74 17.32
C ALA A 255 13.86 -9.11 18.71
N LYS A 256 13.17 -8.01 18.91
CA LYS A 256 13.19 -7.32 20.24
C LYS A 256 12.02 -7.76 21.14
N SER A 257 11.18 -8.64 20.67
CA SER A 257 10.03 -9.10 21.49
C SER A 257 9.84 -10.60 21.33
N PRO A 258 10.41 -11.35 22.25
CA PRO A 258 10.28 -12.82 22.20
C PRO A 258 8.88 -13.30 22.62
N GLU A 259 8.04 -12.44 23.20
CA GLU A 259 6.66 -12.89 23.59
C GLU A 259 5.82 -12.91 22.31
N HIS A 260 6.08 -11.99 21.42
CA HIS A 260 5.35 -11.93 20.12
C HIS A 260 5.84 -13.08 19.23
N ARG A 261 7.11 -13.42 19.30
CA ARG A 261 7.63 -14.56 18.48
C ARG A 261 6.92 -15.84 18.93
N GLN A 262 6.77 -16.00 20.23
CA GLN A 262 6.09 -17.21 20.78
C GLN A 262 4.61 -17.25 20.34
N GLU A 263 3.95 -16.11 20.35
CA GLU A 263 2.50 -16.07 19.97
C GLU A 263 2.31 -16.59 18.53
N LEU A 264 3.18 -16.25 17.63
CA LEU A 264 3.02 -16.72 16.21
C LEU A 264 3.53 -18.15 16.05
N ILE A 265 4.51 -18.56 16.83
CA ILE A 265 5.02 -19.97 16.73
C ILE A 265 3.98 -20.93 17.30
N GLN A 266 3.33 -20.54 18.39
CA GLN A 266 2.29 -21.40 19.00
C GLN A 266 1.04 -21.43 18.11
N ARG A 267 0.69 -20.30 17.53
CA ARG A 267 -0.53 -20.25 16.66
C ARG A 267 -0.20 -19.53 15.34
N PRO A 268 0.34 -20.28 14.41
CA PRO A 268 0.72 -19.73 13.08
C PRO A 268 -0.47 -19.19 12.29
N GLU A 269 -1.68 -19.61 12.60
CA GLU A 269 -2.85 -19.08 11.84
C GLU A 269 -3.16 -17.63 12.26
N ARG A 270 -2.42 -17.07 13.20
CA ARG A 270 -2.63 -15.65 13.62
C ARG A 270 -1.68 -14.72 12.84
N ILE A 271 -0.83 -15.27 12.01
CA ILE A 271 0.17 -14.45 11.27
C ILE A 271 -0.47 -13.41 10.34
N PRO A 272 -1.53 -13.76 9.64
CA PRO A 272 -2.13 -12.74 8.77
C PRO A 272 -2.89 -11.69 9.61
N ALA A 273 -3.21 -11.98 10.87
CA ALA A 273 -3.86 -10.92 11.72
C ALA A 273 -2.72 -10.08 12.29
N ALA A 274 -1.62 -10.74 12.58
CA ALA A 274 -0.40 -10.05 13.11
C ALA A 274 0.20 -9.16 12.02
N CYS A 275 0.15 -9.61 10.78
CA CYS A 275 0.70 -8.81 9.65
C CYS A 275 -0.04 -7.47 9.54
N GLU A 276 -1.34 -7.49 9.74
CA GLU A 276 -2.14 -6.24 9.67
C GLU A 276 -1.77 -5.33 10.84
N GLU A 277 -1.60 -5.89 12.03
CA GLU A 277 -1.24 -5.04 13.20
C GLU A 277 0.17 -4.47 13.01
N LEU A 278 1.05 -5.22 12.39
CA LEU A 278 2.42 -4.69 12.14
C LEU A 278 2.34 -3.62 11.05
N LEU A 279 1.47 -3.79 10.09
CA LEU A 279 1.30 -2.76 9.02
C LEU A 279 0.81 -1.46 9.66
N ARG A 280 0.09 -1.54 10.75
CA ARG A 280 -0.42 -0.30 11.44
C ARG A 280 0.69 0.32 12.30
N ARG A 281 1.29 -0.46 13.17
CA ARG A 281 2.35 0.11 14.06
C ARG A 281 3.58 0.53 13.26
N PHE A 282 3.98 -0.24 12.28
CA PHE A 282 5.19 0.13 11.49
C PHE A 282 4.83 0.67 10.10
N SER A 283 3.75 1.42 10.01
CA SER A 283 3.39 2.02 8.68
C SER A 283 4.61 2.84 8.23
N LEU A 284 4.80 3.07 6.95
CA LEU A 284 6.03 3.81 6.53
C LEU A 284 5.86 4.67 5.28
N VAL A 285 4.66 5.04 4.89
CA VAL A 285 4.55 5.89 3.65
C VAL A 285 4.00 7.28 4.00
N ALA A 286 4.42 8.31 3.31
CA ALA A 286 3.91 9.66 3.62
C ALA A 286 4.05 10.64 2.44
N ASP A 287 3.08 10.64 1.55
CA ASP A 287 3.09 11.60 0.40
C ASP A 287 1.90 12.56 0.60
N GLY A 288 1.37 13.20 -0.42
CA GLY A 288 0.22 14.12 -0.15
C GLY A 288 -0.45 14.63 -1.42
N ARG A 289 -1.05 15.81 -1.32
CA ARG A 289 -1.79 16.40 -2.48
C ARG A 289 -1.55 17.91 -2.54
N ILE A 290 -2.10 18.55 -3.55
CA ILE A 290 -1.96 20.04 -3.65
C ILE A 290 -3.37 20.65 -3.75
N LEU A 291 -3.58 21.77 -3.11
CA LEU A 291 -4.93 22.41 -3.12
C LEU A 291 -5.28 22.89 -4.52
N THR A 292 -6.45 22.55 -5.01
CA THR A 292 -6.86 23.01 -6.37
C THR A 292 -7.42 24.44 -6.28
N SER A 293 -7.77 24.88 -5.08
CA SER A 293 -8.33 26.26 -4.91
C SER A 293 -8.32 26.66 -3.44
N ASP A 294 -8.57 27.92 -3.14
CA ASP A 294 -8.61 28.33 -1.70
C ASP A 294 -9.70 27.51 -1.00
N TYR A 295 -9.47 27.08 0.21
CA TYR A 295 -10.49 26.20 0.88
C TYR A 295 -10.27 26.14 2.40
N GLU A 296 -11.30 26.39 3.17
CA GLU A 296 -11.17 26.29 4.65
C GLU A 296 -11.37 24.84 5.07
N PHE A 297 -10.37 24.28 5.68
CA PHE A 297 -10.43 22.86 6.12
C PHE A 297 -10.15 22.76 7.62
N HIS A 298 -11.17 22.46 8.40
CA HIS A 298 -11.03 22.33 9.89
C HIS A 298 -10.58 23.65 10.54
N GLY A 299 -11.14 24.76 10.11
CA GLY A 299 -10.80 26.08 10.72
C GLY A 299 -9.53 26.69 10.12
N VAL A 300 -8.85 26.03 9.21
CA VAL A 300 -7.60 26.65 8.63
C VAL A 300 -7.80 27.02 7.16
N GLN A 301 -7.35 28.19 6.78
CA GLN A 301 -7.51 28.63 5.36
C GLN A 301 -6.36 28.11 4.50
N LEU A 302 -6.67 27.27 3.54
CA LEU A 302 -5.61 26.76 2.61
C LEU A 302 -5.67 27.60 1.33
N LYS A 303 -4.55 27.77 0.69
CA LYS A 303 -4.51 28.61 -0.54
C LYS A 303 -4.23 27.74 -1.77
N LYS A 304 -4.84 28.07 -2.88
CA LYS A 304 -4.62 27.29 -4.15
C LYS A 304 -3.13 27.14 -4.43
N GLY A 305 -2.69 25.92 -4.62
CA GLY A 305 -1.24 25.69 -4.91
C GLY A 305 -0.54 25.19 -3.65
N ASP A 306 -1.14 25.33 -2.50
CA ASP A 306 -0.49 24.86 -1.23
C ASP A 306 -0.32 23.34 -1.22
N GLN A 307 0.81 22.88 -0.75
CA GLN A 307 1.05 21.40 -0.67
C GLN A 307 0.72 20.91 0.74
N ILE A 308 0.00 19.83 0.86
CA ILE A 308 -0.30 19.31 2.22
C ILE A 308 0.11 17.85 2.31
N LEU A 309 1.02 17.56 3.20
CA LEU A 309 1.49 16.18 3.39
C LEU A 309 0.48 15.40 4.22
N LEU A 310 -0.16 14.43 3.62
CA LEU A 310 -1.13 13.56 4.36
C LEU A 310 -0.39 12.23 4.55
N PRO A 311 0.32 12.11 5.65
CA PRO A 311 1.15 10.92 5.88
C PRO A 311 0.33 9.73 6.32
N GLN A 312 0.24 8.76 5.45
CA GLN A 312 -0.54 7.51 5.72
C GLN A 312 -0.11 6.81 7.01
N MET A 313 1.12 7.01 7.43
CA MET A 313 1.64 6.34 8.67
C MET A 313 1.00 6.92 9.94
N LEU A 314 0.50 8.13 9.87
CA LEU A 314 -0.06 8.79 11.09
C LEU A 314 -1.49 8.33 11.43
N SER A 315 -2.29 7.98 10.46
CA SER A 315 -3.69 7.58 10.79
C SER A 315 -3.73 6.38 11.76
N GLY A 316 -3.00 5.34 11.49
CA GLY A 316 -3.00 4.14 12.39
C GLY A 316 -2.34 4.45 13.74
N LEU A 317 -1.40 5.37 13.77
CA LEU A 317 -0.72 5.71 15.06
C LEU A 317 -1.56 6.70 15.90
N ASP A 318 -2.62 7.23 15.34
CA ASP A 318 -3.47 8.20 16.10
C ASP A 318 -4.19 7.50 17.26
N GLU A 319 -4.04 8.02 18.46
CA GLU A 319 -4.73 7.41 19.64
C GLU A 319 -6.25 7.51 19.49
N ARG A 320 -6.72 8.52 18.79
CA ARG A 320 -8.20 8.67 18.60
C ARG A 320 -8.72 7.55 17.69
N GLU A 321 -7.83 6.91 16.96
CA GLU A 321 -8.24 5.79 16.06
C GLU A 321 -7.94 4.43 16.72
N ASN A 322 -6.87 4.34 17.47
CA ASN A 322 -6.50 3.07 18.17
C ASN A 322 -5.94 3.37 19.57
N ALA A 323 -6.52 2.81 20.60
CA ALA A 323 -6.01 3.07 21.98
C ALA A 323 -4.62 2.44 22.12
N CYS A 324 -3.73 3.06 22.87
CA CYS A 324 -2.33 2.51 23.03
C CYS A 324 -1.78 2.12 21.65
N PRO A 325 -1.70 3.11 20.79
CA PRO A 325 -1.25 2.92 19.38
C PRO A 325 0.19 2.42 19.25
N MET A 326 1.08 2.78 20.13
CA MET A 326 2.50 2.31 20.00
C MET A 326 2.66 0.86 20.50
N HIS A 327 1.67 0.31 21.15
CA HIS A 327 1.80 -1.10 21.63
C HIS A 327 1.32 -2.07 20.54
N VAL A 328 2.06 -3.12 20.29
CA VAL A 328 1.63 -4.10 19.24
C VAL A 328 0.78 -5.21 19.85
N ASP A 329 -0.46 -5.28 19.44
CA ASP A 329 -1.38 -6.33 19.96
C ASP A 329 -1.96 -7.12 18.78
N PHE A 330 -1.48 -8.32 18.55
CA PHE A 330 -1.99 -9.14 17.40
C PHE A 330 -3.50 -9.40 17.54
N SER A 331 -4.02 -9.29 18.74
CA SER A 331 -5.48 -9.53 18.95
C SER A 331 -6.28 -8.21 18.94
N ARG A 332 -5.67 -7.10 18.58
CA ARG A 332 -6.43 -5.80 18.56
C ARG A 332 -7.74 -5.97 17.79
N GLN A 333 -8.85 -5.75 18.44
CA GLN A 333 -10.16 -5.94 17.77
C GLN A 333 -10.31 -5.06 16.53
N LYS A 334 -10.11 -3.76 16.64
CA LYS A 334 -10.26 -2.89 15.42
C LYS A 334 -8.92 -2.32 14.98
N VAL A 335 -8.25 -2.97 14.07
CA VAL A 335 -6.95 -2.45 13.58
C VAL A 335 -7.22 -1.46 12.43
N SER A 336 -7.34 -0.20 12.76
CA SER A 336 -7.63 0.83 11.72
C SER A 336 -6.33 1.50 11.24
N HIS A 337 -6.18 1.63 9.94
CA HIS A 337 -4.95 2.31 9.38
C HIS A 337 -5.12 2.61 7.89
N THR A 338 -4.27 3.47 7.38
CA THR A 338 -4.29 3.84 5.94
C THR A 338 -2.91 3.52 5.32
N THR A 339 -2.20 2.59 5.89
CA THR A 339 -0.85 2.20 5.40
C THR A 339 -0.84 2.00 3.87
N PHE A 340 -1.84 1.33 3.33
CA PHE A 340 -1.88 1.11 1.84
C PHE A 340 -2.57 2.28 1.11
N GLY A 341 -2.76 3.41 1.76
CA GLY A 341 -3.40 4.59 1.12
C GLY A 341 -4.87 4.68 1.53
N HIS A 342 -5.58 5.59 0.90
CA HIS A 342 -7.03 5.77 1.21
C HIS A 342 -7.70 6.55 0.07
N GLY A 343 -8.92 6.23 -0.25
CA GLY A 343 -9.61 6.95 -1.36
C GLY A 343 -9.54 6.12 -2.65
N SER A 344 -9.46 6.79 -3.79
CA SER A 344 -9.40 6.06 -5.09
C SER A 344 -7.98 5.59 -5.43
N HIS A 345 -6.97 6.02 -4.71
CA HIS A 345 -5.57 5.57 -5.04
C HIS A 345 -5.12 4.42 -4.12
N LEU A 346 -6.05 3.65 -3.60
CA LEU A 346 -5.65 2.53 -2.69
C LEU A 346 -4.59 1.65 -3.37
N CYS A 347 -3.61 1.22 -2.62
CA CYS A 347 -2.49 0.39 -3.19
C CYS A 347 -3.01 -0.80 -3.99
N LEU A 348 -2.54 -0.92 -5.21
CA LEU A 348 -2.96 -2.06 -6.09
C LEU A 348 -2.07 -3.29 -5.80
N GLY A 349 -0.91 -3.08 -5.20
CA GLY A 349 -0.01 -4.22 -4.90
C GLY A 349 -0.07 -4.60 -3.42
N GLN A 350 -1.15 -4.29 -2.73
CA GLN A 350 -1.23 -4.67 -1.28
C GLN A 350 -1.44 -6.18 -1.13
N HIS A 351 -1.97 -6.85 -2.13
CA HIS A 351 -2.15 -8.33 -2.03
C HIS A 351 -0.79 -9.02 -2.19
N LEU A 352 0.03 -8.51 -3.10
CA LEU A 352 1.39 -9.10 -3.28
C LEU A 352 2.23 -8.77 -2.04
N ALA A 353 1.98 -7.61 -1.45
CA ALA A 353 2.74 -7.20 -0.23
C ALA A 353 2.33 -8.08 0.94
N ARG A 354 1.05 -8.24 1.19
CA ARG A 354 0.58 -9.10 2.33
C ARG A 354 1.11 -10.52 2.16
N ARG A 355 1.09 -11.04 0.96
CA ARG A 355 1.58 -12.42 0.71
C ARG A 355 3.07 -12.51 1.03
N GLU A 356 3.85 -11.55 0.58
CA GLU A 356 5.32 -11.59 0.86
C GLU A 356 5.60 -11.43 2.36
N ILE A 357 4.81 -10.63 3.05
CA ILE A 357 5.00 -10.46 4.51
C ILE A 357 4.60 -11.73 5.27
N ILE A 358 3.42 -12.24 4.98
CA ILE A 358 2.93 -13.47 5.67
C ILE A 358 3.82 -14.68 5.34
N VAL A 359 4.26 -14.83 4.11
CA VAL A 359 5.16 -15.99 3.79
C VAL A 359 6.50 -15.83 4.51
N THR A 360 6.98 -14.61 4.65
CA THR A 360 8.28 -14.39 5.35
C THR A 360 8.14 -14.71 6.84
N LEU A 361 7.11 -14.22 7.48
CA LEU A 361 6.92 -14.50 8.95
C LEU A 361 6.72 -15.99 9.21
N LYS A 362 5.91 -16.64 8.41
CA LYS A 362 5.66 -18.09 8.63
C LYS A 362 6.91 -18.94 8.34
N GLU A 363 7.56 -18.71 7.22
CA GLU A 363 8.76 -19.55 6.88
C GLU A 363 9.98 -19.18 7.73
N TRP A 364 10.08 -17.95 8.21
CA TRP A 364 11.26 -17.61 9.05
C TRP A 364 11.09 -18.22 10.45
N LEU A 365 9.93 -18.05 11.04
CA LEU A 365 9.70 -18.62 12.41
C LEU A 365 9.72 -20.16 12.38
N THR A 366 9.42 -20.75 11.24
CA THR A 366 9.45 -22.25 11.15
C THR A 366 10.91 -22.74 11.17
N ARG A 367 11.82 -22.02 10.55
CA ARG A 367 13.24 -22.46 10.53
C ARG A 367 14.02 -21.79 11.66
N ILE A 368 13.82 -20.50 11.84
CA ILE A 368 14.54 -19.76 12.91
C ILE A 368 13.52 -19.13 13.88
N PRO A 369 13.02 -19.94 14.78
CA PRO A 369 12.02 -19.48 15.77
C PRO A 369 12.61 -18.49 16.79
N ASP A 370 13.88 -18.59 17.11
CA ASP A 370 14.47 -17.65 18.11
C ASP A 370 15.63 -16.85 17.51
N PHE A 371 15.54 -15.55 17.57
CA PHE A 371 16.64 -14.68 17.07
C PHE A 371 16.58 -13.32 17.78
N SER A 372 17.70 -12.63 17.85
CA SER A 372 17.73 -11.32 18.56
C SER A 372 18.61 -10.31 17.81
N ILE A 373 18.58 -9.07 18.23
CA ILE A 373 19.46 -8.04 17.57
C ILE A 373 20.90 -8.34 17.98
N ALA A 374 21.85 -8.21 17.06
CA ALA A 374 23.27 -8.50 17.45
C ALA A 374 23.59 -7.68 18.71
N PRO A 375 24.32 -8.29 19.62
CA PRO A 375 24.65 -7.63 20.91
C PRO A 375 25.44 -6.32 20.73
N GLY A 376 24.94 -5.24 21.29
CA GLY A 376 25.67 -3.93 21.19
C GLY A 376 25.16 -3.11 19.99
N ALA A 377 24.39 -3.69 19.10
CA ALA A 377 23.92 -2.92 17.90
C ALA A 377 22.73 -2.01 18.19
N GLN A 378 22.79 -0.79 17.71
CA GLN A 378 21.67 0.18 17.88
C GLN A 378 21.05 0.42 16.49
N ILE A 379 19.87 -0.12 16.27
CA ILE A 379 19.22 0.03 14.91
C ILE A 379 18.90 1.49 14.58
N GLN A 380 19.28 1.91 13.41
CA GLN A 380 19.02 3.31 12.96
C GLN A 380 18.02 3.30 11.79
N HIS A 381 17.05 4.17 11.83
CA HIS A 381 16.05 4.24 10.72
C HIS A 381 16.30 5.48 9.85
N LYS A 382 15.65 5.55 8.70
CA LYS A 382 15.79 6.73 7.80
C LYS A 382 14.39 7.19 7.35
N SER A 383 14.20 8.48 7.17
CA SER A 383 12.85 8.97 6.79
C SER A 383 12.80 9.55 5.37
N GLY A 384 11.61 9.69 4.85
CA GLY A 384 11.41 10.23 3.47
C GLY A 384 10.00 9.84 3.00
N ILE A 385 9.74 9.83 1.70
CA ILE A 385 8.37 9.41 1.22
C ILE A 385 8.07 8.02 1.78
N VAL A 386 9.09 7.16 1.80
CA VAL A 386 8.93 5.81 2.39
C VAL A 386 10.05 5.63 3.42
N SER A 387 9.72 5.39 4.67
CA SER A 387 10.79 5.22 5.69
C SER A 387 11.39 3.83 5.60
N GLY A 388 12.55 3.61 6.21
CA GLY A 388 13.17 2.26 6.13
C GLY A 388 14.20 2.06 7.26
N VAL A 389 14.91 0.96 7.22
CA VAL A 389 15.94 0.68 8.28
C VAL A 389 17.33 0.63 7.62
N GLN A 390 18.29 1.34 8.16
CA GLN A 390 19.66 1.35 7.54
C GLN A 390 20.31 -0.02 7.61
N ALA A 391 20.20 -0.68 8.73
CA ALA A 391 20.81 -2.05 8.84
C ALA A 391 20.16 -2.83 9.99
N LEU A 392 20.08 -4.13 9.87
CA LEU A 392 19.45 -4.95 10.94
C LEU A 392 20.22 -6.28 11.16
N PRO A 393 21.28 -6.20 11.92
CA PRO A 393 22.10 -7.41 12.22
C PRO A 393 21.38 -8.31 13.23
N LEU A 394 21.10 -9.54 12.84
CA LEU A 394 20.41 -10.51 13.76
C LEU A 394 21.35 -11.67 14.12
N VAL A 395 21.13 -12.29 15.26
CA VAL A 395 21.95 -13.47 15.66
C VAL A 395 21.05 -14.52 16.29
N TRP A 396 21.42 -15.76 16.14
CA TRP A 396 20.63 -16.85 16.76
C TRP A 396 21.49 -18.12 16.86
N ASP A 397 21.16 -18.99 17.77
CA ASP A 397 21.93 -20.24 17.92
C ASP A 397 21.40 -21.22 16.87
N PRO A 398 22.25 -21.67 16.00
CA PRO A 398 21.82 -22.61 14.95
C PRO A 398 21.50 -23.99 15.54
N ALA A 399 21.58 -24.14 16.85
CA ALA A 399 21.21 -25.43 17.49
C ALA A 399 19.71 -25.39 17.78
N THR A 400 19.14 -24.20 17.79
CA THR A 400 17.68 -24.03 18.05
C THR A 400 16.90 -23.95 16.72
N THR A 401 17.57 -23.99 15.58
CA THR A 401 16.83 -23.89 14.27
C THR A 401 16.52 -25.29 13.73
N LYS A 402 15.75 -25.39 12.68
CA LYS A 402 15.44 -26.75 12.11
C LYS A 402 15.20 -26.67 10.60
N ALA A 403 15.84 -27.53 9.86
CA ALA A 403 15.64 -27.54 8.38
C ALA A 403 14.35 -28.26 8.04
N VAL A 404 13.56 -27.72 7.14
CA VAL A 404 12.27 -28.39 6.76
C VAL A 404 12.56 -29.57 5.83
N SER B 1 -23.22 -17.82 7.77
CA SER B 1 -24.48 -17.89 6.98
C SER B 1 -24.16 -18.21 5.51
N LYS B 2 -25.09 -18.80 4.80
CA LYS B 2 -24.81 -19.17 3.38
C LYS B 2 -24.91 -17.99 2.42
N VAL B 3 -23.99 -17.93 1.49
CA VAL B 3 -23.99 -16.85 0.44
C VAL B 3 -23.66 -17.51 -0.90
N VAL B 4 -24.52 -17.38 -1.89
CA VAL B 4 -24.24 -18.04 -3.20
C VAL B 4 -23.83 -17.02 -4.28
N TYR B 5 -22.74 -17.28 -4.95
CA TYR B 5 -22.25 -16.36 -6.03
C TYR B 5 -22.45 -17.03 -7.40
N VAL B 6 -23.35 -16.55 -8.20
CA VAL B 6 -23.51 -17.16 -9.56
C VAL B 6 -22.68 -16.35 -10.56
N SER B 7 -21.83 -17.03 -11.31
CA SER B 7 -20.94 -16.30 -12.27
C SER B 7 -21.62 -16.05 -13.63
N HIS B 8 -20.94 -15.33 -14.49
CA HIS B 8 -21.48 -15.01 -15.84
C HIS B 8 -21.74 -16.29 -16.64
N ASP B 9 -20.78 -17.19 -16.64
CA ASP B 9 -20.95 -18.48 -17.39
C ASP B 9 -22.08 -19.35 -16.77
N GLY B 10 -22.56 -18.99 -15.60
CA GLY B 10 -23.66 -19.79 -14.96
C GLY B 10 -23.11 -20.72 -13.88
N THR B 11 -21.89 -20.52 -13.42
CA THR B 11 -21.35 -21.42 -12.35
C THR B 11 -21.85 -20.96 -10.97
N ARG B 12 -22.05 -21.88 -10.07
CA ARG B 12 -22.58 -21.52 -8.72
C ARG B 12 -21.58 -21.88 -7.60
N ARG B 13 -21.28 -20.94 -6.74
CA ARG B 13 -20.33 -21.20 -5.60
C ARG B 13 -21.01 -20.82 -4.27
N GLU B 14 -21.02 -21.71 -3.31
CA GLU B 14 -21.67 -21.42 -2.00
C GLU B 14 -20.65 -21.30 -0.86
N LEU B 15 -20.74 -20.24 -0.09
CA LEU B 15 -19.78 -20.04 1.05
C LEU B 15 -20.53 -19.90 2.38
N ASP B 16 -19.84 -20.13 3.47
CA ASP B 16 -20.46 -19.94 4.82
C ASP B 16 -19.77 -18.71 5.43
N VAL B 17 -20.35 -17.55 5.22
CA VAL B 17 -19.73 -16.28 5.71
C VAL B 17 -20.19 -15.92 7.13
N ALA B 18 -19.25 -15.57 7.97
CA ALA B 18 -19.61 -15.17 9.38
C ALA B 18 -20.17 -13.74 9.40
N ASP B 19 -20.69 -13.33 10.52
CA ASP B 19 -21.28 -11.95 10.63
C ASP B 19 -20.18 -10.89 10.54
N GLY B 20 -20.52 -9.71 10.05
CA GLY B 20 -19.52 -8.60 9.95
C GLY B 20 -18.69 -8.70 8.66
N VAL B 21 -18.73 -9.80 7.96
CA VAL B 21 -17.91 -9.91 6.70
C VAL B 21 -18.70 -9.40 5.48
N SER B 22 -18.08 -8.59 4.66
CA SER B 22 -18.77 -8.08 3.45
C SER B 22 -18.72 -9.15 2.36
N LEU B 23 -19.68 -9.17 1.47
CA LEU B 23 -19.67 -10.19 0.38
C LEU B 23 -18.41 -10.05 -0.50
N MET B 24 -17.83 -8.87 -0.54
CA MET B 24 -16.59 -8.67 -1.36
C MET B 24 -15.42 -9.41 -0.71
N GLN B 25 -15.23 -9.23 0.58
CA GLN B 25 -14.11 -9.92 1.30
C GLN B 25 -14.28 -11.44 1.17
N ALA B 26 -15.48 -11.92 1.32
CA ALA B 26 -15.73 -13.39 1.21
C ALA B 26 -15.42 -13.87 -0.22
N ALA B 27 -15.81 -13.11 -1.22
CA ALA B 27 -15.56 -13.52 -2.63
C ALA B 27 -14.05 -13.49 -2.95
N VAL B 28 -13.39 -12.39 -2.64
CA VAL B 28 -11.92 -12.28 -2.93
C VAL B 28 -11.12 -13.31 -2.10
N SER B 29 -11.50 -13.50 -0.85
CA SER B 29 -10.76 -14.47 0.02
C SER B 29 -11.00 -15.92 -0.42
N ASN B 30 -11.97 -16.17 -1.27
CA ASN B 30 -12.22 -17.57 -1.72
C ASN B 30 -12.04 -17.70 -3.24
N GLY B 31 -11.27 -16.81 -3.82
CA GLY B 31 -10.99 -16.87 -5.29
C GLY B 31 -12.30 -16.91 -6.11
N ILE B 32 -13.32 -16.18 -5.70
CA ILE B 32 -14.57 -16.19 -6.51
C ILE B 32 -14.34 -15.40 -7.81
N TYR B 33 -14.99 -15.83 -8.86
CA TYR B 33 -14.77 -15.24 -10.23
C TYR B 33 -15.11 -13.74 -10.40
N ASP B 34 -14.27 -13.10 -11.20
CA ASP B 34 -14.42 -11.66 -11.63
C ASP B 34 -14.40 -10.58 -10.52
N ILE B 35 -14.93 -10.83 -9.34
CA ILE B 35 -14.92 -9.74 -8.30
C ILE B 35 -13.48 -9.33 -7.97
N VAL B 36 -13.15 -8.06 -8.13
CA VAL B 36 -11.76 -7.58 -7.85
C VAL B 36 -11.68 -6.90 -6.47
N GLY B 37 -12.55 -5.96 -6.18
CA GLY B 37 -12.46 -5.26 -4.85
C GLY B 37 -11.12 -4.52 -4.81
N ASP B 38 -10.88 -3.67 -5.78
CA ASP B 38 -9.59 -2.93 -5.88
C ASP B 38 -9.45 -1.87 -4.79
N CYS B 39 -10.45 -1.03 -4.61
CA CYS B 39 -10.34 0.05 -3.58
C CYS B 39 -10.30 -0.49 -2.14
N GLY B 40 -10.55 -1.78 -1.95
CA GLY B 40 -10.47 -2.35 -0.56
C GLY B 40 -11.84 -2.43 0.11
N GLY B 41 -12.88 -1.90 -0.49
CA GLY B 41 -14.23 -1.95 0.14
C GLY B 41 -14.62 -0.59 0.72
N SER B 42 -14.00 0.48 0.28
CA SER B 42 -14.38 1.84 0.81
C SER B 42 -15.33 2.57 -0.16
N ALA B 43 -15.98 1.84 -1.05
CA ALA B 43 -16.95 2.47 -2.01
C ALA B 43 -16.29 3.58 -2.85
N SER B 44 -15.07 3.36 -3.28
CA SER B 44 -14.38 4.39 -4.14
C SER B 44 -14.10 3.79 -5.51
N CYS B 45 -14.66 2.64 -5.81
CA CYS B 45 -14.44 1.98 -7.14
C CYS B 45 -15.70 1.17 -7.51
N ALA B 46 -15.70 0.50 -8.63
CA ALA B 46 -16.91 -0.30 -9.02
C ALA B 46 -16.52 -1.69 -9.54
N THR B 47 -15.47 -2.28 -9.02
CA THR B 47 -15.06 -3.64 -9.50
C THR B 47 -15.61 -4.75 -8.57
N CYS B 48 -16.53 -4.42 -7.69
CA CYS B 48 -17.15 -5.44 -6.80
C CYS B 48 -18.66 -5.44 -7.08
N HIS B 49 -19.02 -5.15 -8.31
CA HIS B 49 -20.46 -5.07 -8.72
C HIS B 49 -21.13 -6.45 -8.81
N VAL B 50 -22.30 -6.56 -8.24
CA VAL B 50 -23.07 -7.86 -8.28
C VAL B 50 -24.58 -7.56 -8.34
N TYR B 51 -25.36 -8.51 -8.78
CA TYR B 51 -26.84 -8.29 -8.83
C TYR B 51 -27.49 -9.08 -7.69
N VAL B 52 -27.88 -8.42 -6.63
CA VAL B 52 -28.51 -9.16 -5.48
C VAL B 52 -29.81 -9.81 -5.95
N ASN B 53 -30.05 -11.04 -5.59
CA ASN B 53 -31.31 -11.72 -6.03
C ASN B 53 -32.51 -10.92 -5.55
N GLU B 54 -33.43 -10.68 -6.45
CA GLU B 54 -34.66 -9.87 -6.15
C GLU B 54 -35.33 -10.25 -4.80
N ALA B 55 -35.23 -11.49 -4.37
CA ALA B 55 -35.88 -11.91 -3.09
C ALA B 55 -35.11 -11.43 -1.84
N PHE B 56 -33.93 -10.86 -1.98
CA PHE B 56 -33.17 -10.41 -0.77
C PHE B 56 -32.90 -8.90 -0.78
N THR B 57 -33.20 -8.22 -1.86
CA THR B 57 -32.92 -6.75 -1.95
C THR B 57 -33.54 -5.95 -0.80
N ASP B 58 -34.72 -6.29 -0.35
CA ASP B 58 -35.34 -5.51 0.77
C ASP B 58 -34.79 -5.94 2.14
N LYS B 59 -34.00 -6.99 2.19
CA LYS B 59 -33.39 -7.44 3.49
C LYS B 59 -32.05 -6.74 3.71
N VAL B 60 -31.54 -6.08 2.70
CA VAL B 60 -30.23 -5.38 2.83
C VAL B 60 -30.49 -3.87 2.94
N PRO B 61 -29.72 -3.20 3.78
CA PRO B 61 -29.90 -1.73 3.96
C PRO B 61 -29.34 -1.01 2.71
N ALA B 62 -30.20 -0.29 2.02
CA ALA B 62 -29.83 0.43 0.75
C ALA B 62 -28.42 1.07 0.68
N ALA B 63 -27.98 1.33 -0.54
CA ALA B 63 -26.65 1.97 -0.82
C ALA B 63 -26.62 3.41 -0.28
N ASN B 64 -25.48 3.85 0.18
CA ASN B 64 -25.36 5.25 0.69
C ASN B 64 -24.96 6.20 -0.47
N GLU B 65 -24.64 7.44 -0.14
CA GLU B 65 -24.27 8.43 -1.20
C GLU B 65 -23.05 7.96 -2.01
N ARG B 66 -22.05 7.42 -1.37
CA ARG B 66 -20.83 6.98 -2.10
C ARG B 66 -21.11 5.78 -3.03
N GLU B 67 -21.88 4.82 -2.59
CA GLU B 67 -22.16 3.65 -3.48
C GLU B 67 -23.02 4.07 -4.67
N ILE B 68 -24.04 4.87 -4.44
CA ILE B 68 -24.90 5.34 -5.59
C ILE B 68 -24.02 6.01 -6.64
N GLY B 69 -23.09 6.81 -6.22
CA GLY B 69 -22.18 7.51 -7.18
C GLY B 69 -21.32 6.49 -7.95
N MET B 70 -20.71 5.55 -7.24
CA MET B 70 -19.85 4.54 -7.92
C MET B 70 -20.68 3.62 -8.82
N LEU B 71 -21.91 3.32 -8.44
CA LEU B 71 -22.77 2.44 -9.30
C LEU B 71 -23.05 3.11 -10.66
N GLU B 72 -22.96 4.41 -10.72
CA GLU B 72 -23.20 5.13 -12.01
C GLU B 72 -22.06 4.86 -13.02
N SER B 73 -20.99 4.23 -12.58
CA SER B 73 -19.85 3.97 -13.53
C SER B 73 -19.56 2.47 -13.70
N VAL B 74 -20.43 1.58 -13.25
CA VAL B 74 -20.15 0.12 -13.43
C VAL B 74 -20.04 -0.21 -14.93
N THR B 75 -19.11 -1.06 -15.30
CA THR B 75 -18.95 -1.42 -16.73
C THR B 75 -20.08 -2.36 -17.18
N ALA B 76 -20.48 -3.28 -16.33
CA ALA B 76 -21.59 -4.22 -16.71
C ALA B 76 -22.93 -3.48 -16.70
N GLU B 77 -23.97 -4.09 -17.22
CA GLU B 77 -25.31 -3.41 -17.25
C GLU B 77 -25.76 -3.04 -15.84
N LEU B 78 -26.33 -1.87 -15.68
CA LEU B 78 -26.81 -1.45 -14.33
C LEU B 78 -28.27 -1.87 -14.13
N LYS B 79 -28.51 -2.74 -13.19
CA LYS B 79 -29.89 -3.20 -12.92
C LYS B 79 -30.41 -2.50 -11.67
N PRO B 80 -31.69 -2.60 -11.41
CA PRO B 80 -32.26 -1.97 -10.20
C PRO B 80 -31.93 -2.82 -8.95
N ASN B 81 -31.22 -3.93 -9.11
CA ASN B 81 -30.80 -4.74 -7.93
C ASN B 81 -29.27 -4.82 -7.91
N SER B 82 -28.62 -3.88 -8.55
CA SER B 82 -27.13 -3.85 -8.62
C SER B 82 -26.56 -3.26 -7.34
N ARG B 83 -25.51 -3.85 -6.80
CA ARG B 83 -24.91 -3.33 -5.54
C ARG B 83 -23.40 -3.60 -5.49
N LEU B 84 -22.65 -2.71 -4.89
CA LEU B 84 -21.20 -2.99 -4.71
C LEU B 84 -21.12 -3.92 -3.48
N CYS B 85 -21.00 -5.20 -3.71
CA CYS B 85 -21.02 -6.20 -2.58
C CYS B 85 -20.09 -5.85 -1.40
N CYS B 86 -19.13 -4.98 -1.57
CA CYS B 86 -18.27 -4.62 -0.40
C CYS B 86 -19.08 -3.79 0.60
N GLN B 87 -20.24 -3.31 0.20
CA GLN B 87 -21.10 -2.51 1.11
C GLN B 87 -22.13 -3.43 1.82
N ILE B 88 -22.27 -4.66 1.36
CA ILE B 88 -23.25 -5.58 2.00
C ILE B 88 -22.58 -6.40 3.11
N ILE B 89 -22.83 -6.06 4.35
CA ILE B 89 -22.22 -6.84 5.48
C ILE B 89 -23.12 -8.05 5.77
N MET B 90 -22.54 -9.21 5.88
CA MET B 90 -23.35 -10.44 6.10
C MET B 90 -23.89 -10.57 7.53
N THR B 91 -25.12 -10.97 7.63
CA THR B 91 -25.78 -11.21 8.94
C THR B 91 -26.59 -12.51 8.79
N PRO B 92 -27.04 -13.08 9.88
CA PRO B 92 -27.82 -14.34 9.76
C PRO B 92 -29.24 -14.06 9.25
N GLU B 93 -29.56 -12.81 8.95
CA GLU B 93 -30.91 -12.52 8.39
C GLU B 93 -30.79 -12.68 6.86
N LEU B 94 -29.59 -12.54 6.35
CA LEU B 94 -29.34 -12.67 4.88
C LEU B 94 -28.94 -14.11 4.53
N ASP B 95 -29.12 -15.05 5.44
CA ASP B 95 -28.72 -16.46 5.16
C ASP B 95 -29.37 -16.98 3.86
N GLY B 96 -28.56 -17.47 2.95
CA GLY B 96 -29.11 -18.01 1.67
C GLY B 96 -29.18 -16.92 0.58
N ILE B 97 -28.66 -15.74 0.81
CA ILE B 97 -28.73 -14.68 -0.24
C ILE B 97 -27.96 -15.11 -1.50
N VAL B 98 -28.46 -14.77 -2.65
CA VAL B 98 -27.77 -15.15 -3.92
C VAL B 98 -27.47 -13.90 -4.74
N VAL B 99 -26.26 -13.79 -5.24
CA VAL B 99 -25.91 -12.60 -6.05
C VAL B 99 -25.24 -13.04 -7.36
N ASP B 100 -25.63 -12.44 -8.46
CA ASP B 100 -25.01 -12.82 -9.75
C ASP B 100 -23.82 -11.89 -10.03
N VAL B 101 -22.71 -12.43 -10.44
CA VAL B 101 -21.51 -11.56 -10.70
C VAL B 101 -21.32 -11.37 -12.21
N PRO B 102 -21.21 -10.12 -12.59
CA PRO B 102 -21.02 -9.77 -14.02
C PRO B 102 -19.54 -9.93 -14.35
N ASP B 103 -19.24 -10.62 -15.43
CA ASP B 103 -17.81 -10.87 -15.80
C ASP B 103 -17.00 -9.58 -16.11
N ARG B 104 -17.55 -8.40 -15.97
CA ARG B 104 -16.76 -7.16 -16.28
C ARG B 104 -16.77 -6.22 -15.07
N GLN B 105 -15.62 -6.00 -14.48
CA GLN B 105 -15.56 -5.09 -13.30
C GLN B 105 -14.76 -3.83 -13.64
N TRP B 106 -13.59 -4.00 -14.21
CA TRP B 106 -12.75 -2.84 -14.60
C TRP B 106 -13.45 -2.01 -15.69
N LEU A 1 14.84 26.96 6.50
CA LEU A 1 13.39 27.30 6.64
C LEU A 1 12.96 28.27 5.53
N ALA A 2 11.85 28.01 4.90
CA ALA A 2 11.36 28.95 3.84
C ALA A 2 10.55 30.03 4.58
N PRO A 3 10.48 31.21 4.01
CA PRO A 3 9.79 32.33 4.69
C PRO A 3 8.28 32.09 4.81
N LEU A 4 7.77 32.12 6.02
CA LEU A 4 6.30 31.89 6.24
C LEU A 4 5.45 32.74 5.28
N PRO A 5 4.54 32.10 4.55
CA PRO A 5 3.65 32.83 3.62
C PRO A 5 2.58 33.54 4.45
N PRO A 6 2.19 34.69 3.97
CA PRO A 6 1.25 35.59 4.70
C PRO A 6 -0.16 35.05 4.96
N HIS A 7 -0.61 33.99 4.33
CA HIS A 7 -2.00 33.49 4.68
C HIS A 7 -1.89 32.44 5.78
N VAL A 8 -0.67 32.05 6.13
CA VAL A 8 -0.46 31.07 7.23
C VAL A 8 -0.18 31.83 8.54
N PRO A 9 -1.04 31.60 9.50
CA PRO A 9 -0.88 32.25 10.83
C PRO A 9 0.32 31.66 11.60
N GLU A 10 0.99 32.49 12.36
CA GLU A 10 2.19 32.03 13.15
C GLU A 10 1.88 30.90 14.13
N HIS A 11 0.68 30.84 14.67
CA HIS A 11 0.37 29.79 15.68
C HIS A 11 0.20 28.37 15.06
N LEU A 12 0.21 28.24 13.75
CA LEU A 12 0.10 26.86 13.15
C LEU A 12 1.47 26.36 12.67
N VAL A 13 2.54 27.05 13.00
CA VAL A 13 3.88 26.60 12.53
C VAL A 13 4.54 25.54 13.43
N PHE A 14 4.96 24.48 12.82
CA PHE A 14 5.69 23.38 13.52
C PHE A 14 6.72 22.86 12.51
N ASP A 15 7.95 23.27 12.65
CA ASP A 15 9.00 22.89 11.66
C ASP A 15 9.40 21.41 11.72
N PHE A 16 8.55 20.54 11.23
CA PHE A 16 8.88 19.09 11.18
C PHE A 16 9.50 18.75 9.82
N ASP A 17 10.66 18.13 9.82
CA ASP A 17 11.32 17.75 8.53
C ASP A 17 11.04 16.27 8.25
N MET A 18 10.31 15.98 7.19
CA MET A 18 9.97 14.55 6.87
C MET A 18 11.17 13.77 6.33
N TYR A 19 12.23 14.42 5.91
CA TYR A 19 13.42 13.66 5.42
C TYR A 19 14.46 13.48 6.53
N ASN A 20 14.30 14.19 7.63
CA ASN A 20 15.25 14.05 8.78
C ASN A 20 14.59 14.64 10.04
N PRO A 21 13.62 13.93 10.57
CA PRO A 21 12.90 14.38 11.79
C PRO A 21 13.84 14.44 13.01
N SER A 22 13.56 15.35 13.91
CA SER A 22 14.43 15.55 15.13
C SER A 22 14.50 14.32 16.06
N ASN A 23 13.45 13.56 16.19
CA ASN A 23 13.50 12.38 17.11
C ASN A 23 13.68 11.07 16.34
N LEU A 24 14.45 11.09 15.27
CA LEU A 24 14.67 9.84 14.46
C LEU A 24 15.39 8.76 15.26
N SER A 25 16.20 9.14 16.22
CA SER A 25 16.95 8.12 17.01
C SER A 25 15.99 7.29 17.89
N ALA A 26 14.84 7.79 18.21
CA ALA A 26 13.88 6.99 19.04
C ALA A 26 13.00 6.10 18.15
N GLY A 27 13.19 6.16 16.85
CA GLY A 27 12.37 5.34 15.91
C GLY A 27 11.65 6.33 14.97
N VAL A 28 11.62 6.05 13.69
CA VAL A 28 10.96 7.00 12.74
C VAL A 28 9.44 7.11 13.00
N GLN A 29 8.78 6.03 13.38
CA GLN A 29 7.30 6.13 13.68
C GLN A 29 7.13 7.00 14.94
N GLU A 30 8.05 6.88 15.85
CA GLU A 30 8.05 7.72 17.08
C GLU A 30 8.39 9.15 16.70
N ALA A 31 9.28 9.30 15.74
CA ALA A 31 9.69 10.66 15.27
C ALA A 31 8.49 11.38 14.65
N TRP A 32 7.75 10.72 13.80
CA TRP A 32 6.56 11.36 13.17
C TRP A 32 5.43 11.54 14.21
N ALA A 33 5.37 10.67 15.19
CA ALA A 33 4.29 10.76 16.23
C ALA A 33 4.42 12.01 17.12
N VAL A 34 5.53 12.72 17.08
CA VAL A 34 5.62 13.97 17.92
C VAL A 34 4.59 14.99 17.41
N LEU A 35 4.16 14.82 16.18
CA LEU A 35 3.12 15.74 15.60
C LEU A 35 1.77 15.48 16.30
N GLN A 36 1.64 14.37 17.01
CA GLN A 36 0.35 14.04 17.68
C GLN A 36 0.42 14.29 19.20
N GLU A 37 1.42 14.97 19.69
CA GLU A 37 1.47 15.24 21.16
C GLU A 37 0.36 16.26 21.51
N SER A 38 0.04 16.37 22.78
CA SER A 38 -1.06 17.28 23.22
C SER A 38 -0.93 18.72 22.68
N ASN A 39 0.24 19.27 22.69
CA ASN A 39 0.43 20.70 22.25
C ASN A 39 0.38 20.94 20.71
N VAL A 40 0.29 19.92 19.88
CA VAL A 40 0.27 20.22 18.40
C VAL A 40 -1.16 20.16 17.83
N PRO A 41 -1.48 21.17 17.03
CA PRO A 41 -2.83 21.25 16.40
C PRO A 41 -3.00 20.19 15.30
N ASP A 42 -4.22 19.90 14.95
CA ASP A 42 -4.51 18.86 13.91
C ASP A 42 -3.88 19.19 12.55
N LEU A 43 -3.69 20.45 12.23
CA LEU A 43 -3.11 20.81 10.90
C LEU A 43 -2.04 21.90 11.08
N VAL A 44 -0.79 21.53 10.87
CA VAL A 44 0.32 22.52 11.06
C VAL A 44 1.02 22.87 9.75
N TRP A 45 1.82 23.92 9.79
CA TRP A 45 2.60 24.33 8.60
C TRP A 45 4.10 24.28 8.93
N THR A 46 4.85 23.51 8.19
CA THR A 46 6.33 23.44 8.44
C THR A 46 7.08 24.26 7.39
N ARG A 47 8.06 25.02 7.79
CA ARG A 47 8.85 25.84 6.81
C ARG A 47 9.98 24.99 6.20
N CYS A 48 10.06 23.74 6.59
CA CYS A 48 11.12 22.83 6.04
C CYS A 48 10.73 22.34 4.64
N ASN A 49 11.72 21.97 3.86
CA ASN A 49 11.47 21.43 2.47
C ASN A 49 10.58 22.35 1.62
N GLY A 50 10.78 23.64 1.68
CA GLY A 50 9.97 24.58 0.83
C GLY A 50 8.71 25.08 1.55
N GLY A 51 8.24 24.38 2.56
CA GLY A 51 7.02 24.86 3.29
C GLY A 51 5.78 24.11 2.79
N HIS A 52 5.06 23.50 3.70
CA HIS A 52 3.81 22.77 3.31
C HIS A 52 2.99 22.37 4.55
N TRP A 53 1.73 22.08 4.35
CA TRP A 53 0.85 21.68 5.51
C TRP A 53 1.06 20.21 5.91
N ILE A 54 0.69 19.86 7.13
CA ILE A 54 0.79 18.43 7.58
C ILE A 54 -0.44 18.04 8.42
N ALA A 55 -1.29 17.20 7.90
CA ALA A 55 -2.46 16.75 8.71
C ALA A 55 -1.93 15.70 9.71
N THR A 56 -2.04 15.96 10.99
CA THR A 56 -1.47 15.01 12.00
C THR A 56 -2.47 13.98 12.54
N ARG A 57 -3.74 14.10 12.24
CA ARG A 57 -4.71 13.08 12.78
C ARG A 57 -5.35 12.29 11.65
N GLY A 58 -5.77 11.07 11.95
CA GLY A 58 -6.38 10.19 10.91
C GLY A 58 -7.66 10.80 10.32
N GLN A 59 -8.48 11.45 11.12
CA GLN A 59 -9.73 12.06 10.57
C GLN A 59 -9.40 13.03 9.44
N LEU A 60 -8.41 13.88 9.62
CA LEU A 60 -8.04 14.86 8.56
C LEU A 60 -7.38 14.16 7.37
N ILE A 61 -6.52 13.20 7.62
CA ILE A 61 -5.84 12.48 6.49
C ILE A 61 -6.85 11.69 5.66
N ARG A 62 -7.78 11.01 6.29
CA ARG A 62 -8.81 10.23 5.53
C ARG A 62 -9.70 11.19 4.73
N GLU A 63 -10.16 12.23 5.37
CA GLU A 63 -11.06 13.22 4.70
C GLU A 63 -10.37 13.87 3.49
N ALA A 64 -9.11 14.21 3.61
CA ALA A 64 -8.38 14.86 2.48
C ALA A 64 -8.17 13.88 1.32
N TYR A 65 -7.89 12.63 1.61
CA TYR A 65 -7.68 11.62 0.51
C TYR A 65 -9.01 11.26 -0.18
N GLU A 66 -10.11 11.46 0.52
CA GLU A 66 -11.45 11.15 -0.07
C GLU A 66 -11.89 12.28 -1.01
N ASP A 67 -11.58 13.50 -0.64
CA ASP A 67 -11.97 14.67 -1.46
C ASP A 67 -10.88 15.01 -2.47
N TYR A 68 -10.92 14.40 -3.63
CA TYR A 68 -9.88 14.72 -4.65
C TYR A 68 -10.23 16.02 -5.41
N ARG A 69 -11.42 16.54 -5.22
CA ARG A 69 -11.78 17.83 -5.91
C ARG A 69 -11.00 18.99 -5.29
N HIS A 70 -10.71 18.90 -4.01
CA HIS A 70 -9.93 19.99 -3.34
C HIS A 70 -8.46 19.57 -3.24
N PHE A 71 -8.20 18.33 -2.87
CA PHE A 71 -6.80 17.83 -2.75
C PHE A 71 -6.46 16.99 -3.99
N SER A 72 -5.66 17.53 -4.86
CA SER A 72 -5.34 16.82 -6.14
C SER A 72 -4.04 15.99 -6.05
N SER A 73 -3.97 14.92 -6.83
CA SER A 73 -2.74 14.07 -6.84
C SER A 73 -1.76 14.53 -7.93
N GLU A 74 -2.09 15.57 -8.65
CA GLU A 74 -1.17 16.07 -9.71
C GLU A 74 0.24 16.34 -9.11
N CYS A 75 0.31 16.89 -7.90
CA CYS A 75 1.67 17.17 -7.26
C CYS A 75 1.76 16.57 -5.80
N PRO A 76 2.07 15.28 -5.76
CA PRO A 76 2.11 14.44 -4.47
C PRO A 76 3.43 14.24 -3.64
N PHE A 77 4.58 14.68 -4.08
CA PHE A 77 5.86 14.51 -3.27
C PHE A 77 6.14 15.90 -2.57
N ILE A 78 7.20 16.14 -1.72
CA ILE A 78 7.25 17.53 -1.03
C ILE A 78 8.44 18.54 -1.18
N PRO A 79 9.35 18.39 -2.11
CA PRO A 79 10.28 19.52 -2.47
C PRO A 79 9.43 20.08 -3.60
N ARG A 80 8.77 21.24 -3.48
CA ARG A 80 7.76 21.52 -4.55
C ARG A 80 8.20 21.04 -5.93
N GLU A 81 9.47 20.96 -6.21
CA GLU A 81 9.95 20.46 -7.53
C GLU A 81 9.81 18.91 -7.75
N ALA A 82 9.81 18.06 -6.74
CA ALA A 82 9.65 16.57 -7.03
C ALA A 82 8.20 16.25 -7.36
N GLY A 83 7.30 16.95 -6.71
CA GLY A 83 5.84 16.74 -6.94
C GLY A 83 5.49 17.20 -8.36
N GLU A 84 6.11 18.26 -8.84
CA GLU A 84 5.82 18.77 -10.22
C GLU A 84 6.41 17.82 -11.26
N ALA A 85 7.53 17.22 -10.98
CA ALA A 85 8.14 16.27 -11.96
C ALA A 85 7.45 14.88 -11.90
N TYR A 86 6.79 14.57 -10.79
CA TYR A 86 6.13 13.23 -10.62
C TYR A 86 4.98 12.98 -11.65
N ASP A 87 5.07 11.89 -12.42
CA ASP A 87 4.01 11.57 -13.45
C ASP A 87 3.86 10.06 -13.74
N PHE A 88 3.95 9.26 -12.69
CA PHE A 88 3.71 7.77 -12.81
C PHE A 88 2.20 7.61 -13.28
N ILE A 89 1.50 6.45 -13.45
CA ILE A 89 0.05 6.65 -14.03
C ILE A 89 -1.26 6.14 -13.36
N PRO A 90 -1.30 5.69 -12.13
CA PRO A 90 -2.64 5.55 -11.47
C PRO A 90 -2.61 6.46 -10.23
N THR A 91 -1.69 7.44 -10.23
CA THR A 91 -1.43 8.31 -9.05
C THR A 91 -1.29 9.80 -9.37
N SER A 92 -0.58 10.20 -10.41
CA SER A 92 -0.48 11.69 -10.64
C SER A 92 -1.80 12.21 -11.30
N MET A 93 -2.88 11.39 -11.29
CA MET A 93 -4.19 11.75 -11.96
C MET A 93 -5.42 11.88 -10.98
N ASP A 94 -6.36 12.80 -11.24
CA ASP A 94 -7.61 12.83 -10.38
C ASP A 94 -8.68 11.96 -11.14
N PRO A 95 -9.50 11.23 -10.38
CA PRO A 95 -10.28 10.03 -10.89
C PRO A 95 -11.47 9.95 -11.91
N PRO A 96 -11.72 10.87 -12.83
CA PRO A 96 -12.71 10.50 -13.85
C PRO A 96 -11.81 9.61 -14.75
N GLU A 97 -10.74 10.23 -15.14
CA GLU A 97 -9.59 9.66 -15.90
C GLU A 97 -8.72 8.57 -15.18
N GLN A 98 -8.25 8.84 -13.94
CA GLN A 98 -7.28 7.84 -13.27
C GLN A 98 -7.80 6.39 -13.25
N ARG A 99 -9.08 6.23 -13.05
CA ARG A 99 -9.70 4.87 -12.98
C ARG A 99 -9.32 3.91 -14.12
N GLN A 100 -9.33 4.34 -15.37
CA GLN A 100 -9.03 3.37 -16.50
C GLN A 100 -7.61 2.78 -16.42
N PHE A 101 -6.68 3.42 -15.76
CA PHE A 101 -5.29 2.83 -15.69
C PHE A 101 -5.14 1.82 -14.53
N ARG A 102 -6.02 1.85 -13.57
CA ARG A 102 -5.91 0.90 -12.42
C ARG A 102 -6.18 -0.55 -12.84
N ALA A 103 -7.06 -0.76 -13.81
CA ALA A 103 -7.37 -2.15 -14.25
C ALA A 103 -6.14 -2.78 -14.93
N LEU A 104 -5.42 -2.01 -15.71
CA LEU A 104 -4.21 -2.57 -16.40
C LEU A 104 -3.12 -2.88 -15.37
N ALA A 105 -2.97 -2.03 -14.39
CA ALA A 105 -1.94 -2.28 -13.33
C ALA A 105 -2.36 -3.48 -12.47
N ASN A 106 -3.65 -3.68 -12.31
CA ASN A 106 -4.13 -4.83 -11.51
C ASN A 106 -3.74 -6.15 -12.21
N GLN A 107 -3.69 -6.13 -13.53
CA GLN A 107 -3.33 -7.36 -14.31
C GLN A 107 -1.91 -7.82 -14.00
N VAL A 108 -1.01 -6.91 -13.68
CA VAL A 108 0.41 -7.31 -13.43
C VAL A 108 0.81 -7.33 -11.94
N VAL A 109 0.09 -6.69 -11.04
CA VAL A 109 0.51 -6.80 -9.58
C VAL A 109 -0.68 -7.11 -8.68
N GLY A 110 -1.84 -7.34 -9.23
CA GLY A 110 -3.03 -7.64 -8.39
C GLY A 110 -3.03 -9.12 -7.98
N MET A 111 -4.16 -9.61 -7.52
CA MET A 111 -4.26 -11.05 -7.10
C MET A 111 -3.99 -12.04 -8.22
N PRO A 112 -4.40 -11.75 -9.44
CA PRO A 112 -4.18 -12.71 -10.55
C PRO A 112 -2.67 -12.95 -10.78
N VAL A 113 -1.81 -12.00 -10.44
CA VAL A 113 -0.33 -12.26 -10.62
C VAL A 113 0.20 -12.90 -9.33
N VAL A 114 -0.44 -12.64 -8.19
CA VAL A 114 0.02 -13.27 -6.92
C VAL A 114 -0.22 -14.78 -7.04
N ASP A 115 -1.27 -15.15 -7.74
CA ASP A 115 -1.56 -16.60 -7.94
C ASP A 115 -0.56 -17.20 -8.92
N LYS A 116 -0.17 -16.44 -9.90
CA LYS A 116 0.85 -16.94 -10.88
C LYS A 116 2.20 -17.12 -10.17
N LEU A 117 2.50 -16.24 -9.23
CA LEU A 117 3.83 -16.28 -8.52
C LEU A 117 3.76 -17.02 -7.17
N GLU A 118 2.63 -17.60 -6.80
CA GLU A 118 2.56 -18.29 -5.45
C GLU A 118 3.73 -19.27 -5.24
N ASN A 119 3.98 -20.15 -6.18
CA ASN A 119 5.07 -21.15 -6.00
C ASN A 119 6.46 -20.49 -5.89
N ARG A 120 6.80 -19.60 -6.79
CA ARG A 120 8.16 -18.94 -6.72
C ARG A 120 8.31 -18.09 -5.45
N ILE A 121 7.26 -17.44 -4.98
CA ILE A 121 7.39 -16.61 -3.73
C ILE A 121 7.69 -17.52 -2.55
N GLN A 122 7.01 -18.64 -2.47
CA GLN A 122 7.23 -19.59 -1.34
C GLN A 122 8.61 -20.25 -1.47
N GLU A 123 8.99 -20.62 -2.67
CA GLU A 123 10.32 -21.28 -2.87
C GLU A 123 11.48 -20.33 -2.54
N LEU A 124 11.42 -19.09 -2.99
CA LEU A 124 12.55 -18.15 -2.71
C LEU A 124 12.64 -17.84 -1.22
N ALA A 125 11.52 -17.66 -0.56
CA ALA A 125 11.55 -17.35 0.90
C ALA A 125 12.20 -18.52 1.66
N CYS A 126 11.81 -19.72 1.34
CA CYS A 126 12.39 -20.91 2.02
C CYS A 126 13.86 -21.10 1.65
N SER A 127 14.22 -20.88 0.40
CA SER A 127 15.64 -21.05 -0.03
C SER A 127 16.55 -20.00 0.62
N LEU A 128 16.14 -18.74 0.61
CA LEU A 128 16.98 -17.67 1.24
C LEU A 128 17.15 -17.91 2.74
N ILE A 129 16.09 -18.29 3.42
CA ILE A 129 16.18 -18.52 4.91
C ILE A 129 16.96 -19.80 5.24
N GLU A 130 16.78 -20.86 4.48
CA GLU A 130 17.53 -22.13 4.79
C GLU A 130 19.03 -21.89 4.59
N SER A 131 19.39 -21.07 3.64
CA SER A 131 20.84 -20.78 3.40
C SER A 131 21.41 -19.96 4.58
N LEU A 132 20.59 -19.13 5.19
CA LEU A 132 21.08 -18.31 6.34
C LEU A 132 21.00 -19.09 7.67
N ARG A 133 20.06 -19.99 7.78
CA ARG A 133 19.83 -20.74 9.08
C ARG A 133 21.11 -21.22 9.79
N PRO A 134 21.97 -21.95 9.11
CA PRO A 134 23.18 -22.51 9.76
C PRO A 134 24.25 -21.45 10.07
N GLN A 135 24.09 -20.23 9.61
CA GLN A 135 25.13 -19.19 9.90
C GLN A 135 24.99 -18.67 11.33
N GLY A 136 23.79 -18.59 11.84
CA GLY A 136 23.58 -18.08 13.22
C GLY A 136 23.57 -16.55 13.21
N GLN A 137 23.58 -15.93 12.06
CA GLN A 137 23.59 -14.44 12.00
C GLN A 137 23.39 -13.96 10.55
N CYS A 138 23.03 -12.71 10.36
CA CYS A 138 22.82 -12.20 8.97
C CYS A 138 22.46 -10.71 8.95
N ASN A 139 22.79 -10.03 7.88
CA ASN A 139 22.41 -8.59 7.74
C ASN A 139 21.05 -8.58 7.02
N PHE A 140 20.00 -8.71 7.79
CA PHE A 140 18.62 -8.83 7.23
C PHE A 140 18.30 -7.88 6.07
N THR A 141 18.71 -6.64 6.12
CA THR A 141 18.35 -5.72 4.98
C THR A 141 18.98 -6.16 3.66
N GLU A 142 20.20 -6.65 3.69
CA GLU A 142 20.87 -7.06 2.42
C GLU A 142 20.71 -8.57 2.17
N ASP A 143 20.54 -9.36 3.19
CA ASP A 143 20.43 -10.83 2.96
C ASP A 143 19.00 -11.31 2.68
N TYR A 144 17.98 -10.56 3.06
CA TYR A 144 16.59 -11.06 2.77
C TYR A 144 15.62 -9.92 2.41
N ALA A 145 15.53 -8.88 3.21
CA ALA A 145 14.56 -7.77 2.94
C ALA A 145 14.66 -7.23 1.51
N GLU A 146 15.84 -7.18 0.95
CA GLU A 146 16.00 -6.62 -0.44
C GLU A 146 15.86 -7.70 -1.52
N PRO A 147 16.64 -8.76 -1.42
CA PRO A 147 16.60 -9.84 -2.45
C PRO A 147 15.27 -10.60 -2.54
N PHE A 148 14.58 -10.85 -1.45
CA PHE A 148 13.30 -11.64 -1.56
C PHE A 148 12.23 -10.94 -2.41
N PRO A 149 11.83 -9.75 -2.01
CA PRO A 149 10.77 -9.05 -2.78
C PRO A 149 11.31 -8.36 -4.06
N ILE A 150 12.61 -8.10 -4.17
CA ILE A 150 13.12 -7.43 -5.43
C ILE A 150 13.35 -8.52 -6.49
N ARG A 151 13.83 -9.67 -6.10
CA ARG A 151 14.04 -10.76 -7.10
C ARG A 151 12.69 -11.24 -7.62
N ILE A 152 11.67 -11.27 -6.79
CA ILE A 152 10.32 -11.70 -7.28
C ILE A 152 9.78 -10.66 -8.26
N PHE A 153 10.03 -9.38 -8.02
CA PHE A 153 9.53 -8.36 -8.97
C PHE A 153 10.31 -8.43 -10.28
N MET A 154 11.62 -8.58 -10.20
CA MET A 154 12.43 -8.68 -11.46
C MET A 154 11.97 -9.90 -12.26
N LEU A 155 11.55 -10.95 -11.57
CA LEU A 155 11.03 -12.17 -12.27
C LEU A 155 9.67 -11.82 -12.90
N LEU A 156 8.87 -11.10 -12.15
CA LEU A 156 7.51 -10.68 -12.64
C LEU A 156 7.65 -9.67 -13.79
N ALA A 157 8.71 -8.87 -13.80
CA ALA A 157 8.87 -7.86 -14.89
C ALA A 157 9.77 -8.38 -16.01
N GLY A 158 10.33 -9.56 -15.87
CA GLY A 158 11.21 -10.11 -16.93
C GLY A 158 12.51 -9.31 -17.04
N LEU A 159 13.03 -8.83 -15.93
CA LEU A 159 14.32 -8.06 -15.97
C LEU A 159 15.43 -8.89 -15.31
N PRO A 160 16.64 -8.76 -15.83
CA PRO A 160 17.77 -9.55 -15.28
C PRO A 160 18.21 -9.00 -13.91
N GLU A 161 18.47 -9.89 -12.98
CA GLU A 161 18.87 -9.47 -11.59
C GLU A 161 20.15 -8.62 -11.55
N GLU A 162 20.95 -8.68 -12.58
CA GLU A 162 22.22 -7.87 -12.59
C GLU A 162 21.89 -6.37 -12.63
N ASP A 163 20.67 -6.01 -12.92
CA ASP A 163 20.28 -4.57 -12.99
C ASP A 163 19.68 -4.08 -11.66
N ILE A 164 19.65 -4.91 -10.65
CA ILE A 164 19.01 -4.51 -9.35
C ILE A 164 19.75 -3.36 -8.65
N PRO A 165 21.07 -3.41 -8.59
CA PRO A 165 21.79 -2.33 -7.89
C PRO A 165 21.75 -1.01 -8.69
N HIS A 166 21.38 -1.03 -9.96
CA HIS A 166 21.27 0.28 -10.72
C HIS A 166 19.87 0.82 -10.47
N LEU A 167 18.89 -0.05 -10.57
CA LEU A 167 17.48 0.37 -10.34
C LEU A 167 17.24 0.70 -8.86
N LYS A 168 17.64 -0.17 -7.95
CA LYS A 168 17.42 0.11 -6.49
C LYS A 168 18.02 1.46 -6.10
N TYR A 169 19.08 1.88 -6.77
CA TYR A 169 19.67 3.21 -6.44
C TYR A 169 18.75 4.33 -6.96
N LEU A 170 18.29 4.23 -8.19
CA LEU A 170 17.38 5.30 -8.73
C LEU A 170 16.10 5.41 -7.88
N THR A 171 15.45 4.29 -7.62
CA THR A 171 14.18 4.32 -6.80
C THR A 171 14.42 4.94 -5.42
N ASP A 172 15.54 4.65 -4.81
CA ASP A 172 15.81 5.20 -3.44
C ASP A 172 16.03 6.72 -3.49
N GLN A 173 16.50 7.25 -4.61
CA GLN A 173 16.70 8.74 -4.71
C GLN A 173 15.33 9.45 -4.81
N MET A 174 14.30 8.73 -5.20
CA MET A 174 12.95 9.36 -5.32
C MET A 174 12.21 9.32 -3.98
N THR A 175 12.62 8.47 -3.07
CA THR A 175 11.94 8.40 -1.75
C THR A 175 12.87 8.93 -0.65
N ARG A 176 14.11 8.48 -0.65
CA ARG A 176 15.09 8.98 0.37
C ARG A 176 16.35 9.44 -0.37
N PRO A 177 16.27 10.59 -0.99
CA PRO A 177 17.41 11.15 -1.77
C PRO A 177 18.61 11.48 -0.87
N ASP A 178 19.78 11.05 -1.27
CA ASP A 178 21.00 11.36 -0.48
C ASP A 178 21.62 12.71 -0.93
N GLY A 179 21.10 13.32 -1.99
CA GLY A 179 21.65 14.63 -2.43
C GLY A 179 22.34 14.56 -3.81
N SER A 180 22.72 13.40 -4.28
CA SER A 180 23.42 13.32 -5.61
C SER A 180 22.44 13.46 -6.80
N MET A 181 21.18 13.14 -6.62
CA MET A 181 20.23 13.26 -7.76
C MET A 181 18.91 13.92 -7.34
N THR A 182 18.35 14.74 -8.19
CA THR A 182 17.01 15.34 -7.86
C THR A 182 15.95 14.29 -8.18
N PHE A 183 14.72 14.52 -7.82
CA PHE A 183 13.68 13.50 -8.14
C PHE A 183 13.53 13.39 -9.67
N ALA A 184 13.58 14.51 -10.35
CA ALA A 184 13.44 14.52 -11.84
C ALA A 184 14.60 13.76 -12.52
N GLU A 185 15.81 13.93 -12.05
CA GLU A 185 16.97 13.22 -12.68
C GLU A 185 16.84 11.71 -12.46
N ALA A 186 16.43 11.31 -11.28
CA ALA A 186 16.26 9.85 -11.00
C ALA A 186 15.09 9.30 -11.79
N LYS A 187 14.03 10.06 -11.92
CA LYS A 187 12.85 9.58 -12.68
C LYS A 187 13.18 9.46 -14.17
N GLU A 188 13.91 10.42 -14.71
CA GLU A 188 14.27 10.35 -16.15
C GLU A 188 15.25 9.21 -16.38
N ALA A 189 16.12 8.95 -15.45
CA ALA A 189 17.08 7.82 -15.61
C ALA A 189 16.31 6.50 -15.58
N LEU A 190 15.26 6.42 -14.77
CA LEU A 190 14.44 5.17 -14.72
C LEU A 190 13.68 5.02 -16.05
N TYR A 191 13.22 6.13 -16.60
CA TYR A 191 12.51 6.10 -17.91
C TYR A 191 13.50 5.70 -19.01
N ASP A 192 14.71 6.23 -18.92
CA ASP A 192 15.77 5.89 -19.93
C ASP A 192 16.01 4.38 -19.97
N TYR A 193 15.91 3.74 -18.82
CA TYR A 193 16.13 2.26 -18.75
C TYR A 193 14.92 1.51 -19.33
N LEU A 194 13.73 2.03 -19.14
CA LEU A 194 12.49 1.35 -19.62
C LEU A 194 12.14 1.63 -21.10
N ILE A 195 12.50 2.79 -21.62
CA ILE A 195 12.09 3.14 -23.04
C ILE A 195 12.42 2.06 -24.08
N PRO A 196 13.67 1.65 -24.18
CA PRO A 196 14.03 0.63 -25.21
C PRO A 196 13.43 -0.75 -24.85
N ILE A 197 13.17 -1.03 -23.60
CA ILE A 197 12.58 -2.36 -23.23
C ILE A 197 11.08 -2.37 -23.58
N ILE A 198 10.41 -1.25 -23.47
CA ILE A 198 8.94 -1.20 -23.79
C ILE A 198 8.74 -1.30 -25.32
N GLU A 199 9.61 -0.71 -26.10
CA GLU A 199 9.46 -0.79 -27.58
C GLU A 199 9.76 -2.21 -28.06
N GLN A 200 10.73 -2.85 -27.47
CA GLN A 200 11.04 -4.24 -27.88
C GLN A 200 9.87 -5.15 -27.53
N ARG A 201 9.31 -4.97 -26.36
CA ARG A 201 8.17 -5.83 -25.93
C ARG A 201 6.88 -5.42 -26.63
N ARG A 202 6.85 -4.28 -27.27
CA ARG A 202 5.63 -3.91 -28.05
C ARG A 202 5.75 -4.56 -29.44
N GLN A 203 6.97 -4.81 -29.88
CA GLN A 203 7.20 -5.47 -31.20
C GLN A 203 7.05 -7.00 -31.00
N LYS A 204 7.69 -7.52 -29.97
CA LYS A 204 7.56 -8.96 -29.61
C LYS A 204 6.98 -9.01 -28.19
N PRO A 205 5.67 -8.99 -28.08
CA PRO A 205 5.05 -8.99 -26.74
C PRO A 205 5.13 -10.37 -26.06
N GLY A 206 5.64 -10.45 -24.84
CA GLY A 206 5.75 -11.79 -24.16
C GLY A 206 4.77 -11.95 -22.98
N THR A 207 5.25 -12.54 -21.89
CA THR A 207 4.37 -12.79 -20.68
C THR A 207 4.74 -11.91 -19.46
N ASP A 208 5.85 -11.21 -19.49
CA ASP A 208 6.23 -10.38 -18.30
C ASP A 208 5.30 -9.16 -18.11
N ALA A 209 5.40 -8.53 -16.96
CA ALA A 209 4.53 -7.34 -16.64
C ALA A 209 4.75 -6.17 -17.60
N ILE A 210 5.96 -5.90 -18.01
CA ILE A 210 6.20 -4.75 -18.94
C ILE A 210 5.56 -5.04 -20.31
N SER A 211 5.56 -6.29 -20.72
CA SER A 211 4.91 -6.62 -22.02
C SER A 211 3.40 -6.41 -21.90
N ILE A 212 2.82 -6.85 -20.81
CA ILE A 212 1.34 -6.70 -20.60
C ILE A 212 0.95 -5.21 -20.49
N VAL A 213 1.74 -4.41 -19.82
CA VAL A 213 1.39 -2.95 -19.71
C VAL A 213 1.61 -2.25 -21.06
N ALA A 214 2.73 -2.52 -21.69
CA ALA A 214 3.04 -1.86 -23.00
C ALA A 214 2.02 -2.27 -24.08
N ASN A 215 1.48 -3.46 -24.00
CA ASN A 215 0.49 -3.91 -25.02
C ASN A 215 -0.93 -3.92 -24.43
N GLY A 216 -1.12 -3.35 -23.25
CA GLY A 216 -2.47 -3.37 -22.60
C GLY A 216 -3.42 -2.31 -23.16
N GLN A 217 -4.67 -2.39 -22.77
CA GLN A 217 -5.70 -1.42 -23.25
C GLN A 217 -6.34 -0.74 -22.04
N VAL A 218 -6.71 0.51 -22.15
CA VAL A 218 -7.39 1.18 -21.00
C VAL A 218 -8.79 1.61 -21.42
N ASN A 219 -9.77 0.90 -20.93
CA ASN A 219 -11.20 1.18 -21.26
C ASN A 219 -11.47 1.02 -22.77
N GLY A 220 -10.93 -0.02 -23.37
CA GLY A 220 -11.23 -0.31 -24.82
C GLY A 220 -10.21 0.26 -25.81
N ARG A 221 -9.28 1.10 -25.40
CA ARG A 221 -8.31 1.63 -26.41
C ARG A 221 -6.86 1.27 -25.99
N PRO A 222 -5.98 1.21 -26.95
CA PRO A 222 -4.56 0.80 -26.69
C PRO A 222 -3.72 1.91 -26.07
N ILE A 223 -3.01 1.57 -25.02
CA ILE A 223 -2.13 2.54 -24.29
C ILE A 223 -0.96 3.05 -25.17
N THR A 224 -0.53 4.26 -24.93
CA THR A 224 0.62 4.84 -25.71
C THR A 224 1.94 4.45 -25.06
N SER A 225 3.02 4.55 -25.80
CA SER A 225 4.36 4.20 -25.22
C SER A 225 4.66 5.09 -24.01
N ASP A 226 4.22 6.33 -24.06
CA ASP A 226 4.45 7.28 -22.91
C ASP A 226 3.68 6.81 -21.68
N GLU A 227 2.42 6.44 -21.85
CA GLU A 227 1.61 5.97 -20.67
C GLU A 227 2.21 4.69 -20.10
N ALA A 228 2.64 3.79 -20.95
CA ALA A 228 3.24 2.52 -20.48
C ALA A 228 4.51 2.82 -19.68
N LYS A 229 5.30 3.76 -20.16
CA LYS A 229 6.56 4.13 -19.45
C LYS A 229 6.24 4.74 -18.08
N ARG A 230 5.24 5.60 -18.03
CA ARG A 230 4.86 6.25 -16.73
C ARG A 230 4.26 5.22 -15.76
N MET A 231 3.63 4.18 -16.26
CA MET A 231 3.07 3.15 -15.34
C MET A 231 4.17 2.17 -14.92
N CYS A 232 5.00 1.76 -15.86
CA CYS A 232 6.11 0.80 -15.53
C CYS A 232 7.06 1.43 -14.50
N GLY A 233 7.30 2.72 -14.62
CA GLY A 233 8.19 3.42 -13.66
C GLY A 233 7.61 3.30 -12.25
N LEU A 234 6.31 3.47 -12.12
CA LEU A 234 5.66 3.36 -10.78
C LEU A 234 5.75 1.93 -10.26
N LEU A 235 5.59 0.94 -11.11
CA LEU A 235 5.67 -0.48 -10.65
C LEU A 235 7.10 -0.80 -10.15
N LEU A 236 8.10 -0.27 -10.81
CA LEU A 236 9.50 -0.54 -10.38
C LEU A 236 9.76 0.04 -8.98
N VAL A 237 9.30 1.24 -8.72
CA VAL A 237 9.50 1.85 -7.37
C VAL A 237 8.71 1.06 -6.32
N GLY A 238 7.49 0.70 -6.64
CA GLY A 238 6.65 -0.06 -5.69
C GLY A 238 7.24 -1.46 -5.45
N GLY A 239 7.85 -2.04 -6.44
CA GLY A 239 8.43 -3.39 -6.27
C GLY A 239 9.83 -3.34 -5.62
N LEU A 240 10.51 -2.22 -5.68
CA LEU A 240 11.89 -2.16 -5.10
C LEU A 240 11.98 -1.34 -3.80
N ASP A 241 10.96 -0.59 -3.40
CA ASP A 241 11.13 0.21 -2.15
C ASP A 241 9.87 0.28 -1.25
N THR A 242 9.14 -0.79 -1.10
CA THR A 242 7.95 -0.74 -0.18
C THR A 242 8.03 -1.93 0.79
N VAL A 243 7.80 -3.13 0.31
CA VAL A 243 7.88 -4.33 1.20
C VAL A 243 9.33 -4.49 1.70
N VAL A 244 10.29 -4.13 0.87
CA VAL A 244 11.73 -4.23 1.28
C VAL A 244 11.95 -3.51 2.61
N ASN A 245 11.40 -2.34 2.77
CA ASN A 245 11.58 -1.58 4.05
C ASN A 245 10.67 -2.12 5.16
N PHE A 246 9.43 -2.42 4.86
CA PHE A 246 8.49 -2.93 5.93
C PHE A 246 8.99 -4.26 6.53
N LEU A 247 9.55 -5.15 5.73
CA LEU A 247 10.03 -6.45 6.29
C LEU A 247 11.06 -6.20 7.42
N SER A 248 11.91 -5.20 7.25
CA SER A 248 12.94 -4.90 8.28
C SER A 248 12.30 -4.32 9.56
N PHE A 249 11.31 -3.45 9.42
CA PHE A 249 10.64 -2.89 10.66
C PHE A 249 9.99 -4.03 11.44
N SER A 250 9.36 -4.94 10.72
CA SER A 250 8.67 -6.11 11.36
C SER A 250 9.67 -7.06 12.01
N MET A 251 10.72 -7.43 11.30
CA MET A 251 11.72 -8.39 11.90
C MET A 251 12.47 -7.72 13.04
N GLU A 252 12.70 -6.42 12.98
CA GLU A 252 13.39 -5.73 14.11
C GLU A 252 12.51 -5.82 15.36
N PHE A 253 11.22 -5.67 15.19
CA PHE A 253 10.29 -5.76 16.34
C PHE A 253 10.27 -7.21 16.88
N LEU A 254 10.10 -8.18 16.01
CA LEU A 254 10.08 -9.60 16.49
C LEU A 254 11.39 -9.95 17.19
N ALA A 255 12.49 -9.47 16.67
CA ALA A 255 13.81 -9.74 17.32
C ALA A 255 13.86 -9.11 18.71
N LYS A 256 13.17 -8.01 18.91
CA LYS A 256 13.19 -7.32 20.24
C LYS A 256 12.02 -7.76 21.14
N SER A 257 11.18 -8.64 20.67
CA SER A 257 10.03 -9.10 21.49
C SER A 257 9.84 -10.60 21.33
N PRO A 258 10.41 -11.35 22.25
CA PRO A 258 10.28 -12.82 22.20
C PRO A 258 8.88 -13.30 22.62
N GLU A 259 8.04 -12.44 23.20
CA GLU A 259 6.66 -12.89 23.59
C GLU A 259 5.82 -12.91 22.31
N HIS A 260 6.08 -11.99 21.42
CA HIS A 260 5.35 -11.93 20.12
C HIS A 260 5.84 -13.08 19.23
N ARG A 261 7.11 -13.42 19.30
CA ARG A 261 7.63 -14.56 18.48
C ARG A 261 6.92 -15.84 18.93
N GLN A 262 6.77 -16.00 20.23
CA GLN A 262 6.09 -17.21 20.78
C GLN A 262 4.61 -17.25 20.34
N GLU A 263 3.95 -16.11 20.35
CA GLU A 263 2.50 -16.07 19.97
C GLU A 263 2.31 -16.59 18.53
N LEU A 264 3.18 -16.25 17.63
CA LEU A 264 3.02 -16.72 16.21
C LEU A 264 3.53 -18.15 16.05
N ILE A 265 4.51 -18.56 16.83
CA ILE A 265 5.02 -19.97 16.73
C ILE A 265 3.98 -20.93 17.30
N GLN A 266 3.33 -20.54 18.39
CA GLN A 266 2.29 -21.40 19.00
C GLN A 266 1.04 -21.43 18.11
N ARG A 267 0.69 -20.30 17.53
CA ARG A 267 -0.53 -20.25 16.66
C ARG A 267 -0.20 -19.53 15.34
N PRO A 268 0.34 -20.28 14.41
CA PRO A 268 0.72 -19.73 13.08
C PRO A 268 -0.47 -19.19 12.29
N GLU A 269 -1.68 -19.61 12.60
CA GLU A 269 -2.85 -19.08 11.84
C GLU A 269 -3.16 -17.63 12.26
N ARG A 270 -2.42 -17.07 13.20
CA ARG A 270 -2.63 -15.65 13.62
C ARG A 270 -1.68 -14.72 12.84
N ILE A 271 -0.83 -15.27 12.01
CA ILE A 271 0.17 -14.45 11.27
C ILE A 271 -0.47 -13.41 10.34
N PRO A 272 -1.53 -13.76 9.64
CA PRO A 272 -2.13 -12.74 8.77
C PRO A 272 -2.89 -11.69 9.61
N ALA A 273 -3.21 -11.98 10.87
CA ALA A 273 -3.86 -10.92 11.72
C ALA A 273 -2.72 -10.08 12.29
N ALA A 274 -1.62 -10.74 12.58
CA ALA A 274 -0.40 -10.05 13.11
C ALA A 274 0.20 -9.16 12.02
N CYS A 275 0.15 -9.61 10.78
CA CYS A 275 0.70 -8.81 9.65
C CYS A 275 -0.04 -7.47 9.54
N GLU A 276 -1.34 -7.49 9.74
CA GLU A 276 -2.14 -6.24 9.67
C GLU A 276 -1.77 -5.33 10.84
N GLU A 277 -1.60 -5.89 12.03
CA GLU A 277 -1.24 -5.04 13.20
C GLU A 277 0.17 -4.47 13.01
N LEU A 278 1.05 -5.22 12.39
CA LEU A 278 2.42 -4.69 12.14
C LEU A 278 2.34 -3.62 11.05
N LEU A 279 1.47 -3.79 10.09
CA LEU A 279 1.30 -2.76 9.02
C LEU A 279 0.81 -1.46 9.66
N ARG A 280 0.09 -1.54 10.75
CA ARG A 280 -0.42 -0.30 11.44
C ARG A 280 0.69 0.32 12.30
N ARG A 281 1.29 -0.46 13.17
CA ARG A 281 2.35 0.11 14.06
C ARG A 281 3.58 0.53 13.26
N PHE A 282 3.98 -0.24 12.28
CA PHE A 282 5.19 0.13 11.49
C PHE A 282 4.83 0.67 10.10
N SER A 283 3.75 1.42 10.01
CA SER A 283 3.39 2.02 8.68
C SER A 283 4.61 2.84 8.23
N LEU A 284 4.80 3.07 6.95
CA LEU A 284 6.03 3.81 6.53
C LEU A 284 5.86 4.67 5.28
N VAL A 285 4.66 5.04 4.89
CA VAL A 285 4.55 5.89 3.65
C VAL A 285 4.00 7.28 4.00
N ALA A 286 4.42 8.31 3.31
CA ALA A 286 3.91 9.66 3.62
C ALA A 286 4.05 10.64 2.44
N ASP A 287 3.08 10.64 1.55
CA ASP A 287 3.09 11.60 0.40
C ASP A 287 1.90 12.56 0.60
N GLY A 288 1.37 13.20 -0.42
CA GLY A 288 0.22 14.12 -0.15
C GLY A 288 -0.45 14.63 -1.42
N ARG A 289 -1.05 15.81 -1.32
CA ARG A 289 -1.79 16.40 -2.48
C ARG A 289 -1.55 17.91 -2.54
N ILE A 290 -2.10 18.55 -3.55
CA ILE A 290 -1.96 20.04 -3.65
C ILE A 290 -3.37 20.65 -3.75
N LEU A 291 -3.58 21.77 -3.11
CA LEU A 291 -4.93 22.41 -3.12
C LEU A 291 -5.28 22.89 -4.52
N THR A 292 -6.45 22.55 -5.01
CA THR A 292 -6.86 23.01 -6.37
C THR A 292 -7.42 24.44 -6.28
N SER A 293 -7.77 24.88 -5.08
CA SER A 293 -8.33 26.26 -4.91
C SER A 293 -8.32 26.66 -3.44
N ASP A 294 -8.57 27.92 -3.14
CA ASP A 294 -8.61 28.33 -1.70
C ASP A 294 -9.70 27.51 -1.00
N TYR A 295 -9.47 27.08 0.21
CA TYR A 295 -10.49 26.20 0.88
C TYR A 295 -10.27 26.14 2.40
N GLU A 296 -11.30 26.39 3.17
CA GLU A 296 -11.17 26.29 4.65
C GLU A 296 -11.37 24.84 5.07
N PHE A 297 -10.37 24.28 5.68
CA PHE A 297 -10.43 22.86 6.12
C PHE A 297 -10.15 22.76 7.62
N HIS A 298 -11.17 22.46 8.40
CA HIS A 298 -11.03 22.33 9.89
C HIS A 298 -10.58 23.65 10.54
N GLY A 299 -11.14 24.76 10.11
CA GLY A 299 -10.80 26.08 10.72
C GLY A 299 -9.53 26.69 10.12
N VAL A 300 -8.85 26.03 9.21
CA VAL A 300 -7.60 26.65 8.63
C VAL A 300 -7.80 27.02 7.16
N GLN A 301 -7.35 28.19 6.78
CA GLN A 301 -7.51 28.63 5.36
C GLN A 301 -6.36 28.11 4.50
N LEU A 302 -6.67 27.27 3.54
CA LEU A 302 -5.61 26.76 2.61
C LEU A 302 -5.67 27.60 1.33
N LYS A 303 -4.55 27.77 0.69
CA LYS A 303 -4.51 28.61 -0.54
C LYS A 303 -4.23 27.74 -1.77
N LYS A 304 -4.84 28.07 -2.88
CA LYS A 304 -4.62 27.29 -4.15
C LYS A 304 -3.13 27.14 -4.43
N GLY A 305 -2.69 25.92 -4.62
CA GLY A 305 -1.24 25.69 -4.91
C GLY A 305 -0.54 25.19 -3.65
N ASP A 306 -1.14 25.33 -2.50
CA ASP A 306 -0.49 24.86 -1.23
C ASP A 306 -0.32 23.34 -1.22
N GLN A 307 0.81 22.88 -0.75
CA GLN A 307 1.05 21.40 -0.67
C GLN A 307 0.72 20.91 0.74
N ILE A 308 0.00 19.83 0.86
CA ILE A 308 -0.30 19.31 2.22
C ILE A 308 0.11 17.85 2.31
N LEU A 309 1.02 17.56 3.20
CA LEU A 309 1.49 16.18 3.39
C LEU A 309 0.48 15.40 4.22
N LEU A 310 -0.16 14.43 3.62
CA LEU A 310 -1.13 13.56 4.36
C LEU A 310 -0.39 12.23 4.55
N PRO A 311 0.32 12.11 5.65
CA PRO A 311 1.15 10.92 5.88
C PRO A 311 0.33 9.73 6.32
N GLN A 312 0.24 8.76 5.45
CA GLN A 312 -0.54 7.51 5.72
C GLN A 312 -0.11 6.81 7.01
N MET A 313 1.12 7.01 7.43
CA MET A 313 1.64 6.34 8.67
C MET A 313 1.00 6.92 9.94
N LEU A 314 0.50 8.13 9.87
CA LEU A 314 -0.06 8.79 11.09
C LEU A 314 -1.49 8.33 11.43
N SER A 315 -2.29 7.98 10.46
CA SER A 315 -3.69 7.58 10.79
C SER A 315 -3.73 6.38 11.76
N GLY A 316 -3.00 5.34 11.49
CA GLY A 316 -3.00 4.14 12.39
C GLY A 316 -2.34 4.45 13.74
N LEU A 317 -1.40 5.37 13.77
CA LEU A 317 -0.72 5.71 15.06
C LEU A 317 -1.56 6.70 15.90
N ASP A 318 -2.62 7.23 15.34
CA ASP A 318 -3.47 8.20 16.10
C ASP A 318 -4.19 7.50 17.26
N GLU A 319 -4.04 8.02 18.46
CA GLU A 319 -4.73 7.41 19.64
C GLU A 319 -6.25 7.51 19.49
N ARG A 320 -6.72 8.52 18.79
CA ARG A 320 -8.20 8.67 18.60
C ARG A 320 -8.72 7.55 17.69
N GLU A 321 -7.83 6.91 16.96
CA GLU A 321 -8.24 5.79 16.06
C GLU A 321 -7.94 4.43 16.72
N ASN A 322 -6.87 4.34 17.47
CA ASN A 322 -6.50 3.07 18.17
C ASN A 322 -5.94 3.37 19.57
N ALA A 323 -6.52 2.81 20.60
CA ALA A 323 -6.01 3.07 21.98
C ALA A 323 -4.62 2.44 22.12
N CYS A 324 -3.73 3.06 22.87
CA CYS A 324 -2.33 2.51 23.03
C CYS A 324 -1.78 2.12 21.65
N PRO A 325 -1.70 3.11 20.79
CA PRO A 325 -1.25 2.92 19.38
C PRO A 325 0.19 2.42 19.25
N MET A 326 1.08 2.78 20.13
CA MET A 326 2.50 2.31 20.00
C MET A 326 2.66 0.86 20.50
N HIS A 327 1.67 0.31 21.15
CA HIS A 327 1.80 -1.10 21.63
C HIS A 327 1.32 -2.07 20.54
N VAL A 328 2.06 -3.12 20.29
CA VAL A 328 1.63 -4.10 19.24
C VAL A 328 0.78 -5.21 19.85
N ASP A 329 -0.46 -5.28 19.44
CA ASP A 329 -1.38 -6.33 19.96
C ASP A 329 -1.96 -7.12 18.78
N PHE A 330 -1.48 -8.32 18.55
CA PHE A 330 -1.99 -9.14 17.40
C PHE A 330 -3.50 -9.40 17.54
N SER A 331 -4.02 -9.29 18.74
CA SER A 331 -5.48 -9.53 18.95
C SER A 331 -6.28 -8.21 18.94
N ARG A 332 -5.67 -7.10 18.58
CA ARG A 332 -6.43 -5.80 18.56
C ARG A 332 -7.74 -5.97 17.79
N GLN A 333 -8.85 -5.75 18.44
CA GLN A 333 -10.16 -5.94 17.77
C GLN A 333 -10.31 -5.06 16.53
N LYS A 334 -10.11 -3.76 16.64
CA LYS A 334 -10.26 -2.89 15.42
C LYS A 334 -8.92 -2.32 14.98
N VAL A 335 -8.25 -2.97 14.07
CA VAL A 335 -6.95 -2.45 13.58
C VAL A 335 -7.22 -1.46 12.43
N SER A 336 -7.34 -0.20 12.76
CA SER A 336 -7.63 0.83 11.72
C SER A 336 -6.33 1.50 11.24
N HIS A 337 -6.18 1.63 9.94
CA HIS A 337 -4.95 2.31 9.38
C HIS A 337 -5.12 2.61 7.89
N THR A 338 -4.27 3.47 7.38
CA THR A 338 -4.29 3.84 5.94
C THR A 338 -2.91 3.52 5.32
N THR A 339 -2.20 2.59 5.89
CA THR A 339 -0.85 2.20 5.40
C THR A 339 -0.84 2.00 3.87
N PHE A 340 -1.84 1.33 3.33
CA PHE A 340 -1.88 1.11 1.84
C PHE A 340 -2.57 2.28 1.11
N GLY A 341 -2.76 3.41 1.76
CA GLY A 341 -3.40 4.59 1.12
C GLY A 341 -4.87 4.68 1.53
N HIS A 342 -5.58 5.59 0.90
CA HIS A 342 -7.03 5.77 1.21
C HIS A 342 -7.70 6.55 0.07
N GLY A 343 -8.92 6.23 -0.25
CA GLY A 343 -9.61 6.95 -1.36
C GLY A 343 -9.54 6.12 -2.65
N SER A 344 -9.46 6.79 -3.79
CA SER A 344 -9.40 6.06 -5.09
C SER A 344 -7.98 5.59 -5.43
N HIS A 345 -6.97 6.02 -4.71
CA HIS A 345 -5.57 5.57 -5.04
C HIS A 345 -5.12 4.42 -4.12
N LEU A 346 -6.05 3.65 -3.60
CA LEU A 346 -5.65 2.53 -2.69
C LEU A 346 -4.59 1.65 -3.37
N CYS A 347 -3.61 1.22 -2.62
CA CYS A 347 -2.49 0.39 -3.19
C CYS A 347 -3.01 -0.80 -3.99
N LEU A 348 -2.54 -0.92 -5.21
CA LEU A 348 -2.96 -2.06 -6.09
C LEU A 348 -2.07 -3.29 -5.80
N GLY A 349 -0.91 -3.08 -5.20
CA GLY A 349 -0.01 -4.22 -4.90
C GLY A 349 -0.07 -4.60 -3.42
N GLN A 350 -1.15 -4.29 -2.73
CA GLN A 350 -1.23 -4.67 -1.28
C GLN A 350 -1.44 -6.18 -1.13
N HIS A 351 -1.97 -6.85 -2.13
CA HIS A 351 -2.15 -8.33 -2.03
C HIS A 351 -0.79 -9.02 -2.19
N LEU A 352 0.03 -8.51 -3.10
CA LEU A 352 1.39 -9.10 -3.28
C LEU A 352 2.23 -8.77 -2.04
N ALA A 353 1.98 -7.61 -1.45
CA ALA A 353 2.74 -7.20 -0.23
C ALA A 353 2.33 -8.08 0.94
N ARG A 354 1.05 -8.24 1.19
CA ARG A 354 0.58 -9.10 2.33
C ARG A 354 1.11 -10.52 2.16
N ARG A 355 1.09 -11.04 0.96
CA ARG A 355 1.58 -12.42 0.71
C ARG A 355 3.07 -12.51 1.03
N GLU A 356 3.85 -11.55 0.58
CA GLU A 356 5.32 -11.59 0.86
C GLU A 356 5.60 -11.43 2.36
N ILE A 357 4.81 -10.63 3.05
CA ILE A 357 5.00 -10.46 4.51
C ILE A 357 4.60 -11.73 5.27
N ILE A 358 3.42 -12.24 4.98
CA ILE A 358 2.93 -13.47 5.67
C ILE A 358 3.82 -14.68 5.34
N VAL A 359 4.26 -14.83 4.11
CA VAL A 359 5.16 -15.99 3.79
C VAL A 359 6.50 -15.83 4.51
N THR A 360 6.98 -14.61 4.65
CA THR A 360 8.28 -14.39 5.35
C THR A 360 8.14 -14.71 6.84
N LEU A 361 7.11 -14.22 7.48
CA LEU A 361 6.92 -14.50 8.95
C LEU A 361 6.72 -15.99 9.21
N LYS A 362 5.91 -16.64 8.41
CA LYS A 362 5.66 -18.09 8.63
C LYS A 362 6.91 -18.94 8.34
N GLU A 363 7.56 -18.71 7.22
CA GLU A 363 8.76 -19.55 6.88
C GLU A 363 9.98 -19.18 7.73
N TRP A 364 10.08 -17.95 8.21
CA TRP A 364 11.26 -17.61 9.05
C TRP A 364 11.09 -18.22 10.45
N LEU A 365 9.93 -18.05 11.04
CA LEU A 365 9.70 -18.62 12.41
C LEU A 365 9.72 -20.16 12.38
N THR A 366 9.42 -20.75 11.24
CA THR A 366 9.45 -22.25 11.15
C THR A 366 10.91 -22.74 11.17
N ARG A 367 11.82 -22.02 10.55
CA ARG A 367 13.24 -22.46 10.53
C ARG A 367 14.02 -21.79 11.66
N ILE A 368 13.82 -20.50 11.84
CA ILE A 368 14.54 -19.76 12.91
C ILE A 368 13.52 -19.13 13.88
N PRO A 369 13.02 -19.94 14.78
CA PRO A 369 12.02 -19.48 15.77
C PRO A 369 12.61 -18.49 16.79
N ASP A 370 13.88 -18.59 17.11
CA ASP A 370 14.47 -17.65 18.11
C ASP A 370 15.63 -16.85 17.51
N PHE A 371 15.54 -15.55 17.57
CA PHE A 371 16.64 -14.68 17.07
C PHE A 371 16.58 -13.32 17.78
N SER A 372 17.70 -12.63 17.85
CA SER A 372 17.73 -11.32 18.56
C SER A 372 18.61 -10.31 17.81
N ILE A 373 18.58 -9.07 18.23
CA ILE A 373 19.46 -8.04 17.57
C ILE A 373 20.90 -8.34 17.98
N ALA A 374 21.85 -8.21 17.06
CA ALA A 374 23.27 -8.50 17.45
C ALA A 374 23.59 -7.68 18.71
N PRO A 375 24.32 -8.29 19.62
CA PRO A 375 24.65 -7.63 20.91
C PRO A 375 25.44 -6.32 20.73
N GLY A 376 24.94 -5.24 21.29
CA GLY A 376 25.67 -3.93 21.19
C GLY A 376 25.16 -3.11 19.99
N ALA A 377 24.39 -3.69 19.10
CA ALA A 377 23.92 -2.92 17.90
C ALA A 377 22.73 -2.01 18.19
N GLN A 378 22.79 -0.79 17.71
CA GLN A 378 21.67 0.18 17.88
C GLN A 378 21.05 0.42 16.49
N ILE A 379 19.87 -0.12 16.27
CA ILE A 379 19.22 0.03 14.91
C ILE A 379 18.90 1.49 14.58
N GLN A 380 19.28 1.91 13.41
CA GLN A 380 19.02 3.31 12.96
C GLN A 380 18.02 3.30 11.79
N HIS A 381 17.05 4.17 11.83
CA HIS A 381 16.05 4.24 10.72
C HIS A 381 16.30 5.48 9.85
N LYS A 382 15.65 5.55 8.70
CA LYS A 382 15.79 6.73 7.80
C LYS A 382 14.39 7.19 7.35
N SER A 383 14.20 8.48 7.17
CA SER A 383 12.85 8.97 6.79
C SER A 383 12.80 9.55 5.37
N GLY A 384 11.61 9.69 4.85
CA GLY A 384 11.41 10.23 3.47
C GLY A 384 10.00 9.84 3.00
N ILE A 385 9.74 9.83 1.70
CA ILE A 385 8.37 9.41 1.22
C ILE A 385 8.07 8.02 1.78
N VAL A 386 9.09 7.16 1.80
CA VAL A 386 8.93 5.81 2.39
C VAL A 386 10.05 5.63 3.42
N SER A 387 9.72 5.39 4.67
CA SER A 387 10.79 5.22 5.69
C SER A 387 11.39 3.83 5.60
N GLY A 388 12.55 3.61 6.21
CA GLY A 388 13.17 2.26 6.13
C GLY A 388 14.20 2.06 7.26
N VAL A 389 14.91 0.96 7.22
CA VAL A 389 15.94 0.68 8.28
C VAL A 389 17.33 0.63 7.62
N GLN A 390 18.29 1.34 8.16
CA GLN A 390 19.66 1.35 7.54
C GLN A 390 20.31 -0.02 7.61
N ALA A 391 20.20 -0.68 8.73
CA ALA A 391 20.81 -2.05 8.84
C ALA A 391 20.16 -2.83 9.99
N LEU A 392 20.08 -4.13 9.87
CA LEU A 392 19.45 -4.95 10.94
C LEU A 392 20.22 -6.28 11.16
N PRO A 393 21.28 -6.20 11.92
CA PRO A 393 22.10 -7.41 12.22
C PRO A 393 21.38 -8.31 13.23
N LEU A 394 21.10 -9.54 12.84
CA LEU A 394 20.41 -10.51 13.76
C LEU A 394 21.35 -11.67 14.12
N VAL A 395 21.13 -12.29 15.26
CA VAL A 395 21.95 -13.47 15.66
C VAL A 395 21.05 -14.52 16.29
N TRP A 396 21.42 -15.76 16.14
CA TRP A 396 20.63 -16.85 16.76
C TRP A 396 21.49 -18.12 16.86
N ASP A 397 21.16 -18.99 17.77
CA ASP A 397 21.93 -20.24 17.92
C ASP A 397 21.40 -21.22 16.87
N PRO A 398 22.25 -21.67 16.00
CA PRO A 398 21.82 -22.61 14.95
C PRO A 398 21.50 -23.99 15.54
N ALA A 399 21.58 -24.14 16.85
CA ALA A 399 21.21 -25.43 17.49
C ALA A 399 19.71 -25.39 17.78
N THR A 400 19.14 -24.20 17.79
CA THR A 400 17.68 -24.03 18.05
C THR A 400 16.90 -23.95 16.72
N THR A 401 17.57 -23.99 15.58
CA THR A 401 16.83 -23.89 14.27
C THR A 401 16.52 -25.29 13.73
N LYS A 402 15.75 -25.39 12.68
CA LYS A 402 15.44 -26.75 12.11
C LYS A 402 15.20 -26.67 10.60
N ALA A 403 15.84 -27.53 9.86
CA ALA A 403 15.64 -27.54 8.38
C ALA A 403 14.35 -28.26 8.04
N VAL A 404 13.56 -27.72 7.14
CA VAL A 404 12.27 -28.39 6.76
C VAL A 404 12.56 -29.57 5.83
N SER B 1 -23.92 -17.49 7.74
CA SER B 1 -25.20 -17.45 6.96
C SER B 1 -24.92 -17.79 5.49
N LYS B 2 -25.89 -18.30 4.79
CA LYS B 2 -25.67 -18.70 3.37
C LYS B 2 -25.70 -17.50 2.41
N VAL B 3 -24.78 -17.48 1.46
CA VAL B 3 -24.72 -16.41 0.42
C VAL B 3 -24.46 -17.07 -0.93
N VAL B 4 -25.32 -16.88 -1.90
CA VAL B 4 -25.10 -17.55 -3.22
C VAL B 4 -24.63 -16.56 -4.29
N TYR B 5 -23.57 -16.90 -4.98
CA TYR B 5 -23.03 -16.00 -6.06
C TYR B 5 -23.29 -16.64 -7.43
N VAL B 6 -24.16 -16.08 -8.23
CA VAL B 6 -24.39 -16.67 -9.58
C VAL B 6 -23.52 -15.93 -10.59
N SER B 7 -22.73 -16.65 -11.35
CA SER B 7 -21.80 -15.98 -12.32
C SER B 7 -22.47 -15.68 -13.66
N HIS B 8 -21.75 -15.00 -14.52
CA HIS B 8 -22.30 -14.62 -15.88
C HIS B 8 -22.65 -15.88 -16.68
N ASP B 9 -21.76 -16.86 -16.70
CA ASP B 9 -22.04 -18.12 -17.45
C ASP B 9 -23.21 -18.91 -16.82
N GLY B 10 -23.65 -18.53 -15.65
CA GLY B 10 -24.79 -19.24 -15.00
C GLY B 10 -24.30 -20.23 -13.92
N THR B 11 -23.07 -20.12 -13.48
CA THR B 11 -22.57 -21.07 -12.43
C THR B 11 -23.02 -20.58 -11.04
N ARG B 12 -23.28 -21.49 -10.14
CA ARG B 12 -23.76 -21.10 -8.78
C ARG B 12 -22.78 -21.54 -7.68
N ARG B 13 -22.40 -20.62 -6.82
CA ARG B 13 -21.47 -20.96 -5.70
C ARG B 13 -22.09 -20.55 -4.35
N GLU B 14 -22.16 -21.44 -3.40
CA GLU B 14 -22.77 -21.11 -2.08
C GLU B 14 -21.72 -21.07 -0.96
N LEU B 15 -21.73 -20.01 -0.17
CA LEU B 15 -20.75 -19.89 0.95
C LEU B 15 -21.47 -19.71 2.29
N ASP B 16 -20.78 -20.01 3.38
CA ASP B 16 -21.36 -19.78 4.73
C ASP B 16 -20.58 -18.60 5.34
N VAL B 17 -21.08 -17.41 5.15
CA VAL B 17 -20.36 -16.20 5.65
C VAL B 17 -20.77 -15.81 7.06
N ALA B 18 -19.81 -15.53 7.91
CA ALA B 18 -20.11 -15.13 9.32
C ALA B 18 -20.57 -13.66 9.35
N ASP B 19 -21.05 -13.21 10.49
CA ASP B 19 -21.52 -11.80 10.60
C ASP B 19 -20.35 -10.81 10.51
N GLY B 20 -20.62 -9.61 10.03
CA GLY B 20 -19.54 -8.58 9.93
C GLY B 20 -18.73 -8.72 8.63
N VAL B 21 -18.86 -9.81 7.91
CA VAL B 21 -18.07 -9.98 6.65
C VAL B 21 -18.84 -9.41 5.45
N SER B 22 -18.17 -8.63 4.63
CA SER B 22 -18.84 -8.07 3.42
C SER B 22 -18.87 -9.13 2.32
N LEU B 23 -19.85 -9.07 1.45
CA LEU B 23 -19.93 -10.09 0.35
C LEU B 23 -18.68 -10.02 -0.54
N MET B 24 -18.01 -8.88 -0.59
CA MET B 24 -16.77 -8.78 -1.42
C MET B 24 -15.65 -9.60 -0.78
N GLN B 25 -15.43 -9.44 0.50
CA GLN B 25 -14.35 -10.22 1.19
C GLN B 25 -14.63 -11.72 1.06
N ALA B 26 -15.87 -12.12 1.22
CA ALA B 26 -16.22 -13.57 1.10
C ALA B 26 -15.96 -14.05 -0.33
N ALA B 27 -16.31 -13.25 -1.31
CA ALA B 27 -16.10 -13.67 -2.73
C ALA B 27 -14.61 -13.74 -3.07
N VAL B 28 -13.86 -12.71 -2.76
CA VAL B 28 -12.39 -12.70 -3.08
C VAL B 28 -11.66 -13.78 -2.26
N SER B 29 -12.03 -13.96 -1.01
CA SER B 29 -11.36 -14.98 -0.15
C SER B 29 -11.70 -16.42 -0.61
N ASN B 30 -12.70 -16.59 -1.43
CA ASN B 30 -13.06 -17.96 -1.90
C ASN B 30 -12.90 -18.09 -3.42
N GLY B 31 -12.07 -17.26 -4.00
CA GLY B 31 -11.83 -17.32 -5.48
C GLY B 31 -13.14 -17.26 -6.27
N ILE B 32 -14.10 -16.47 -5.86
CA ILE B 32 -15.37 -16.39 -6.64
C ILE B 32 -15.10 -15.60 -7.94
N TYR B 33 -15.79 -15.97 -8.98
CA TYR B 33 -15.54 -15.38 -10.34
C TYR B 33 -15.77 -13.87 -10.51
N ASP B 34 -14.90 -13.28 -11.32
CA ASP B 34 -14.95 -11.84 -11.74
C ASP B 34 -14.84 -10.78 -10.61
N ILE B 35 -15.37 -10.98 -9.43
CA ILE B 35 -15.26 -9.91 -8.38
C ILE B 35 -13.79 -9.60 -8.08
N VAL B 36 -13.38 -8.36 -8.24
CA VAL B 36 -11.96 -7.99 -7.96
C VAL B 36 -11.81 -7.34 -6.58
N GLY B 37 -12.60 -6.33 -6.27
CA GLY B 37 -12.45 -5.64 -4.94
C GLY B 37 -11.05 -5.01 -4.91
N ASP B 38 -10.77 -4.17 -5.87
CA ASP B 38 -9.43 -3.53 -5.98
C ASP B 38 -9.20 -2.47 -4.90
N CYS B 39 -10.13 -1.57 -4.70
CA CYS B 39 -9.94 -0.50 -3.67
C CYS B 39 -9.91 -1.08 -2.23
N GLY B 40 -10.25 -2.32 -2.04
CA GLY B 40 -10.20 -2.93 -0.66
C GLY B 40 -11.56 -2.90 0.04
N GLY B 41 -12.56 -2.29 -0.56
CA GLY B 41 -13.92 -2.26 0.10
C GLY B 41 -14.20 -0.87 0.69
N SER B 42 -13.51 0.15 0.25
CA SER B 42 -13.77 1.52 0.79
C SER B 42 -14.68 2.33 -0.16
N ALA B 43 -15.39 1.67 -1.04
CA ALA B 43 -16.33 2.36 -1.98
C ALA B 43 -15.61 3.43 -2.82
N SER B 44 -14.41 3.13 -3.28
CA SER B 44 -13.66 4.11 -4.14
C SER B 44 -13.43 3.51 -5.52
N CYS B 45 -14.08 2.40 -5.81
CA CYS B 45 -13.93 1.74 -7.15
C CYS B 45 -15.25 1.02 -7.51
N ALA B 46 -15.31 0.37 -8.65
CA ALA B 46 -16.58 -0.34 -9.02
C ALA B 46 -16.29 -1.75 -9.55
N THR B 47 -15.29 -2.43 -9.04
CA THR B 47 -14.99 -3.81 -9.54
C THR B 47 -15.60 -4.88 -8.61
N CYS B 48 -16.48 -4.48 -7.73
CA CYS B 48 -17.17 -5.46 -6.83
C CYS B 48 -18.69 -5.35 -7.09
N HIS B 49 -19.03 -5.03 -8.31
CA HIS B 49 -20.46 -4.85 -8.71
C HIS B 49 -21.23 -6.17 -8.78
N VAL B 50 -22.41 -6.21 -8.20
CA VAL B 50 -23.26 -7.44 -8.25
C VAL B 50 -24.73 -7.04 -8.29
N TYR B 51 -25.60 -7.92 -8.73
CA TYR B 51 -27.06 -7.59 -8.75
C TYR B 51 -27.75 -8.34 -7.61
N VAL B 52 -28.07 -7.67 -6.53
CA VAL B 52 -28.75 -8.36 -5.38
C VAL B 52 -30.09 -8.91 -5.84
N ASN B 53 -30.41 -10.13 -5.49
CA ASN B 53 -31.72 -10.72 -5.91
C ASN B 53 -32.87 -9.83 -5.41
N GLU B 54 -33.77 -9.52 -6.29
CA GLU B 54 -34.94 -8.63 -5.98
C GLU B 54 -35.61 -8.97 -4.63
N ALA B 55 -35.60 -10.21 -4.21
CA ALA B 55 -36.27 -10.59 -2.92
C ALA B 55 -35.45 -10.18 -1.67
N PHE B 56 -34.23 -9.71 -1.82
CA PHE B 56 -33.42 -9.32 -0.62
C PHE B 56 -33.03 -7.83 -0.63
N THR B 57 -33.31 -7.12 -1.69
CA THR B 57 -32.92 -5.67 -1.78
C THR B 57 -33.46 -4.83 -0.61
N ASP B 58 -34.67 -5.10 -0.15
CA ASP B 58 -35.22 -4.28 0.98
C ASP B 58 -34.68 -4.77 2.35
N LYS B 59 -33.96 -5.87 2.37
CA LYS B 59 -33.38 -6.38 3.66
C LYS B 59 -31.98 -5.77 3.87
N VAL B 60 -31.44 -5.15 2.86
CA VAL B 60 -30.09 -4.54 2.97
C VAL B 60 -30.23 -3.01 3.10
N PRO B 61 -29.40 -2.40 3.94
CA PRO B 61 -29.48 -0.93 4.12
C PRO B 61 -28.88 -0.24 2.87
N ALA B 62 -29.69 0.54 2.20
CA ALA B 62 -29.28 1.24 0.92
C ALA B 62 -27.84 1.78 0.85
N ALA B 63 -27.40 2.01 -0.38
CA ALA B 63 -26.03 2.57 -0.67
C ALA B 63 -25.88 4.00 -0.13
N ASN B 64 -24.71 4.34 0.32
CA ASN B 64 -24.48 5.72 0.84
C ASN B 64 -24.03 6.66 -0.31
N GLU B 65 -23.61 7.86 0.02
CA GLU B 65 -23.18 8.84 -1.04
C GLU B 65 -22.01 8.29 -1.87
N ARG B 66 -21.05 7.67 -1.24
CA ARG B 66 -19.87 7.14 -2.00
C ARG B 66 -20.25 5.99 -2.93
N GLU B 67 -21.08 5.07 -2.49
CA GLU B 67 -21.46 3.93 -3.38
C GLU B 67 -22.30 4.43 -4.56
N ILE B 68 -23.26 5.30 -4.31
CA ILE B 68 -24.09 5.82 -5.45
C ILE B 68 -23.18 6.44 -6.50
N GLY B 69 -22.19 7.17 -6.09
CA GLY B 69 -21.24 7.81 -7.06
C GLY B 69 -20.47 6.74 -7.83
N MET B 70 -19.93 5.76 -7.15
CA MET B 70 -19.14 4.68 -7.85
C MET B 70 -20.06 3.84 -8.75
N LEU B 71 -21.29 3.62 -8.35
CA LEU B 71 -22.23 2.81 -9.19
C LEU B 71 -22.48 3.51 -10.55
N GLU B 72 -22.29 4.81 -10.60
CA GLU B 72 -22.49 5.56 -11.89
C GLU B 72 -21.40 5.21 -12.91
N SER B 73 -20.36 4.50 -12.50
CA SER B 73 -19.26 4.17 -13.45
C SER B 73 -19.08 2.65 -13.64
N VAL B 74 -20.01 1.83 -13.18
CA VAL B 74 -19.84 0.34 -13.38
C VAL B 74 -19.78 0.02 -14.88
N THR B 75 -18.91 -0.90 -15.26
CA THR B 75 -18.80 -1.26 -16.72
C THR B 75 -19.99 -2.11 -17.15
N ALA B 76 -20.45 -3.00 -16.30
CA ALA B 76 -21.62 -3.86 -16.67
C ALA B 76 -22.91 -3.01 -16.64
N GLU B 77 -24.00 -3.55 -17.15
CA GLU B 77 -25.29 -2.78 -17.15
C GLU B 77 -25.69 -2.38 -15.73
N LEU B 78 -26.18 -1.18 -15.56
CA LEU B 78 -26.61 -0.73 -14.20
C LEU B 78 -28.09 -1.05 -13.99
N LYS B 79 -28.37 -1.91 -13.05
CA LYS B 79 -29.79 -2.27 -12.76
C LYS B 79 -30.24 -1.53 -11.50
N PRO B 80 -31.52 -1.55 -11.22
CA PRO B 80 -32.03 -0.89 -10.00
C PRO B 80 -31.74 -1.77 -8.77
N ASN B 81 -31.12 -2.92 -8.94
CA ASN B 81 -30.74 -3.78 -7.77
C ASN B 81 -29.22 -3.97 -7.78
N SER B 82 -28.51 -3.07 -8.43
CA SER B 82 -27.03 -3.15 -8.50
C SER B 82 -26.39 -2.61 -7.22
N ARG B 83 -25.39 -3.28 -6.71
CA ARG B 83 -24.73 -2.81 -5.45
C ARG B 83 -23.25 -3.19 -5.41
N LEU B 84 -22.43 -2.37 -4.82
CA LEU B 84 -21.00 -2.75 -4.67
C LEU B 84 -20.97 -3.67 -3.45
N CYS B 85 -20.94 -4.97 -3.68
CA CYS B 85 -21.03 -5.98 -2.57
C CYS B 85 -20.06 -5.70 -1.39
N CYS B 86 -19.04 -4.90 -1.58
CA CYS B 86 -18.13 -4.61 -0.42
C CYS B 86 -18.88 -3.74 0.61
N GLN B 87 -20.00 -3.16 0.22
CA GLN B 87 -20.80 -2.32 1.15
C GLN B 87 -21.87 -3.17 1.87
N ILE B 88 -22.11 -4.38 1.41
CA ILE B 88 -23.15 -5.24 2.05
C ILE B 88 -22.52 -6.12 3.15
N ILE B 89 -22.73 -5.77 4.39
CA ILE B 89 -22.17 -6.60 5.51
C ILE B 89 -23.14 -7.73 5.80
N MET B 90 -22.64 -8.93 5.90
CA MET B 90 -23.55 -10.11 6.12
C MET B 90 -24.07 -10.20 7.55
N THR B 91 -25.33 -10.52 7.66
CA THR B 91 -25.99 -10.72 8.99
C THR B 91 -26.89 -11.96 8.84
N PRO B 92 -27.37 -12.51 9.93
CA PRO B 92 -28.23 -13.70 9.81
C PRO B 92 -29.64 -13.31 9.32
N GLU B 93 -29.88 -12.05 9.04
CA GLU B 93 -31.20 -11.65 8.49
C GLU B 93 -31.13 -11.80 6.96
N LEU B 94 -29.91 -11.76 6.43
CA LEU B 94 -29.69 -11.89 4.97
C LEU B 94 -29.41 -13.35 4.59
N ASP B 95 -29.64 -14.28 5.50
CA ASP B 95 -29.34 -15.71 5.20
C ASP B 95 -30.05 -16.17 3.92
N GLY B 96 -29.29 -16.72 2.99
CA GLY B 96 -29.89 -17.21 1.71
C GLY B 96 -29.90 -16.11 0.64
N ILE B 97 -29.30 -14.97 0.87
CA ILE B 97 -29.30 -13.89 -0.18
C ILE B 97 -28.58 -14.37 -1.45
N VAL B 98 -29.07 -13.99 -2.60
CA VAL B 98 -28.42 -14.41 -3.87
C VAL B 98 -28.03 -13.18 -4.69
N VAL B 99 -26.83 -13.14 -5.20
CA VAL B 99 -26.41 -11.98 -6.02
C VAL B 99 -25.79 -12.46 -7.33
N ASP B 100 -26.14 -11.83 -8.42
CA ASP B 100 -25.57 -12.24 -9.73
C ASP B 100 -24.33 -11.39 -10.01
N VAL B 101 -23.26 -12.01 -10.44
CA VAL B 101 -22.01 -11.23 -10.70
C VAL B 101 -21.82 -11.03 -12.21
N PRO B 102 -21.63 -9.79 -12.60
CA PRO B 102 -21.43 -9.45 -14.03
C PRO B 102 -19.96 -9.72 -14.38
N ASP B 103 -19.73 -10.42 -15.46
CA ASP B 103 -18.32 -10.76 -15.86
C ASP B 103 -17.42 -9.54 -16.18
N ARG B 104 -17.89 -8.32 -16.01
CA ARG B 104 -17.02 -7.14 -16.33
C ARG B 104 -16.94 -6.22 -15.11
N GLN B 105 -15.78 -6.08 -14.53
CA GLN B 105 -15.64 -5.18 -13.34
C GLN B 105 -14.74 -3.99 -13.69
N TRP B 106 -13.61 -4.24 -14.28
CA TRP B 106 -12.68 -3.14 -14.67
C TRP B 106 -13.33 -2.25 -15.75
N LEU A 1 14.84 26.96 6.50
CA LEU A 1 13.39 27.30 6.64
C LEU A 1 12.96 28.27 5.53
N ALA A 2 11.85 28.01 4.90
CA ALA A 2 11.36 28.95 3.84
C ALA A 2 10.55 30.03 4.58
N PRO A 3 10.48 31.21 4.01
CA PRO A 3 9.79 32.33 4.69
C PRO A 3 8.28 32.09 4.81
N LEU A 4 7.77 32.12 6.02
CA LEU A 4 6.30 31.89 6.24
C LEU A 4 5.45 32.74 5.28
N PRO A 5 4.54 32.10 4.55
CA PRO A 5 3.65 32.83 3.62
C PRO A 5 2.58 33.54 4.45
N PRO A 6 2.19 34.69 3.97
CA PRO A 6 1.25 35.59 4.70
C PRO A 6 -0.16 35.05 4.96
N HIS A 7 -0.61 33.99 4.33
CA HIS A 7 -2.00 33.49 4.68
C HIS A 7 -1.89 32.44 5.78
N VAL A 8 -0.67 32.05 6.13
CA VAL A 8 -0.46 31.07 7.23
C VAL A 8 -0.18 31.83 8.54
N PRO A 9 -1.04 31.60 9.50
CA PRO A 9 -0.88 32.25 10.83
C PRO A 9 0.32 31.66 11.60
N GLU A 10 0.99 32.49 12.36
CA GLU A 10 2.19 32.03 13.15
C GLU A 10 1.88 30.90 14.13
N HIS A 11 0.68 30.84 14.67
CA HIS A 11 0.37 29.79 15.68
C HIS A 11 0.20 28.37 15.06
N LEU A 12 0.21 28.24 13.75
CA LEU A 12 0.10 26.86 13.15
C LEU A 12 1.47 26.36 12.67
N VAL A 13 2.54 27.05 13.00
CA VAL A 13 3.88 26.60 12.53
C VAL A 13 4.54 25.54 13.43
N PHE A 14 4.96 24.48 12.82
CA PHE A 14 5.69 23.38 13.52
C PHE A 14 6.72 22.86 12.51
N ASP A 15 7.95 23.27 12.65
CA ASP A 15 9.00 22.89 11.66
C ASP A 15 9.40 21.41 11.72
N PHE A 16 8.55 20.54 11.23
CA PHE A 16 8.88 19.09 11.18
C PHE A 16 9.50 18.75 9.82
N ASP A 17 10.66 18.13 9.82
CA ASP A 17 11.32 17.75 8.53
C ASP A 17 11.04 16.27 8.25
N MET A 18 10.31 15.98 7.19
CA MET A 18 9.97 14.55 6.87
C MET A 18 11.17 13.77 6.33
N TYR A 19 12.23 14.42 5.91
CA TYR A 19 13.42 13.66 5.42
C TYR A 19 14.46 13.48 6.53
N ASN A 20 14.30 14.19 7.63
CA ASN A 20 15.25 14.05 8.78
C ASN A 20 14.59 14.64 10.04
N PRO A 21 13.62 13.93 10.57
CA PRO A 21 12.90 14.38 11.79
C PRO A 21 13.84 14.44 13.01
N SER A 22 13.56 15.35 13.91
CA SER A 22 14.43 15.55 15.13
C SER A 22 14.50 14.32 16.06
N ASN A 23 13.45 13.56 16.19
CA ASN A 23 13.50 12.38 17.11
C ASN A 23 13.68 11.07 16.34
N LEU A 24 14.45 11.09 15.27
CA LEU A 24 14.67 9.84 14.46
C LEU A 24 15.39 8.76 15.26
N SER A 25 16.20 9.14 16.22
CA SER A 25 16.95 8.12 17.01
C SER A 25 15.99 7.29 17.89
N ALA A 26 14.84 7.79 18.21
CA ALA A 26 13.88 6.99 19.04
C ALA A 26 13.00 6.10 18.15
N GLY A 27 13.19 6.16 16.85
CA GLY A 27 12.37 5.34 15.91
C GLY A 27 11.65 6.33 14.97
N VAL A 28 11.62 6.05 13.69
CA VAL A 28 10.96 7.00 12.74
C VAL A 28 9.44 7.11 13.00
N GLN A 29 8.78 6.03 13.38
CA GLN A 29 7.30 6.13 13.68
C GLN A 29 7.13 7.00 14.94
N GLU A 30 8.05 6.88 15.85
CA GLU A 30 8.05 7.72 17.08
C GLU A 30 8.39 9.15 16.70
N ALA A 31 9.28 9.30 15.74
CA ALA A 31 9.69 10.66 15.27
C ALA A 31 8.49 11.38 14.65
N TRP A 32 7.75 10.72 13.80
CA TRP A 32 6.56 11.36 13.17
C TRP A 32 5.43 11.54 14.21
N ALA A 33 5.37 10.67 15.19
CA ALA A 33 4.29 10.76 16.23
C ALA A 33 4.42 12.01 17.12
N VAL A 34 5.53 12.72 17.08
CA VAL A 34 5.62 13.97 17.92
C VAL A 34 4.59 14.99 17.41
N LEU A 35 4.16 14.82 16.18
CA LEU A 35 3.12 15.74 15.60
C LEU A 35 1.77 15.48 16.30
N GLN A 36 1.64 14.37 17.01
CA GLN A 36 0.35 14.04 17.68
C GLN A 36 0.42 14.29 19.20
N GLU A 37 1.42 14.97 19.69
CA GLU A 37 1.47 15.24 21.16
C GLU A 37 0.36 16.26 21.51
N SER A 38 0.04 16.37 22.78
CA SER A 38 -1.06 17.28 23.22
C SER A 38 -0.93 18.72 22.68
N ASN A 39 0.24 19.27 22.69
CA ASN A 39 0.43 20.70 22.25
C ASN A 39 0.38 20.94 20.71
N VAL A 40 0.29 19.92 19.88
CA VAL A 40 0.27 20.22 18.40
C VAL A 40 -1.16 20.16 17.83
N PRO A 41 -1.48 21.17 17.03
CA PRO A 41 -2.83 21.25 16.40
C PRO A 41 -3.00 20.19 15.30
N ASP A 42 -4.22 19.90 14.95
CA ASP A 42 -4.51 18.86 13.91
C ASP A 42 -3.88 19.19 12.55
N LEU A 43 -3.69 20.45 12.23
CA LEU A 43 -3.11 20.81 10.90
C LEU A 43 -2.04 21.90 11.08
N VAL A 44 -0.79 21.53 10.87
CA VAL A 44 0.32 22.52 11.06
C VAL A 44 1.02 22.87 9.75
N TRP A 45 1.82 23.92 9.79
CA TRP A 45 2.60 24.33 8.60
C TRP A 45 4.10 24.28 8.93
N THR A 46 4.85 23.51 8.19
CA THR A 46 6.33 23.44 8.44
C THR A 46 7.08 24.26 7.39
N ARG A 47 8.06 25.02 7.79
CA ARG A 47 8.85 25.84 6.81
C ARG A 47 9.98 24.99 6.20
N CYS A 48 10.06 23.74 6.59
CA CYS A 48 11.12 22.83 6.04
C CYS A 48 10.73 22.34 4.64
N ASN A 49 11.72 21.97 3.86
CA ASN A 49 11.47 21.43 2.47
C ASN A 49 10.58 22.35 1.62
N GLY A 50 10.78 23.64 1.68
CA GLY A 50 9.97 24.58 0.83
C GLY A 50 8.71 25.08 1.55
N GLY A 51 8.24 24.38 2.56
CA GLY A 51 7.02 24.86 3.29
C GLY A 51 5.78 24.11 2.79
N HIS A 52 5.06 23.50 3.70
CA HIS A 52 3.81 22.77 3.31
C HIS A 52 2.99 22.37 4.55
N TRP A 53 1.73 22.08 4.35
CA TRP A 53 0.85 21.68 5.51
C TRP A 53 1.06 20.21 5.91
N ILE A 54 0.69 19.86 7.13
CA ILE A 54 0.79 18.43 7.58
C ILE A 54 -0.44 18.04 8.42
N ALA A 55 -1.29 17.20 7.90
CA ALA A 55 -2.46 16.75 8.71
C ALA A 55 -1.93 15.70 9.71
N THR A 56 -2.04 15.96 10.99
CA THR A 56 -1.47 15.01 12.00
C THR A 56 -2.47 13.98 12.54
N ARG A 57 -3.74 14.10 12.24
CA ARG A 57 -4.71 13.08 12.78
C ARG A 57 -5.35 12.29 11.65
N GLY A 58 -5.77 11.07 11.95
CA GLY A 58 -6.38 10.19 10.91
C GLY A 58 -7.66 10.80 10.32
N GLN A 59 -8.48 11.45 11.12
CA GLN A 59 -9.73 12.06 10.57
C GLN A 59 -9.40 13.03 9.44
N LEU A 60 -8.41 13.88 9.62
CA LEU A 60 -8.04 14.86 8.56
C LEU A 60 -7.38 14.16 7.37
N ILE A 61 -6.52 13.20 7.62
CA ILE A 61 -5.84 12.48 6.49
C ILE A 61 -6.85 11.69 5.66
N ARG A 62 -7.78 11.01 6.29
CA ARG A 62 -8.81 10.23 5.53
C ARG A 62 -9.70 11.19 4.73
N GLU A 63 -10.16 12.23 5.37
CA GLU A 63 -11.06 13.22 4.70
C GLU A 63 -10.37 13.87 3.49
N ALA A 64 -9.11 14.21 3.61
CA ALA A 64 -8.38 14.86 2.48
C ALA A 64 -8.17 13.88 1.32
N TYR A 65 -7.89 12.63 1.61
CA TYR A 65 -7.68 11.62 0.51
C TYR A 65 -9.01 11.26 -0.18
N GLU A 66 -10.11 11.46 0.52
CA GLU A 66 -11.45 11.15 -0.07
C GLU A 66 -11.89 12.28 -1.01
N ASP A 67 -11.58 13.50 -0.64
CA ASP A 67 -11.97 14.67 -1.46
C ASP A 67 -10.88 15.01 -2.47
N TYR A 68 -10.92 14.40 -3.63
CA TYR A 68 -9.88 14.72 -4.65
C TYR A 68 -10.23 16.02 -5.41
N ARG A 69 -11.42 16.54 -5.22
CA ARG A 69 -11.78 17.83 -5.91
C ARG A 69 -11.00 18.99 -5.29
N HIS A 70 -10.71 18.90 -4.01
CA HIS A 70 -9.93 19.99 -3.34
C HIS A 70 -8.46 19.57 -3.24
N PHE A 71 -8.20 18.33 -2.87
CA PHE A 71 -6.80 17.83 -2.75
C PHE A 71 -6.46 16.99 -3.99
N SER A 72 -5.66 17.53 -4.86
CA SER A 72 -5.34 16.82 -6.14
C SER A 72 -4.04 15.99 -6.05
N SER A 73 -3.97 14.92 -6.83
CA SER A 73 -2.74 14.07 -6.84
C SER A 73 -1.76 14.53 -7.93
N GLU A 74 -2.09 15.57 -8.65
CA GLU A 74 -1.17 16.07 -9.71
C GLU A 74 0.24 16.34 -9.11
N CYS A 75 0.31 16.89 -7.90
CA CYS A 75 1.67 17.17 -7.26
C CYS A 75 1.76 16.57 -5.80
N PRO A 76 2.07 15.28 -5.76
CA PRO A 76 2.11 14.44 -4.47
C PRO A 76 3.43 14.24 -3.64
N PHE A 77 4.58 14.68 -4.08
CA PHE A 77 5.86 14.51 -3.27
C PHE A 77 6.14 15.90 -2.57
N ILE A 78 7.20 16.14 -1.72
CA ILE A 78 7.25 17.53 -1.03
C ILE A 78 8.44 18.54 -1.18
N PRO A 79 9.35 18.39 -2.11
CA PRO A 79 10.28 19.52 -2.47
C PRO A 79 9.43 20.08 -3.60
N ARG A 80 8.77 21.24 -3.48
CA ARG A 80 7.76 21.52 -4.55
C ARG A 80 8.20 21.04 -5.93
N GLU A 81 9.47 20.96 -6.21
CA GLU A 81 9.95 20.46 -7.53
C GLU A 81 9.81 18.91 -7.75
N ALA A 82 9.81 18.06 -6.74
CA ALA A 82 9.65 16.57 -7.03
C ALA A 82 8.20 16.25 -7.36
N GLY A 83 7.30 16.95 -6.71
CA GLY A 83 5.84 16.74 -6.94
C GLY A 83 5.49 17.20 -8.36
N GLU A 84 6.11 18.26 -8.84
CA GLU A 84 5.82 18.77 -10.22
C GLU A 84 6.41 17.82 -11.26
N ALA A 85 7.53 17.22 -10.98
CA ALA A 85 8.14 16.27 -11.96
C ALA A 85 7.45 14.88 -11.90
N TYR A 86 6.79 14.57 -10.79
CA TYR A 86 6.13 13.23 -10.62
C TYR A 86 4.98 12.98 -11.65
N ASP A 87 5.07 11.89 -12.42
CA ASP A 87 4.01 11.57 -13.45
C ASP A 87 3.86 10.06 -13.74
N PHE A 88 3.95 9.26 -12.69
CA PHE A 88 3.71 7.77 -12.81
C PHE A 88 2.20 7.61 -13.28
N ILE A 89 1.50 6.45 -13.45
CA ILE A 89 0.05 6.65 -14.03
C ILE A 89 -1.26 6.14 -13.36
N PRO A 90 -1.30 5.69 -12.13
CA PRO A 90 -2.64 5.55 -11.47
C PRO A 90 -2.61 6.46 -10.23
N THR A 91 -1.69 7.44 -10.23
CA THR A 91 -1.43 8.31 -9.05
C THR A 91 -1.29 9.80 -9.37
N SER A 92 -0.58 10.20 -10.41
CA SER A 92 -0.48 11.69 -10.64
C SER A 92 -1.80 12.21 -11.30
N MET A 93 -2.88 11.39 -11.29
CA MET A 93 -4.19 11.75 -11.96
C MET A 93 -5.42 11.88 -10.98
N ASP A 94 -6.36 12.80 -11.24
CA ASP A 94 -7.61 12.83 -10.38
C ASP A 94 -8.68 11.96 -11.14
N PRO A 95 -9.50 11.23 -10.38
CA PRO A 95 -10.28 10.03 -10.89
C PRO A 95 -11.47 9.95 -11.91
N PRO A 96 -11.72 10.87 -12.83
CA PRO A 96 -12.71 10.50 -13.85
C PRO A 96 -11.81 9.61 -14.75
N GLU A 97 -10.74 10.23 -15.14
CA GLU A 97 -9.59 9.66 -15.90
C GLU A 97 -8.72 8.57 -15.18
N GLN A 98 -8.25 8.84 -13.94
CA GLN A 98 -7.28 7.84 -13.27
C GLN A 98 -7.80 6.39 -13.25
N ARG A 99 -9.08 6.23 -13.05
CA ARG A 99 -9.70 4.87 -12.98
C ARG A 99 -9.32 3.91 -14.12
N GLN A 100 -9.33 4.34 -15.37
CA GLN A 100 -9.03 3.37 -16.50
C GLN A 100 -7.61 2.78 -16.42
N PHE A 101 -6.68 3.42 -15.76
CA PHE A 101 -5.29 2.83 -15.69
C PHE A 101 -5.14 1.82 -14.53
N ARG A 102 -6.02 1.85 -13.57
CA ARG A 102 -5.91 0.90 -12.42
C ARG A 102 -6.18 -0.55 -12.84
N ALA A 103 -7.06 -0.76 -13.81
CA ALA A 103 -7.37 -2.15 -14.25
C ALA A 103 -6.14 -2.78 -14.93
N LEU A 104 -5.42 -2.01 -15.71
CA LEU A 104 -4.21 -2.57 -16.40
C LEU A 104 -3.12 -2.88 -15.37
N ALA A 105 -2.97 -2.03 -14.39
CA ALA A 105 -1.94 -2.28 -13.33
C ALA A 105 -2.36 -3.48 -12.47
N ASN A 106 -3.65 -3.68 -12.31
CA ASN A 106 -4.13 -4.83 -11.51
C ASN A 106 -3.74 -6.15 -12.21
N GLN A 107 -3.69 -6.13 -13.53
CA GLN A 107 -3.33 -7.36 -14.31
C GLN A 107 -1.91 -7.82 -14.00
N VAL A 108 -1.01 -6.91 -13.68
CA VAL A 108 0.41 -7.31 -13.43
C VAL A 108 0.81 -7.33 -11.94
N VAL A 109 0.09 -6.69 -11.04
CA VAL A 109 0.51 -6.80 -9.58
C VAL A 109 -0.68 -7.11 -8.68
N GLY A 110 -1.84 -7.34 -9.23
CA GLY A 110 -3.03 -7.64 -8.39
C GLY A 110 -3.03 -9.12 -7.98
N MET A 111 -4.16 -9.61 -7.52
CA MET A 111 -4.26 -11.05 -7.10
C MET A 111 -3.99 -12.04 -8.22
N PRO A 112 -4.40 -11.75 -9.44
CA PRO A 112 -4.18 -12.71 -10.55
C PRO A 112 -2.67 -12.95 -10.78
N VAL A 113 -1.81 -12.00 -10.44
CA VAL A 113 -0.33 -12.26 -10.62
C VAL A 113 0.20 -12.90 -9.33
N VAL A 114 -0.44 -12.64 -8.19
CA VAL A 114 0.02 -13.27 -6.92
C VAL A 114 -0.22 -14.78 -7.04
N ASP A 115 -1.27 -15.15 -7.74
CA ASP A 115 -1.56 -16.60 -7.94
C ASP A 115 -0.56 -17.20 -8.92
N LYS A 116 -0.17 -16.44 -9.90
CA LYS A 116 0.85 -16.94 -10.88
C LYS A 116 2.20 -17.12 -10.17
N LEU A 117 2.50 -16.24 -9.23
CA LEU A 117 3.83 -16.28 -8.52
C LEU A 117 3.76 -17.02 -7.17
N GLU A 118 2.63 -17.60 -6.80
CA GLU A 118 2.56 -18.29 -5.45
C GLU A 118 3.73 -19.27 -5.24
N ASN A 119 3.98 -20.15 -6.18
CA ASN A 119 5.07 -21.15 -6.00
C ASN A 119 6.46 -20.49 -5.89
N ARG A 120 6.80 -19.60 -6.79
CA ARG A 120 8.16 -18.94 -6.72
C ARG A 120 8.31 -18.09 -5.45
N ILE A 121 7.26 -17.44 -4.98
CA ILE A 121 7.39 -16.61 -3.73
C ILE A 121 7.69 -17.52 -2.55
N GLN A 122 7.01 -18.64 -2.47
CA GLN A 122 7.23 -19.59 -1.34
C GLN A 122 8.61 -20.25 -1.47
N GLU A 123 8.99 -20.62 -2.67
CA GLU A 123 10.32 -21.28 -2.87
C GLU A 123 11.48 -20.33 -2.54
N LEU A 124 11.42 -19.09 -2.99
CA LEU A 124 12.55 -18.15 -2.71
C LEU A 124 12.64 -17.84 -1.22
N ALA A 125 11.52 -17.66 -0.56
CA ALA A 125 11.55 -17.35 0.90
C ALA A 125 12.20 -18.52 1.66
N CYS A 126 11.81 -19.72 1.34
CA CYS A 126 12.39 -20.91 2.02
C CYS A 126 13.86 -21.10 1.65
N SER A 127 14.22 -20.88 0.40
CA SER A 127 15.64 -21.05 -0.03
C SER A 127 16.55 -20.00 0.62
N LEU A 128 16.14 -18.74 0.61
CA LEU A 128 16.98 -17.67 1.24
C LEU A 128 17.15 -17.91 2.74
N ILE A 129 16.09 -18.29 3.42
CA ILE A 129 16.18 -18.52 4.91
C ILE A 129 16.96 -19.80 5.24
N GLU A 130 16.78 -20.86 4.48
CA GLU A 130 17.53 -22.13 4.79
C GLU A 130 19.03 -21.89 4.59
N SER A 131 19.39 -21.07 3.64
CA SER A 131 20.84 -20.78 3.40
C SER A 131 21.41 -19.96 4.58
N LEU A 132 20.59 -19.13 5.19
CA LEU A 132 21.08 -18.31 6.34
C LEU A 132 21.00 -19.09 7.67
N ARG A 133 20.06 -19.99 7.78
CA ARG A 133 19.83 -20.74 9.08
C ARG A 133 21.11 -21.22 9.79
N PRO A 134 21.97 -21.95 9.11
CA PRO A 134 23.18 -22.51 9.76
C PRO A 134 24.25 -21.45 10.07
N GLN A 135 24.09 -20.23 9.61
CA GLN A 135 25.13 -19.19 9.90
C GLN A 135 24.99 -18.67 11.33
N GLY A 136 23.79 -18.59 11.84
CA GLY A 136 23.58 -18.08 13.22
C GLY A 136 23.57 -16.55 13.21
N GLN A 137 23.58 -15.93 12.06
CA GLN A 137 23.59 -14.44 12.00
C GLN A 137 23.39 -13.96 10.55
N CYS A 138 23.03 -12.71 10.36
CA CYS A 138 22.82 -12.20 8.97
C CYS A 138 22.46 -10.71 8.95
N ASN A 139 22.79 -10.03 7.88
CA ASN A 139 22.41 -8.59 7.74
C ASN A 139 21.05 -8.58 7.02
N PHE A 140 20.00 -8.71 7.79
CA PHE A 140 18.62 -8.83 7.23
C PHE A 140 18.30 -7.88 6.07
N THR A 141 18.71 -6.64 6.12
CA THR A 141 18.35 -5.72 4.98
C THR A 141 18.98 -6.16 3.66
N GLU A 142 20.20 -6.65 3.69
CA GLU A 142 20.87 -7.06 2.42
C GLU A 142 20.71 -8.57 2.17
N ASP A 143 20.54 -9.36 3.19
CA ASP A 143 20.43 -10.83 2.96
C ASP A 143 19.00 -11.31 2.68
N TYR A 144 17.98 -10.56 3.06
CA TYR A 144 16.59 -11.06 2.77
C TYR A 144 15.62 -9.92 2.41
N ALA A 145 15.53 -8.88 3.21
CA ALA A 145 14.56 -7.77 2.94
C ALA A 145 14.66 -7.23 1.51
N GLU A 146 15.84 -7.18 0.95
CA GLU A 146 16.00 -6.62 -0.44
C GLU A 146 15.86 -7.70 -1.52
N PRO A 147 16.64 -8.76 -1.42
CA PRO A 147 16.60 -9.84 -2.45
C PRO A 147 15.27 -10.60 -2.54
N PHE A 148 14.58 -10.85 -1.45
CA PHE A 148 13.30 -11.64 -1.56
C PHE A 148 12.23 -10.94 -2.41
N PRO A 149 11.83 -9.75 -2.01
CA PRO A 149 10.77 -9.05 -2.78
C PRO A 149 11.31 -8.36 -4.06
N ILE A 150 12.61 -8.10 -4.17
CA ILE A 150 13.12 -7.43 -5.43
C ILE A 150 13.35 -8.52 -6.49
N ARG A 151 13.83 -9.67 -6.10
CA ARG A 151 14.04 -10.76 -7.10
C ARG A 151 12.69 -11.24 -7.62
N ILE A 152 11.67 -11.27 -6.79
CA ILE A 152 10.32 -11.70 -7.28
C ILE A 152 9.78 -10.66 -8.26
N PHE A 153 10.03 -9.38 -8.02
CA PHE A 153 9.53 -8.36 -8.97
C PHE A 153 10.31 -8.43 -10.28
N MET A 154 11.62 -8.58 -10.20
CA MET A 154 12.43 -8.68 -11.46
C MET A 154 11.97 -9.90 -12.26
N LEU A 155 11.55 -10.95 -11.57
CA LEU A 155 11.03 -12.17 -12.27
C LEU A 155 9.67 -11.82 -12.90
N LEU A 156 8.87 -11.10 -12.15
CA LEU A 156 7.51 -10.68 -12.64
C LEU A 156 7.65 -9.67 -13.79
N ALA A 157 8.71 -8.87 -13.80
CA ALA A 157 8.87 -7.86 -14.89
C ALA A 157 9.77 -8.38 -16.01
N GLY A 158 10.33 -9.56 -15.87
CA GLY A 158 11.21 -10.11 -16.93
C GLY A 158 12.51 -9.31 -17.04
N LEU A 159 13.03 -8.83 -15.93
CA LEU A 159 14.32 -8.06 -15.97
C LEU A 159 15.43 -8.89 -15.31
N PRO A 160 16.64 -8.76 -15.83
CA PRO A 160 17.77 -9.55 -15.28
C PRO A 160 18.21 -9.00 -13.91
N GLU A 161 18.47 -9.89 -12.98
CA GLU A 161 18.87 -9.47 -11.59
C GLU A 161 20.15 -8.62 -11.55
N GLU A 162 20.95 -8.68 -12.58
CA GLU A 162 22.22 -7.87 -12.59
C GLU A 162 21.89 -6.37 -12.63
N ASP A 163 20.67 -6.01 -12.92
CA ASP A 163 20.28 -4.57 -12.99
C ASP A 163 19.68 -4.08 -11.66
N ILE A 164 19.65 -4.91 -10.65
CA ILE A 164 19.01 -4.51 -9.35
C ILE A 164 19.75 -3.36 -8.65
N PRO A 165 21.07 -3.41 -8.59
CA PRO A 165 21.79 -2.33 -7.89
C PRO A 165 21.75 -1.01 -8.69
N HIS A 166 21.38 -1.03 -9.96
CA HIS A 166 21.27 0.28 -10.72
C HIS A 166 19.87 0.82 -10.47
N LEU A 167 18.89 -0.05 -10.57
CA LEU A 167 17.48 0.37 -10.34
C LEU A 167 17.24 0.70 -8.86
N LYS A 168 17.64 -0.17 -7.95
CA LYS A 168 17.42 0.11 -6.49
C LYS A 168 18.02 1.46 -6.10
N TYR A 169 19.08 1.88 -6.77
CA TYR A 169 19.67 3.21 -6.44
C TYR A 169 18.75 4.33 -6.96
N LEU A 170 18.29 4.23 -8.19
CA LEU A 170 17.38 5.30 -8.73
C LEU A 170 16.10 5.41 -7.88
N THR A 171 15.45 4.29 -7.62
CA THR A 171 14.18 4.32 -6.80
C THR A 171 14.42 4.94 -5.42
N ASP A 172 15.54 4.65 -4.81
CA ASP A 172 15.81 5.20 -3.44
C ASP A 172 16.03 6.72 -3.49
N GLN A 173 16.50 7.25 -4.61
CA GLN A 173 16.70 8.74 -4.71
C GLN A 173 15.33 9.45 -4.81
N MET A 174 14.30 8.73 -5.20
CA MET A 174 12.95 9.36 -5.32
C MET A 174 12.21 9.32 -3.98
N THR A 175 12.62 8.47 -3.07
CA THR A 175 11.94 8.40 -1.75
C THR A 175 12.87 8.93 -0.65
N ARG A 176 14.11 8.48 -0.65
CA ARG A 176 15.09 8.98 0.37
C ARG A 176 16.35 9.44 -0.37
N PRO A 177 16.27 10.59 -0.99
CA PRO A 177 17.41 11.15 -1.77
C PRO A 177 18.61 11.48 -0.87
N ASP A 178 19.78 11.05 -1.27
CA ASP A 178 21.00 11.36 -0.48
C ASP A 178 21.62 12.71 -0.93
N GLY A 179 21.10 13.32 -1.99
CA GLY A 179 21.65 14.63 -2.43
C GLY A 179 22.34 14.56 -3.81
N SER A 180 22.72 13.40 -4.28
CA SER A 180 23.42 13.32 -5.61
C SER A 180 22.44 13.46 -6.80
N MET A 181 21.18 13.14 -6.62
CA MET A 181 20.23 13.26 -7.76
C MET A 181 18.91 13.92 -7.34
N THR A 182 18.35 14.74 -8.19
CA THR A 182 17.01 15.34 -7.86
C THR A 182 15.95 14.29 -8.18
N PHE A 183 14.72 14.52 -7.82
CA PHE A 183 13.68 13.50 -8.14
C PHE A 183 13.53 13.39 -9.67
N ALA A 184 13.58 14.51 -10.35
CA ALA A 184 13.44 14.52 -11.84
C ALA A 184 14.60 13.76 -12.52
N GLU A 185 15.81 13.93 -12.05
CA GLU A 185 16.97 13.22 -12.68
C GLU A 185 16.84 11.71 -12.46
N ALA A 186 16.43 11.31 -11.28
CA ALA A 186 16.26 9.85 -11.00
C ALA A 186 15.09 9.30 -11.79
N LYS A 187 14.03 10.06 -11.92
CA LYS A 187 12.85 9.58 -12.68
C LYS A 187 13.18 9.46 -14.17
N GLU A 188 13.91 10.42 -14.71
CA GLU A 188 14.27 10.35 -16.15
C GLU A 188 15.25 9.21 -16.38
N ALA A 189 16.12 8.95 -15.45
CA ALA A 189 17.08 7.82 -15.61
C ALA A 189 16.31 6.50 -15.58
N LEU A 190 15.26 6.42 -14.77
CA LEU A 190 14.44 5.17 -14.72
C LEU A 190 13.68 5.02 -16.05
N TYR A 191 13.22 6.13 -16.60
CA TYR A 191 12.51 6.10 -17.91
C TYR A 191 13.50 5.70 -19.01
N ASP A 192 14.71 6.23 -18.92
CA ASP A 192 15.77 5.89 -19.93
C ASP A 192 16.01 4.38 -19.97
N TYR A 193 15.91 3.74 -18.82
CA TYR A 193 16.13 2.26 -18.75
C TYR A 193 14.92 1.51 -19.33
N LEU A 194 13.73 2.03 -19.14
CA LEU A 194 12.49 1.35 -19.62
C LEU A 194 12.14 1.63 -21.10
N ILE A 195 12.50 2.79 -21.62
CA ILE A 195 12.09 3.14 -23.04
C ILE A 195 12.42 2.06 -24.08
N PRO A 196 13.67 1.65 -24.18
CA PRO A 196 14.03 0.63 -25.21
C PRO A 196 13.43 -0.75 -24.85
N ILE A 197 13.17 -1.03 -23.60
CA ILE A 197 12.58 -2.36 -23.23
C ILE A 197 11.08 -2.37 -23.58
N ILE A 198 10.41 -1.25 -23.47
CA ILE A 198 8.94 -1.20 -23.79
C ILE A 198 8.74 -1.30 -25.32
N GLU A 199 9.61 -0.71 -26.10
CA GLU A 199 9.46 -0.79 -27.58
C GLU A 199 9.76 -2.21 -28.06
N GLN A 200 10.73 -2.85 -27.47
CA GLN A 200 11.04 -4.24 -27.88
C GLN A 200 9.87 -5.15 -27.53
N ARG A 201 9.31 -4.97 -26.36
CA ARG A 201 8.17 -5.83 -25.93
C ARG A 201 6.88 -5.42 -26.63
N ARG A 202 6.85 -4.28 -27.27
CA ARG A 202 5.63 -3.91 -28.05
C ARG A 202 5.75 -4.56 -29.44
N GLN A 203 6.97 -4.81 -29.88
CA GLN A 203 7.20 -5.47 -31.20
C GLN A 203 7.05 -7.00 -31.00
N LYS A 204 7.69 -7.52 -29.97
CA LYS A 204 7.56 -8.96 -29.61
C LYS A 204 6.98 -9.01 -28.19
N PRO A 205 5.67 -8.99 -28.08
CA PRO A 205 5.05 -8.99 -26.74
C PRO A 205 5.13 -10.37 -26.06
N GLY A 206 5.64 -10.45 -24.84
CA GLY A 206 5.75 -11.79 -24.16
C GLY A 206 4.77 -11.95 -22.98
N THR A 207 5.25 -12.54 -21.89
CA THR A 207 4.37 -12.79 -20.68
C THR A 207 4.74 -11.91 -19.46
N ASP A 208 5.85 -11.21 -19.49
CA ASP A 208 6.23 -10.38 -18.30
C ASP A 208 5.30 -9.16 -18.11
N ALA A 209 5.40 -8.53 -16.96
CA ALA A 209 4.53 -7.34 -16.64
C ALA A 209 4.75 -6.17 -17.60
N ILE A 210 5.96 -5.90 -18.01
CA ILE A 210 6.20 -4.75 -18.94
C ILE A 210 5.56 -5.04 -20.31
N SER A 211 5.56 -6.29 -20.72
CA SER A 211 4.91 -6.62 -22.02
C SER A 211 3.40 -6.41 -21.90
N ILE A 212 2.82 -6.85 -20.81
CA ILE A 212 1.34 -6.70 -20.60
C ILE A 212 0.95 -5.21 -20.49
N VAL A 213 1.74 -4.41 -19.82
CA VAL A 213 1.39 -2.95 -19.71
C VAL A 213 1.61 -2.25 -21.06
N ALA A 214 2.73 -2.52 -21.69
CA ALA A 214 3.04 -1.86 -23.00
C ALA A 214 2.02 -2.27 -24.08
N ASN A 215 1.48 -3.46 -24.00
CA ASN A 215 0.49 -3.91 -25.02
C ASN A 215 -0.93 -3.92 -24.43
N GLY A 216 -1.12 -3.35 -23.25
CA GLY A 216 -2.47 -3.37 -22.60
C GLY A 216 -3.42 -2.31 -23.16
N GLN A 217 -4.67 -2.39 -22.77
CA GLN A 217 -5.70 -1.42 -23.25
C GLN A 217 -6.34 -0.74 -22.04
N VAL A 218 -6.71 0.51 -22.15
CA VAL A 218 -7.39 1.18 -21.00
C VAL A 218 -8.79 1.61 -21.42
N ASN A 219 -9.77 0.90 -20.93
CA ASN A 219 -11.20 1.18 -21.26
C ASN A 219 -11.47 1.02 -22.77
N GLY A 220 -10.93 -0.02 -23.37
CA GLY A 220 -11.23 -0.31 -24.82
C GLY A 220 -10.21 0.26 -25.81
N ARG A 221 -9.28 1.10 -25.40
CA ARG A 221 -8.31 1.63 -26.41
C ARG A 221 -6.86 1.27 -25.99
N PRO A 222 -5.98 1.21 -26.95
CA PRO A 222 -4.56 0.80 -26.69
C PRO A 222 -3.72 1.91 -26.07
N ILE A 223 -3.01 1.57 -25.02
CA ILE A 223 -2.13 2.54 -24.29
C ILE A 223 -0.96 3.05 -25.17
N THR A 224 -0.53 4.26 -24.93
CA THR A 224 0.62 4.84 -25.71
C THR A 224 1.94 4.45 -25.06
N SER A 225 3.02 4.55 -25.80
CA SER A 225 4.36 4.20 -25.22
C SER A 225 4.66 5.09 -24.01
N ASP A 226 4.22 6.33 -24.06
CA ASP A 226 4.45 7.28 -22.91
C ASP A 226 3.68 6.81 -21.68
N GLU A 227 2.42 6.44 -21.85
CA GLU A 227 1.61 5.97 -20.67
C GLU A 227 2.21 4.69 -20.10
N ALA A 228 2.64 3.79 -20.95
CA ALA A 228 3.24 2.52 -20.48
C ALA A 228 4.51 2.82 -19.68
N LYS A 229 5.30 3.76 -20.16
CA LYS A 229 6.56 4.13 -19.45
C LYS A 229 6.24 4.74 -18.08
N ARG A 230 5.24 5.60 -18.03
CA ARG A 230 4.86 6.25 -16.73
C ARG A 230 4.26 5.22 -15.76
N MET A 231 3.63 4.18 -16.26
CA MET A 231 3.07 3.15 -15.34
C MET A 231 4.17 2.17 -14.92
N CYS A 232 5.00 1.76 -15.86
CA CYS A 232 6.11 0.80 -15.53
C CYS A 232 7.06 1.43 -14.50
N GLY A 233 7.30 2.72 -14.62
CA GLY A 233 8.19 3.42 -13.66
C GLY A 233 7.61 3.30 -12.25
N LEU A 234 6.31 3.47 -12.12
CA LEU A 234 5.66 3.36 -10.78
C LEU A 234 5.75 1.93 -10.26
N LEU A 235 5.59 0.94 -11.11
CA LEU A 235 5.67 -0.48 -10.65
C LEU A 235 7.10 -0.80 -10.15
N LEU A 236 8.10 -0.27 -10.81
CA LEU A 236 9.50 -0.54 -10.38
C LEU A 236 9.76 0.04 -8.98
N VAL A 237 9.30 1.24 -8.72
CA VAL A 237 9.50 1.85 -7.37
C VAL A 237 8.71 1.06 -6.32
N GLY A 238 7.49 0.70 -6.64
CA GLY A 238 6.65 -0.06 -5.69
C GLY A 238 7.24 -1.46 -5.45
N GLY A 239 7.85 -2.04 -6.44
CA GLY A 239 8.43 -3.39 -6.27
C GLY A 239 9.83 -3.34 -5.62
N LEU A 240 10.51 -2.22 -5.68
CA LEU A 240 11.89 -2.16 -5.10
C LEU A 240 11.98 -1.34 -3.80
N ASP A 241 10.96 -0.59 -3.40
CA ASP A 241 11.13 0.21 -2.15
C ASP A 241 9.87 0.28 -1.25
N THR A 242 9.14 -0.79 -1.10
CA THR A 242 7.95 -0.74 -0.18
C THR A 242 8.03 -1.93 0.79
N VAL A 243 7.80 -3.13 0.31
CA VAL A 243 7.88 -4.33 1.20
C VAL A 243 9.33 -4.49 1.70
N VAL A 244 10.29 -4.13 0.87
CA VAL A 244 11.73 -4.23 1.28
C VAL A 244 11.95 -3.51 2.61
N ASN A 245 11.40 -2.34 2.77
CA ASN A 245 11.58 -1.58 4.05
C ASN A 245 10.67 -2.12 5.16
N PHE A 246 9.43 -2.42 4.86
CA PHE A 246 8.49 -2.93 5.93
C PHE A 246 8.99 -4.26 6.53
N LEU A 247 9.55 -5.15 5.73
CA LEU A 247 10.03 -6.45 6.29
C LEU A 247 11.06 -6.20 7.42
N SER A 248 11.91 -5.20 7.25
CA SER A 248 12.94 -4.90 8.28
C SER A 248 12.30 -4.32 9.56
N PHE A 249 11.31 -3.45 9.42
CA PHE A 249 10.64 -2.89 10.66
C PHE A 249 9.99 -4.03 11.44
N SER A 250 9.36 -4.94 10.72
CA SER A 250 8.67 -6.11 11.36
C SER A 250 9.67 -7.06 12.01
N MET A 251 10.72 -7.43 11.30
CA MET A 251 11.72 -8.39 11.90
C MET A 251 12.47 -7.72 13.04
N GLU A 252 12.70 -6.42 12.98
CA GLU A 252 13.39 -5.73 14.11
C GLU A 252 12.51 -5.82 15.36
N PHE A 253 11.22 -5.67 15.19
CA PHE A 253 10.29 -5.76 16.34
C PHE A 253 10.27 -7.21 16.88
N LEU A 254 10.10 -8.18 16.01
CA LEU A 254 10.08 -9.60 16.49
C LEU A 254 11.39 -9.95 17.19
N ALA A 255 12.49 -9.47 16.67
CA ALA A 255 13.81 -9.74 17.32
C ALA A 255 13.86 -9.11 18.71
N LYS A 256 13.17 -8.01 18.91
CA LYS A 256 13.19 -7.32 20.24
C LYS A 256 12.02 -7.76 21.14
N SER A 257 11.18 -8.64 20.67
CA SER A 257 10.03 -9.10 21.49
C SER A 257 9.84 -10.60 21.33
N PRO A 258 10.41 -11.35 22.25
CA PRO A 258 10.28 -12.82 22.20
C PRO A 258 8.88 -13.30 22.62
N GLU A 259 8.04 -12.44 23.20
CA GLU A 259 6.66 -12.89 23.59
C GLU A 259 5.82 -12.91 22.31
N HIS A 260 6.08 -11.99 21.42
CA HIS A 260 5.35 -11.93 20.12
C HIS A 260 5.84 -13.08 19.23
N ARG A 261 7.11 -13.42 19.30
CA ARG A 261 7.63 -14.56 18.48
C ARG A 261 6.92 -15.84 18.93
N GLN A 262 6.77 -16.00 20.23
CA GLN A 262 6.09 -17.21 20.78
C GLN A 262 4.61 -17.25 20.34
N GLU A 263 3.95 -16.11 20.35
CA GLU A 263 2.50 -16.07 19.97
C GLU A 263 2.31 -16.59 18.53
N LEU A 264 3.18 -16.25 17.63
CA LEU A 264 3.02 -16.72 16.21
C LEU A 264 3.53 -18.15 16.05
N ILE A 265 4.51 -18.56 16.83
CA ILE A 265 5.02 -19.97 16.73
C ILE A 265 3.98 -20.93 17.30
N GLN A 266 3.33 -20.54 18.39
CA GLN A 266 2.29 -21.40 19.00
C GLN A 266 1.04 -21.43 18.11
N ARG A 267 0.69 -20.30 17.53
CA ARG A 267 -0.53 -20.25 16.66
C ARG A 267 -0.20 -19.53 15.34
N PRO A 268 0.34 -20.28 14.41
CA PRO A 268 0.72 -19.73 13.08
C PRO A 268 -0.47 -19.19 12.29
N GLU A 269 -1.68 -19.61 12.60
CA GLU A 269 -2.85 -19.08 11.84
C GLU A 269 -3.16 -17.63 12.26
N ARG A 270 -2.42 -17.07 13.20
CA ARG A 270 -2.63 -15.65 13.62
C ARG A 270 -1.68 -14.72 12.84
N ILE A 271 -0.83 -15.27 12.01
CA ILE A 271 0.17 -14.45 11.27
C ILE A 271 -0.47 -13.41 10.34
N PRO A 272 -1.53 -13.76 9.64
CA PRO A 272 -2.13 -12.74 8.77
C PRO A 272 -2.89 -11.69 9.61
N ALA A 273 -3.21 -11.98 10.87
CA ALA A 273 -3.86 -10.92 11.72
C ALA A 273 -2.72 -10.08 12.29
N ALA A 274 -1.62 -10.74 12.58
CA ALA A 274 -0.40 -10.05 13.11
C ALA A 274 0.20 -9.16 12.02
N CYS A 275 0.15 -9.61 10.78
CA CYS A 275 0.70 -8.81 9.65
C CYS A 275 -0.04 -7.47 9.54
N GLU A 276 -1.34 -7.49 9.74
CA GLU A 276 -2.14 -6.24 9.67
C GLU A 276 -1.77 -5.33 10.84
N GLU A 277 -1.60 -5.89 12.03
CA GLU A 277 -1.24 -5.04 13.20
C GLU A 277 0.17 -4.47 13.01
N LEU A 278 1.05 -5.22 12.39
CA LEU A 278 2.42 -4.69 12.14
C LEU A 278 2.34 -3.62 11.05
N LEU A 279 1.47 -3.79 10.09
CA LEU A 279 1.30 -2.76 9.02
C LEU A 279 0.81 -1.46 9.66
N ARG A 280 0.09 -1.54 10.75
CA ARG A 280 -0.42 -0.30 11.44
C ARG A 280 0.69 0.32 12.30
N ARG A 281 1.29 -0.46 13.17
CA ARG A 281 2.35 0.11 14.06
C ARG A 281 3.58 0.53 13.26
N PHE A 282 3.98 -0.24 12.28
CA PHE A 282 5.19 0.13 11.49
C PHE A 282 4.83 0.67 10.10
N SER A 283 3.75 1.42 10.01
CA SER A 283 3.39 2.02 8.68
C SER A 283 4.61 2.84 8.23
N LEU A 284 4.80 3.07 6.95
CA LEU A 284 6.03 3.81 6.53
C LEU A 284 5.86 4.67 5.28
N VAL A 285 4.66 5.04 4.89
CA VAL A 285 4.55 5.89 3.65
C VAL A 285 4.00 7.28 4.00
N ALA A 286 4.42 8.31 3.31
CA ALA A 286 3.91 9.66 3.62
C ALA A 286 4.05 10.64 2.44
N ASP A 287 3.08 10.64 1.55
CA ASP A 287 3.09 11.60 0.40
C ASP A 287 1.90 12.56 0.60
N GLY A 288 1.37 13.20 -0.42
CA GLY A 288 0.22 14.12 -0.15
C GLY A 288 -0.45 14.63 -1.42
N ARG A 289 -1.05 15.81 -1.32
CA ARG A 289 -1.79 16.40 -2.48
C ARG A 289 -1.55 17.91 -2.54
N ILE A 290 -2.10 18.55 -3.55
CA ILE A 290 -1.96 20.04 -3.65
C ILE A 290 -3.37 20.65 -3.75
N LEU A 291 -3.58 21.77 -3.11
CA LEU A 291 -4.93 22.41 -3.12
C LEU A 291 -5.28 22.89 -4.52
N THR A 292 -6.45 22.55 -5.01
CA THR A 292 -6.86 23.01 -6.37
C THR A 292 -7.42 24.44 -6.28
N SER A 293 -7.77 24.88 -5.08
CA SER A 293 -8.33 26.26 -4.91
C SER A 293 -8.32 26.66 -3.44
N ASP A 294 -8.57 27.92 -3.14
CA ASP A 294 -8.61 28.33 -1.70
C ASP A 294 -9.70 27.51 -1.00
N TYR A 295 -9.47 27.08 0.21
CA TYR A 295 -10.49 26.20 0.88
C TYR A 295 -10.27 26.14 2.40
N GLU A 296 -11.30 26.39 3.17
CA GLU A 296 -11.17 26.29 4.65
C GLU A 296 -11.37 24.84 5.07
N PHE A 297 -10.37 24.28 5.68
CA PHE A 297 -10.43 22.86 6.12
C PHE A 297 -10.15 22.76 7.62
N HIS A 298 -11.17 22.46 8.40
CA HIS A 298 -11.03 22.33 9.89
C HIS A 298 -10.58 23.65 10.54
N GLY A 299 -11.14 24.76 10.11
CA GLY A 299 -10.80 26.08 10.72
C GLY A 299 -9.53 26.69 10.12
N VAL A 300 -8.85 26.03 9.21
CA VAL A 300 -7.60 26.65 8.63
C VAL A 300 -7.80 27.02 7.16
N GLN A 301 -7.35 28.19 6.78
CA GLN A 301 -7.51 28.63 5.36
C GLN A 301 -6.36 28.11 4.50
N LEU A 302 -6.67 27.27 3.54
CA LEU A 302 -5.61 26.76 2.61
C LEU A 302 -5.67 27.60 1.33
N LYS A 303 -4.55 27.77 0.69
CA LYS A 303 -4.51 28.61 -0.54
C LYS A 303 -4.23 27.74 -1.77
N LYS A 304 -4.84 28.07 -2.88
CA LYS A 304 -4.62 27.29 -4.15
C LYS A 304 -3.13 27.14 -4.43
N GLY A 305 -2.69 25.92 -4.62
CA GLY A 305 -1.24 25.69 -4.91
C GLY A 305 -0.54 25.19 -3.65
N ASP A 306 -1.14 25.33 -2.50
CA ASP A 306 -0.49 24.86 -1.23
C ASP A 306 -0.32 23.34 -1.22
N GLN A 307 0.81 22.88 -0.75
CA GLN A 307 1.05 21.40 -0.67
C GLN A 307 0.72 20.91 0.74
N ILE A 308 0.00 19.83 0.86
CA ILE A 308 -0.30 19.31 2.22
C ILE A 308 0.11 17.85 2.31
N LEU A 309 1.02 17.56 3.20
CA LEU A 309 1.49 16.18 3.39
C LEU A 309 0.48 15.40 4.22
N LEU A 310 -0.16 14.43 3.62
CA LEU A 310 -1.13 13.56 4.36
C LEU A 310 -0.39 12.23 4.55
N PRO A 311 0.32 12.11 5.65
CA PRO A 311 1.15 10.92 5.88
C PRO A 311 0.33 9.73 6.32
N GLN A 312 0.24 8.76 5.45
CA GLN A 312 -0.54 7.51 5.72
C GLN A 312 -0.11 6.81 7.01
N MET A 313 1.12 7.01 7.43
CA MET A 313 1.64 6.34 8.67
C MET A 313 1.00 6.92 9.94
N LEU A 314 0.50 8.13 9.87
CA LEU A 314 -0.06 8.79 11.09
C LEU A 314 -1.49 8.33 11.43
N SER A 315 -2.29 7.98 10.46
CA SER A 315 -3.69 7.58 10.79
C SER A 315 -3.73 6.38 11.76
N GLY A 316 -3.00 5.34 11.49
CA GLY A 316 -3.00 4.14 12.39
C GLY A 316 -2.34 4.45 13.74
N LEU A 317 -1.40 5.37 13.77
CA LEU A 317 -0.72 5.71 15.06
C LEU A 317 -1.56 6.70 15.90
N ASP A 318 -2.62 7.23 15.34
CA ASP A 318 -3.47 8.20 16.10
C ASP A 318 -4.19 7.50 17.26
N GLU A 319 -4.04 8.02 18.46
CA GLU A 319 -4.73 7.41 19.64
C GLU A 319 -6.25 7.51 19.49
N ARG A 320 -6.72 8.52 18.79
CA ARG A 320 -8.20 8.67 18.60
C ARG A 320 -8.72 7.55 17.69
N GLU A 321 -7.83 6.91 16.96
CA GLU A 321 -8.24 5.79 16.06
C GLU A 321 -7.94 4.43 16.72
N ASN A 322 -6.87 4.34 17.47
CA ASN A 322 -6.50 3.07 18.17
C ASN A 322 -5.94 3.37 19.57
N ALA A 323 -6.52 2.81 20.60
CA ALA A 323 -6.01 3.07 21.98
C ALA A 323 -4.62 2.44 22.12
N CYS A 324 -3.73 3.06 22.87
CA CYS A 324 -2.33 2.51 23.03
C CYS A 324 -1.78 2.12 21.65
N PRO A 325 -1.70 3.11 20.79
CA PRO A 325 -1.25 2.92 19.38
C PRO A 325 0.19 2.42 19.25
N MET A 326 1.08 2.78 20.13
CA MET A 326 2.50 2.31 20.00
C MET A 326 2.66 0.86 20.50
N HIS A 327 1.67 0.31 21.15
CA HIS A 327 1.80 -1.10 21.63
C HIS A 327 1.32 -2.07 20.54
N VAL A 328 2.06 -3.12 20.29
CA VAL A 328 1.63 -4.10 19.24
C VAL A 328 0.78 -5.21 19.85
N ASP A 329 -0.46 -5.28 19.44
CA ASP A 329 -1.38 -6.33 19.96
C ASP A 329 -1.96 -7.12 18.78
N PHE A 330 -1.48 -8.32 18.55
CA PHE A 330 -1.99 -9.14 17.40
C PHE A 330 -3.50 -9.40 17.54
N SER A 331 -4.02 -9.29 18.74
CA SER A 331 -5.48 -9.53 18.95
C SER A 331 -6.28 -8.21 18.94
N ARG A 332 -5.67 -7.10 18.58
CA ARG A 332 -6.43 -5.80 18.56
C ARG A 332 -7.74 -5.97 17.79
N GLN A 333 -8.85 -5.75 18.44
CA GLN A 333 -10.16 -5.94 17.77
C GLN A 333 -10.31 -5.06 16.53
N LYS A 334 -10.11 -3.76 16.64
CA LYS A 334 -10.26 -2.89 15.42
C LYS A 334 -8.92 -2.32 14.98
N VAL A 335 -8.25 -2.97 14.07
CA VAL A 335 -6.95 -2.45 13.58
C VAL A 335 -7.22 -1.46 12.43
N SER A 336 -7.34 -0.20 12.76
CA SER A 336 -7.63 0.83 11.72
C SER A 336 -6.33 1.50 11.24
N HIS A 337 -6.18 1.63 9.94
CA HIS A 337 -4.95 2.31 9.38
C HIS A 337 -5.12 2.61 7.89
N THR A 338 -4.27 3.47 7.38
CA THR A 338 -4.29 3.84 5.94
C THR A 338 -2.91 3.52 5.32
N THR A 339 -2.20 2.59 5.89
CA THR A 339 -0.85 2.20 5.40
C THR A 339 -0.84 2.00 3.87
N PHE A 340 -1.84 1.33 3.33
CA PHE A 340 -1.88 1.11 1.84
C PHE A 340 -2.57 2.28 1.11
N GLY A 341 -2.76 3.41 1.76
CA GLY A 341 -3.40 4.59 1.12
C GLY A 341 -4.87 4.68 1.53
N HIS A 342 -5.58 5.59 0.90
CA HIS A 342 -7.03 5.77 1.21
C HIS A 342 -7.70 6.55 0.07
N GLY A 343 -8.92 6.23 -0.25
CA GLY A 343 -9.61 6.95 -1.36
C GLY A 343 -9.54 6.12 -2.65
N SER A 344 -9.46 6.79 -3.79
CA SER A 344 -9.40 6.06 -5.09
C SER A 344 -7.98 5.59 -5.43
N HIS A 345 -6.97 6.02 -4.71
CA HIS A 345 -5.57 5.57 -5.04
C HIS A 345 -5.12 4.42 -4.12
N LEU A 346 -6.05 3.65 -3.60
CA LEU A 346 -5.65 2.53 -2.69
C LEU A 346 -4.59 1.65 -3.37
N CYS A 347 -3.61 1.22 -2.62
CA CYS A 347 -2.49 0.39 -3.19
C CYS A 347 -3.01 -0.80 -3.99
N LEU A 348 -2.54 -0.92 -5.21
CA LEU A 348 -2.96 -2.06 -6.09
C LEU A 348 -2.07 -3.29 -5.80
N GLY A 349 -0.91 -3.08 -5.20
CA GLY A 349 -0.01 -4.22 -4.90
C GLY A 349 -0.07 -4.60 -3.42
N GLN A 350 -1.15 -4.29 -2.73
CA GLN A 350 -1.23 -4.67 -1.28
C GLN A 350 -1.44 -6.18 -1.13
N HIS A 351 -1.97 -6.85 -2.13
CA HIS A 351 -2.15 -8.33 -2.03
C HIS A 351 -0.79 -9.02 -2.19
N LEU A 352 0.03 -8.51 -3.10
CA LEU A 352 1.39 -9.10 -3.28
C LEU A 352 2.23 -8.77 -2.04
N ALA A 353 1.98 -7.61 -1.45
CA ALA A 353 2.74 -7.20 -0.23
C ALA A 353 2.33 -8.08 0.94
N ARG A 354 1.05 -8.24 1.19
CA ARG A 354 0.58 -9.10 2.33
C ARG A 354 1.11 -10.52 2.16
N ARG A 355 1.09 -11.04 0.96
CA ARG A 355 1.58 -12.42 0.71
C ARG A 355 3.07 -12.51 1.03
N GLU A 356 3.85 -11.55 0.58
CA GLU A 356 5.32 -11.59 0.86
C GLU A 356 5.60 -11.43 2.36
N ILE A 357 4.81 -10.63 3.05
CA ILE A 357 5.00 -10.46 4.51
C ILE A 357 4.60 -11.73 5.27
N ILE A 358 3.42 -12.24 4.98
CA ILE A 358 2.93 -13.47 5.67
C ILE A 358 3.82 -14.68 5.34
N VAL A 359 4.26 -14.83 4.11
CA VAL A 359 5.16 -15.99 3.79
C VAL A 359 6.50 -15.83 4.51
N THR A 360 6.98 -14.61 4.65
CA THR A 360 8.28 -14.39 5.35
C THR A 360 8.14 -14.71 6.84
N LEU A 361 7.11 -14.22 7.48
CA LEU A 361 6.92 -14.50 8.95
C LEU A 361 6.72 -15.99 9.21
N LYS A 362 5.91 -16.64 8.41
CA LYS A 362 5.66 -18.09 8.63
C LYS A 362 6.91 -18.94 8.34
N GLU A 363 7.56 -18.71 7.22
CA GLU A 363 8.76 -19.55 6.88
C GLU A 363 9.98 -19.18 7.73
N TRP A 364 10.08 -17.95 8.21
CA TRP A 364 11.26 -17.61 9.05
C TRP A 364 11.09 -18.22 10.45
N LEU A 365 9.93 -18.05 11.04
CA LEU A 365 9.70 -18.62 12.41
C LEU A 365 9.72 -20.16 12.38
N THR A 366 9.42 -20.75 11.24
CA THR A 366 9.45 -22.25 11.15
C THR A 366 10.91 -22.74 11.17
N ARG A 367 11.82 -22.02 10.55
CA ARG A 367 13.24 -22.46 10.53
C ARG A 367 14.02 -21.79 11.66
N ILE A 368 13.82 -20.50 11.84
CA ILE A 368 14.54 -19.76 12.91
C ILE A 368 13.52 -19.13 13.88
N PRO A 369 13.02 -19.94 14.78
CA PRO A 369 12.02 -19.48 15.77
C PRO A 369 12.61 -18.49 16.79
N ASP A 370 13.88 -18.59 17.11
CA ASP A 370 14.47 -17.65 18.11
C ASP A 370 15.63 -16.85 17.51
N PHE A 371 15.54 -15.55 17.57
CA PHE A 371 16.64 -14.68 17.07
C PHE A 371 16.58 -13.32 17.78
N SER A 372 17.70 -12.63 17.85
CA SER A 372 17.73 -11.32 18.56
C SER A 372 18.61 -10.31 17.81
N ILE A 373 18.58 -9.07 18.23
CA ILE A 373 19.46 -8.04 17.57
C ILE A 373 20.90 -8.34 17.98
N ALA A 374 21.85 -8.21 17.06
CA ALA A 374 23.27 -8.50 17.45
C ALA A 374 23.59 -7.68 18.71
N PRO A 375 24.32 -8.29 19.62
CA PRO A 375 24.65 -7.63 20.91
C PRO A 375 25.44 -6.32 20.73
N GLY A 376 24.94 -5.24 21.29
CA GLY A 376 25.67 -3.93 21.19
C GLY A 376 25.16 -3.11 19.99
N ALA A 377 24.39 -3.69 19.10
CA ALA A 377 23.92 -2.92 17.90
C ALA A 377 22.73 -2.01 18.19
N GLN A 378 22.79 -0.79 17.71
CA GLN A 378 21.67 0.18 17.88
C GLN A 378 21.05 0.42 16.49
N ILE A 379 19.87 -0.12 16.27
CA ILE A 379 19.22 0.03 14.91
C ILE A 379 18.90 1.49 14.58
N GLN A 380 19.28 1.91 13.41
CA GLN A 380 19.02 3.31 12.96
C GLN A 380 18.02 3.30 11.79
N HIS A 381 17.05 4.17 11.83
CA HIS A 381 16.05 4.24 10.72
C HIS A 381 16.30 5.48 9.85
N LYS A 382 15.65 5.55 8.70
CA LYS A 382 15.79 6.73 7.80
C LYS A 382 14.39 7.19 7.35
N SER A 383 14.20 8.48 7.17
CA SER A 383 12.85 8.97 6.79
C SER A 383 12.80 9.55 5.37
N GLY A 384 11.61 9.69 4.85
CA GLY A 384 11.41 10.23 3.47
C GLY A 384 10.00 9.84 3.00
N ILE A 385 9.74 9.83 1.70
CA ILE A 385 8.37 9.41 1.22
C ILE A 385 8.07 8.02 1.78
N VAL A 386 9.09 7.16 1.80
CA VAL A 386 8.93 5.81 2.39
C VAL A 386 10.05 5.63 3.42
N SER A 387 9.72 5.39 4.67
CA SER A 387 10.79 5.22 5.69
C SER A 387 11.39 3.83 5.60
N GLY A 388 12.55 3.61 6.21
CA GLY A 388 13.17 2.26 6.13
C GLY A 388 14.20 2.06 7.26
N VAL A 389 14.91 0.96 7.22
CA VAL A 389 15.94 0.68 8.28
C VAL A 389 17.33 0.63 7.62
N GLN A 390 18.29 1.34 8.16
CA GLN A 390 19.66 1.35 7.54
C GLN A 390 20.31 -0.02 7.61
N ALA A 391 20.20 -0.68 8.73
CA ALA A 391 20.81 -2.05 8.84
C ALA A 391 20.16 -2.83 9.99
N LEU A 392 20.08 -4.13 9.87
CA LEU A 392 19.45 -4.95 10.94
C LEU A 392 20.22 -6.28 11.16
N PRO A 393 21.28 -6.20 11.92
CA PRO A 393 22.10 -7.41 12.22
C PRO A 393 21.38 -8.31 13.23
N LEU A 394 21.10 -9.54 12.84
CA LEU A 394 20.41 -10.51 13.76
C LEU A 394 21.35 -11.67 14.12
N VAL A 395 21.13 -12.29 15.26
CA VAL A 395 21.95 -13.47 15.66
C VAL A 395 21.05 -14.52 16.29
N TRP A 396 21.42 -15.76 16.14
CA TRP A 396 20.63 -16.85 16.76
C TRP A 396 21.49 -18.12 16.86
N ASP A 397 21.16 -18.99 17.77
CA ASP A 397 21.93 -20.24 17.92
C ASP A 397 21.40 -21.22 16.87
N PRO A 398 22.25 -21.67 16.00
CA PRO A 398 21.82 -22.61 14.95
C PRO A 398 21.50 -23.99 15.54
N ALA A 399 21.58 -24.14 16.85
CA ALA A 399 21.21 -25.43 17.49
C ALA A 399 19.71 -25.39 17.78
N THR A 400 19.14 -24.20 17.79
CA THR A 400 17.68 -24.03 18.05
C THR A 400 16.90 -23.95 16.72
N THR A 401 17.57 -23.99 15.58
CA THR A 401 16.83 -23.89 14.27
C THR A 401 16.52 -25.29 13.73
N LYS A 402 15.75 -25.39 12.68
CA LYS A 402 15.44 -26.75 12.11
C LYS A 402 15.20 -26.67 10.60
N ALA A 403 15.84 -27.53 9.86
CA ALA A 403 15.64 -27.54 8.38
C ALA A 403 14.35 -28.26 8.04
N VAL A 404 13.56 -27.72 7.14
CA VAL A 404 12.27 -28.39 6.76
C VAL A 404 12.56 -29.57 5.83
N SER B 1 -22.76 -16.63 8.11
CA SER B 1 -24.06 -16.69 7.37
C SER B 1 -23.80 -17.02 5.90
N LYS B 2 -24.76 -17.61 5.23
CA LYS B 2 -24.55 -18.00 3.81
C LYS B 2 -24.70 -16.81 2.84
N VAL B 3 -23.81 -16.76 1.86
CA VAL B 3 -23.86 -15.69 0.82
C VAL B 3 -23.59 -16.36 -0.54
N VAL B 4 -24.49 -16.23 -1.48
CA VAL B 4 -24.27 -16.91 -2.80
C VAL B 4 -23.91 -15.89 -3.90
N TYR B 5 -22.84 -16.15 -4.62
CA TYR B 5 -22.41 -15.24 -5.72
C TYR B 5 -22.66 -15.90 -7.08
N VAL B 6 -23.59 -15.42 -7.86
CA VAL B 6 -23.82 -16.04 -9.20
C VAL B 6 -23.03 -15.26 -10.23
N SER B 7 -22.22 -15.93 -11.02
CA SER B 7 -21.37 -15.21 -12.01
C SER B 7 -22.11 -14.96 -13.34
N HIS B 8 -21.47 -14.25 -14.24
CA HIS B 8 -22.07 -13.93 -15.58
C HIS B 8 -22.36 -15.22 -16.35
N ASP B 9 -21.41 -16.12 -16.39
CA ASP B 9 -21.61 -17.41 -17.12
C ASP B 9 -22.71 -18.27 -16.45
N GLY B 10 -23.14 -17.91 -15.26
CA GLY B 10 -24.21 -18.70 -14.57
C GLY B 10 -23.62 -19.63 -13.51
N THR B 11 -22.39 -19.44 -13.11
CA THR B 11 -21.79 -20.33 -12.06
C THR B 11 -22.23 -19.86 -10.66
N ARG B 12 -22.39 -20.78 -9.75
CA ARG B 12 -22.86 -20.41 -8.37
C ARG B 12 -21.82 -20.77 -7.31
N ARG B 13 -21.47 -19.81 -6.45
CA ARG B 13 -20.48 -20.08 -5.37
C ARG B 13 -21.08 -19.69 -4.01
N GLU B 14 -21.06 -20.58 -3.05
CA GLU B 14 -21.66 -20.28 -1.70
C GLU B 14 -20.58 -20.15 -0.61
N LEU B 15 -20.63 -19.09 0.16
CA LEU B 15 -19.64 -18.88 1.25
C LEU B 15 -20.32 -18.74 2.61
N ASP B 16 -19.59 -18.97 3.67
CA ASP B 16 -20.13 -18.77 5.05
C ASP B 16 -19.43 -17.53 5.62
N VAL B 17 -20.01 -16.37 5.44
CA VAL B 17 -19.36 -15.11 5.89
C VAL B 17 -19.76 -14.74 7.32
N ALA B 18 -18.79 -14.39 8.12
CA ALA B 18 -19.07 -13.98 9.54
C ALA B 18 -19.63 -12.56 9.58
N ASP B 19 -20.11 -12.13 10.73
CA ASP B 19 -20.68 -10.75 10.85
C ASP B 19 -19.59 -9.69 10.70
N GLY B 20 -19.95 -8.51 10.23
CA GLY B 20 -18.95 -7.41 10.08
C GLY B 20 -18.17 -7.51 8.76
N VAL B 21 -18.25 -8.61 8.05
CA VAL B 21 -17.49 -8.73 6.76
C VAL B 21 -18.34 -8.23 5.59
N SER B 22 -17.75 -7.43 4.73
CA SER B 22 -18.49 -6.92 3.55
C SER B 22 -18.48 -8.00 2.46
N LEU B 23 -19.49 -8.02 1.61
CA LEU B 23 -19.53 -9.04 0.53
C LEU B 23 -18.31 -8.91 -0.40
N MET B 24 -17.73 -7.73 -0.48
CA MET B 24 -16.53 -7.53 -1.35
C MET B 24 -15.34 -8.28 -0.75
N GLN B 25 -15.09 -8.09 0.54
CA GLN B 25 -13.94 -8.78 1.20
C GLN B 25 -14.11 -10.29 1.08
N ALA B 26 -15.31 -10.78 1.28
CA ALA B 26 -15.56 -12.25 1.19
C ALA B 26 -15.31 -12.73 -0.24
N ALA B 27 -15.74 -11.97 -1.22
CA ALA B 27 -15.55 -12.40 -2.63
C ALA B 27 -14.06 -12.36 -3.03
N VAL B 28 -13.39 -11.27 -2.75
CA VAL B 28 -11.93 -11.17 -3.11
C VAL B 28 -11.10 -12.18 -2.30
N SER B 29 -11.43 -12.37 -1.04
CA SER B 29 -10.65 -13.34 -0.20
C SER B 29 -10.91 -14.79 -0.63
N ASN B 30 -11.93 -15.04 -1.42
CA ASN B 30 -12.20 -16.45 -1.86
C ASN B 30 -12.07 -16.58 -3.39
N GLY B 31 -11.33 -15.70 -4.01
CA GLY B 31 -11.12 -15.76 -5.49
C GLY B 31 -12.46 -15.79 -6.24
N ILE B 32 -13.47 -15.07 -5.80
CA ILE B 32 -14.76 -15.08 -6.55
C ILE B 32 -14.58 -14.30 -7.86
N TYR B 33 -15.28 -14.74 -8.87
CA TYR B 33 -15.11 -14.14 -10.26
C TYR B 33 -15.45 -12.66 -10.43
N ASP B 34 -14.65 -12.02 -11.26
CA ASP B 34 -14.82 -10.58 -11.70
C ASP B 34 -14.75 -9.51 -10.58
N ILE B 35 -15.23 -9.74 -9.38
CA ILE B 35 -15.17 -8.64 -8.35
C ILE B 35 -13.70 -8.23 -8.09
N VAL B 36 -13.39 -6.96 -8.27
CA VAL B 36 -11.99 -6.49 -8.05
C VAL B 36 -11.85 -5.81 -6.69
N GLY B 37 -12.69 -4.86 -6.35
CA GLY B 37 -12.55 -4.15 -5.04
C GLY B 37 -11.21 -3.41 -5.06
N ASP B 38 -11.01 -2.57 -6.04
CA ASP B 38 -9.72 -1.83 -6.19
C ASP B 38 -9.53 -0.76 -5.12
N CYS B 39 -10.52 0.08 -4.91
CA CYS B 39 -10.37 1.17 -3.90
C CYS B 39 -10.26 0.62 -2.45
N GLY B 40 -10.50 -0.66 -2.23
CA GLY B 40 -10.36 -1.23 -0.86
C GLY B 40 -11.71 -1.29 -0.12
N GLY B 41 -12.77 -0.77 -0.68
CA GLY B 41 -14.09 -0.81 0.02
C GLY B 41 -14.46 0.55 0.60
N SER B 42 -13.86 1.62 0.12
CA SER B 42 -14.20 2.97 0.66
C SER B 42 -15.19 3.70 -0.26
N ALA B 43 -15.88 2.98 -1.11
CA ALA B 43 -16.89 3.60 -2.04
C ALA B 43 -16.27 4.70 -2.90
N SER B 44 -15.08 4.49 -3.39
CA SER B 44 -14.42 5.51 -4.28
C SER B 44 -14.19 4.90 -5.67
N CYS B 45 -14.78 3.75 -5.94
CA CYS B 45 -14.62 3.09 -7.26
C CYS B 45 -15.89 2.28 -7.58
N ALA B 46 -15.94 1.59 -8.70
CA ALA B 46 -17.16 0.80 -9.03
C ALA B 46 -16.80 -0.59 -9.56
N THR B 47 -15.74 -1.19 -9.08
CA THR B 47 -15.36 -2.55 -9.57
C THR B 47 -15.86 -3.65 -8.62
N CYS B 48 -16.74 -3.31 -7.71
CA CYS B 48 -17.33 -4.33 -6.78
C CYS B 48 -18.85 -4.32 -6.99
N HIS B 49 -19.26 -4.04 -8.20
CA HIS B 49 -20.71 -3.96 -8.56
C HIS B 49 -21.38 -5.34 -8.60
N VAL B 50 -22.54 -5.45 -7.97
CA VAL B 50 -23.30 -6.74 -7.99
C VAL B 50 -24.81 -6.44 -7.98
N TYR B 51 -25.62 -7.39 -8.39
CA TYR B 51 -27.10 -7.16 -8.37
C TYR B 51 -27.70 -7.95 -7.19
N VAL B 52 -28.03 -7.29 -6.11
CA VAL B 52 -28.62 -8.02 -4.93
C VAL B 52 -29.94 -8.67 -5.34
N ASN B 53 -30.15 -9.90 -4.97
CA ASN B 53 -31.43 -10.58 -5.35
C ASN B 53 -32.62 -9.77 -4.81
N GLU B 54 -33.57 -9.54 -5.67
CA GLU B 54 -34.80 -8.73 -5.33
C GLU B 54 -35.40 -9.09 -3.95
N ALA B 55 -35.28 -10.33 -3.52
CA ALA B 55 -35.88 -10.74 -2.21
C ALA B 55 -35.05 -10.26 -1.00
N PHE B 56 -33.88 -9.70 -1.20
CA PHE B 56 -33.06 -9.25 -0.01
C PHE B 56 -32.79 -7.73 -0.05
N THR B 57 -33.14 -7.06 -1.12
CA THR B 57 -32.86 -5.58 -1.22
C THR B 57 -33.43 -4.78 -0.05
N ASP B 58 -34.60 -5.11 0.45
CA ASP B 58 -35.16 -4.32 1.60
C ASP B 58 -34.55 -4.76 2.94
N LYS B 59 -33.74 -5.81 2.95
CA LYS B 59 -33.10 -6.25 4.23
C LYS B 59 -31.74 -5.55 4.39
N VAL B 60 -31.27 -4.90 3.36
CA VAL B 60 -29.96 -4.19 3.42
C VAL B 60 -30.21 -2.69 3.54
N PRO B 61 -29.40 -2.02 4.34
CA PRO B 61 -29.58 -0.54 4.52
C PRO B 61 -29.08 0.17 3.24
N ALA B 62 -29.95 0.88 2.59
CA ALA B 62 -29.64 1.60 1.29
C ALA B 62 -28.24 2.23 1.17
N ALA B 63 -27.86 2.48 -0.07
CA ALA B 63 -26.54 3.12 -0.41
C ALA B 63 -26.48 4.57 0.11
N ASN B 64 -25.31 5.01 0.52
CA ASN B 64 -25.17 6.42 1.01
C ASN B 64 -24.83 7.36 -0.15
N GLU B 65 -24.49 8.59 0.15
CA GLU B 65 -24.16 9.58 -0.94
C GLU B 65 -22.98 9.11 -1.79
N ARG B 66 -21.94 8.57 -1.19
CA ARG B 66 -20.75 8.12 -1.99
C ARG B 66 -21.09 6.92 -2.88
N GLU B 67 -21.83 5.96 -2.41
CA GLU B 67 -22.16 4.78 -3.28
C GLU B 67 -23.07 5.21 -4.43
N ILE B 68 -24.09 6.01 -4.17
CA ILE B 68 -24.99 6.46 -5.27
C ILE B 68 -24.16 7.13 -6.37
N GLY B 69 -23.20 7.94 -5.99
CA GLY B 69 -22.33 8.63 -7.00
C GLY B 69 -21.51 7.61 -7.79
N MET B 70 -20.88 6.67 -7.11
CA MET B 70 -20.04 5.64 -7.83
C MET B 70 -20.92 4.72 -8.69
N LEU B 71 -22.13 4.43 -8.25
CA LEU B 71 -23.03 3.55 -9.06
C LEU B 71 -23.38 4.21 -10.40
N GLU B 72 -23.28 5.53 -10.49
CA GLU B 72 -23.57 6.23 -11.77
C GLU B 72 -22.48 5.95 -12.81
N SER B 73 -21.40 5.31 -12.44
CA SER B 73 -20.31 5.06 -13.42
C SER B 73 -20.02 3.55 -13.60
N VAL B 74 -20.87 2.67 -13.11
CA VAL B 74 -20.60 1.20 -13.30
C VAL B 74 -20.55 0.87 -14.79
N THR B 75 -19.65 0.01 -15.20
CA THR B 75 -19.55 -0.35 -16.64
C THR B 75 -20.70 -1.30 -17.04
N ALA B 76 -21.07 -2.22 -16.17
CA ALA B 76 -22.19 -3.15 -16.48
C ALA B 76 -23.53 -2.40 -16.42
N GLU B 77 -24.60 -3.01 -16.89
CA GLU B 77 -25.93 -2.33 -16.86
C GLU B 77 -26.32 -1.95 -15.43
N LEU B 78 -26.88 -0.78 -15.26
CA LEU B 78 -27.30 -0.36 -13.89
C LEU B 78 -28.74 -0.78 -13.62
N LYS B 79 -28.94 -1.64 -12.68
CA LYS B 79 -30.32 -2.10 -12.34
C LYS B 79 -30.78 -1.38 -11.06
N PRO B 80 -32.06 -1.48 -10.75
CA PRO B 80 -32.57 -0.85 -9.52
C PRO B 80 -32.17 -1.68 -8.28
N ASN B 81 -31.48 -2.79 -8.47
CA ASN B 81 -31.01 -3.60 -7.30
C ASN B 81 -29.48 -3.70 -7.35
N SER B 82 -28.85 -2.75 -8.03
CA SER B 82 -27.37 -2.73 -8.16
C SER B 82 -26.74 -2.13 -6.90
N ARG B 83 -25.67 -2.72 -6.42
CA ARG B 83 -25.01 -2.19 -5.18
C ARG B 83 -23.50 -2.47 -5.19
N LEU B 84 -22.72 -1.58 -4.64
CA LEU B 84 -21.26 -1.86 -4.52
C LEU B 84 -21.14 -2.77 -3.29
N CYS B 85 -21.03 -4.06 -3.51
CA CYS B 85 -21.00 -5.07 -2.39
C CYS B 85 -20.02 -4.72 -1.25
N CYS B 86 -19.06 -3.83 -1.47
CA CYS B 86 -18.15 -3.47 -0.34
C CYS B 86 -18.92 -2.64 0.69
N GLN B 87 -20.09 -2.15 0.33
CA GLN B 87 -20.92 -1.35 1.29
C GLN B 87 -21.91 -2.26 2.04
N ILE B 88 -22.07 -3.49 1.61
CA ILE B 88 -23.03 -4.42 2.28
C ILE B 88 -22.31 -5.24 3.38
N ILE B 89 -22.50 -4.89 4.62
CA ILE B 89 -21.84 -5.67 5.72
C ILE B 89 -22.73 -6.86 6.06
N MET B 90 -22.14 -8.02 6.15
CA MET B 90 -22.96 -9.26 6.40
C MET B 90 -23.42 -9.37 7.86
N THR B 91 -24.66 -9.77 8.01
CA THR B 91 -25.25 -10.01 9.36
C THR B 91 -26.07 -11.30 9.25
N PRO B 92 -26.48 -11.87 10.36
CA PRO B 92 -27.26 -13.13 10.28
C PRO B 92 -28.70 -12.84 9.83
N GLU B 93 -29.04 -11.60 9.54
CA GLU B 93 -30.40 -11.31 9.04
C GLU B 93 -30.36 -11.47 7.51
N LEU B 94 -29.17 -11.35 6.95
CA LEU B 94 -28.99 -11.48 5.47
C LEU B 94 -28.61 -12.92 5.11
N ASP B 95 -28.76 -13.86 6.02
CA ASP B 95 -28.37 -15.27 5.73
C ASP B 95 -29.07 -15.79 4.47
N GLY B 96 -28.31 -16.29 3.54
CA GLY B 96 -28.92 -16.83 2.28
C GLY B 96 -29.04 -15.75 1.19
N ILE B 97 -28.51 -14.57 1.40
CA ILE B 97 -28.62 -13.51 0.33
C ILE B 97 -27.90 -13.96 -0.95
N VAL B 98 -28.46 -13.62 -2.09
CA VAL B 98 -27.82 -14.01 -3.38
C VAL B 98 -27.55 -12.76 -4.22
N VAL B 99 -26.36 -12.64 -4.76
CA VAL B 99 -26.05 -11.46 -5.61
C VAL B 99 -25.44 -11.91 -6.94
N ASP B 100 -25.88 -11.33 -8.02
CA ASP B 100 -25.31 -11.71 -9.35
C ASP B 100 -24.15 -10.78 -9.67
N VAL B 101 -23.05 -11.32 -10.13
CA VAL B 101 -21.87 -10.47 -10.45
C VAL B 101 -21.74 -10.27 -11.97
N PRO B 102 -21.65 -9.02 -12.36
CA PRO B 102 -21.51 -8.68 -13.79
C PRO B 102 -20.06 -8.85 -14.19
N ASP B 103 -19.80 -9.55 -15.27
CA ASP B 103 -18.38 -9.79 -15.72
C ASP B 103 -17.59 -8.52 -16.07
N ARG B 104 -18.13 -7.33 -15.91
CA ARG B 104 -17.36 -6.09 -16.26
C ARG B 104 -17.31 -5.15 -15.06
N GLN B 105 -16.13 -4.92 -14.51
CA GLN B 105 -16.01 -4.01 -13.34
C GLN B 105 -15.23 -2.76 -13.73
N TRP B 106 -14.09 -2.94 -14.34
CA TRP B 106 -13.26 -1.78 -14.77
C TRP B 106 -14.00 -0.95 -15.84
N LEU A 1 14.84 26.96 6.50
CA LEU A 1 13.39 27.30 6.64
C LEU A 1 12.96 28.27 5.53
N ALA A 2 11.85 28.01 4.90
CA ALA A 2 11.36 28.95 3.84
C ALA A 2 10.55 30.03 4.58
N PRO A 3 10.48 31.21 4.01
CA PRO A 3 9.79 32.33 4.69
C PRO A 3 8.28 32.09 4.81
N LEU A 4 7.77 32.12 6.02
CA LEU A 4 6.30 31.89 6.24
C LEU A 4 5.45 32.74 5.28
N PRO A 5 4.54 32.10 4.55
CA PRO A 5 3.65 32.83 3.62
C PRO A 5 2.58 33.54 4.45
N PRO A 6 2.19 34.69 3.97
CA PRO A 6 1.25 35.59 4.70
C PRO A 6 -0.16 35.05 4.96
N HIS A 7 -0.61 33.99 4.33
CA HIS A 7 -2.00 33.49 4.68
C HIS A 7 -1.89 32.44 5.78
N VAL A 8 -0.67 32.05 6.13
CA VAL A 8 -0.46 31.07 7.23
C VAL A 8 -0.18 31.83 8.54
N PRO A 9 -1.04 31.60 9.50
CA PRO A 9 -0.88 32.25 10.83
C PRO A 9 0.32 31.66 11.60
N GLU A 10 0.99 32.49 12.36
CA GLU A 10 2.19 32.03 13.15
C GLU A 10 1.88 30.90 14.13
N HIS A 11 0.68 30.84 14.67
CA HIS A 11 0.37 29.79 15.68
C HIS A 11 0.20 28.37 15.06
N LEU A 12 0.21 28.24 13.75
CA LEU A 12 0.10 26.86 13.15
C LEU A 12 1.47 26.36 12.67
N VAL A 13 2.54 27.05 13.00
CA VAL A 13 3.88 26.60 12.53
C VAL A 13 4.54 25.54 13.43
N PHE A 14 4.96 24.48 12.82
CA PHE A 14 5.69 23.38 13.52
C PHE A 14 6.72 22.86 12.51
N ASP A 15 7.95 23.27 12.65
CA ASP A 15 9.00 22.89 11.66
C ASP A 15 9.40 21.41 11.72
N PHE A 16 8.55 20.54 11.23
CA PHE A 16 8.88 19.09 11.18
C PHE A 16 9.50 18.75 9.82
N ASP A 17 10.66 18.13 9.82
CA ASP A 17 11.32 17.75 8.53
C ASP A 17 11.04 16.27 8.25
N MET A 18 10.31 15.98 7.19
CA MET A 18 9.97 14.55 6.87
C MET A 18 11.17 13.77 6.33
N TYR A 19 12.23 14.42 5.91
CA TYR A 19 13.42 13.66 5.42
C TYR A 19 14.46 13.48 6.53
N ASN A 20 14.30 14.19 7.63
CA ASN A 20 15.25 14.05 8.78
C ASN A 20 14.59 14.64 10.04
N PRO A 21 13.62 13.93 10.57
CA PRO A 21 12.90 14.38 11.79
C PRO A 21 13.84 14.44 13.01
N SER A 22 13.56 15.35 13.91
CA SER A 22 14.43 15.55 15.13
C SER A 22 14.50 14.32 16.06
N ASN A 23 13.45 13.56 16.19
CA ASN A 23 13.50 12.38 17.11
C ASN A 23 13.68 11.07 16.34
N LEU A 24 14.45 11.09 15.27
CA LEU A 24 14.67 9.84 14.46
C LEU A 24 15.39 8.76 15.26
N SER A 25 16.20 9.14 16.22
CA SER A 25 16.95 8.12 17.01
C SER A 25 15.99 7.29 17.89
N ALA A 26 14.84 7.79 18.21
CA ALA A 26 13.88 6.99 19.04
C ALA A 26 13.00 6.10 18.15
N GLY A 27 13.19 6.16 16.85
CA GLY A 27 12.37 5.34 15.91
C GLY A 27 11.65 6.33 14.97
N VAL A 28 11.62 6.05 13.69
CA VAL A 28 10.96 7.00 12.74
C VAL A 28 9.44 7.11 13.00
N GLN A 29 8.78 6.03 13.38
CA GLN A 29 7.30 6.13 13.68
C GLN A 29 7.13 7.00 14.94
N GLU A 30 8.05 6.88 15.85
CA GLU A 30 8.05 7.72 17.08
C GLU A 30 8.39 9.15 16.70
N ALA A 31 9.28 9.30 15.74
CA ALA A 31 9.69 10.66 15.27
C ALA A 31 8.49 11.38 14.65
N TRP A 32 7.75 10.72 13.80
CA TRP A 32 6.56 11.36 13.17
C TRP A 32 5.43 11.54 14.21
N ALA A 33 5.37 10.67 15.19
CA ALA A 33 4.29 10.76 16.23
C ALA A 33 4.42 12.01 17.12
N VAL A 34 5.53 12.72 17.08
CA VAL A 34 5.62 13.97 17.92
C VAL A 34 4.59 14.99 17.41
N LEU A 35 4.16 14.82 16.18
CA LEU A 35 3.12 15.74 15.60
C LEU A 35 1.77 15.48 16.30
N GLN A 36 1.64 14.37 17.01
CA GLN A 36 0.35 14.04 17.68
C GLN A 36 0.42 14.29 19.20
N GLU A 37 1.42 14.97 19.69
CA GLU A 37 1.47 15.24 21.16
C GLU A 37 0.36 16.26 21.51
N SER A 38 0.04 16.37 22.78
CA SER A 38 -1.06 17.28 23.22
C SER A 38 -0.93 18.72 22.68
N ASN A 39 0.24 19.27 22.69
CA ASN A 39 0.43 20.70 22.25
C ASN A 39 0.38 20.94 20.71
N VAL A 40 0.29 19.92 19.88
CA VAL A 40 0.27 20.22 18.40
C VAL A 40 -1.16 20.16 17.83
N PRO A 41 -1.48 21.17 17.03
CA PRO A 41 -2.83 21.25 16.40
C PRO A 41 -3.00 20.19 15.30
N ASP A 42 -4.22 19.90 14.95
CA ASP A 42 -4.51 18.86 13.91
C ASP A 42 -3.88 19.19 12.55
N LEU A 43 -3.69 20.45 12.23
CA LEU A 43 -3.11 20.81 10.90
C LEU A 43 -2.04 21.90 11.08
N VAL A 44 -0.79 21.53 10.87
CA VAL A 44 0.32 22.52 11.06
C VAL A 44 1.02 22.87 9.75
N TRP A 45 1.82 23.92 9.79
CA TRP A 45 2.60 24.33 8.60
C TRP A 45 4.10 24.28 8.93
N THR A 46 4.85 23.51 8.19
CA THR A 46 6.33 23.44 8.44
C THR A 46 7.08 24.26 7.39
N ARG A 47 8.06 25.02 7.79
CA ARG A 47 8.85 25.84 6.81
C ARG A 47 9.98 24.99 6.20
N CYS A 48 10.06 23.74 6.59
CA CYS A 48 11.12 22.83 6.04
C CYS A 48 10.73 22.34 4.64
N ASN A 49 11.72 21.97 3.86
CA ASN A 49 11.47 21.43 2.47
C ASN A 49 10.58 22.35 1.62
N GLY A 50 10.78 23.64 1.68
CA GLY A 50 9.97 24.58 0.83
C GLY A 50 8.71 25.08 1.55
N GLY A 51 8.24 24.38 2.56
CA GLY A 51 7.02 24.86 3.29
C GLY A 51 5.78 24.11 2.79
N HIS A 52 5.06 23.50 3.70
CA HIS A 52 3.81 22.77 3.31
C HIS A 52 2.99 22.37 4.55
N TRP A 53 1.73 22.08 4.35
CA TRP A 53 0.85 21.68 5.51
C TRP A 53 1.06 20.21 5.91
N ILE A 54 0.69 19.86 7.13
CA ILE A 54 0.79 18.43 7.58
C ILE A 54 -0.44 18.04 8.42
N ALA A 55 -1.29 17.20 7.90
CA ALA A 55 -2.46 16.75 8.71
C ALA A 55 -1.93 15.70 9.71
N THR A 56 -2.04 15.96 10.99
CA THR A 56 -1.47 15.01 12.00
C THR A 56 -2.47 13.98 12.54
N ARG A 57 -3.74 14.10 12.24
CA ARG A 57 -4.71 13.08 12.78
C ARG A 57 -5.35 12.29 11.65
N GLY A 58 -5.77 11.07 11.95
CA GLY A 58 -6.38 10.19 10.91
C GLY A 58 -7.66 10.80 10.32
N GLN A 59 -8.48 11.45 11.12
CA GLN A 59 -9.73 12.06 10.57
C GLN A 59 -9.40 13.03 9.44
N LEU A 60 -8.41 13.88 9.62
CA LEU A 60 -8.04 14.86 8.56
C LEU A 60 -7.38 14.16 7.37
N ILE A 61 -6.52 13.20 7.62
CA ILE A 61 -5.84 12.48 6.49
C ILE A 61 -6.85 11.69 5.66
N ARG A 62 -7.78 11.01 6.29
CA ARG A 62 -8.81 10.23 5.53
C ARG A 62 -9.70 11.19 4.73
N GLU A 63 -10.16 12.23 5.37
CA GLU A 63 -11.06 13.22 4.70
C GLU A 63 -10.37 13.87 3.49
N ALA A 64 -9.11 14.21 3.61
CA ALA A 64 -8.38 14.86 2.48
C ALA A 64 -8.17 13.88 1.32
N TYR A 65 -7.89 12.63 1.61
CA TYR A 65 -7.68 11.62 0.51
C TYR A 65 -9.01 11.26 -0.18
N GLU A 66 -10.11 11.46 0.52
CA GLU A 66 -11.45 11.15 -0.07
C GLU A 66 -11.89 12.28 -1.01
N ASP A 67 -11.58 13.50 -0.64
CA ASP A 67 -11.97 14.67 -1.46
C ASP A 67 -10.88 15.01 -2.47
N TYR A 68 -10.92 14.40 -3.63
CA TYR A 68 -9.88 14.72 -4.65
C TYR A 68 -10.23 16.02 -5.41
N ARG A 69 -11.42 16.54 -5.22
CA ARG A 69 -11.78 17.83 -5.91
C ARG A 69 -11.00 18.99 -5.29
N HIS A 70 -10.71 18.90 -4.01
CA HIS A 70 -9.93 19.99 -3.34
C HIS A 70 -8.46 19.57 -3.24
N PHE A 71 -8.20 18.33 -2.87
CA PHE A 71 -6.80 17.83 -2.75
C PHE A 71 -6.46 16.99 -3.99
N SER A 72 -5.66 17.53 -4.86
CA SER A 72 -5.34 16.82 -6.14
C SER A 72 -4.04 15.99 -6.05
N SER A 73 -3.97 14.92 -6.83
CA SER A 73 -2.74 14.07 -6.84
C SER A 73 -1.76 14.53 -7.93
N GLU A 74 -2.09 15.57 -8.65
CA GLU A 74 -1.17 16.07 -9.71
C GLU A 74 0.24 16.34 -9.11
N CYS A 75 0.31 16.89 -7.90
CA CYS A 75 1.67 17.17 -7.26
C CYS A 75 1.76 16.57 -5.80
N PRO A 76 2.07 15.28 -5.76
CA PRO A 76 2.11 14.44 -4.47
C PRO A 76 3.43 14.24 -3.64
N PHE A 77 4.58 14.68 -4.08
CA PHE A 77 5.86 14.51 -3.27
C PHE A 77 6.14 15.90 -2.57
N ILE A 78 7.20 16.14 -1.72
CA ILE A 78 7.25 17.53 -1.03
C ILE A 78 8.44 18.54 -1.18
N PRO A 79 9.35 18.39 -2.11
CA PRO A 79 10.28 19.52 -2.47
C PRO A 79 9.43 20.08 -3.60
N ARG A 80 8.77 21.24 -3.48
CA ARG A 80 7.76 21.52 -4.55
C ARG A 80 8.20 21.04 -5.93
N GLU A 81 9.47 20.96 -6.21
CA GLU A 81 9.95 20.46 -7.53
C GLU A 81 9.81 18.91 -7.75
N ALA A 82 9.81 18.06 -6.74
CA ALA A 82 9.65 16.57 -7.03
C ALA A 82 8.20 16.25 -7.36
N GLY A 83 7.30 16.95 -6.71
CA GLY A 83 5.84 16.74 -6.94
C GLY A 83 5.49 17.20 -8.36
N GLU A 84 6.11 18.26 -8.84
CA GLU A 84 5.82 18.77 -10.22
C GLU A 84 6.41 17.82 -11.26
N ALA A 85 7.53 17.22 -10.98
CA ALA A 85 8.14 16.27 -11.96
C ALA A 85 7.45 14.88 -11.90
N TYR A 86 6.79 14.57 -10.79
CA TYR A 86 6.13 13.23 -10.62
C TYR A 86 4.98 12.98 -11.65
N ASP A 87 5.07 11.89 -12.42
CA ASP A 87 4.01 11.57 -13.45
C ASP A 87 3.86 10.06 -13.74
N PHE A 88 3.95 9.26 -12.69
CA PHE A 88 3.71 7.77 -12.81
C PHE A 88 2.20 7.61 -13.28
N ILE A 89 1.50 6.45 -13.45
CA ILE A 89 0.05 6.65 -14.03
C ILE A 89 -1.26 6.14 -13.36
N PRO A 90 -1.30 5.69 -12.13
CA PRO A 90 -2.64 5.55 -11.47
C PRO A 90 -2.61 6.46 -10.23
N THR A 91 -1.69 7.44 -10.23
CA THR A 91 -1.43 8.31 -9.05
C THR A 91 -1.29 9.80 -9.37
N SER A 92 -0.58 10.20 -10.41
CA SER A 92 -0.48 11.69 -10.64
C SER A 92 -1.80 12.21 -11.30
N MET A 93 -2.88 11.39 -11.29
CA MET A 93 -4.19 11.75 -11.96
C MET A 93 -5.42 11.88 -10.98
N ASP A 94 -6.36 12.80 -11.24
CA ASP A 94 -7.61 12.83 -10.38
C ASP A 94 -8.68 11.96 -11.14
N PRO A 95 -9.50 11.23 -10.38
CA PRO A 95 -10.28 10.03 -10.89
C PRO A 95 -11.47 9.95 -11.91
N PRO A 96 -11.72 10.87 -12.83
CA PRO A 96 -12.71 10.50 -13.85
C PRO A 96 -11.81 9.61 -14.75
N GLU A 97 -10.74 10.23 -15.14
CA GLU A 97 -9.59 9.66 -15.90
C GLU A 97 -8.72 8.57 -15.18
N GLN A 98 -8.25 8.84 -13.94
CA GLN A 98 -7.28 7.84 -13.27
C GLN A 98 -7.80 6.39 -13.25
N ARG A 99 -9.08 6.23 -13.05
CA ARG A 99 -9.70 4.87 -12.98
C ARG A 99 -9.32 3.91 -14.12
N GLN A 100 -9.33 4.34 -15.37
CA GLN A 100 -9.03 3.37 -16.50
C GLN A 100 -7.61 2.78 -16.42
N PHE A 101 -6.68 3.42 -15.76
CA PHE A 101 -5.29 2.83 -15.69
C PHE A 101 -5.14 1.82 -14.53
N ARG A 102 -6.02 1.85 -13.57
CA ARG A 102 -5.91 0.90 -12.42
C ARG A 102 -6.18 -0.55 -12.84
N ALA A 103 -7.06 -0.76 -13.81
CA ALA A 103 -7.37 -2.15 -14.25
C ALA A 103 -6.14 -2.78 -14.93
N LEU A 104 -5.42 -2.01 -15.71
CA LEU A 104 -4.21 -2.57 -16.40
C LEU A 104 -3.12 -2.88 -15.37
N ALA A 105 -2.97 -2.03 -14.39
CA ALA A 105 -1.94 -2.28 -13.33
C ALA A 105 -2.36 -3.48 -12.47
N ASN A 106 -3.65 -3.68 -12.31
CA ASN A 106 -4.13 -4.83 -11.51
C ASN A 106 -3.74 -6.15 -12.21
N GLN A 107 -3.69 -6.13 -13.53
CA GLN A 107 -3.33 -7.36 -14.31
C GLN A 107 -1.91 -7.82 -14.00
N VAL A 108 -1.01 -6.91 -13.68
CA VAL A 108 0.41 -7.31 -13.43
C VAL A 108 0.81 -7.33 -11.94
N VAL A 109 0.09 -6.69 -11.04
CA VAL A 109 0.51 -6.80 -9.58
C VAL A 109 -0.68 -7.11 -8.68
N GLY A 110 -1.84 -7.34 -9.23
CA GLY A 110 -3.03 -7.64 -8.39
C GLY A 110 -3.03 -9.12 -7.98
N MET A 111 -4.16 -9.61 -7.52
CA MET A 111 -4.26 -11.05 -7.10
C MET A 111 -3.99 -12.04 -8.22
N PRO A 112 -4.40 -11.75 -9.44
CA PRO A 112 -4.18 -12.71 -10.55
C PRO A 112 -2.67 -12.95 -10.78
N VAL A 113 -1.81 -12.00 -10.44
CA VAL A 113 -0.33 -12.26 -10.62
C VAL A 113 0.20 -12.90 -9.33
N VAL A 114 -0.44 -12.64 -8.19
CA VAL A 114 0.02 -13.27 -6.92
C VAL A 114 -0.22 -14.78 -7.04
N ASP A 115 -1.27 -15.15 -7.74
CA ASP A 115 -1.56 -16.60 -7.94
C ASP A 115 -0.56 -17.20 -8.92
N LYS A 116 -0.17 -16.44 -9.90
CA LYS A 116 0.85 -16.94 -10.88
C LYS A 116 2.20 -17.12 -10.17
N LEU A 117 2.50 -16.24 -9.23
CA LEU A 117 3.83 -16.28 -8.52
C LEU A 117 3.76 -17.02 -7.17
N GLU A 118 2.63 -17.60 -6.80
CA GLU A 118 2.56 -18.29 -5.45
C GLU A 118 3.73 -19.27 -5.24
N ASN A 119 3.98 -20.15 -6.18
CA ASN A 119 5.07 -21.15 -6.00
C ASN A 119 6.46 -20.49 -5.89
N ARG A 120 6.80 -19.60 -6.79
CA ARG A 120 8.16 -18.94 -6.72
C ARG A 120 8.31 -18.09 -5.45
N ILE A 121 7.26 -17.44 -4.98
CA ILE A 121 7.39 -16.61 -3.73
C ILE A 121 7.69 -17.52 -2.55
N GLN A 122 7.01 -18.64 -2.47
CA GLN A 122 7.23 -19.59 -1.34
C GLN A 122 8.61 -20.25 -1.47
N GLU A 123 8.99 -20.62 -2.67
CA GLU A 123 10.32 -21.28 -2.87
C GLU A 123 11.48 -20.33 -2.54
N LEU A 124 11.42 -19.09 -2.99
CA LEU A 124 12.55 -18.15 -2.71
C LEU A 124 12.64 -17.84 -1.22
N ALA A 125 11.52 -17.66 -0.56
CA ALA A 125 11.55 -17.35 0.90
C ALA A 125 12.20 -18.52 1.66
N CYS A 126 11.81 -19.72 1.34
CA CYS A 126 12.39 -20.91 2.02
C CYS A 126 13.86 -21.10 1.65
N SER A 127 14.22 -20.88 0.40
CA SER A 127 15.64 -21.05 -0.03
C SER A 127 16.55 -20.00 0.62
N LEU A 128 16.14 -18.74 0.61
CA LEU A 128 16.98 -17.67 1.24
C LEU A 128 17.15 -17.91 2.74
N ILE A 129 16.09 -18.29 3.42
CA ILE A 129 16.18 -18.52 4.91
C ILE A 129 16.96 -19.80 5.24
N GLU A 130 16.78 -20.86 4.48
CA GLU A 130 17.53 -22.13 4.79
C GLU A 130 19.03 -21.89 4.59
N SER A 131 19.39 -21.07 3.64
CA SER A 131 20.84 -20.78 3.40
C SER A 131 21.41 -19.96 4.58
N LEU A 132 20.59 -19.13 5.19
CA LEU A 132 21.08 -18.31 6.34
C LEU A 132 21.00 -19.09 7.67
N ARG A 133 20.06 -19.99 7.78
CA ARG A 133 19.83 -20.74 9.08
C ARG A 133 21.11 -21.22 9.79
N PRO A 134 21.97 -21.95 9.11
CA PRO A 134 23.18 -22.51 9.76
C PRO A 134 24.25 -21.45 10.07
N GLN A 135 24.09 -20.23 9.61
CA GLN A 135 25.13 -19.19 9.90
C GLN A 135 24.99 -18.67 11.33
N GLY A 136 23.79 -18.59 11.84
CA GLY A 136 23.58 -18.08 13.22
C GLY A 136 23.57 -16.55 13.21
N GLN A 137 23.58 -15.93 12.06
CA GLN A 137 23.59 -14.44 12.00
C GLN A 137 23.39 -13.96 10.55
N CYS A 138 23.03 -12.71 10.36
CA CYS A 138 22.82 -12.20 8.97
C CYS A 138 22.46 -10.71 8.95
N ASN A 139 22.79 -10.03 7.88
CA ASN A 139 22.41 -8.59 7.74
C ASN A 139 21.05 -8.58 7.02
N PHE A 140 20.00 -8.71 7.79
CA PHE A 140 18.62 -8.83 7.23
C PHE A 140 18.30 -7.88 6.07
N THR A 141 18.71 -6.64 6.12
CA THR A 141 18.35 -5.72 4.98
C THR A 141 18.98 -6.16 3.66
N GLU A 142 20.20 -6.65 3.69
CA GLU A 142 20.87 -7.06 2.42
C GLU A 142 20.71 -8.57 2.17
N ASP A 143 20.54 -9.36 3.19
CA ASP A 143 20.43 -10.83 2.96
C ASP A 143 19.00 -11.31 2.68
N TYR A 144 17.98 -10.56 3.06
CA TYR A 144 16.59 -11.06 2.77
C TYR A 144 15.62 -9.92 2.41
N ALA A 145 15.53 -8.88 3.21
CA ALA A 145 14.56 -7.77 2.94
C ALA A 145 14.66 -7.23 1.51
N GLU A 146 15.84 -7.18 0.95
CA GLU A 146 16.00 -6.62 -0.44
C GLU A 146 15.86 -7.70 -1.52
N PRO A 147 16.64 -8.76 -1.42
CA PRO A 147 16.60 -9.84 -2.45
C PRO A 147 15.27 -10.60 -2.54
N PHE A 148 14.58 -10.85 -1.45
CA PHE A 148 13.30 -11.64 -1.56
C PHE A 148 12.23 -10.94 -2.41
N PRO A 149 11.83 -9.75 -2.01
CA PRO A 149 10.77 -9.05 -2.78
C PRO A 149 11.31 -8.36 -4.06
N ILE A 150 12.61 -8.10 -4.17
CA ILE A 150 13.12 -7.43 -5.43
C ILE A 150 13.35 -8.52 -6.49
N ARG A 151 13.83 -9.67 -6.10
CA ARG A 151 14.04 -10.76 -7.10
C ARG A 151 12.69 -11.24 -7.62
N ILE A 152 11.67 -11.27 -6.79
CA ILE A 152 10.32 -11.70 -7.28
C ILE A 152 9.78 -10.66 -8.26
N PHE A 153 10.03 -9.38 -8.02
CA PHE A 153 9.53 -8.36 -8.97
C PHE A 153 10.31 -8.43 -10.28
N MET A 154 11.62 -8.58 -10.20
CA MET A 154 12.43 -8.68 -11.46
C MET A 154 11.97 -9.90 -12.26
N LEU A 155 11.55 -10.95 -11.57
CA LEU A 155 11.03 -12.17 -12.27
C LEU A 155 9.67 -11.82 -12.90
N LEU A 156 8.87 -11.10 -12.15
CA LEU A 156 7.51 -10.68 -12.64
C LEU A 156 7.65 -9.67 -13.79
N ALA A 157 8.71 -8.87 -13.80
CA ALA A 157 8.87 -7.86 -14.89
C ALA A 157 9.77 -8.38 -16.01
N GLY A 158 10.33 -9.56 -15.87
CA GLY A 158 11.21 -10.11 -16.93
C GLY A 158 12.51 -9.31 -17.04
N LEU A 159 13.03 -8.83 -15.93
CA LEU A 159 14.32 -8.06 -15.97
C LEU A 159 15.43 -8.89 -15.31
N PRO A 160 16.64 -8.76 -15.83
CA PRO A 160 17.77 -9.55 -15.28
C PRO A 160 18.21 -9.00 -13.91
N GLU A 161 18.47 -9.89 -12.98
CA GLU A 161 18.87 -9.47 -11.59
C GLU A 161 20.15 -8.62 -11.55
N GLU A 162 20.95 -8.68 -12.58
CA GLU A 162 22.22 -7.87 -12.59
C GLU A 162 21.89 -6.37 -12.63
N ASP A 163 20.67 -6.01 -12.92
CA ASP A 163 20.28 -4.57 -12.99
C ASP A 163 19.68 -4.08 -11.66
N ILE A 164 19.65 -4.91 -10.65
CA ILE A 164 19.01 -4.51 -9.35
C ILE A 164 19.75 -3.36 -8.65
N PRO A 165 21.07 -3.41 -8.59
CA PRO A 165 21.79 -2.33 -7.89
C PRO A 165 21.75 -1.01 -8.69
N HIS A 166 21.38 -1.03 -9.96
CA HIS A 166 21.27 0.28 -10.72
C HIS A 166 19.87 0.82 -10.47
N LEU A 167 18.89 -0.05 -10.57
CA LEU A 167 17.48 0.37 -10.34
C LEU A 167 17.24 0.70 -8.86
N LYS A 168 17.64 -0.17 -7.95
CA LYS A 168 17.42 0.11 -6.49
C LYS A 168 18.02 1.46 -6.10
N TYR A 169 19.08 1.88 -6.77
CA TYR A 169 19.67 3.21 -6.44
C TYR A 169 18.75 4.33 -6.96
N LEU A 170 18.29 4.23 -8.19
CA LEU A 170 17.38 5.30 -8.73
C LEU A 170 16.10 5.41 -7.88
N THR A 171 15.45 4.29 -7.62
CA THR A 171 14.18 4.32 -6.80
C THR A 171 14.42 4.94 -5.42
N ASP A 172 15.54 4.65 -4.81
CA ASP A 172 15.81 5.20 -3.44
C ASP A 172 16.03 6.72 -3.49
N GLN A 173 16.50 7.25 -4.61
CA GLN A 173 16.70 8.74 -4.71
C GLN A 173 15.33 9.45 -4.81
N MET A 174 14.30 8.73 -5.20
CA MET A 174 12.95 9.36 -5.32
C MET A 174 12.21 9.32 -3.98
N THR A 175 12.62 8.47 -3.07
CA THR A 175 11.94 8.40 -1.75
C THR A 175 12.87 8.93 -0.65
N ARG A 176 14.11 8.48 -0.65
CA ARG A 176 15.09 8.98 0.37
C ARG A 176 16.35 9.44 -0.37
N PRO A 177 16.27 10.59 -0.99
CA PRO A 177 17.41 11.15 -1.77
C PRO A 177 18.61 11.48 -0.87
N ASP A 178 19.78 11.05 -1.27
CA ASP A 178 21.00 11.36 -0.48
C ASP A 178 21.62 12.71 -0.93
N GLY A 179 21.10 13.32 -1.99
CA GLY A 179 21.65 14.63 -2.43
C GLY A 179 22.34 14.56 -3.81
N SER A 180 22.72 13.40 -4.28
CA SER A 180 23.42 13.32 -5.61
C SER A 180 22.44 13.46 -6.80
N MET A 181 21.18 13.14 -6.62
CA MET A 181 20.23 13.26 -7.76
C MET A 181 18.91 13.92 -7.34
N THR A 182 18.35 14.74 -8.19
CA THR A 182 17.01 15.34 -7.86
C THR A 182 15.95 14.29 -8.18
N PHE A 183 14.72 14.52 -7.82
CA PHE A 183 13.68 13.50 -8.14
C PHE A 183 13.53 13.39 -9.67
N ALA A 184 13.58 14.51 -10.35
CA ALA A 184 13.44 14.52 -11.84
C ALA A 184 14.60 13.76 -12.52
N GLU A 185 15.81 13.93 -12.05
CA GLU A 185 16.97 13.22 -12.68
C GLU A 185 16.84 11.71 -12.46
N ALA A 186 16.43 11.31 -11.28
CA ALA A 186 16.26 9.85 -11.00
C ALA A 186 15.09 9.30 -11.79
N LYS A 187 14.03 10.06 -11.92
CA LYS A 187 12.85 9.58 -12.68
C LYS A 187 13.18 9.46 -14.17
N GLU A 188 13.91 10.42 -14.71
CA GLU A 188 14.27 10.35 -16.15
C GLU A 188 15.25 9.21 -16.38
N ALA A 189 16.12 8.95 -15.45
CA ALA A 189 17.08 7.82 -15.61
C ALA A 189 16.31 6.50 -15.58
N LEU A 190 15.26 6.42 -14.77
CA LEU A 190 14.44 5.17 -14.72
C LEU A 190 13.68 5.02 -16.05
N TYR A 191 13.22 6.13 -16.60
CA TYR A 191 12.51 6.10 -17.91
C TYR A 191 13.50 5.70 -19.01
N ASP A 192 14.71 6.23 -18.92
CA ASP A 192 15.77 5.89 -19.93
C ASP A 192 16.01 4.38 -19.97
N TYR A 193 15.91 3.74 -18.82
CA TYR A 193 16.13 2.26 -18.75
C TYR A 193 14.92 1.51 -19.33
N LEU A 194 13.73 2.03 -19.14
CA LEU A 194 12.49 1.35 -19.62
C LEU A 194 12.14 1.63 -21.10
N ILE A 195 12.50 2.79 -21.62
CA ILE A 195 12.09 3.14 -23.04
C ILE A 195 12.42 2.06 -24.08
N PRO A 196 13.67 1.65 -24.18
CA PRO A 196 14.03 0.63 -25.21
C PRO A 196 13.43 -0.75 -24.85
N ILE A 197 13.17 -1.03 -23.60
CA ILE A 197 12.58 -2.36 -23.23
C ILE A 197 11.08 -2.37 -23.58
N ILE A 198 10.41 -1.25 -23.47
CA ILE A 198 8.94 -1.20 -23.79
C ILE A 198 8.74 -1.30 -25.32
N GLU A 199 9.61 -0.71 -26.10
CA GLU A 199 9.46 -0.79 -27.58
C GLU A 199 9.76 -2.21 -28.06
N GLN A 200 10.73 -2.85 -27.47
CA GLN A 200 11.04 -4.24 -27.88
C GLN A 200 9.87 -5.15 -27.53
N ARG A 201 9.31 -4.97 -26.36
CA ARG A 201 8.17 -5.83 -25.93
C ARG A 201 6.88 -5.42 -26.63
N ARG A 202 6.85 -4.28 -27.27
CA ARG A 202 5.63 -3.91 -28.05
C ARG A 202 5.75 -4.56 -29.44
N GLN A 203 6.97 -4.81 -29.88
CA GLN A 203 7.20 -5.47 -31.20
C GLN A 203 7.05 -7.00 -31.00
N LYS A 204 7.69 -7.52 -29.97
CA LYS A 204 7.56 -8.96 -29.61
C LYS A 204 6.98 -9.01 -28.19
N PRO A 205 5.67 -8.99 -28.08
CA PRO A 205 5.05 -8.99 -26.74
C PRO A 205 5.13 -10.37 -26.06
N GLY A 206 5.64 -10.45 -24.84
CA GLY A 206 5.75 -11.79 -24.16
C GLY A 206 4.77 -11.95 -22.98
N THR A 207 5.25 -12.54 -21.89
CA THR A 207 4.37 -12.79 -20.68
C THR A 207 4.74 -11.91 -19.46
N ASP A 208 5.85 -11.21 -19.49
CA ASP A 208 6.23 -10.38 -18.30
C ASP A 208 5.30 -9.16 -18.11
N ALA A 209 5.40 -8.53 -16.96
CA ALA A 209 4.53 -7.34 -16.64
C ALA A 209 4.75 -6.17 -17.60
N ILE A 210 5.96 -5.90 -18.01
CA ILE A 210 6.20 -4.75 -18.94
C ILE A 210 5.56 -5.04 -20.31
N SER A 211 5.56 -6.29 -20.72
CA SER A 211 4.91 -6.62 -22.02
C SER A 211 3.40 -6.41 -21.90
N ILE A 212 2.82 -6.85 -20.81
CA ILE A 212 1.34 -6.70 -20.60
C ILE A 212 0.95 -5.21 -20.49
N VAL A 213 1.74 -4.41 -19.82
CA VAL A 213 1.39 -2.95 -19.71
C VAL A 213 1.61 -2.25 -21.06
N ALA A 214 2.73 -2.52 -21.69
CA ALA A 214 3.04 -1.86 -23.00
C ALA A 214 2.02 -2.27 -24.08
N ASN A 215 1.48 -3.46 -24.00
CA ASN A 215 0.49 -3.91 -25.02
C ASN A 215 -0.93 -3.92 -24.43
N GLY A 216 -1.12 -3.35 -23.25
CA GLY A 216 -2.47 -3.37 -22.60
C GLY A 216 -3.42 -2.31 -23.16
N GLN A 217 -4.67 -2.39 -22.77
CA GLN A 217 -5.70 -1.42 -23.25
C GLN A 217 -6.34 -0.74 -22.04
N VAL A 218 -6.71 0.51 -22.15
CA VAL A 218 -7.39 1.18 -21.00
C VAL A 218 -8.79 1.61 -21.42
N ASN A 219 -9.77 0.90 -20.93
CA ASN A 219 -11.20 1.18 -21.26
C ASN A 219 -11.47 1.02 -22.77
N GLY A 220 -10.93 -0.02 -23.37
CA GLY A 220 -11.23 -0.31 -24.82
C GLY A 220 -10.21 0.26 -25.81
N ARG A 221 -9.28 1.10 -25.40
CA ARG A 221 -8.31 1.63 -26.41
C ARG A 221 -6.86 1.27 -25.99
N PRO A 222 -5.98 1.21 -26.95
CA PRO A 222 -4.56 0.80 -26.69
C PRO A 222 -3.72 1.91 -26.07
N ILE A 223 -3.01 1.57 -25.02
CA ILE A 223 -2.13 2.54 -24.29
C ILE A 223 -0.96 3.05 -25.17
N THR A 224 -0.53 4.26 -24.93
CA THR A 224 0.62 4.84 -25.71
C THR A 224 1.94 4.45 -25.06
N SER A 225 3.02 4.55 -25.80
CA SER A 225 4.36 4.20 -25.22
C SER A 225 4.66 5.09 -24.01
N ASP A 226 4.22 6.33 -24.06
CA ASP A 226 4.45 7.28 -22.91
C ASP A 226 3.68 6.81 -21.68
N GLU A 227 2.42 6.44 -21.85
CA GLU A 227 1.61 5.97 -20.67
C GLU A 227 2.21 4.69 -20.10
N ALA A 228 2.64 3.79 -20.95
CA ALA A 228 3.24 2.52 -20.48
C ALA A 228 4.51 2.82 -19.68
N LYS A 229 5.30 3.76 -20.16
CA LYS A 229 6.56 4.13 -19.45
C LYS A 229 6.24 4.74 -18.08
N ARG A 230 5.24 5.60 -18.03
CA ARG A 230 4.86 6.25 -16.73
C ARG A 230 4.26 5.22 -15.76
N MET A 231 3.63 4.18 -16.26
CA MET A 231 3.07 3.15 -15.34
C MET A 231 4.17 2.17 -14.92
N CYS A 232 5.00 1.76 -15.86
CA CYS A 232 6.11 0.80 -15.53
C CYS A 232 7.06 1.43 -14.50
N GLY A 233 7.30 2.72 -14.62
CA GLY A 233 8.19 3.42 -13.66
C GLY A 233 7.61 3.30 -12.25
N LEU A 234 6.31 3.47 -12.12
CA LEU A 234 5.66 3.36 -10.78
C LEU A 234 5.75 1.93 -10.26
N LEU A 235 5.59 0.94 -11.11
CA LEU A 235 5.67 -0.48 -10.65
C LEU A 235 7.10 -0.80 -10.15
N LEU A 236 8.10 -0.27 -10.81
CA LEU A 236 9.50 -0.54 -10.38
C LEU A 236 9.76 0.04 -8.98
N VAL A 237 9.30 1.24 -8.72
CA VAL A 237 9.50 1.85 -7.37
C VAL A 237 8.71 1.06 -6.32
N GLY A 238 7.49 0.70 -6.64
CA GLY A 238 6.65 -0.06 -5.69
C GLY A 238 7.24 -1.46 -5.45
N GLY A 239 7.85 -2.04 -6.44
CA GLY A 239 8.43 -3.39 -6.27
C GLY A 239 9.83 -3.34 -5.62
N LEU A 240 10.51 -2.22 -5.68
CA LEU A 240 11.89 -2.16 -5.10
C LEU A 240 11.98 -1.34 -3.80
N ASP A 241 10.96 -0.59 -3.40
CA ASP A 241 11.13 0.21 -2.15
C ASP A 241 9.87 0.28 -1.25
N THR A 242 9.14 -0.79 -1.10
CA THR A 242 7.95 -0.74 -0.18
C THR A 242 8.03 -1.93 0.79
N VAL A 243 7.80 -3.13 0.31
CA VAL A 243 7.88 -4.33 1.20
C VAL A 243 9.33 -4.49 1.70
N VAL A 244 10.29 -4.13 0.87
CA VAL A 244 11.73 -4.23 1.28
C VAL A 244 11.95 -3.51 2.61
N ASN A 245 11.40 -2.34 2.77
CA ASN A 245 11.58 -1.58 4.05
C ASN A 245 10.67 -2.12 5.16
N PHE A 246 9.43 -2.42 4.86
CA PHE A 246 8.49 -2.93 5.93
C PHE A 246 8.99 -4.26 6.53
N LEU A 247 9.55 -5.15 5.73
CA LEU A 247 10.03 -6.45 6.29
C LEU A 247 11.06 -6.20 7.42
N SER A 248 11.91 -5.20 7.25
CA SER A 248 12.94 -4.90 8.28
C SER A 248 12.30 -4.32 9.56
N PHE A 249 11.31 -3.45 9.42
CA PHE A 249 10.64 -2.89 10.66
C PHE A 249 9.99 -4.03 11.44
N SER A 250 9.36 -4.94 10.72
CA SER A 250 8.67 -6.11 11.36
C SER A 250 9.67 -7.06 12.01
N MET A 251 10.72 -7.43 11.30
CA MET A 251 11.72 -8.39 11.90
C MET A 251 12.47 -7.72 13.04
N GLU A 252 12.70 -6.42 12.98
CA GLU A 252 13.39 -5.73 14.11
C GLU A 252 12.51 -5.82 15.36
N PHE A 253 11.22 -5.67 15.19
CA PHE A 253 10.29 -5.76 16.34
C PHE A 253 10.27 -7.21 16.88
N LEU A 254 10.10 -8.18 16.01
CA LEU A 254 10.08 -9.60 16.49
C LEU A 254 11.39 -9.95 17.19
N ALA A 255 12.49 -9.47 16.67
CA ALA A 255 13.81 -9.74 17.32
C ALA A 255 13.86 -9.11 18.71
N LYS A 256 13.17 -8.01 18.91
CA LYS A 256 13.19 -7.32 20.24
C LYS A 256 12.02 -7.76 21.14
N SER A 257 11.18 -8.64 20.67
CA SER A 257 10.03 -9.10 21.49
C SER A 257 9.84 -10.60 21.33
N PRO A 258 10.41 -11.35 22.25
CA PRO A 258 10.28 -12.82 22.20
C PRO A 258 8.88 -13.30 22.62
N GLU A 259 8.04 -12.44 23.20
CA GLU A 259 6.66 -12.89 23.59
C GLU A 259 5.82 -12.91 22.31
N HIS A 260 6.08 -11.99 21.42
CA HIS A 260 5.35 -11.93 20.12
C HIS A 260 5.84 -13.08 19.23
N ARG A 261 7.11 -13.42 19.30
CA ARG A 261 7.63 -14.56 18.48
C ARG A 261 6.92 -15.84 18.93
N GLN A 262 6.77 -16.00 20.23
CA GLN A 262 6.09 -17.21 20.78
C GLN A 262 4.61 -17.25 20.34
N GLU A 263 3.95 -16.11 20.35
CA GLU A 263 2.50 -16.07 19.97
C GLU A 263 2.31 -16.59 18.53
N LEU A 264 3.18 -16.25 17.63
CA LEU A 264 3.02 -16.72 16.21
C LEU A 264 3.53 -18.15 16.05
N ILE A 265 4.51 -18.56 16.83
CA ILE A 265 5.02 -19.97 16.73
C ILE A 265 3.98 -20.93 17.30
N GLN A 266 3.33 -20.54 18.39
CA GLN A 266 2.29 -21.40 19.00
C GLN A 266 1.04 -21.43 18.11
N ARG A 267 0.69 -20.30 17.53
CA ARG A 267 -0.53 -20.25 16.66
C ARG A 267 -0.20 -19.53 15.34
N PRO A 268 0.34 -20.28 14.41
CA PRO A 268 0.72 -19.73 13.08
C PRO A 268 -0.47 -19.19 12.29
N GLU A 269 -1.68 -19.61 12.60
CA GLU A 269 -2.85 -19.08 11.84
C GLU A 269 -3.16 -17.63 12.26
N ARG A 270 -2.42 -17.07 13.20
CA ARG A 270 -2.63 -15.65 13.62
C ARG A 270 -1.68 -14.72 12.84
N ILE A 271 -0.83 -15.27 12.01
CA ILE A 271 0.17 -14.45 11.27
C ILE A 271 -0.47 -13.41 10.34
N PRO A 272 -1.53 -13.76 9.64
CA PRO A 272 -2.13 -12.74 8.77
C PRO A 272 -2.89 -11.69 9.61
N ALA A 273 -3.21 -11.98 10.87
CA ALA A 273 -3.86 -10.92 11.72
C ALA A 273 -2.72 -10.08 12.29
N ALA A 274 -1.62 -10.74 12.58
CA ALA A 274 -0.40 -10.05 13.11
C ALA A 274 0.20 -9.16 12.02
N CYS A 275 0.15 -9.61 10.78
CA CYS A 275 0.70 -8.81 9.65
C CYS A 275 -0.04 -7.47 9.54
N GLU A 276 -1.34 -7.49 9.74
CA GLU A 276 -2.14 -6.24 9.67
C GLU A 276 -1.77 -5.33 10.84
N GLU A 277 -1.60 -5.89 12.03
CA GLU A 277 -1.24 -5.04 13.20
C GLU A 277 0.17 -4.47 13.01
N LEU A 278 1.05 -5.22 12.39
CA LEU A 278 2.42 -4.69 12.14
C LEU A 278 2.34 -3.62 11.05
N LEU A 279 1.47 -3.79 10.09
CA LEU A 279 1.30 -2.76 9.02
C LEU A 279 0.81 -1.46 9.66
N ARG A 280 0.09 -1.54 10.75
CA ARG A 280 -0.42 -0.30 11.44
C ARG A 280 0.69 0.32 12.30
N ARG A 281 1.29 -0.46 13.17
CA ARG A 281 2.35 0.11 14.06
C ARG A 281 3.58 0.53 13.26
N PHE A 282 3.98 -0.24 12.28
CA PHE A 282 5.19 0.13 11.49
C PHE A 282 4.83 0.67 10.10
N SER A 283 3.75 1.42 10.01
CA SER A 283 3.39 2.02 8.68
C SER A 283 4.61 2.84 8.23
N LEU A 284 4.80 3.07 6.95
CA LEU A 284 6.03 3.81 6.53
C LEU A 284 5.86 4.67 5.28
N VAL A 285 4.66 5.04 4.89
CA VAL A 285 4.55 5.89 3.65
C VAL A 285 4.00 7.28 4.00
N ALA A 286 4.42 8.31 3.31
CA ALA A 286 3.91 9.66 3.62
C ALA A 286 4.05 10.64 2.44
N ASP A 287 3.08 10.64 1.55
CA ASP A 287 3.09 11.60 0.40
C ASP A 287 1.90 12.56 0.60
N GLY A 288 1.37 13.20 -0.42
CA GLY A 288 0.22 14.12 -0.15
C GLY A 288 -0.45 14.63 -1.42
N ARG A 289 -1.05 15.81 -1.32
CA ARG A 289 -1.79 16.40 -2.48
C ARG A 289 -1.55 17.91 -2.54
N ILE A 290 -2.10 18.55 -3.55
CA ILE A 290 -1.96 20.04 -3.65
C ILE A 290 -3.37 20.65 -3.75
N LEU A 291 -3.58 21.77 -3.11
CA LEU A 291 -4.93 22.41 -3.12
C LEU A 291 -5.28 22.89 -4.52
N THR A 292 -6.45 22.55 -5.01
CA THR A 292 -6.86 23.01 -6.37
C THR A 292 -7.42 24.44 -6.28
N SER A 293 -7.77 24.88 -5.08
CA SER A 293 -8.33 26.26 -4.91
C SER A 293 -8.32 26.66 -3.44
N ASP A 294 -8.57 27.92 -3.14
CA ASP A 294 -8.61 28.33 -1.70
C ASP A 294 -9.70 27.51 -1.00
N TYR A 295 -9.47 27.08 0.21
CA TYR A 295 -10.49 26.20 0.88
C TYR A 295 -10.27 26.14 2.40
N GLU A 296 -11.30 26.39 3.17
CA GLU A 296 -11.17 26.29 4.65
C GLU A 296 -11.37 24.84 5.07
N PHE A 297 -10.37 24.28 5.68
CA PHE A 297 -10.43 22.86 6.12
C PHE A 297 -10.15 22.76 7.62
N HIS A 298 -11.17 22.46 8.40
CA HIS A 298 -11.03 22.33 9.89
C HIS A 298 -10.58 23.65 10.54
N GLY A 299 -11.14 24.76 10.11
CA GLY A 299 -10.80 26.08 10.72
C GLY A 299 -9.53 26.69 10.12
N VAL A 300 -8.85 26.03 9.21
CA VAL A 300 -7.60 26.65 8.63
C VAL A 300 -7.80 27.02 7.16
N GLN A 301 -7.35 28.19 6.78
CA GLN A 301 -7.51 28.63 5.36
C GLN A 301 -6.36 28.11 4.50
N LEU A 302 -6.67 27.27 3.54
CA LEU A 302 -5.61 26.76 2.61
C LEU A 302 -5.67 27.60 1.33
N LYS A 303 -4.55 27.77 0.69
CA LYS A 303 -4.51 28.61 -0.54
C LYS A 303 -4.23 27.74 -1.77
N LYS A 304 -4.84 28.07 -2.88
CA LYS A 304 -4.62 27.29 -4.15
C LYS A 304 -3.13 27.14 -4.43
N GLY A 305 -2.69 25.92 -4.62
CA GLY A 305 -1.24 25.69 -4.91
C GLY A 305 -0.54 25.19 -3.65
N ASP A 306 -1.14 25.33 -2.50
CA ASP A 306 -0.49 24.86 -1.23
C ASP A 306 -0.32 23.34 -1.22
N GLN A 307 0.81 22.88 -0.75
CA GLN A 307 1.05 21.40 -0.67
C GLN A 307 0.72 20.91 0.74
N ILE A 308 0.00 19.83 0.86
CA ILE A 308 -0.30 19.31 2.22
C ILE A 308 0.11 17.85 2.31
N LEU A 309 1.02 17.56 3.20
CA LEU A 309 1.49 16.18 3.39
C LEU A 309 0.48 15.40 4.22
N LEU A 310 -0.16 14.43 3.62
CA LEU A 310 -1.13 13.56 4.36
C LEU A 310 -0.39 12.23 4.55
N PRO A 311 0.32 12.11 5.65
CA PRO A 311 1.15 10.92 5.88
C PRO A 311 0.33 9.73 6.32
N GLN A 312 0.24 8.76 5.45
CA GLN A 312 -0.54 7.51 5.72
C GLN A 312 -0.11 6.81 7.01
N MET A 313 1.12 7.01 7.43
CA MET A 313 1.64 6.34 8.67
C MET A 313 1.00 6.92 9.94
N LEU A 314 0.50 8.13 9.87
CA LEU A 314 -0.06 8.79 11.09
C LEU A 314 -1.49 8.33 11.43
N SER A 315 -2.29 7.98 10.46
CA SER A 315 -3.69 7.58 10.79
C SER A 315 -3.73 6.38 11.76
N GLY A 316 -3.00 5.34 11.49
CA GLY A 316 -3.00 4.14 12.39
C GLY A 316 -2.34 4.45 13.74
N LEU A 317 -1.40 5.37 13.77
CA LEU A 317 -0.72 5.71 15.06
C LEU A 317 -1.56 6.70 15.90
N ASP A 318 -2.62 7.23 15.34
CA ASP A 318 -3.47 8.20 16.10
C ASP A 318 -4.19 7.50 17.26
N GLU A 319 -4.04 8.02 18.46
CA GLU A 319 -4.73 7.41 19.64
C GLU A 319 -6.25 7.51 19.49
N ARG A 320 -6.72 8.52 18.79
CA ARG A 320 -8.20 8.67 18.60
C ARG A 320 -8.72 7.55 17.69
N GLU A 321 -7.83 6.91 16.96
CA GLU A 321 -8.24 5.79 16.06
C GLU A 321 -7.94 4.43 16.72
N ASN A 322 -6.87 4.34 17.47
CA ASN A 322 -6.50 3.07 18.17
C ASN A 322 -5.94 3.37 19.57
N ALA A 323 -6.52 2.81 20.60
CA ALA A 323 -6.01 3.07 21.98
C ALA A 323 -4.62 2.44 22.12
N CYS A 324 -3.73 3.06 22.87
CA CYS A 324 -2.33 2.51 23.03
C CYS A 324 -1.78 2.12 21.65
N PRO A 325 -1.70 3.11 20.79
CA PRO A 325 -1.25 2.92 19.38
C PRO A 325 0.19 2.42 19.25
N MET A 326 1.08 2.78 20.13
CA MET A 326 2.50 2.31 20.00
C MET A 326 2.66 0.86 20.50
N HIS A 327 1.67 0.31 21.15
CA HIS A 327 1.80 -1.10 21.63
C HIS A 327 1.32 -2.07 20.54
N VAL A 328 2.06 -3.12 20.29
CA VAL A 328 1.63 -4.10 19.24
C VAL A 328 0.78 -5.21 19.85
N ASP A 329 -0.46 -5.28 19.44
CA ASP A 329 -1.38 -6.33 19.96
C ASP A 329 -1.96 -7.12 18.78
N PHE A 330 -1.48 -8.32 18.55
CA PHE A 330 -1.99 -9.14 17.40
C PHE A 330 -3.50 -9.40 17.54
N SER A 331 -4.02 -9.29 18.74
CA SER A 331 -5.48 -9.53 18.95
C SER A 331 -6.28 -8.21 18.94
N ARG A 332 -5.67 -7.10 18.58
CA ARG A 332 -6.43 -5.80 18.56
C ARG A 332 -7.74 -5.97 17.79
N GLN A 333 -8.85 -5.75 18.44
CA GLN A 333 -10.16 -5.94 17.77
C GLN A 333 -10.31 -5.06 16.53
N LYS A 334 -10.11 -3.76 16.64
CA LYS A 334 -10.26 -2.89 15.42
C LYS A 334 -8.92 -2.32 14.98
N VAL A 335 -8.25 -2.97 14.07
CA VAL A 335 -6.95 -2.45 13.58
C VAL A 335 -7.22 -1.46 12.43
N SER A 336 -7.34 -0.20 12.76
CA SER A 336 -7.63 0.83 11.72
C SER A 336 -6.33 1.50 11.24
N HIS A 337 -6.18 1.63 9.94
CA HIS A 337 -4.95 2.31 9.38
C HIS A 337 -5.12 2.61 7.89
N THR A 338 -4.27 3.47 7.38
CA THR A 338 -4.29 3.84 5.94
C THR A 338 -2.91 3.52 5.32
N THR A 339 -2.20 2.59 5.89
CA THR A 339 -0.85 2.20 5.40
C THR A 339 -0.84 2.00 3.87
N PHE A 340 -1.84 1.33 3.33
CA PHE A 340 -1.88 1.11 1.84
C PHE A 340 -2.57 2.28 1.11
N GLY A 341 -2.76 3.41 1.76
CA GLY A 341 -3.40 4.59 1.12
C GLY A 341 -4.87 4.68 1.53
N HIS A 342 -5.58 5.59 0.90
CA HIS A 342 -7.03 5.77 1.21
C HIS A 342 -7.70 6.55 0.07
N GLY A 343 -8.92 6.23 -0.25
CA GLY A 343 -9.61 6.95 -1.36
C GLY A 343 -9.54 6.12 -2.65
N SER A 344 -9.46 6.79 -3.79
CA SER A 344 -9.40 6.06 -5.09
C SER A 344 -7.98 5.59 -5.43
N HIS A 345 -6.97 6.02 -4.71
CA HIS A 345 -5.57 5.57 -5.04
C HIS A 345 -5.12 4.42 -4.12
N LEU A 346 -6.05 3.65 -3.60
CA LEU A 346 -5.65 2.53 -2.69
C LEU A 346 -4.59 1.65 -3.37
N CYS A 347 -3.61 1.22 -2.62
CA CYS A 347 -2.49 0.39 -3.19
C CYS A 347 -3.01 -0.80 -3.99
N LEU A 348 -2.54 -0.92 -5.21
CA LEU A 348 -2.96 -2.06 -6.09
C LEU A 348 -2.07 -3.29 -5.80
N GLY A 349 -0.91 -3.08 -5.20
CA GLY A 349 -0.01 -4.22 -4.90
C GLY A 349 -0.07 -4.60 -3.42
N GLN A 350 -1.15 -4.29 -2.73
CA GLN A 350 -1.23 -4.67 -1.28
C GLN A 350 -1.44 -6.18 -1.13
N HIS A 351 -1.97 -6.85 -2.13
CA HIS A 351 -2.15 -8.33 -2.03
C HIS A 351 -0.79 -9.02 -2.19
N LEU A 352 0.03 -8.51 -3.10
CA LEU A 352 1.39 -9.10 -3.28
C LEU A 352 2.23 -8.77 -2.04
N ALA A 353 1.98 -7.61 -1.45
CA ALA A 353 2.74 -7.20 -0.23
C ALA A 353 2.33 -8.08 0.94
N ARG A 354 1.05 -8.24 1.19
CA ARG A 354 0.58 -9.10 2.33
C ARG A 354 1.11 -10.52 2.16
N ARG A 355 1.09 -11.04 0.96
CA ARG A 355 1.58 -12.42 0.71
C ARG A 355 3.07 -12.51 1.03
N GLU A 356 3.85 -11.55 0.58
CA GLU A 356 5.32 -11.59 0.86
C GLU A 356 5.60 -11.43 2.36
N ILE A 357 4.81 -10.63 3.05
CA ILE A 357 5.00 -10.46 4.51
C ILE A 357 4.60 -11.73 5.27
N ILE A 358 3.42 -12.24 4.98
CA ILE A 358 2.93 -13.47 5.67
C ILE A 358 3.82 -14.68 5.34
N VAL A 359 4.26 -14.83 4.11
CA VAL A 359 5.16 -15.99 3.79
C VAL A 359 6.50 -15.83 4.51
N THR A 360 6.98 -14.61 4.65
CA THR A 360 8.28 -14.39 5.35
C THR A 360 8.14 -14.71 6.84
N LEU A 361 7.11 -14.22 7.48
CA LEU A 361 6.92 -14.50 8.95
C LEU A 361 6.72 -15.99 9.21
N LYS A 362 5.91 -16.64 8.41
CA LYS A 362 5.66 -18.09 8.63
C LYS A 362 6.91 -18.94 8.34
N GLU A 363 7.56 -18.71 7.22
CA GLU A 363 8.76 -19.55 6.88
C GLU A 363 9.98 -19.18 7.73
N TRP A 364 10.08 -17.95 8.21
CA TRP A 364 11.26 -17.61 9.05
C TRP A 364 11.09 -18.22 10.45
N LEU A 365 9.93 -18.05 11.04
CA LEU A 365 9.70 -18.62 12.41
C LEU A 365 9.72 -20.16 12.38
N THR A 366 9.42 -20.75 11.24
CA THR A 366 9.45 -22.25 11.15
C THR A 366 10.91 -22.74 11.17
N ARG A 367 11.82 -22.02 10.55
CA ARG A 367 13.24 -22.46 10.53
C ARG A 367 14.02 -21.79 11.66
N ILE A 368 13.82 -20.50 11.84
CA ILE A 368 14.54 -19.76 12.91
C ILE A 368 13.52 -19.13 13.88
N PRO A 369 13.02 -19.94 14.78
CA PRO A 369 12.02 -19.48 15.77
C PRO A 369 12.61 -18.49 16.79
N ASP A 370 13.88 -18.59 17.11
CA ASP A 370 14.47 -17.65 18.11
C ASP A 370 15.63 -16.85 17.51
N PHE A 371 15.54 -15.55 17.57
CA PHE A 371 16.64 -14.68 17.07
C PHE A 371 16.58 -13.32 17.78
N SER A 372 17.70 -12.63 17.85
CA SER A 372 17.73 -11.32 18.56
C SER A 372 18.61 -10.31 17.81
N ILE A 373 18.58 -9.07 18.23
CA ILE A 373 19.46 -8.04 17.57
C ILE A 373 20.90 -8.34 17.98
N ALA A 374 21.85 -8.21 17.06
CA ALA A 374 23.27 -8.50 17.45
C ALA A 374 23.59 -7.68 18.71
N PRO A 375 24.32 -8.29 19.62
CA PRO A 375 24.65 -7.63 20.91
C PRO A 375 25.44 -6.32 20.73
N GLY A 376 24.94 -5.24 21.29
CA GLY A 376 25.67 -3.93 21.19
C GLY A 376 25.16 -3.11 19.99
N ALA A 377 24.39 -3.69 19.10
CA ALA A 377 23.92 -2.92 17.90
C ALA A 377 22.73 -2.01 18.19
N GLN A 378 22.79 -0.79 17.71
CA GLN A 378 21.67 0.18 17.88
C GLN A 378 21.05 0.42 16.49
N ILE A 379 19.87 -0.12 16.27
CA ILE A 379 19.22 0.03 14.91
C ILE A 379 18.90 1.49 14.58
N GLN A 380 19.28 1.91 13.41
CA GLN A 380 19.02 3.31 12.96
C GLN A 380 18.02 3.30 11.79
N HIS A 381 17.05 4.17 11.83
CA HIS A 381 16.05 4.24 10.72
C HIS A 381 16.30 5.48 9.85
N LYS A 382 15.65 5.55 8.70
CA LYS A 382 15.79 6.73 7.80
C LYS A 382 14.39 7.19 7.35
N SER A 383 14.20 8.48 7.17
CA SER A 383 12.85 8.97 6.79
C SER A 383 12.80 9.55 5.37
N GLY A 384 11.61 9.69 4.85
CA GLY A 384 11.41 10.23 3.47
C GLY A 384 10.00 9.84 3.00
N ILE A 385 9.74 9.83 1.70
CA ILE A 385 8.37 9.41 1.22
C ILE A 385 8.07 8.02 1.78
N VAL A 386 9.09 7.16 1.80
CA VAL A 386 8.93 5.81 2.39
C VAL A 386 10.05 5.63 3.42
N SER A 387 9.72 5.39 4.67
CA SER A 387 10.79 5.22 5.69
C SER A 387 11.39 3.83 5.60
N GLY A 388 12.55 3.61 6.21
CA GLY A 388 13.17 2.26 6.13
C GLY A 388 14.20 2.06 7.26
N VAL A 389 14.91 0.96 7.22
CA VAL A 389 15.94 0.68 8.28
C VAL A 389 17.33 0.63 7.62
N GLN A 390 18.29 1.34 8.16
CA GLN A 390 19.66 1.35 7.54
C GLN A 390 20.31 -0.02 7.61
N ALA A 391 20.20 -0.68 8.73
CA ALA A 391 20.81 -2.05 8.84
C ALA A 391 20.16 -2.83 9.99
N LEU A 392 20.08 -4.13 9.87
CA LEU A 392 19.45 -4.95 10.94
C LEU A 392 20.22 -6.28 11.16
N PRO A 393 21.28 -6.20 11.92
CA PRO A 393 22.10 -7.41 12.22
C PRO A 393 21.38 -8.31 13.23
N LEU A 394 21.10 -9.54 12.84
CA LEU A 394 20.41 -10.51 13.76
C LEU A 394 21.35 -11.67 14.12
N VAL A 395 21.13 -12.29 15.26
CA VAL A 395 21.95 -13.47 15.66
C VAL A 395 21.05 -14.52 16.29
N TRP A 396 21.42 -15.76 16.14
CA TRP A 396 20.63 -16.85 16.76
C TRP A 396 21.49 -18.12 16.86
N ASP A 397 21.16 -18.99 17.77
CA ASP A 397 21.93 -20.24 17.92
C ASP A 397 21.40 -21.22 16.87
N PRO A 398 22.25 -21.67 16.00
CA PRO A 398 21.82 -22.61 14.95
C PRO A 398 21.50 -23.99 15.54
N ALA A 399 21.58 -24.14 16.85
CA ALA A 399 21.21 -25.43 17.49
C ALA A 399 19.71 -25.39 17.78
N THR A 400 19.14 -24.20 17.79
CA THR A 400 17.68 -24.03 18.05
C THR A 400 16.90 -23.95 16.72
N THR A 401 17.57 -23.99 15.58
CA THR A 401 16.83 -23.89 14.27
C THR A 401 16.52 -25.29 13.73
N LYS A 402 15.75 -25.39 12.68
CA LYS A 402 15.44 -26.75 12.11
C LYS A 402 15.20 -26.67 10.60
N ALA A 403 15.84 -27.53 9.86
CA ALA A 403 15.64 -27.54 8.38
C ALA A 403 14.35 -28.26 8.04
N VAL A 404 13.56 -27.72 7.14
CA VAL A 404 12.27 -28.39 6.76
C VAL A 404 12.56 -29.57 5.83
N SER B 1 -22.63 -18.44 7.99
CA SER B 1 -23.94 -18.44 7.27
C SER B 1 -23.70 -18.75 5.78
N LYS B 2 -24.67 -19.30 5.11
CA LYS B 2 -24.49 -19.67 3.67
C LYS B 2 -24.60 -18.46 2.73
N VAL B 3 -23.71 -18.42 1.76
CA VAL B 3 -23.73 -17.33 0.72
C VAL B 3 -23.49 -17.98 -0.64
N VAL B 4 -24.38 -17.82 -1.58
CA VAL B 4 -24.20 -18.46 -2.92
C VAL B 4 -23.80 -17.44 -4.00
N TYR B 5 -22.75 -17.74 -4.73
CA TYR B 5 -22.28 -16.83 -5.82
C TYR B 5 -22.57 -17.46 -7.18
N VAL B 6 -23.49 -16.93 -7.94
CA VAL B 6 -23.74 -17.52 -9.29
C VAL B 6 -22.94 -16.73 -10.32
N SER B 7 -22.15 -17.41 -11.12
CA SER B 7 -21.28 -16.72 -12.11
C SER B 7 -22.01 -16.42 -13.43
N HIS B 8 -21.35 -15.72 -14.32
CA HIS B 8 -21.95 -15.36 -15.64
C HIS B 8 -22.29 -16.62 -16.44
N ASP B 9 -21.38 -17.56 -16.50
CA ASP B 9 -21.63 -18.83 -17.25
C ASP B 9 -22.75 -19.65 -16.59
N GLY B 10 -23.17 -19.30 -15.39
CA GLY B 10 -24.26 -20.06 -14.72
C GLY B 10 -23.70 -21.04 -13.67
N THR B 11 -22.45 -20.89 -13.26
CA THR B 11 -21.89 -21.82 -12.24
C THR B 11 -22.30 -21.37 -10.84
N ARG B 12 -22.49 -22.29 -9.94
CA ARG B 12 -22.94 -21.92 -8.56
C ARG B 12 -21.91 -22.34 -7.49
N ARG B 13 -21.53 -21.42 -6.64
CA ARG B 13 -20.55 -21.73 -5.55
C ARG B 13 -21.13 -21.35 -4.18
N GLU B 14 -21.13 -22.26 -3.24
CA GLU B 14 -21.71 -21.95 -1.89
C GLU B 14 -20.62 -21.89 -0.81
N LEU B 15 -20.63 -20.84 -0.01
CA LEU B 15 -19.62 -20.69 1.08
C LEU B 15 -20.30 -20.54 2.44
N ASP B 16 -19.56 -20.81 3.50
CA ASP B 16 -20.10 -20.61 4.88
C ASP B 16 -19.35 -19.43 5.47
N VAL B 17 -19.88 -18.24 5.31
CA VAL B 17 -19.18 -17.01 5.78
C VAL B 17 -19.56 -16.65 7.22
N ALA B 18 -18.58 -16.35 8.03
CA ALA B 18 -18.84 -15.95 9.45
C ALA B 18 -19.34 -14.50 9.52
N ASP B 19 -19.80 -14.08 10.68
CA ASP B 19 -20.32 -12.69 10.83
C ASP B 19 -19.19 -11.66 10.69
N GLY B 20 -19.51 -10.47 10.23
CA GLY B 20 -18.47 -9.41 10.10
C GLY B 20 -17.71 -9.50 8.77
N VAL B 21 -17.83 -10.60 8.05
CA VAL B 21 -17.08 -10.71 6.76
C VAL B 21 -17.90 -10.17 5.60
N SER B 22 -17.29 -9.37 4.76
CA SER B 22 -18.03 -8.81 3.58
C SER B 22 -18.07 -9.87 2.47
N LEU B 23 -19.07 -9.84 1.63
CA LEU B 23 -19.16 -10.85 0.52
C LEU B 23 -17.94 -10.74 -0.41
N MET B 24 -17.32 -9.59 -0.46
CA MET B 24 -16.11 -9.42 -1.34
C MET B 24 -14.94 -10.22 -0.76
N GLN B 25 -14.68 -10.05 0.53
CA GLN B 25 -13.55 -10.80 1.17
C GLN B 25 -13.78 -12.31 1.04
N ALA B 26 -15.00 -12.75 1.23
CA ALA B 26 -15.30 -14.20 1.12
C ALA B 26 -15.08 -14.67 -0.33
N ALA B 27 -15.49 -13.89 -1.29
CA ALA B 27 -15.32 -14.29 -2.72
C ALA B 27 -13.84 -14.30 -3.12
N VAL B 28 -13.12 -13.25 -2.82
CA VAL B 28 -11.66 -13.18 -3.19
C VAL B 28 -10.86 -14.24 -2.40
N SER B 29 -11.19 -14.45 -1.14
CA SER B 29 -10.45 -15.46 -0.32
C SER B 29 -10.76 -16.89 -0.77
N ASN B 30 -11.79 -17.10 -1.57
CA ASN B 30 -12.11 -18.48 -2.03
C ASN B 30 -12.00 -18.58 -3.56
N GLY B 31 -11.23 -17.72 -4.16
CA GLY B 31 -11.03 -17.77 -5.64
C GLY B 31 -12.37 -17.74 -6.40
N ILE B 32 -13.35 -16.98 -5.94
CA ILE B 32 -14.63 -16.94 -6.68
C ILE B 32 -14.44 -16.14 -7.98
N TYR B 33 -15.16 -16.53 -8.99
CA TYR B 33 -14.98 -15.92 -10.36
C TYR B 33 -15.27 -14.42 -10.51
N ASP B 34 -14.45 -13.80 -11.34
CA ASP B 34 -14.56 -12.34 -11.75
C ASP B 34 -14.45 -11.29 -10.62
N ILE B 35 -14.93 -11.52 -9.42
CA ILE B 35 -14.82 -10.45 -8.37
C ILE B 35 -13.34 -10.10 -8.11
N VAL B 36 -12.98 -8.85 -8.27
CA VAL B 36 -11.57 -8.42 -8.05
C VAL B 36 -11.39 -7.77 -6.66
N GLY B 37 -12.20 -6.80 -6.32
CA GLY B 37 -12.02 -6.12 -4.99
C GLY B 37 -10.65 -5.44 -5.01
N ASP B 38 -10.43 -4.58 -5.98
CA ASP B 38 -9.12 -3.89 -6.13
C ASP B 38 -8.88 -2.84 -5.03
N CYS B 39 -9.84 -1.97 -4.80
CA CYS B 39 -9.64 -0.90 -3.77
C CYS B 39 -9.55 -1.48 -2.33
N GLY B 40 -9.84 -2.75 -2.14
CA GLY B 40 -9.72 -3.36 -0.78
C GLY B 40 -11.06 -3.38 -0.03
N GLY B 41 -12.10 -2.81 -0.58
CA GLY B 41 -13.42 -2.82 0.12
C GLY B 41 -13.73 -1.45 0.73
N SER B 42 -13.09 -0.40 0.28
CA SER B 42 -13.38 0.96 0.84
C SER B 42 -14.35 1.75 -0.07
N ALA B 43 -15.07 1.06 -0.92
CA ALA B 43 -16.06 1.72 -1.83
C ALA B 43 -15.41 2.83 -2.69
N SER B 44 -14.22 2.58 -3.18
CA SER B 44 -13.53 3.59 -4.05
C SER B 44 -13.33 3.00 -5.46
N CYS B 45 -13.97 1.87 -5.75
CA CYS B 45 -13.83 1.22 -7.09
C CYS B 45 -15.14 0.47 -7.41
N ALA B 46 -15.22 -0.18 -8.54
CA ALA B 46 -16.47 -0.93 -8.88
C ALA B 46 -16.16 -2.33 -9.43
N THR B 47 -15.11 -2.97 -8.96
CA THR B 47 -14.79 -4.33 -9.48
C THR B 47 -15.33 -5.44 -8.54
N CYS B 48 -16.19 -5.08 -7.62
CA CYS B 48 -16.81 -6.08 -6.71
C CYS B 48 -18.34 -6.03 -6.91
N HIS B 49 -18.74 -5.71 -8.12
CA HIS B 49 -20.18 -5.57 -8.46
C HIS B 49 -20.92 -6.92 -8.53
N VAL B 50 -22.06 -7.00 -7.89
CA VAL B 50 -22.88 -8.26 -7.92
C VAL B 50 -24.37 -7.91 -7.91
N TYR B 51 -25.22 -8.82 -8.33
CA TYR B 51 -26.69 -8.54 -8.29
C TYR B 51 -27.31 -9.32 -7.13
N VAL B 52 -27.61 -8.66 -6.04
CA VAL B 52 -28.22 -9.39 -4.87
C VAL B 52 -29.57 -9.98 -5.29
N ASN B 53 -29.84 -11.21 -4.94
CA ASN B 53 -31.14 -11.84 -5.31
C ASN B 53 -32.29 -11.00 -4.76
N GLU B 54 -33.24 -10.72 -5.61
CA GLU B 54 -34.43 -9.87 -5.24
C GLU B 54 -35.04 -10.23 -3.87
N ALA B 55 -34.97 -11.48 -3.46
CA ALA B 55 -35.57 -11.89 -2.15
C ALA B 55 -34.72 -11.46 -0.94
N PHE B 56 -33.52 -10.94 -1.13
CA PHE B 56 -32.69 -10.53 0.06
C PHE B 56 -32.36 -9.03 0.04
N THR B 57 -32.70 -8.34 -1.02
CA THR B 57 -32.36 -6.87 -1.10
C THR B 57 -32.89 -6.05 0.10
N ASP B 58 -34.06 -6.36 0.60
CA ASP B 58 -34.59 -5.57 1.75
C ASP B 58 -33.99 -6.05 3.10
N LYS B 59 -33.24 -7.13 3.08
CA LYS B 59 -32.59 -7.62 4.35
C LYS B 59 -31.21 -6.98 4.51
N VAL B 60 -30.72 -6.32 3.48
CA VAL B 60 -29.39 -5.67 3.55
C VAL B 60 -29.58 -4.15 3.71
N PRO B 61 -28.75 -3.52 4.52
CA PRO B 61 -28.86 -2.06 4.71
C PRO B 61 -28.33 -1.33 3.45
N ALA B 62 -29.20 -0.58 2.81
CA ALA B 62 -28.86 0.15 1.53
C ALA B 62 -27.43 0.73 1.40
N ALA B 63 -27.05 0.99 0.17
CA ALA B 63 -25.71 1.59 -0.16
C ALA B 63 -25.59 3.02 0.38
N ASN B 64 -24.42 3.41 0.79
CA ASN B 64 -24.22 4.80 1.31
C ASN B 64 -23.84 5.75 0.16
N GLU B 65 -23.46 6.96 0.48
CA GLU B 65 -23.09 7.96 -0.59
C GLU B 65 -21.93 7.46 -1.47
N ARG B 66 -20.92 6.87 -0.87
CA ARG B 66 -19.76 6.39 -1.68
C ARG B 66 -20.14 5.22 -2.61
N GLU B 67 -20.92 4.28 -2.14
CA GLU B 67 -21.29 3.13 -3.03
C GLU B 67 -22.19 3.61 -4.17
N ILE B 68 -23.17 4.44 -3.88
CA ILE B 68 -24.07 4.95 -4.98
C ILE B 68 -23.21 5.61 -6.07
N GLY B 69 -22.22 6.37 -5.68
CA GLY B 69 -21.34 7.05 -6.68
C GLY B 69 -20.56 6.00 -7.50
N MET B 70 -19.96 5.04 -6.83
CA MET B 70 -19.17 4.00 -7.57
C MET B 70 -20.08 3.13 -8.44
N LEU B 71 -21.30 2.87 -8.01
CA LEU B 71 -22.23 2.03 -8.83
C LEU B 71 -22.55 2.73 -10.16
N GLU B 72 -22.41 4.04 -10.21
CA GLU B 72 -22.69 4.77 -11.48
C GLU B 72 -21.61 4.48 -12.54
N SER B 73 -20.54 3.80 -12.17
CA SER B 73 -19.47 3.51 -13.17
C SER B 73 -19.24 2.00 -13.38
N VAL B 74 -20.12 1.14 -12.90
CA VAL B 74 -19.91 -0.33 -13.11
C VAL B 74 -19.89 -0.64 -14.62
N THR B 75 -19.01 -1.52 -15.04
CA THR B 75 -18.94 -1.87 -16.49
C THR B 75 -20.12 -2.75 -16.89
N ALA B 76 -20.51 -3.67 -16.04
CA ALA B 76 -21.67 -4.56 -16.37
C ALA B 76 -22.98 -3.76 -16.28
N GLU B 77 -24.07 -4.33 -16.76
CA GLU B 77 -25.39 -3.60 -16.71
C GLU B 77 -25.75 -3.24 -15.27
N LEU B 78 -26.27 -2.05 -15.06
CA LEU B 78 -26.67 -1.62 -13.70
C LEU B 78 -28.12 -2.00 -13.43
N LYS B 79 -28.35 -2.87 -12.49
CA LYS B 79 -29.74 -3.28 -12.16
C LYS B 79 -30.16 -2.57 -10.87
N PRO B 80 -31.44 -2.63 -10.55
CA PRO B 80 -31.92 -2.00 -9.31
C PRO B 80 -31.55 -2.87 -8.08
N ASN B 81 -30.91 -4.00 -8.30
CA ASN B 81 -30.46 -4.85 -7.15
C ASN B 81 -28.93 -5.00 -7.21
N SER B 82 -28.28 -4.06 -7.87
CA SER B 82 -26.79 -4.10 -8.01
C SER B 82 -26.13 -3.54 -6.74
N ARG B 83 -25.09 -4.18 -6.28
CA ARG B 83 -24.40 -3.70 -5.04
C ARG B 83 -22.91 -4.03 -5.06
N LEU B 84 -22.09 -3.18 -4.49
CA LEU B 84 -20.64 -3.52 -4.39
C LEU B 84 -20.55 -4.45 -3.17
N CYS B 85 -20.49 -5.74 -3.42
CA CYS B 85 -20.49 -6.76 -2.31
C CYS B 85 -19.50 -6.47 -1.18
N CYS B 86 -18.50 -5.62 -1.38
CA CYS B 86 -17.58 -5.31 -0.26
C CYS B 86 -18.30 -4.47 0.80
N GLN B 87 -19.46 -3.93 0.46
CA GLN B 87 -20.25 -3.12 1.43
C GLN B 87 -21.27 -4.01 2.17
N ILE B 88 -21.49 -5.23 1.71
CA ILE B 88 -22.47 -6.13 2.38
C ILE B 88 -21.78 -6.99 3.45
N ILE B 89 -21.95 -6.66 4.70
CA ILE B 89 -21.32 -7.47 5.78
C ILE B 89 -22.25 -8.64 6.11
N MET B 90 -21.70 -9.83 6.18
CA MET B 90 -22.55 -11.04 6.42
C MET B 90 -23.02 -11.17 7.87
N THR B 91 -24.26 -11.52 8.02
CA THR B 91 -24.87 -11.76 9.37
C THR B 91 -25.73 -13.01 9.24
N PRO B 92 -26.16 -13.59 10.35
CA PRO B 92 -26.98 -14.81 10.26
C PRO B 92 -28.42 -14.47 9.81
N GLU B 93 -28.71 -13.21 9.55
CA GLU B 93 -30.07 -12.86 9.05
C GLU B 93 -30.04 -12.99 7.52
N LEU B 94 -28.84 -12.91 6.95
CA LEU B 94 -28.68 -13.02 5.48
C LEU B 94 -28.36 -14.46 5.09
N ASP B 95 -28.53 -15.41 5.99
CA ASP B 95 -28.19 -16.83 5.66
C ASP B 95 -28.92 -17.30 4.40
N GLY B 96 -28.19 -17.82 3.44
CA GLY B 96 -28.82 -18.32 2.19
C GLY B 96 -28.90 -17.21 1.12
N ILE B 97 -28.32 -16.05 1.34
CA ILE B 97 -28.40 -14.97 0.30
C ILE B 97 -27.71 -15.42 -0.99
N VAL B 98 -28.26 -15.05 -2.12
CA VAL B 98 -27.65 -15.44 -3.42
C VAL B 98 -27.33 -14.18 -4.24
N VAL B 99 -26.15 -14.11 -4.80
CA VAL B 99 -25.79 -12.91 -5.62
C VAL B 99 -25.20 -13.37 -6.96
N ASP B 100 -25.61 -12.75 -8.03
CA ASP B 100 -25.08 -13.13 -9.37
C ASP B 100 -23.88 -12.23 -9.68
N VAL B 101 -22.81 -12.81 -10.14
CA VAL B 101 -21.59 -11.99 -10.46
C VAL B 101 -21.46 -11.77 -11.97
N PRO B 102 -21.33 -10.52 -12.35
CA PRO B 102 -21.20 -10.16 -13.78
C PRO B 102 -19.74 -10.38 -14.19
N ASP B 103 -19.51 -11.07 -15.28
CA ASP B 103 -18.11 -11.36 -15.74
C ASP B 103 -17.27 -10.10 -16.07
N ARG B 104 -17.78 -8.90 -15.88
CA ARG B 104 -16.95 -7.69 -16.21
C ARG B 104 -16.86 -6.77 -15.00
N GLN B 105 -15.68 -6.60 -14.46
CA GLN B 105 -15.52 -5.71 -13.27
C GLN B 105 -14.69 -4.48 -13.64
N TRP B 106 -13.57 -4.70 -14.27
CA TRP B 106 -12.70 -3.55 -14.68
C TRP B 106 -13.41 -2.68 -15.73
N LEU A 1 14.84 26.96 6.50
CA LEU A 1 13.39 27.30 6.64
C LEU A 1 12.96 28.27 5.53
N ALA A 2 11.85 28.01 4.90
CA ALA A 2 11.36 28.95 3.84
C ALA A 2 10.55 30.03 4.58
N PRO A 3 10.48 31.21 4.01
CA PRO A 3 9.79 32.33 4.69
C PRO A 3 8.28 32.09 4.81
N LEU A 4 7.77 32.12 6.02
CA LEU A 4 6.30 31.89 6.24
C LEU A 4 5.45 32.74 5.28
N PRO A 5 4.54 32.10 4.55
CA PRO A 5 3.65 32.83 3.62
C PRO A 5 2.58 33.54 4.45
N PRO A 6 2.19 34.69 3.97
CA PRO A 6 1.25 35.59 4.70
C PRO A 6 -0.16 35.05 4.96
N HIS A 7 -0.61 33.99 4.33
CA HIS A 7 -2.00 33.49 4.68
C HIS A 7 -1.89 32.44 5.78
N VAL A 8 -0.67 32.05 6.13
CA VAL A 8 -0.46 31.07 7.23
C VAL A 8 -0.18 31.83 8.54
N PRO A 9 -1.04 31.60 9.50
CA PRO A 9 -0.88 32.25 10.83
C PRO A 9 0.32 31.66 11.60
N GLU A 10 0.99 32.49 12.36
CA GLU A 10 2.19 32.03 13.15
C GLU A 10 1.88 30.90 14.13
N HIS A 11 0.68 30.84 14.67
CA HIS A 11 0.37 29.79 15.68
C HIS A 11 0.20 28.37 15.06
N LEU A 12 0.21 28.24 13.75
CA LEU A 12 0.10 26.86 13.15
C LEU A 12 1.47 26.36 12.67
N VAL A 13 2.54 27.05 13.00
CA VAL A 13 3.88 26.60 12.53
C VAL A 13 4.54 25.54 13.43
N PHE A 14 4.96 24.48 12.82
CA PHE A 14 5.69 23.38 13.52
C PHE A 14 6.72 22.86 12.51
N ASP A 15 7.95 23.27 12.65
CA ASP A 15 9.00 22.89 11.66
C ASP A 15 9.40 21.41 11.72
N PHE A 16 8.55 20.54 11.23
CA PHE A 16 8.88 19.09 11.18
C PHE A 16 9.50 18.75 9.82
N ASP A 17 10.66 18.13 9.82
CA ASP A 17 11.32 17.75 8.53
C ASP A 17 11.04 16.27 8.25
N MET A 18 10.31 15.98 7.19
CA MET A 18 9.97 14.55 6.87
C MET A 18 11.17 13.77 6.33
N TYR A 19 12.23 14.42 5.91
CA TYR A 19 13.42 13.66 5.42
C TYR A 19 14.46 13.48 6.53
N ASN A 20 14.30 14.19 7.63
CA ASN A 20 15.25 14.05 8.78
C ASN A 20 14.59 14.64 10.04
N PRO A 21 13.62 13.93 10.57
CA PRO A 21 12.90 14.38 11.79
C PRO A 21 13.84 14.44 13.01
N SER A 22 13.56 15.35 13.91
CA SER A 22 14.43 15.55 15.13
C SER A 22 14.50 14.32 16.06
N ASN A 23 13.45 13.56 16.19
CA ASN A 23 13.50 12.38 17.11
C ASN A 23 13.68 11.07 16.34
N LEU A 24 14.45 11.09 15.27
CA LEU A 24 14.67 9.84 14.46
C LEU A 24 15.39 8.76 15.26
N SER A 25 16.20 9.14 16.22
CA SER A 25 16.95 8.12 17.01
C SER A 25 15.99 7.29 17.89
N ALA A 26 14.84 7.79 18.21
CA ALA A 26 13.88 6.99 19.04
C ALA A 26 13.00 6.10 18.15
N GLY A 27 13.19 6.16 16.85
CA GLY A 27 12.37 5.34 15.91
C GLY A 27 11.65 6.33 14.97
N VAL A 28 11.62 6.05 13.69
CA VAL A 28 10.96 7.00 12.74
C VAL A 28 9.44 7.11 13.00
N GLN A 29 8.78 6.03 13.38
CA GLN A 29 7.30 6.13 13.68
C GLN A 29 7.13 7.00 14.94
N GLU A 30 8.05 6.88 15.85
CA GLU A 30 8.05 7.72 17.08
C GLU A 30 8.39 9.15 16.70
N ALA A 31 9.28 9.30 15.74
CA ALA A 31 9.69 10.66 15.27
C ALA A 31 8.49 11.38 14.65
N TRP A 32 7.75 10.72 13.80
CA TRP A 32 6.56 11.36 13.17
C TRP A 32 5.43 11.54 14.21
N ALA A 33 5.37 10.67 15.19
CA ALA A 33 4.29 10.76 16.23
C ALA A 33 4.42 12.01 17.12
N VAL A 34 5.53 12.72 17.08
CA VAL A 34 5.62 13.97 17.92
C VAL A 34 4.59 14.99 17.41
N LEU A 35 4.16 14.82 16.18
CA LEU A 35 3.12 15.74 15.60
C LEU A 35 1.77 15.48 16.30
N GLN A 36 1.64 14.37 17.01
CA GLN A 36 0.35 14.04 17.68
C GLN A 36 0.42 14.29 19.20
N GLU A 37 1.42 14.97 19.69
CA GLU A 37 1.47 15.24 21.16
C GLU A 37 0.36 16.26 21.51
N SER A 38 0.04 16.37 22.78
CA SER A 38 -1.06 17.28 23.22
C SER A 38 -0.93 18.72 22.68
N ASN A 39 0.24 19.27 22.69
CA ASN A 39 0.43 20.70 22.25
C ASN A 39 0.38 20.94 20.71
N VAL A 40 0.29 19.92 19.88
CA VAL A 40 0.27 20.22 18.40
C VAL A 40 -1.16 20.16 17.83
N PRO A 41 -1.48 21.17 17.03
CA PRO A 41 -2.83 21.25 16.40
C PRO A 41 -3.00 20.19 15.30
N ASP A 42 -4.22 19.90 14.95
CA ASP A 42 -4.51 18.86 13.91
C ASP A 42 -3.88 19.19 12.55
N LEU A 43 -3.69 20.45 12.23
CA LEU A 43 -3.11 20.81 10.90
C LEU A 43 -2.04 21.90 11.08
N VAL A 44 -0.79 21.53 10.87
CA VAL A 44 0.32 22.52 11.06
C VAL A 44 1.02 22.87 9.75
N TRP A 45 1.82 23.92 9.79
CA TRP A 45 2.60 24.33 8.60
C TRP A 45 4.10 24.28 8.93
N THR A 46 4.85 23.51 8.19
CA THR A 46 6.33 23.44 8.44
C THR A 46 7.08 24.26 7.39
N ARG A 47 8.06 25.02 7.79
CA ARG A 47 8.85 25.84 6.81
C ARG A 47 9.98 24.99 6.20
N CYS A 48 10.06 23.74 6.59
CA CYS A 48 11.12 22.83 6.04
C CYS A 48 10.73 22.34 4.64
N ASN A 49 11.72 21.97 3.86
CA ASN A 49 11.47 21.43 2.47
C ASN A 49 10.58 22.35 1.62
N GLY A 50 10.78 23.64 1.68
CA GLY A 50 9.97 24.58 0.83
C GLY A 50 8.71 25.08 1.55
N GLY A 51 8.24 24.38 2.56
CA GLY A 51 7.02 24.86 3.29
C GLY A 51 5.78 24.11 2.79
N HIS A 52 5.06 23.50 3.70
CA HIS A 52 3.81 22.77 3.31
C HIS A 52 2.99 22.37 4.55
N TRP A 53 1.73 22.08 4.35
CA TRP A 53 0.85 21.68 5.51
C TRP A 53 1.06 20.21 5.91
N ILE A 54 0.69 19.86 7.13
CA ILE A 54 0.79 18.43 7.58
C ILE A 54 -0.44 18.04 8.42
N ALA A 55 -1.29 17.20 7.90
CA ALA A 55 -2.46 16.75 8.71
C ALA A 55 -1.93 15.70 9.71
N THR A 56 -2.04 15.96 10.99
CA THR A 56 -1.47 15.01 12.00
C THR A 56 -2.47 13.98 12.54
N ARG A 57 -3.74 14.10 12.24
CA ARG A 57 -4.71 13.08 12.78
C ARG A 57 -5.35 12.29 11.65
N GLY A 58 -5.77 11.07 11.95
CA GLY A 58 -6.38 10.19 10.91
C GLY A 58 -7.66 10.80 10.32
N GLN A 59 -8.48 11.45 11.12
CA GLN A 59 -9.73 12.06 10.57
C GLN A 59 -9.40 13.03 9.44
N LEU A 60 -8.41 13.88 9.62
CA LEU A 60 -8.04 14.86 8.56
C LEU A 60 -7.38 14.16 7.37
N ILE A 61 -6.52 13.20 7.62
CA ILE A 61 -5.84 12.48 6.49
C ILE A 61 -6.85 11.69 5.66
N ARG A 62 -7.78 11.01 6.29
CA ARG A 62 -8.81 10.23 5.53
C ARG A 62 -9.70 11.19 4.73
N GLU A 63 -10.16 12.23 5.37
CA GLU A 63 -11.06 13.22 4.70
C GLU A 63 -10.37 13.87 3.49
N ALA A 64 -9.11 14.21 3.61
CA ALA A 64 -8.38 14.86 2.48
C ALA A 64 -8.17 13.88 1.32
N TYR A 65 -7.89 12.63 1.61
CA TYR A 65 -7.68 11.62 0.51
C TYR A 65 -9.01 11.26 -0.18
N GLU A 66 -10.11 11.46 0.52
CA GLU A 66 -11.45 11.15 -0.07
C GLU A 66 -11.89 12.28 -1.01
N ASP A 67 -11.58 13.50 -0.64
CA ASP A 67 -11.97 14.67 -1.46
C ASP A 67 -10.88 15.01 -2.47
N TYR A 68 -10.92 14.40 -3.63
CA TYR A 68 -9.88 14.72 -4.65
C TYR A 68 -10.23 16.02 -5.41
N ARG A 69 -11.42 16.54 -5.22
CA ARG A 69 -11.78 17.83 -5.91
C ARG A 69 -11.00 18.99 -5.29
N HIS A 70 -10.71 18.90 -4.01
CA HIS A 70 -9.93 19.99 -3.34
C HIS A 70 -8.46 19.57 -3.24
N PHE A 71 -8.20 18.33 -2.87
CA PHE A 71 -6.80 17.83 -2.75
C PHE A 71 -6.46 16.99 -3.99
N SER A 72 -5.66 17.53 -4.86
CA SER A 72 -5.34 16.82 -6.14
C SER A 72 -4.04 15.99 -6.05
N SER A 73 -3.97 14.92 -6.83
CA SER A 73 -2.74 14.07 -6.84
C SER A 73 -1.76 14.53 -7.93
N GLU A 74 -2.09 15.57 -8.65
CA GLU A 74 -1.17 16.07 -9.71
C GLU A 74 0.24 16.34 -9.11
N CYS A 75 0.31 16.89 -7.90
CA CYS A 75 1.67 17.17 -7.26
C CYS A 75 1.76 16.57 -5.80
N PRO A 76 2.07 15.28 -5.76
CA PRO A 76 2.11 14.44 -4.47
C PRO A 76 3.43 14.24 -3.64
N PHE A 77 4.58 14.68 -4.08
CA PHE A 77 5.86 14.51 -3.27
C PHE A 77 6.14 15.90 -2.57
N ILE A 78 7.20 16.14 -1.72
CA ILE A 78 7.25 17.53 -1.03
C ILE A 78 8.44 18.54 -1.18
N PRO A 79 9.35 18.39 -2.11
CA PRO A 79 10.28 19.52 -2.47
C PRO A 79 9.43 20.08 -3.60
N ARG A 80 8.77 21.24 -3.48
CA ARG A 80 7.76 21.52 -4.55
C ARG A 80 8.20 21.04 -5.93
N GLU A 81 9.47 20.96 -6.21
CA GLU A 81 9.95 20.46 -7.53
C GLU A 81 9.81 18.91 -7.75
N ALA A 82 9.81 18.06 -6.74
CA ALA A 82 9.65 16.57 -7.03
C ALA A 82 8.20 16.25 -7.36
N GLY A 83 7.30 16.95 -6.71
CA GLY A 83 5.84 16.74 -6.94
C GLY A 83 5.49 17.20 -8.36
N GLU A 84 6.11 18.26 -8.84
CA GLU A 84 5.82 18.77 -10.22
C GLU A 84 6.41 17.82 -11.26
N ALA A 85 7.53 17.22 -10.98
CA ALA A 85 8.14 16.27 -11.96
C ALA A 85 7.45 14.88 -11.90
N TYR A 86 6.79 14.57 -10.79
CA TYR A 86 6.13 13.23 -10.62
C TYR A 86 4.98 12.98 -11.65
N ASP A 87 5.07 11.89 -12.42
CA ASP A 87 4.01 11.57 -13.45
C ASP A 87 3.86 10.06 -13.74
N PHE A 88 3.95 9.26 -12.69
CA PHE A 88 3.71 7.77 -12.81
C PHE A 88 2.20 7.61 -13.28
N ILE A 89 1.50 6.45 -13.45
CA ILE A 89 0.05 6.65 -14.03
C ILE A 89 -1.26 6.14 -13.36
N PRO A 90 -1.30 5.69 -12.13
CA PRO A 90 -2.64 5.55 -11.47
C PRO A 90 -2.61 6.46 -10.23
N THR A 91 -1.69 7.44 -10.23
CA THR A 91 -1.43 8.31 -9.05
C THR A 91 -1.29 9.80 -9.37
N SER A 92 -0.58 10.20 -10.41
CA SER A 92 -0.48 11.69 -10.64
C SER A 92 -1.80 12.21 -11.30
N MET A 93 -2.88 11.39 -11.29
CA MET A 93 -4.19 11.75 -11.96
C MET A 93 -5.42 11.88 -10.98
N ASP A 94 -6.36 12.80 -11.24
CA ASP A 94 -7.61 12.83 -10.38
C ASP A 94 -8.68 11.96 -11.14
N PRO A 95 -9.50 11.23 -10.38
CA PRO A 95 -10.28 10.03 -10.89
C PRO A 95 -11.47 9.95 -11.91
N PRO A 96 -11.72 10.87 -12.83
CA PRO A 96 -12.71 10.50 -13.85
C PRO A 96 -11.81 9.61 -14.75
N GLU A 97 -10.74 10.23 -15.14
CA GLU A 97 -9.59 9.66 -15.90
C GLU A 97 -8.72 8.57 -15.18
N GLN A 98 -8.25 8.84 -13.94
CA GLN A 98 -7.28 7.84 -13.27
C GLN A 98 -7.80 6.39 -13.25
N ARG A 99 -9.08 6.23 -13.05
CA ARG A 99 -9.70 4.87 -12.98
C ARG A 99 -9.32 3.91 -14.12
N GLN A 100 -9.33 4.34 -15.37
CA GLN A 100 -9.03 3.37 -16.50
C GLN A 100 -7.61 2.78 -16.42
N PHE A 101 -6.68 3.42 -15.76
CA PHE A 101 -5.29 2.83 -15.69
C PHE A 101 -5.14 1.82 -14.53
N ARG A 102 -6.02 1.85 -13.57
CA ARG A 102 -5.91 0.90 -12.42
C ARG A 102 -6.18 -0.55 -12.84
N ALA A 103 -7.06 -0.76 -13.81
CA ALA A 103 -7.37 -2.15 -14.25
C ALA A 103 -6.14 -2.78 -14.93
N LEU A 104 -5.42 -2.01 -15.71
CA LEU A 104 -4.21 -2.57 -16.40
C LEU A 104 -3.12 -2.88 -15.37
N ALA A 105 -2.97 -2.03 -14.39
CA ALA A 105 -1.94 -2.28 -13.33
C ALA A 105 -2.36 -3.48 -12.47
N ASN A 106 -3.65 -3.68 -12.31
CA ASN A 106 -4.13 -4.83 -11.51
C ASN A 106 -3.74 -6.15 -12.21
N GLN A 107 -3.69 -6.13 -13.53
CA GLN A 107 -3.33 -7.36 -14.31
C GLN A 107 -1.91 -7.82 -14.00
N VAL A 108 -1.01 -6.91 -13.68
CA VAL A 108 0.41 -7.31 -13.43
C VAL A 108 0.81 -7.33 -11.94
N VAL A 109 0.09 -6.69 -11.04
CA VAL A 109 0.51 -6.80 -9.58
C VAL A 109 -0.68 -7.11 -8.68
N GLY A 110 -1.84 -7.34 -9.23
CA GLY A 110 -3.03 -7.64 -8.39
C GLY A 110 -3.03 -9.12 -7.98
N MET A 111 -4.16 -9.61 -7.52
CA MET A 111 -4.26 -11.05 -7.10
C MET A 111 -3.99 -12.04 -8.22
N PRO A 112 -4.40 -11.75 -9.44
CA PRO A 112 -4.18 -12.71 -10.55
C PRO A 112 -2.67 -12.95 -10.78
N VAL A 113 -1.81 -12.00 -10.44
CA VAL A 113 -0.33 -12.26 -10.62
C VAL A 113 0.20 -12.90 -9.33
N VAL A 114 -0.44 -12.64 -8.19
CA VAL A 114 0.02 -13.27 -6.92
C VAL A 114 -0.22 -14.78 -7.04
N ASP A 115 -1.27 -15.15 -7.74
CA ASP A 115 -1.56 -16.60 -7.94
C ASP A 115 -0.56 -17.20 -8.92
N LYS A 116 -0.17 -16.44 -9.90
CA LYS A 116 0.85 -16.94 -10.88
C LYS A 116 2.20 -17.12 -10.17
N LEU A 117 2.50 -16.24 -9.23
CA LEU A 117 3.83 -16.28 -8.52
C LEU A 117 3.76 -17.02 -7.17
N GLU A 118 2.63 -17.60 -6.80
CA GLU A 118 2.56 -18.29 -5.45
C GLU A 118 3.73 -19.27 -5.24
N ASN A 119 3.98 -20.15 -6.18
CA ASN A 119 5.07 -21.15 -6.00
C ASN A 119 6.46 -20.49 -5.89
N ARG A 120 6.80 -19.60 -6.79
CA ARG A 120 8.16 -18.94 -6.72
C ARG A 120 8.31 -18.09 -5.45
N ILE A 121 7.26 -17.44 -4.98
CA ILE A 121 7.39 -16.61 -3.73
C ILE A 121 7.69 -17.52 -2.55
N GLN A 122 7.01 -18.64 -2.47
CA GLN A 122 7.23 -19.59 -1.34
C GLN A 122 8.61 -20.25 -1.47
N GLU A 123 8.99 -20.62 -2.67
CA GLU A 123 10.32 -21.28 -2.87
C GLU A 123 11.48 -20.33 -2.54
N LEU A 124 11.42 -19.09 -2.99
CA LEU A 124 12.55 -18.15 -2.71
C LEU A 124 12.64 -17.84 -1.22
N ALA A 125 11.52 -17.66 -0.56
CA ALA A 125 11.55 -17.35 0.90
C ALA A 125 12.20 -18.52 1.66
N CYS A 126 11.81 -19.72 1.34
CA CYS A 126 12.39 -20.91 2.02
C CYS A 126 13.86 -21.10 1.65
N SER A 127 14.22 -20.88 0.40
CA SER A 127 15.64 -21.05 -0.03
C SER A 127 16.55 -20.00 0.62
N LEU A 128 16.14 -18.74 0.61
CA LEU A 128 16.98 -17.67 1.24
C LEU A 128 17.15 -17.91 2.74
N ILE A 129 16.09 -18.29 3.42
CA ILE A 129 16.18 -18.52 4.91
C ILE A 129 16.96 -19.80 5.24
N GLU A 130 16.78 -20.86 4.48
CA GLU A 130 17.53 -22.13 4.79
C GLU A 130 19.03 -21.89 4.59
N SER A 131 19.39 -21.07 3.64
CA SER A 131 20.84 -20.78 3.40
C SER A 131 21.41 -19.96 4.58
N LEU A 132 20.59 -19.13 5.19
CA LEU A 132 21.08 -18.31 6.34
C LEU A 132 21.00 -19.09 7.67
N ARG A 133 20.06 -19.99 7.78
CA ARG A 133 19.83 -20.74 9.08
C ARG A 133 21.11 -21.22 9.79
N PRO A 134 21.97 -21.95 9.11
CA PRO A 134 23.18 -22.51 9.76
C PRO A 134 24.25 -21.45 10.07
N GLN A 135 24.09 -20.23 9.61
CA GLN A 135 25.13 -19.19 9.90
C GLN A 135 24.99 -18.67 11.33
N GLY A 136 23.79 -18.59 11.84
CA GLY A 136 23.58 -18.08 13.22
C GLY A 136 23.57 -16.55 13.21
N GLN A 137 23.58 -15.93 12.06
CA GLN A 137 23.59 -14.44 12.00
C GLN A 137 23.39 -13.96 10.55
N CYS A 138 23.03 -12.71 10.36
CA CYS A 138 22.82 -12.20 8.97
C CYS A 138 22.46 -10.71 8.95
N ASN A 139 22.79 -10.03 7.88
CA ASN A 139 22.41 -8.59 7.74
C ASN A 139 21.05 -8.58 7.02
N PHE A 140 20.00 -8.71 7.79
CA PHE A 140 18.62 -8.83 7.23
C PHE A 140 18.30 -7.88 6.07
N THR A 141 18.71 -6.64 6.12
CA THR A 141 18.35 -5.72 4.98
C THR A 141 18.98 -6.16 3.66
N GLU A 142 20.20 -6.65 3.69
CA GLU A 142 20.87 -7.06 2.42
C GLU A 142 20.71 -8.57 2.17
N ASP A 143 20.54 -9.36 3.19
CA ASP A 143 20.43 -10.83 2.96
C ASP A 143 19.00 -11.31 2.68
N TYR A 144 17.98 -10.56 3.06
CA TYR A 144 16.59 -11.06 2.77
C TYR A 144 15.62 -9.92 2.41
N ALA A 145 15.53 -8.88 3.21
CA ALA A 145 14.56 -7.77 2.94
C ALA A 145 14.66 -7.23 1.51
N GLU A 146 15.84 -7.18 0.95
CA GLU A 146 16.00 -6.62 -0.44
C GLU A 146 15.86 -7.70 -1.52
N PRO A 147 16.64 -8.76 -1.42
CA PRO A 147 16.60 -9.84 -2.45
C PRO A 147 15.27 -10.60 -2.54
N PHE A 148 14.58 -10.85 -1.45
CA PHE A 148 13.30 -11.64 -1.56
C PHE A 148 12.23 -10.94 -2.41
N PRO A 149 11.83 -9.75 -2.01
CA PRO A 149 10.77 -9.05 -2.78
C PRO A 149 11.31 -8.36 -4.06
N ILE A 150 12.61 -8.10 -4.17
CA ILE A 150 13.12 -7.43 -5.43
C ILE A 150 13.35 -8.52 -6.49
N ARG A 151 13.83 -9.67 -6.10
CA ARG A 151 14.04 -10.76 -7.10
C ARG A 151 12.69 -11.24 -7.62
N ILE A 152 11.67 -11.27 -6.79
CA ILE A 152 10.32 -11.70 -7.28
C ILE A 152 9.78 -10.66 -8.26
N PHE A 153 10.03 -9.38 -8.02
CA PHE A 153 9.53 -8.36 -8.97
C PHE A 153 10.31 -8.43 -10.28
N MET A 154 11.62 -8.58 -10.20
CA MET A 154 12.43 -8.68 -11.46
C MET A 154 11.97 -9.90 -12.26
N LEU A 155 11.55 -10.95 -11.57
CA LEU A 155 11.03 -12.17 -12.27
C LEU A 155 9.67 -11.82 -12.90
N LEU A 156 8.87 -11.10 -12.15
CA LEU A 156 7.51 -10.68 -12.64
C LEU A 156 7.65 -9.67 -13.79
N ALA A 157 8.71 -8.87 -13.80
CA ALA A 157 8.87 -7.86 -14.89
C ALA A 157 9.77 -8.38 -16.01
N GLY A 158 10.33 -9.56 -15.87
CA GLY A 158 11.21 -10.11 -16.93
C GLY A 158 12.51 -9.31 -17.04
N LEU A 159 13.03 -8.83 -15.93
CA LEU A 159 14.32 -8.06 -15.97
C LEU A 159 15.43 -8.89 -15.31
N PRO A 160 16.64 -8.76 -15.83
CA PRO A 160 17.77 -9.55 -15.28
C PRO A 160 18.21 -9.00 -13.91
N GLU A 161 18.47 -9.89 -12.98
CA GLU A 161 18.87 -9.47 -11.59
C GLU A 161 20.15 -8.62 -11.55
N GLU A 162 20.95 -8.68 -12.58
CA GLU A 162 22.22 -7.87 -12.59
C GLU A 162 21.89 -6.37 -12.63
N ASP A 163 20.67 -6.01 -12.92
CA ASP A 163 20.28 -4.57 -12.99
C ASP A 163 19.68 -4.08 -11.66
N ILE A 164 19.65 -4.91 -10.65
CA ILE A 164 19.01 -4.51 -9.35
C ILE A 164 19.75 -3.36 -8.65
N PRO A 165 21.07 -3.41 -8.59
CA PRO A 165 21.79 -2.33 -7.89
C PRO A 165 21.75 -1.01 -8.69
N HIS A 166 21.38 -1.03 -9.96
CA HIS A 166 21.27 0.28 -10.72
C HIS A 166 19.87 0.82 -10.47
N LEU A 167 18.89 -0.05 -10.57
CA LEU A 167 17.48 0.37 -10.34
C LEU A 167 17.24 0.70 -8.86
N LYS A 168 17.64 -0.17 -7.95
CA LYS A 168 17.42 0.11 -6.49
C LYS A 168 18.02 1.46 -6.10
N TYR A 169 19.08 1.88 -6.77
CA TYR A 169 19.67 3.21 -6.44
C TYR A 169 18.75 4.33 -6.96
N LEU A 170 18.29 4.23 -8.19
CA LEU A 170 17.38 5.30 -8.73
C LEU A 170 16.10 5.41 -7.88
N THR A 171 15.45 4.29 -7.62
CA THR A 171 14.18 4.32 -6.80
C THR A 171 14.42 4.94 -5.42
N ASP A 172 15.54 4.65 -4.81
CA ASP A 172 15.81 5.20 -3.44
C ASP A 172 16.03 6.72 -3.49
N GLN A 173 16.50 7.25 -4.61
CA GLN A 173 16.70 8.74 -4.71
C GLN A 173 15.33 9.45 -4.81
N MET A 174 14.30 8.73 -5.20
CA MET A 174 12.95 9.36 -5.32
C MET A 174 12.21 9.32 -3.98
N THR A 175 12.62 8.47 -3.07
CA THR A 175 11.94 8.40 -1.75
C THR A 175 12.87 8.93 -0.65
N ARG A 176 14.11 8.48 -0.65
CA ARG A 176 15.09 8.98 0.37
C ARG A 176 16.35 9.44 -0.37
N PRO A 177 16.27 10.59 -0.99
CA PRO A 177 17.41 11.15 -1.77
C PRO A 177 18.61 11.48 -0.87
N ASP A 178 19.78 11.05 -1.27
CA ASP A 178 21.00 11.36 -0.48
C ASP A 178 21.62 12.71 -0.93
N GLY A 179 21.10 13.32 -1.99
CA GLY A 179 21.65 14.63 -2.43
C GLY A 179 22.34 14.56 -3.81
N SER A 180 22.72 13.40 -4.28
CA SER A 180 23.42 13.32 -5.61
C SER A 180 22.44 13.46 -6.80
N MET A 181 21.18 13.14 -6.62
CA MET A 181 20.23 13.26 -7.76
C MET A 181 18.91 13.92 -7.34
N THR A 182 18.35 14.74 -8.19
CA THR A 182 17.01 15.34 -7.86
C THR A 182 15.95 14.29 -8.18
N PHE A 183 14.72 14.52 -7.82
CA PHE A 183 13.68 13.50 -8.14
C PHE A 183 13.53 13.39 -9.67
N ALA A 184 13.58 14.51 -10.35
CA ALA A 184 13.44 14.52 -11.84
C ALA A 184 14.60 13.76 -12.52
N GLU A 185 15.81 13.93 -12.05
CA GLU A 185 16.97 13.22 -12.68
C GLU A 185 16.84 11.71 -12.46
N ALA A 186 16.43 11.31 -11.28
CA ALA A 186 16.26 9.85 -11.00
C ALA A 186 15.09 9.30 -11.79
N LYS A 187 14.03 10.06 -11.92
CA LYS A 187 12.85 9.58 -12.68
C LYS A 187 13.18 9.46 -14.17
N GLU A 188 13.91 10.42 -14.71
CA GLU A 188 14.27 10.35 -16.15
C GLU A 188 15.25 9.21 -16.38
N ALA A 189 16.12 8.95 -15.45
CA ALA A 189 17.08 7.82 -15.61
C ALA A 189 16.31 6.50 -15.58
N LEU A 190 15.26 6.42 -14.77
CA LEU A 190 14.44 5.17 -14.72
C LEU A 190 13.68 5.02 -16.05
N TYR A 191 13.22 6.13 -16.60
CA TYR A 191 12.51 6.10 -17.91
C TYR A 191 13.50 5.70 -19.01
N ASP A 192 14.71 6.23 -18.92
CA ASP A 192 15.77 5.89 -19.93
C ASP A 192 16.01 4.38 -19.97
N TYR A 193 15.91 3.74 -18.82
CA TYR A 193 16.13 2.26 -18.75
C TYR A 193 14.92 1.51 -19.33
N LEU A 194 13.73 2.03 -19.14
CA LEU A 194 12.49 1.35 -19.62
C LEU A 194 12.14 1.63 -21.10
N ILE A 195 12.50 2.79 -21.62
CA ILE A 195 12.09 3.14 -23.04
C ILE A 195 12.42 2.06 -24.08
N PRO A 196 13.67 1.65 -24.18
CA PRO A 196 14.03 0.63 -25.21
C PRO A 196 13.43 -0.75 -24.85
N ILE A 197 13.17 -1.03 -23.60
CA ILE A 197 12.58 -2.36 -23.23
C ILE A 197 11.08 -2.37 -23.58
N ILE A 198 10.41 -1.25 -23.47
CA ILE A 198 8.94 -1.20 -23.79
C ILE A 198 8.74 -1.30 -25.32
N GLU A 199 9.61 -0.71 -26.10
CA GLU A 199 9.46 -0.79 -27.58
C GLU A 199 9.76 -2.21 -28.06
N GLN A 200 10.73 -2.85 -27.47
CA GLN A 200 11.04 -4.24 -27.88
C GLN A 200 9.87 -5.15 -27.53
N ARG A 201 9.31 -4.97 -26.36
CA ARG A 201 8.17 -5.83 -25.93
C ARG A 201 6.88 -5.42 -26.63
N ARG A 202 6.85 -4.28 -27.27
CA ARG A 202 5.63 -3.91 -28.05
C ARG A 202 5.75 -4.56 -29.44
N GLN A 203 6.97 -4.81 -29.88
CA GLN A 203 7.20 -5.47 -31.20
C GLN A 203 7.05 -7.00 -31.00
N LYS A 204 7.69 -7.52 -29.97
CA LYS A 204 7.56 -8.96 -29.61
C LYS A 204 6.98 -9.01 -28.19
N PRO A 205 5.67 -8.99 -28.08
CA PRO A 205 5.05 -8.99 -26.74
C PRO A 205 5.13 -10.37 -26.06
N GLY A 206 5.64 -10.45 -24.84
CA GLY A 206 5.75 -11.79 -24.16
C GLY A 206 4.77 -11.95 -22.98
N THR A 207 5.25 -12.54 -21.89
CA THR A 207 4.37 -12.79 -20.68
C THR A 207 4.74 -11.91 -19.46
N ASP A 208 5.85 -11.21 -19.49
CA ASP A 208 6.23 -10.38 -18.30
C ASP A 208 5.30 -9.16 -18.11
N ALA A 209 5.40 -8.53 -16.96
CA ALA A 209 4.53 -7.34 -16.64
C ALA A 209 4.75 -6.17 -17.60
N ILE A 210 5.96 -5.90 -18.01
CA ILE A 210 6.20 -4.75 -18.94
C ILE A 210 5.56 -5.04 -20.31
N SER A 211 5.56 -6.29 -20.72
CA SER A 211 4.91 -6.62 -22.02
C SER A 211 3.40 -6.41 -21.90
N ILE A 212 2.82 -6.85 -20.81
CA ILE A 212 1.34 -6.70 -20.60
C ILE A 212 0.95 -5.21 -20.49
N VAL A 213 1.74 -4.41 -19.82
CA VAL A 213 1.39 -2.95 -19.71
C VAL A 213 1.61 -2.25 -21.06
N ALA A 214 2.73 -2.52 -21.69
CA ALA A 214 3.04 -1.86 -23.00
C ALA A 214 2.02 -2.27 -24.08
N ASN A 215 1.48 -3.46 -24.00
CA ASN A 215 0.49 -3.91 -25.02
C ASN A 215 -0.93 -3.92 -24.43
N GLY A 216 -1.12 -3.35 -23.25
CA GLY A 216 -2.47 -3.37 -22.60
C GLY A 216 -3.42 -2.31 -23.16
N GLN A 217 -4.67 -2.39 -22.77
CA GLN A 217 -5.70 -1.42 -23.25
C GLN A 217 -6.34 -0.74 -22.04
N VAL A 218 -6.71 0.51 -22.15
CA VAL A 218 -7.39 1.18 -21.00
C VAL A 218 -8.79 1.61 -21.42
N ASN A 219 -9.77 0.90 -20.93
CA ASN A 219 -11.20 1.18 -21.26
C ASN A 219 -11.47 1.02 -22.77
N GLY A 220 -10.93 -0.02 -23.37
CA GLY A 220 -11.23 -0.31 -24.82
C GLY A 220 -10.21 0.26 -25.81
N ARG A 221 -9.28 1.10 -25.40
CA ARG A 221 -8.31 1.63 -26.41
C ARG A 221 -6.86 1.27 -25.99
N PRO A 222 -5.98 1.21 -26.95
CA PRO A 222 -4.56 0.80 -26.69
C PRO A 222 -3.72 1.91 -26.07
N ILE A 223 -3.01 1.57 -25.02
CA ILE A 223 -2.13 2.54 -24.29
C ILE A 223 -0.96 3.05 -25.17
N THR A 224 -0.53 4.26 -24.93
CA THR A 224 0.62 4.84 -25.71
C THR A 224 1.94 4.45 -25.06
N SER A 225 3.02 4.55 -25.80
CA SER A 225 4.36 4.20 -25.22
C SER A 225 4.66 5.09 -24.01
N ASP A 226 4.22 6.33 -24.06
CA ASP A 226 4.45 7.28 -22.91
C ASP A 226 3.68 6.81 -21.68
N GLU A 227 2.42 6.44 -21.85
CA GLU A 227 1.61 5.97 -20.67
C GLU A 227 2.21 4.69 -20.10
N ALA A 228 2.64 3.79 -20.95
CA ALA A 228 3.24 2.52 -20.48
C ALA A 228 4.51 2.82 -19.68
N LYS A 229 5.30 3.76 -20.16
CA LYS A 229 6.56 4.13 -19.45
C LYS A 229 6.24 4.74 -18.08
N ARG A 230 5.24 5.60 -18.03
CA ARG A 230 4.86 6.25 -16.73
C ARG A 230 4.26 5.22 -15.76
N MET A 231 3.63 4.18 -16.26
CA MET A 231 3.07 3.15 -15.34
C MET A 231 4.17 2.17 -14.92
N CYS A 232 5.00 1.76 -15.86
CA CYS A 232 6.11 0.80 -15.53
C CYS A 232 7.06 1.43 -14.50
N GLY A 233 7.30 2.72 -14.62
CA GLY A 233 8.19 3.42 -13.66
C GLY A 233 7.61 3.30 -12.25
N LEU A 234 6.31 3.47 -12.12
CA LEU A 234 5.66 3.36 -10.78
C LEU A 234 5.75 1.93 -10.26
N LEU A 235 5.59 0.94 -11.11
CA LEU A 235 5.67 -0.48 -10.65
C LEU A 235 7.10 -0.80 -10.15
N LEU A 236 8.10 -0.27 -10.81
CA LEU A 236 9.50 -0.54 -10.38
C LEU A 236 9.76 0.04 -8.98
N VAL A 237 9.30 1.24 -8.72
CA VAL A 237 9.50 1.85 -7.37
C VAL A 237 8.71 1.06 -6.32
N GLY A 238 7.49 0.70 -6.64
CA GLY A 238 6.65 -0.06 -5.69
C GLY A 238 7.24 -1.46 -5.45
N GLY A 239 7.85 -2.04 -6.44
CA GLY A 239 8.43 -3.39 -6.27
C GLY A 239 9.83 -3.34 -5.62
N LEU A 240 10.51 -2.22 -5.68
CA LEU A 240 11.89 -2.16 -5.10
C LEU A 240 11.98 -1.34 -3.80
N ASP A 241 10.96 -0.59 -3.40
CA ASP A 241 11.13 0.21 -2.15
C ASP A 241 9.87 0.28 -1.25
N THR A 242 9.14 -0.79 -1.10
CA THR A 242 7.95 -0.74 -0.18
C THR A 242 8.03 -1.93 0.79
N VAL A 243 7.80 -3.13 0.31
CA VAL A 243 7.88 -4.33 1.20
C VAL A 243 9.33 -4.49 1.70
N VAL A 244 10.29 -4.13 0.87
CA VAL A 244 11.73 -4.23 1.28
C VAL A 244 11.95 -3.51 2.61
N ASN A 245 11.40 -2.34 2.77
CA ASN A 245 11.58 -1.58 4.05
C ASN A 245 10.67 -2.12 5.16
N PHE A 246 9.43 -2.42 4.86
CA PHE A 246 8.49 -2.93 5.93
C PHE A 246 8.99 -4.26 6.53
N LEU A 247 9.55 -5.15 5.73
CA LEU A 247 10.03 -6.45 6.29
C LEU A 247 11.06 -6.20 7.42
N SER A 248 11.91 -5.20 7.25
CA SER A 248 12.94 -4.90 8.28
C SER A 248 12.30 -4.32 9.56
N PHE A 249 11.31 -3.45 9.42
CA PHE A 249 10.64 -2.89 10.66
C PHE A 249 9.99 -4.03 11.44
N SER A 250 9.36 -4.94 10.72
CA SER A 250 8.67 -6.11 11.36
C SER A 250 9.67 -7.06 12.01
N MET A 251 10.72 -7.43 11.30
CA MET A 251 11.72 -8.39 11.90
C MET A 251 12.47 -7.72 13.04
N GLU A 252 12.70 -6.42 12.98
CA GLU A 252 13.39 -5.73 14.11
C GLU A 252 12.51 -5.82 15.36
N PHE A 253 11.22 -5.67 15.19
CA PHE A 253 10.29 -5.76 16.34
C PHE A 253 10.27 -7.21 16.88
N LEU A 254 10.10 -8.18 16.01
CA LEU A 254 10.08 -9.60 16.49
C LEU A 254 11.39 -9.95 17.19
N ALA A 255 12.49 -9.47 16.67
CA ALA A 255 13.81 -9.74 17.32
C ALA A 255 13.86 -9.11 18.71
N LYS A 256 13.17 -8.01 18.91
CA LYS A 256 13.19 -7.32 20.24
C LYS A 256 12.02 -7.76 21.14
N SER A 257 11.18 -8.64 20.67
CA SER A 257 10.03 -9.10 21.49
C SER A 257 9.84 -10.60 21.33
N PRO A 258 10.41 -11.35 22.25
CA PRO A 258 10.28 -12.82 22.20
C PRO A 258 8.88 -13.30 22.62
N GLU A 259 8.04 -12.44 23.20
CA GLU A 259 6.66 -12.89 23.59
C GLU A 259 5.82 -12.91 22.31
N HIS A 260 6.08 -11.99 21.42
CA HIS A 260 5.35 -11.93 20.12
C HIS A 260 5.84 -13.08 19.23
N ARG A 261 7.11 -13.42 19.30
CA ARG A 261 7.63 -14.56 18.48
C ARG A 261 6.92 -15.84 18.93
N GLN A 262 6.77 -16.00 20.23
CA GLN A 262 6.09 -17.21 20.78
C GLN A 262 4.61 -17.25 20.34
N GLU A 263 3.95 -16.11 20.35
CA GLU A 263 2.50 -16.07 19.97
C GLU A 263 2.31 -16.59 18.53
N LEU A 264 3.18 -16.25 17.63
CA LEU A 264 3.02 -16.72 16.21
C LEU A 264 3.53 -18.15 16.05
N ILE A 265 4.51 -18.56 16.83
CA ILE A 265 5.02 -19.97 16.73
C ILE A 265 3.98 -20.93 17.30
N GLN A 266 3.33 -20.54 18.39
CA GLN A 266 2.29 -21.40 19.00
C GLN A 266 1.04 -21.43 18.11
N ARG A 267 0.69 -20.30 17.53
CA ARG A 267 -0.53 -20.25 16.66
C ARG A 267 -0.20 -19.53 15.34
N PRO A 268 0.34 -20.28 14.41
CA PRO A 268 0.72 -19.73 13.08
C PRO A 268 -0.47 -19.19 12.29
N GLU A 269 -1.68 -19.61 12.60
CA GLU A 269 -2.85 -19.08 11.84
C GLU A 269 -3.16 -17.63 12.26
N ARG A 270 -2.42 -17.07 13.20
CA ARG A 270 -2.63 -15.65 13.62
C ARG A 270 -1.68 -14.72 12.84
N ILE A 271 -0.83 -15.27 12.01
CA ILE A 271 0.17 -14.45 11.27
C ILE A 271 -0.47 -13.41 10.34
N PRO A 272 -1.53 -13.76 9.64
CA PRO A 272 -2.13 -12.74 8.77
C PRO A 272 -2.89 -11.69 9.61
N ALA A 273 -3.21 -11.98 10.87
CA ALA A 273 -3.86 -10.92 11.72
C ALA A 273 -2.72 -10.08 12.29
N ALA A 274 -1.62 -10.74 12.58
CA ALA A 274 -0.40 -10.05 13.11
C ALA A 274 0.20 -9.16 12.02
N CYS A 275 0.15 -9.61 10.78
CA CYS A 275 0.70 -8.81 9.65
C CYS A 275 -0.04 -7.47 9.54
N GLU A 276 -1.34 -7.49 9.74
CA GLU A 276 -2.14 -6.24 9.67
C GLU A 276 -1.77 -5.33 10.84
N GLU A 277 -1.60 -5.89 12.03
CA GLU A 277 -1.24 -5.04 13.20
C GLU A 277 0.17 -4.47 13.01
N LEU A 278 1.05 -5.22 12.39
CA LEU A 278 2.42 -4.69 12.14
C LEU A 278 2.34 -3.62 11.05
N LEU A 279 1.47 -3.79 10.09
CA LEU A 279 1.30 -2.76 9.02
C LEU A 279 0.81 -1.46 9.66
N ARG A 280 0.09 -1.54 10.75
CA ARG A 280 -0.42 -0.30 11.44
C ARG A 280 0.69 0.32 12.30
N ARG A 281 1.29 -0.46 13.17
CA ARG A 281 2.35 0.11 14.06
C ARG A 281 3.58 0.53 13.26
N PHE A 282 3.98 -0.24 12.28
CA PHE A 282 5.19 0.13 11.49
C PHE A 282 4.83 0.67 10.10
N SER A 283 3.75 1.42 10.01
CA SER A 283 3.39 2.02 8.68
C SER A 283 4.61 2.84 8.23
N LEU A 284 4.80 3.07 6.95
CA LEU A 284 6.03 3.81 6.53
C LEU A 284 5.86 4.67 5.28
N VAL A 285 4.66 5.04 4.89
CA VAL A 285 4.55 5.89 3.65
C VAL A 285 4.00 7.28 4.00
N ALA A 286 4.42 8.31 3.31
CA ALA A 286 3.91 9.66 3.62
C ALA A 286 4.05 10.64 2.44
N ASP A 287 3.08 10.64 1.55
CA ASP A 287 3.09 11.60 0.40
C ASP A 287 1.90 12.56 0.60
N GLY A 288 1.37 13.20 -0.42
CA GLY A 288 0.22 14.12 -0.15
C GLY A 288 -0.45 14.63 -1.42
N ARG A 289 -1.05 15.81 -1.32
CA ARG A 289 -1.79 16.40 -2.48
C ARG A 289 -1.55 17.91 -2.54
N ILE A 290 -2.10 18.55 -3.55
CA ILE A 290 -1.96 20.04 -3.65
C ILE A 290 -3.37 20.65 -3.75
N LEU A 291 -3.58 21.77 -3.11
CA LEU A 291 -4.93 22.41 -3.12
C LEU A 291 -5.28 22.89 -4.52
N THR A 292 -6.45 22.55 -5.01
CA THR A 292 -6.86 23.01 -6.37
C THR A 292 -7.42 24.44 -6.28
N SER A 293 -7.77 24.88 -5.08
CA SER A 293 -8.33 26.26 -4.91
C SER A 293 -8.32 26.66 -3.44
N ASP A 294 -8.57 27.92 -3.14
CA ASP A 294 -8.61 28.33 -1.70
C ASP A 294 -9.70 27.51 -1.00
N TYR A 295 -9.47 27.08 0.21
CA TYR A 295 -10.49 26.20 0.88
C TYR A 295 -10.27 26.14 2.40
N GLU A 296 -11.30 26.39 3.17
CA GLU A 296 -11.17 26.29 4.65
C GLU A 296 -11.37 24.84 5.07
N PHE A 297 -10.37 24.28 5.68
CA PHE A 297 -10.43 22.86 6.12
C PHE A 297 -10.15 22.76 7.62
N HIS A 298 -11.17 22.46 8.40
CA HIS A 298 -11.03 22.33 9.89
C HIS A 298 -10.58 23.65 10.54
N GLY A 299 -11.14 24.76 10.11
CA GLY A 299 -10.80 26.08 10.72
C GLY A 299 -9.53 26.69 10.12
N VAL A 300 -8.85 26.03 9.21
CA VAL A 300 -7.60 26.65 8.63
C VAL A 300 -7.80 27.02 7.16
N GLN A 301 -7.35 28.19 6.78
CA GLN A 301 -7.51 28.63 5.36
C GLN A 301 -6.36 28.11 4.50
N LEU A 302 -6.67 27.27 3.54
CA LEU A 302 -5.61 26.76 2.61
C LEU A 302 -5.67 27.60 1.33
N LYS A 303 -4.55 27.77 0.69
CA LYS A 303 -4.51 28.61 -0.54
C LYS A 303 -4.23 27.74 -1.77
N LYS A 304 -4.84 28.07 -2.88
CA LYS A 304 -4.62 27.29 -4.15
C LYS A 304 -3.13 27.14 -4.43
N GLY A 305 -2.69 25.92 -4.62
CA GLY A 305 -1.24 25.69 -4.91
C GLY A 305 -0.54 25.19 -3.65
N ASP A 306 -1.14 25.33 -2.50
CA ASP A 306 -0.49 24.86 -1.23
C ASP A 306 -0.32 23.34 -1.22
N GLN A 307 0.81 22.88 -0.75
CA GLN A 307 1.05 21.40 -0.67
C GLN A 307 0.72 20.91 0.74
N ILE A 308 0.00 19.83 0.86
CA ILE A 308 -0.30 19.31 2.22
C ILE A 308 0.11 17.85 2.31
N LEU A 309 1.02 17.56 3.20
CA LEU A 309 1.49 16.18 3.39
C LEU A 309 0.48 15.40 4.22
N LEU A 310 -0.16 14.43 3.62
CA LEU A 310 -1.13 13.56 4.36
C LEU A 310 -0.39 12.23 4.55
N PRO A 311 0.32 12.11 5.65
CA PRO A 311 1.15 10.92 5.88
C PRO A 311 0.33 9.73 6.32
N GLN A 312 0.24 8.76 5.45
CA GLN A 312 -0.54 7.51 5.72
C GLN A 312 -0.11 6.81 7.01
N MET A 313 1.12 7.01 7.43
CA MET A 313 1.64 6.34 8.67
C MET A 313 1.00 6.92 9.94
N LEU A 314 0.50 8.13 9.87
CA LEU A 314 -0.06 8.79 11.09
C LEU A 314 -1.49 8.33 11.43
N SER A 315 -2.29 7.98 10.46
CA SER A 315 -3.69 7.58 10.79
C SER A 315 -3.73 6.38 11.76
N GLY A 316 -3.00 5.34 11.49
CA GLY A 316 -3.00 4.14 12.39
C GLY A 316 -2.34 4.45 13.74
N LEU A 317 -1.40 5.37 13.77
CA LEU A 317 -0.72 5.71 15.06
C LEU A 317 -1.56 6.70 15.90
N ASP A 318 -2.62 7.23 15.34
CA ASP A 318 -3.47 8.20 16.10
C ASP A 318 -4.19 7.50 17.26
N GLU A 319 -4.04 8.02 18.46
CA GLU A 319 -4.73 7.41 19.64
C GLU A 319 -6.25 7.51 19.49
N ARG A 320 -6.72 8.52 18.79
CA ARG A 320 -8.20 8.67 18.60
C ARG A 320 -8.72 7.55 17.69
N GLU A 321 -7.83 6.91 16.96
CA GLU A 321 -8.24 5.79 16.06
C GLU A 321 -7.94 4.43 16.72
N ASN A 322 -6.87 4.34 17.47
CA ASN A 322 -6.50 3.07 18.17
C ASN A 322 -5.94 3.37 19.57
N ALA A 323 -6.52 2.81 20.60
CA ALA A 323 -6.01 3.07 21.98
C ALA A 323 -4.62 2.44 22.12
N CYS A 324 -3.73 3.06 22.87
CA CYS A 324 -2.33 2.51 23.03
C CYS A 324 -1.78 2.12 21.65
N PRO A 325 -1.70 3.11 20.79
CA PRO A 325 -1.25 2.92 19.38
C PRO A 325 0.19 2.42 19.25
N MET A 326 1.08 2.78 20.13
CA MET A 326 2.50 2.31 20.00
C MET A 326 2.66 0.86 20.50
N HIS A 327 1.67 0.31 21.15
CA HIS A 327 1.80 -1.10 21.63
C HIS A 327 1.32 -2.07 20.54
N VAL A 328 2.06 -3.12 20.29
CA VAL A 328 1.63 -4.10 19.24
C VAL A 328 0.78 -5.21 19.85
N ASP A 329 -0.46 -5.28 19.44
CA ASP A 329 -1.38 -6.33 19.96
C ASP A 329 -1.96 -7.12 18.78
N PHE A 330 -1.48 -8.32 18.55
CA PHE A 330 -1.99 -9.14 17.40
C PHE A 330 -3.50 -9.40 17.54
N SER A 331 -4.02 -9.29 18.74
CA SER A 331 -5.48 -9.53 18.95
C SER A 331 -6.28 -8.21 18.94
N ARG A 332 -5.67 -7.10 18.58
CA ARG A 332 -6.43 -5.80 18.56
C ARG A 332 -7.74 -5.97 17.79
N GLN A 333 -8.85 -5.75 18.44
CA GLN A 333 -10.16 -5.94 17.77
C GLN A 333 -10.31 -5.06 16.53
N LYS A 334 -10.11 -3.76 16.64
CA LYS A 334 -10.26 -2.89 15.42
C LYS A 334 -8.92 -2.32 14.98
N VAL A 335 -8.25 -2.97 14.07
CA VAL A 335 -6.95 -2.45 13.58
C VAL A 335 -7.22 -1.46 12.43
N SER A 336 -7.34 -0.20 12.76
CA SER A 336 -7.63 0.83 11.72
C SER A 336 -6.33 1.50 11.24
N HIS A 337 -6.18 1.63 9.94
CA HIS A 337 -4.95 2.31 9.38
C HIS A 337 -5.12 2.61 7.89
N THR A 338 -4.27 3.47 7.38
CA THR A 338 -4.29 3.84 5.94
C THR A 338 -2.91 3.52 5.32
N THR A 339 -2.20 2.59 5.89
CA THR A 339 -0.85 2.20 5.40
C THR A 339 -0.84 2.00 3.87
N PHE A 340 -1.84 1.33 3.33
CA PHE A 340 -1.88 1.11 1.84
C PHE A 340 -2.57 2.28 1.11
N GLY A 341 -2.76 3.41 1.76
CA GLY A 341 -3.40 4.59 1.12
C GLY A 341 -4.87 4.68 1.53
N HIS A 342 -5.58 5.59 0.90
CA HIS A 342 -7.03 5.77 1.21
C HIS A 342 -7.70 6.55 0.07
N GLY A 343 -8.92 6.23 -0.25
CA GLY A 343 -9.61 6.95 -1.36
C GLY A 343 -9.54 6.12 -2.65
N SER A 344 -9.46 6.79 -3.79
CA SER A 344 -9.40 6.06 -5.09
C SER A 344 -7.98 5.59 -5.43
N HIS A 345 -6.97 6.02 -4.71
CA HIS A 345 -5.57 5.57 -5.04
C HIS A 345 -5.12 4.42 -4.12
N LEU A 346 -6.05 3.65 -3.60
CA LEU A 346 -5.65 2.53 -2.69
C LEU A 346 -4.59 1.65 -3.37
N CYS A 347 -3.61 1.22 -2.62
CA CYS A 347 -2.49 0.39 -3.19
C CYS A 347 -3.01 -0.80 -3.99
N LEU A 348 -2.54 -0.92 -5.21
CA LEU A 348 -2.96 -2.06 -6.09
C LEU A 348 -2.07 -3.29 -5.80
N GLY A 349 -0.91 -3.08 -5.20
CA GLY A 349 -0.01 -4.22 -4.90
C GLY A 349 -0.07 -4.60 -3.42
N GLN A 350 -1.15 -4.29 -2.73
CA GLN A 350 -1.23 -4.67 -1.28
C GLN A 350 -1.44 -6.18 -1.13
N HIS A 351 -1.97 -6.85 -2.13
CA HIS A 351 -2.15 -8.33 -2.03
C HIS A 351 -0.79 -9.02 -2.19
N LEU A 352 0.03 -8.51 -3.10
CA LEU A 352 1.39 -9.10 -3.28
C LEU A 352 2.23 -8.77 -2.04
N ALA A 353 1.98 -7.61 -1.45
CA ALA A 353 2.74 -7.20 -0.23
C ALA A 353 2.33 -8.08 0.94
N ARG A 354 1.05 -8.24 1.19
CA ARG A 354 0.58 -9.10 2.33
C ARG A 354 1.11 -10.52 2.16
N ARG A 355 1.09 -11.04 0.96
CA ARG A 355 1.58 -12.42 0.71
C ARG A 355 3.07 -12.51 1.03
N GLU A 356 3.85 -11.55 0.58
CA GLU A 356 5.32 -11.59 0.86
C GLU A 356 5.60 -11.43 2.36
N ILE A 357 4.81 -10.63 3.05
CA ILE A 357 5.00 -10.46 4.51
C ILE A 357 4.60 -11.73 5.27
N ILE A 358 3.42 -12.24 4.98
CA ILE A 358 2.93 -13.47 5.67
C ILE A 358 3.82 -14.68 5.34
N VAL A 359 4.26 -14.83 4.11
CA VAL A 359 5.16 -15.99 3.79
C VAL A 359 6.50 -15.83 4.51
N THR A 360 6.98 -14.61 4.65
CA THR A 360 8.28 -14.39 5.35
C THR A 360 8.14 -14.71 6.84
N LEU A 361 7.11 -14.22 7.48
CA LEU A 361 6.92 -14.50 8.95
C LEU A 361 6.72 -15.99 9.21
N LYS A 362 5.91 -16.64 8.41
CA LYS A 362 5.66 -18.09 8.63
C LYS A 362 6.91 -18.94 8.34
N GLU A 363 7.56 -18.71 7.22
CA GLU A 363 8.76 -19.55 6.88
C GLU A 363 9.98 -19.18 7.73
N TRP A 364 10.08 -17.95 8.21
CA TRP A 364 11.26 -17.61 9.05
C TRP A 364 11.09 -18.22 10.45
N LEU A 365 9.93 -18.05 11.04
CA LEU A 365 9.70 -18.62 12.41
C LEU A 365 9.72 -20.16 12.38
N THR A 366 9.42 -20.75 11.24
CA THR A 366 9.45 -22.25 11.15
C THR A 366 10.91 -22.74 11.17
N ARG A 367 11.82 -22.02 10.55
CA ARG A 367 13.24 -22.46 10.53
C ARG A 367 14.02 -21.79 11.66
N ILE A 368 13.82 -20.50 11.84
CA ILE A 368 14.54 -19.76 12.91
C ILE A 368 13.52 -19.13 13.88
N PRO A 369 13.02 -19.94 14.78
CA PRO A 369 12.02 -19.48 15.77
C PRO A 369 12.61 -18.49 16.79
N ASP A 370 13.88 -18.59 17.11
CA ASP A 370 14.47 -17.65 18.11
C ASP A 370 15.63 -16.85 17.51
N PHE A 371 15.54 -15.55 17.57
CA PHE A 371 16.64 -14.68 17.07
C PHE A 371 16.58 -13.32 17.78
N SER A 372 17.70 -12.63 17.85
CA SER A 372 17.73 -11.32 18.56
C SER A 372 18.61 -10.31 17.81
N ILE A 373 18.58 -9.07 18.23
CA ILE A 373 19.46 -8.04 17.57
C ILE A 373 20.90 -8.34 17.98
N ALA A 374 21.85 -8.21 17.06
CA ALA A 374 23.27 -8.50 17.45
C ALA A 374 23.59 -7.68 18.71
N PRO A 375 24.32 -8.29 19.62
CA PRO A 375 24.65 -7.63 20.91
C PRO A 375 25.44 -6.32 20.73
N GLY A 376 24.94 -5.24 21.29
CA GLY A 376 25.67 -3.93 21.19
C GLY A 376 25.16 -3.11 19.99
N ALA A 377 24.39 -3.69 19.10
CA ALA A 377 23.92 -2.92 17.90
C ALA A 377 22.73 -2.01 18.19
N GLN A 378 22.79 -0.79 17.71
CA GLN A 378 21.67 0.18 17.88
C GLN A 378 21.05 0.42 16.49
N ILE A 379 19.87 -0.12 16.27
CA ILE A 379 19.22 0.03 14.91
C ILE A 379 18.90 1.49 14.58
N GLN A 380 19.28 1.91 13.41
CA GLN A 380 19.02 3.31 12.96
C GLN A 380 18.02 3.30 11.79
N HIS A 381 17.05 4.17 11.83
CA HIS A 381 16.05 4.24 10.72
C HIS A 381 16.30 5.48 9.85
N LYS A 382 15.65 5.55 8.70
CA LYS A 382 15.79 6.73 7.80
C LYS A 382 14.39 7.19 7.35
N SER A 383 14.20 8.48 7.17
CA SER A 383 12.85 8.97 6.79
C SER A 383 12.80 9.55 5.37
N GLY A 384 11.61 9.69 4.85
CA GLY A 384 11.41 10.23 3.47
C GLY A 384 10.00 9.84 3.00
N ILE A 385 9.74 9.83 1.70
CA ILE A 385 8.37 9.41 1.22
C ILE A 385 8.07 8.02 1.78
N VAL A 386 9.09 7.16 1.80
CA VAL A 386 8.93 5.81 2.39
C VAL A 386 10.05 5.63 3.42
N SER A 387 9.72 5.39 4.67
CA SER A 387 10.79 5.22 5.69
C SER A 387 11.39 3.83 5.60
N GLY A 388 12.55 3.61 6.21
CA GLY A 388 13.17 2.26 6.13
C GLY A 388 14.20 2.06 7.26
N VAL A 389 14.91 0.96 7.22
CA VAL A 389 15.94 0.68 8.28
C VAL A 389 17.33 0.63 7.62
N GLN A 390 18.29 1.34 8.16
CA GLN A 390 19.66 1.35 7.54
C GLN A 390 20.31 -0.02 7.61
N ALA A 391 20.20 -0.68 8.73
CA ALA A 391 20.81 -2.05 8.84
C ALA A 391 20.16 -2.83 9.99
N LEU A 392 20.08 -4.13 9.87
CA LEU A 392 19.45 -4.95 10.94
C LEU A 392 20.22 -6.28 11.16
N PRO A 393 21.28 -6.20 11.92
CA PRO A 393 22.10 -7.41 12.22
C PRO A 393 21.38 -8.31 13.23
N LEU A 394 21.10 -9.54 12.84
CA LEU A 394 20.41 -10.51 13.76
C LEU A 394 21.35 -11.67 14.12
N VAL A 395 21.13 -12.29 15.26
CA VAL A 395 21.95 -13.47 15.66
C VAL A 395 21.05 -14.52 16.29
N TRP A 396 21.42 -15.76 16.14
CA TRP A 396 20.63 -16.85 16.76
C TRP A 396 21.49 -18.12 16.86
N ASP A 397 21.16 -18.99 17.77
CA ASP A 397 21.93 -20.24 17.92
C ASP A 397 21.40 -21.22 16.87
N PRO A 398 22.25 -21.67 16.00
CA PRO A 398 21.82 -22.61 14.95
C PRO A 398 21.50 -23.99 15.54
N ALA A 399 21.58 -24.14 16.85
CA ALA A 399 21.21 -25.43 17.49
C ALA A 399 19.71 -25.39 17.78
N THR A 400 19.14 -24.20 17.79
CA THR A 400 17.68 -24.03 18.05
C THR A 400 16.90 -23.95 16.72
N THR A 401 17.57 -23.99 15.58
CA THR A 401 16.83 -23.89 14.27
C THR A 401 16.52 -25.29 13.73
N LYS A 402 15.75 -25.39 12.68
CA LYS A 402 15.44 -26.75 12.11
C LYS A 402 15.20 -26.67 10.60
N ALA A 403 15.84 -27.53 9.86
CA ALA A 403 15.64 -27.54 8.38
C ALA A 403 14.35 -28.26 8.04
N VAL A 404 13.56 -27.72 7.14
CA VAL A 404 12.27 -28.39 6.76
C VAL A 404 12.56 -29.57 5.83
N SER B 1 -23.95 -16.36 7.67
CA SER B 1 -25.24 -16.38 6.90
C SER B 1 -24.96 -16.71 5.43
N LYS B 2 -25.92 -17.28 4.74
CA LYS B 2 -25.69 -17.68 3.33
C LYS B 2 -25.77 -16.48 2.35
N VAL B 3 -24.86 -16.46 1.40
CA VAL B 3 -24.86 -15.40 0.35
C VAL B 3 -24.58 -16.06 -0.99
N VAL B 4 -25.45 -15.92 -1.96
CA VAL B 4 -25.22 -16.59 -3.28
C VAL B 4 -24.81 -15.59 -4.36
N TYR B 5 -23.73 -15.89 -5.06
CA TYR B 5 -23.24 -14.99 -6.15
C TYR B 5 -23.49 -15.65 -7.51
N VAL B 6 -24.39 -15.14 -8.31
CA VAL B 6 -24.61 -15.76 -9.65
C VAL B 6 -23.77 -14.99 -10.68
N SER B 7 -22.97 -15.68 -11.43
CA SER B 7 -22.07 -14.99 -12.42
C SER B 7 -22.77 -14.73 -13.76
N HIS B 8 -22.09 -14.03 -14.65
CA HIS B 8 -22.66 -13.70 -16.00
C HIS B 8 -22.96 -14.98 -16.78
N ASP B 9 -22.04 -15.91 -16.79
CA ASP B 9 -22.27 -17.20 -17.53
C ASP B 9 -23.41 -18.02 -16.88
N GLY B 10 -23.85 -17.65 -15.71
CA GLY B 10 -24.95 -18.40 -15.04
C GLY B 10 -24.42 -19.36 -13.96
N THR B 11 -23.19 -19.19 -13.53
CA THR B 11 -22.65 -20.10 -12.47
C THR B 11 -23.09 -19.61 -11.09
N ARG B 12 -23.31 -20.53 -10.18
CA ARG B 12 -23.79 -20.15 -8.81
C ARG B 12 -22.78 -20.53 -7.72
N ARG B 13 -22.44 -19.59 -6.86
CA ARG B 13 -21.48 -19.88 -5.75
C ARG B 13 -22.10 -19.47 -4.41
N GLU B 14 -22.12 -20.36 -3.44
CA GLU B 14 -22.74 -20.04 -2.12
C GLU B 14 -21.69 -19.94 -1.01
N LEU B 15 -21.72 -18.88 -0.23
CA LEU B 15 -20.74 -18.71 0.88
C LEU B 15 -21.45 -18.53 2.23
N ASP B 16 -20.75 -18.79 3.30
CA ASP B 16 -21.33 -18.57 4.66
C ASP B 16 -20.60 -17.35 5.26
N VAL B 17 -21.13 -16.18 5.05
CA VAL B 17 -20.46 -14.94 5.53
C VAL B 17 -20.88 -14.56 6.94
N ALA B 18 -19.92 -14.23 7.78
CA ALA B 18 -20.22 -13.81 9.18
C ALA B 18 -20.74 -12.37 9.21
N ASP B 19 -21.22 -11.94 10.34
CA ASP B 19 -21.76 -10.53 10.45
C ASP B 19 -20.63 -9.50 10.33
N GLY B 20 -20.95 -8.32 9.85
CA GLY B 20 -19.92 -7.25 9.72
C GLY B 20 -19.11 -7.37 8.41
N VAL B 21 -19.21 -8.48 7.71
CA VAL B 21 -18.42 -8.61 6.44
C VAL B 21 -19.21 -8.09 5.24
N SER B 22 -18.59 -7.31 4.41
CA SER B 22 -19.29 -6.78 3.20
C SER B 22 -19.29 -7.86 2.11
N LEU B 23 -20.28 -7.86 1.24
CA LEU B 23 -20.33 -8.88 0.16
C LEU B 23 -19.09 -8.77 -0.74
N MET B 24 -18.47 -7.61 -0.80
CA MET B 24 -17.25 -7.46 -1.65
C MET B 24 -16.08 -8.24 -1.02
N GLN B 25 -15.86 -8.05 0.26
CA GLN B 25 -14.74 -8.78 0.95
C GLN B 25 -14.96 -10.29 0.84
N ALA B 26 -16.18 -10.74 1.00
CA ALA B 26 -16.47 -12.19 0.92
C ALA B 26 -16.20 -12.69 -0.51
N ALA B 27 -16.59 -11.92 -1.50
CA ALA B 27 -16.38 -12.34 -2.92
C ALA B 27 -14.89 -12.36 -3.27
N VAL B 28 -14.18 -11.29 -2.98
CA VAL B 28 -12.72 -11.22 -3.31
C VAL B 28 -11.93 -12.26 -2.48
N SER B 29 -12.30 -12.44 -1.24
CA SER B 29 -11.57 -13.44 -0.37
C SER B 29 -11.86 -14.88 -0.80
N ASN B 30 -12.86 -15.11 -1.62
CA ASN B 30 -13.17 -16.50 -2.07
C ASN B 30 -13.02 -16.63 -3.58
N GLY B 31 -12.23 -15.78 -4.19
CA GLY B 31 -11.99 -15.85 -5.67
C GLY B 31 -13.31 -15.84 -6.45
N ILE B 32 -14.30 -15.09 -6.03
CA ILE B 32 -15.58 -15.07 -6.81
C ILE B 32 -15.35 -14.29 -8.12
N TYR B 33 -16.03 -14.69 -9.15
CA TYR B 33 -15.82 -14.12 -10.51
C TYR B 33 -16.12 -12.62 -10.70
N ASP B 34 -15.28 -12.01 -11.52
CA ASP B 34 -15.40 -10.56 -11.95
C ASP B 34 -15.31 -9.49 -10.85
N ILE B 35 -15.84 -9.71 -9.65
CA ILE B 35 -15.76 -8.61 -8.62
C ILE B 35 -14.29 -8.24 -8.33
N VAL B 36 -13.94 -6.99 -8.50
CA VAL B 36 -12.53 -6.56 -8.25
C VAL B 36 -12.39 -5.88 -6.87
N GLY B 37 -13.22 -4.90 -6.57
CA GLY B 37 -13.09 -4.19 -5.26
C GLY B 37 -11.72 -3.50 -5.24
N ASP B 38 -11.47 -2.66 -6.22
CA ASP B 38 -10.16 -1.97 -6.35
C ASP B 38 -9.96 -0.89 -5.27
N CYS B 39 -10.92 -0.03 -5.08
CA CYS B 39 -10.77 1.06 -4.06
C CYS B 39 -10.71 0.50 -2.61
N GLY B 40 -11.00 -0.76 -2.41
CA GLY B 40 -10.90 -1.34 -1.02
C GLY B 40 -12.27 -1.36 -0.31
N GLY B 41 -13.30 -0.80 -0.90
CA GLY B 41 -14.64 -0.82 -0.24
C GLY B 41 -14.98 0.57 0.34
N SER B 42 -14.33 1.61 -0.12
CA SER B 42 -14.64 2.98 0.42
C SER B 42 -15.59 3.74 -0.53
N ALA B 43 -16.29 3.03 -1.40
CA ALA B 43 -17.26 3.67 -2.35
C ALA B 43 -16.58 4.77 -3.21
N SER B 44 -15.39 4.52 -3.66
CA SER B 44 -14.68 5.51 -4.54
C SER B 44 -14.44 4.90 -5.93
N CYS B 45 -15.05 3.77 -6.20
CA CYS B 45 -14.89 3.09 -7.53
C CYS B 45 -16.17 2.32 -7.86
N ALA B 46 -16.22 1.65 -8.99
CA ALA B 46 -17.46 0.89 -9.35
C ALA B 46 -17.13 -0.52 -9.88
N THR B 47 -16.09 -1.14 -9.36
CA THR B 47 -15.73 -2.52 -9.84
C THR B 47 -16.30 -3.61 -8.90
N CYS B 48 -17.19 -3.24 -8.01
CA CYS B 48 -17.83 -4.24 -7.09
C CYS B 48 -19.34 -4.19 -7.34
N HIS B 49 -19.71 -3.89 -8.57
CA HIS B 49 -21.15 -3.77 -8.95
C HIS B 49 -21.87 -5.12 -9.01
N VAL B 50 -23.04 -5.20 -8.41
CA VAL B 50 -23.84 -6.47 -8.44
C VAL B 50 -25.34 -6.13 -8.47
N TYR B 51 -26.16 -7.05 -8.89
CA TYR B 51 -27.63 -6.78 -8.90
C TYR B 51 -28.29 -7.55 -7.74
N VAL B 52 -28.62 -6.87 -6.67
CA VAL B 52 -29.25 -7.58 -5.50
C VAL B 52 -30.59 -8.19 -5.95
N ASN B 53 -30.86 -9.42 -5.57
CA ASN B 53 -32.14 -10.07 -5.98
C ASN B 53 -33.32 -9.21 -5.47
N GLU B 54 -34.24 -8.95 -6.35
CA GLU B 54 -35.44 -8.11 -6.04
C GLU B 54 -36.09 -8.45 -4.67
N ALA B 55 -36.02 -9.70 -4.24
CA ALA B 55 -36.66 -10.08 -2.94
C ALA B 55 -35.84 -9.62 -1.70
N PHE B 56 -34.65 -9.10 -1.88
CA PHE B 56 -33.84 -8.67 -0.68
C PHE B 56 -33.52 -7.17 -0.72
N THR B 57 -33.84 -6.49 -1.79
CA THR B 57 -33.51 -5.02 -1.90
C THR B 57 -34.08 -4.19 -0.73
N ASP B 58 -35.26 -4.50 -0.25
CA ASP B 58 -35.83 -3.68 0.87
C ASP B 58 -35.26 -4.14 2.24
N LYS B 59 -34.49 -5.21 2.27
CA LYS B 59 -33.89 -5.67 3.55
C LYS B 59 -32.52 -5.01 3.75
N VAL B 60 -32.00 -4.38 2.72
CA VAL B 60 -30.67 -3.72 2.82
C VAL B 60 -30.89 -2.20 2.93
N PRO B 61 -30.08 -1.55 3.75
CA PRO B 61 -30.21 -0.08 3.92
C PRO B 61 -29.65 0.62 2.67
N ALA B 62 -30.50 1.36 1.99
CA ALA B 62 -30.14 2.07 0.70
C ALA B 62 -28.71 2.66 0.60
N ALA B 63 -28.29 2.90 -0.63
CA ALA B 63 -26.95 3.50 -0.94
C ALA B 63 -26.85 4.94 -0.41
N ASN B 64 -25.69 5.34 0.02
CA ASN B 64 -25.51 6.74 0.51
C ASN B 64 -25.11 7.68 -0.65
N GLU B 65 -24.75 8.90 -0.34
CA GLU B 65 -24.36 9.88 -1.41
C GLU B 65 -23.18 9.37 -2.24
N ARG B 66 -22.18 8.80 -1.61
CA ARG B 66 -20.99 8.31 -2.37
C ARG B 66 -21.33 7.12 -3.29
N GLU B 67 -22.13 6.19 -2.83
CA GLU B 67 -22.46 5.02 -3.71
C GLU B 67 -23.34 5.47 -4.88
N ILE B 68 -24.32 6.31 -4.63
CA ILE B 68 -25.19 6.78 -5.76
C ILE B 68 -24.31 7.42 -6.84
N GLY B 69 -23.35 8.21 -6.44
CA GLY B 69 -22.43 8.87 -7.44
C GLY B 69 -21.63 7.81 -8.20
N MET B 70 -21.04 6.87 -7.51
CA MET B 70 -20.22 5.82 -8.20
C MET B 70 -21.11 4.93 -9.09
N LEU B 71 -22.32 4.67 -8.68
CA LEU B 71 -23.24 3.81 -9.50
C LEU B 71 -23.53 4.47 -10.86
N GLU B 72 -23.39 5.79 -10.93
CA GLU B 72 -23.64 6.50 -12.23
C GLU B 72 -22.54 6.20 -13.25
N SER B 73 -21.48 5.53 -12.84
CA SER B 73 -20.37 5.23 -13.81
C SER B 73 -20.13 3.72 -13.98
N VAL B 74 -21.01 2.86 -13.51
CA VAL B 74 -20.79 1.39 -13.69
C VAL B 74 -20.72 1.05 -15.18
N THR B 75 -19.83 0.17 -15.56
CA THR B 75 -19.71 -0.20 -17.02
C THR B 75 -20.88 -1.10 -17.43
N ALA B 76 -21.28 -2.02 -16.57
CA ALA B 76 -22.43 -2.92 -16.91
C ALA B 76 -23.75 -2.13 -16.88
N GLU B 77 -24.82 -2.72 -17.37
CA GLU B 77 -26.14 -2.00 -17.37
C GLU B 77 -26.54 -1.60 -15.94
N LEU B 78 -27.08 -0.42 -15.78
CA LEU B 78 -27.51 0.04 -14.43
C LEU B 78 -28.98 -0.35 -14.20
N LYS B 79 -29.22 -1.20 -13.25
CA LYS B 79 -30.62 -1.62 -12.94
C LYS B 79 -31.08 -0.89 -11.67
N PRO B 80 -32.37 -0.95 -11.40
CA PRO B 80 -32.89 -0.30 -10.17
C PRO B 80 -32.54 -1.15 -8.93
N ASN B 81 -31.88 -2.28 -9.11
CA ASN B 81 -31.46 -3.11 -7.93
C ASN B 81 -29.93 -3.23 -7.94
N SER B 82 -29.27 -2.32 -8.60
CA SER B 82 -27.78 -2.34 -8.70
C SER B 82 -27.15 -1.75 -7.43
N ARG B 83 -26.12 -2.38 -6.93
CA ARG B 83 -25.47 -1.87 -5.68
C ARG B 83 -23.98 -2.19 -5.65
N LEU B 84 -23.18 -1.32 -5.08
CA LEU B 84 -21.73 -1.65 -4.93
C LEU B 84 -21.67 -2.56 -3.70
N CYS B 85 -21.59 -3.86 -3.91
CA CYS B 85 -21.62 -4.86 -2.79
C CYS B 85 -20.65 -4.53 -1.63
N CYS B 86 -19.66 -3.69 -1.83
CA CYS B 86 -18.76 -3.34 -0.69
C CYS B 86 -19.53 -2.49 0.34
N GLN B 87 -20.68 -1.97 -0.05
CA GLN B 87 -21.50 -1.15 0.89
C GLN B 87 -22.53 -2.03 1.61
N ILE B 88 -22.73 -3.25 1.18
CA ILE B 88 -23.73 -4.15 1.84
C ILE B 88 -23.05 -4.98 2.94
N ILE B 89 -23.26 -4.63 4.18
CA ILE B 89 -22.66 -5.42 5.30
C ILE B 89 -23.58 -6.59 5.62
N MET B 90 -23.04 -7.78 5.72
CA MET B 90 -23.89 -8.99 5.97
C MET B 90 -24.40 -9.08 7.40
N THR B 91 -25.64 -9.45 7.52
CA THR B 91 -26.27 -9.65 8.86
C THR B 91 -27.12 -10.92 8.74
N PRO B 92 -27.57 -11.48 9.83
CA PRO B 92 -28.40 -12.72 9.74
C PRO B 92 -29.81 -12.39 9.26
N GLU B 93 -30.11 -11.15 8.96
CA GLU B 93 -31.46 -10.81 8.42
C GLU B 93 -31.38 -10.97 6.90
N LEU B 94 -30.17 -10.88 6.36
CA LEU B 94 -29.97 -11.02 4.89
C LEU B 94 -29.63 -12.48 4.54
N ASP B 95 -29.81 -13.41 5.45
CA ASP B 95 -29.46 -14.83 5.17
C ASP B 95 -30.15 -15.33 3.88
N GLY B 96 -29.39 -15.85 2.97
CA GLY B 96 -29.98 -16.38 1.70
C GLY B 96 -30.04 -15.30 0.61
N ILE B 97 -29.48 -14.13 0.83
CA ILE B 97 -29.54 -13.07 -0.24
C ILE B 97 -28.80 -13.54 -1.51
N VAL B 98 -29.33 -13.19 -2.66
CA VAL B 98 -28.67 -13.59 -3.93
C VAL B 98 -28.35 -12.35 -4.77
N VAL B 99 -27.15 -12.28 -5.28
CA VAL B 99 -26.77 -11.10 -6.12
C VAL B 99 -26.16 -11.57 -7.44
N ASP B 100 -26.54 -10.98 -8.53
CA ASP B 100 -25.97 -11.38 -9.84
C ASP B 100 -24.77 -10.48 -10.14
N VAL B 101 -23.68 -11.06 -10.58
CA VAL B 101 -22.46 -10.24 -10.86
C VAL B 101 -22.30 -10.05 -12.38
N PRO B 102 -22.16 -8.80 -12.78
CA PRO B 102 -21.98 -8.46 -14.20
C PRO B 102 -20.52 -8.69 -14.58
N ASP B 103 -20.26 -9.37 -15.64
CA ASP B 103 -18.84 -9.67 -16.06
C ASP B 103 -18.00 -8.42 -16.39
N ARG B 104 -18.52 -7.22 -16.24
CA ARG B 104 -17.70 -6.01 -16.58
C ARG B 104 -17.65 -5.06 -15.37
N GLN B 105 -16.47 -4.87 -14.80
CA GLN B 105 -16.36 -3.96 -13.62
C GLN B 105 -15.52 -2.73 -13.99
N TRP B 106 -14.38 -2.95 -14.59
CA TRP B 106 -13.51 -1.81 -15.00
C TRP B 106 -14.20 -0.97 -16.08
N LEU A 1 14.84 26.96 6.50
CA LEU A 1 13.39 27.30 6.64
C LEU A 1 12.96 28.27 5.53
N ALA A 2 11.85 28.01 4.90
CA ALA A 2 11.36 28.95 3.84
C ALA A 2 10.55 30.03 4.58
N PRO A 3 10.48 31.21 4.01
CA PRO A 3 9.79 32.33 4.69
C PRO A 3 8.28 32.09 4.81
N LEU A 4 7.77 32.12 6.02
CA LEU A 4 6.30 31.89 6.24
C LEU A 4 5.45 32.74 5.28
N PRO A 5 4.54 32.10 4.55
CA PRO A 5 3.65 32.83 3.62
C PRO A 5 2.58 33.54 4.45
N PRO A 6 2.19 34.69 3.97
CA PRO A 6 1.25 35.59 4.70
C PRO A 6 -0.16 35.05 4.96
N HIS A 7 -0.61 33.99 4.33
CA HIS A 7 -2.00 33.49 4.68
C HIS A 7 -1.89 32.44 5.78
N VAL A 8 -0.67 32.05 6.13
CA VAL A 8 -0.46 31.07 7.23
C VAL A 8 -0.18 31.83 8.54
N PRO A 9 -1.04 31.60 9.50
CA PRO A 9 -0.88 32.25 10.83
C PRO A 9 0.32 31.66 11.60
N GLU A 10 0.99 32.49 12.36
CA GLU A 10 2.19 32.03 13.15
C GLU A 10 1.88 30.90 14.13
N HIS A 11 0.68 30.84 14.67
CA HIS A 11 0.37 29.79 15.68
C HIS A 11 0.20 28.37 15.06
N LEU A 12 0.21 28.24 13.75
CA LEU A 12 0.10 26.86 13.15
C LEU A 12 1.47 26.36 12.67
N VAL A 13 2.54 27.05 13.00
CA VAL A 13 3.88 26.60 12.53
C VAL A 13 4.54 25.54 13.43
N PHE A 14 4.96 24.48 12.82
CA PHE A 14 5.69 23.38 13.52
C PHE A 14 6.72 22.86 12.51
N ASP A 15 7.95 23.27 12.65
CA ASP A 15 9.00 22.89 11.66
C ASP A 15 9.40 21.41 11.72
N PHE A 16 8.55 20.54 11.23
CA PHE A 16 8.88 19.09 11.18
C PHE A 16 9.50 18.75 9.82
N ASP A 17 10.66 18.13 9.82
CA ASP A 17 11.32 17.75 8.53
C ASP A 17 11.04 16.27 8.25
N MET A 18 10.31 15.98 7.19
CA MET A 18 9.97 14.55 6.87
C MET A 18 11.17 13.77 6.33
N TYR A 19 12.23 14.42 5.91
CA TYR A 19 13.42 13.66 5.42
C TYR A 19 14.46 13.48 6.53
N ASN A 20 14.30 14.19 7.63
CA ASN A 20 15.25 14.05 8.78
C ASN A 20 14.59 14.64 10.04
N PRO A 21 13.62 13.93 10.57
CA PRO A 21 12.90 14.38 11.79
C PRO A 21 13.84 14.44 13.01
N SER A 22 13.56 15.35 13.91
CA SER A 22 14.43 15.55 15.13
C SER A 22 14.50 14.32 16.06
N ASN A 23 13.45 13.56 16.19
CA ASN A 23 13.50 12.38 17.11
C ASN A 23 13.68 11.07 16.34
N LEU A 24 14.45 11.09 15.27
CA LEU A 24 14.67 9.84 14.46
C LEU A 24 15.39 8.76 15.26
N SER A 25 16.20 9.14 16.22
CA SER A 25 16.95 8.12 17.01
C SER A 25 15.99 7.29 17.89
N ALA A 26 14.84 7.79 18.21
CA ALA A 26 13.88 6.99 19.04
C ALA A 26 13.00 6.10 18.15
N GLY A 27 13.19 6.16 16.85
CA GLY A 27 12.37 5.34 15.91
C GLY A 27 11.65 6.33 14.97
N VAL A 28 11.62 6.05 13.69
CA VAL A 28 10.96 7.00 12.74
C VAL A 28 9.44 7.11 13.00
N GLN A 29 8.78 6.03 13.38
CA GLN A 29 7.30 6.13 13.68
C GLN A 29 7.13 7.00 14.94
N GLU A 30 8.05 6.88 15.85
CA GLU A 30 8.05 7.72 17.08
C GLU A 30 8.39 9.15 16.70
N ALA A 31 9.28 9.30 15.74
CA ALA A 31 9.69 10.66 15.27
C ALA A 31 8.49 11.38 14.65
N TRP A 32 7.75 10.72 13.80
CA TRP A 32 6.56 11.36 13.17
C TRP A 32 5.43 11.54 14.21
N ALA A 33 5.37 10.67 15.19
CA ALA A 33 4.29 10.76 16.23
C ALA A 33 4.42 12.01 17.12
N VAL A 34 5.53 12.72 17.08
CA VAL A 34 5.62 13.97 17.92
C VAL A 34 4.59 14.99 17.41
N LEU A 35 4.16 14.82 16.18
CA LEU A 35 3.12 15.74 15.60
C LEU A 35 1.77 15.48 16.30
N GLN A 36 1.64 14.37 17.01
CA GLN A 36 0.35 14.04 17.68
C GLN A 36 0.42 14.29 19.20
N GLU A 37 1.42 14.97 19.69
CA GLU A 37 1.47 15.24 21.16
C GLU A 37 0.36 16.26 21.51
N SER A 38 0.04 16.37 22.78
CA SER A 38 -1.06 17.28 23.22
C SER A 38 -0.93 18.72 22.68
N ASN A 39 0.24 19.27 22.69
CA ASN A 39 0.43 20.70 22.25
C ASN A 39 0.38 20.94 20.71
N VAL A 40 0.29 19.92 19.88
CA VAL A 40 0.27 20.22 18.40
C VAL A 40 -1.16 20.16 17.83
N PRO A 41 -1.48 21.17 17.03
CA PRO A 41 -2.83 21.25 16.40
C PRO A 41 -3.00 20.19 15.30
N ASP A 42 -4.22 19.90 14.95
CA ASP A 42 -4.51 18.86 13.91
C ASP A 42 -3.88 19.19 12.55
N LEU A 43 -3.69 20.45 12.23
CA LEU A 43 -3.11 20.81 10.90
C LEU A 43 -2.04 21.90 11.08
N VAL A 44 -0.79 21.53 10.87
CA VAL A 44 0.32 22.52 11.06
C VAL A 44 1.02 22.87 9.75
N TRP A 45 1.82 23.92 9.79
CA TRP A 45 2.60 24.33 8.60
C TRP A 45 4.10 24.28 8.93
N THR A 46 4.85 23.51 8.19
CA THR A 46 6.33 23.44 8.44
C THR A 46 7.08 24.26 7.39
N ARG A 47 8.06 25.02 7.79
CA ARG A 47 8.85 25.84 6.81
C ARG A 47 9.98 24.99 6.20
N CYS A 48 10.06 23.74 6.59
CA CYS A 48 11.12 22.83 6.04
C CYS A 48 10.73 22.34 4.64
N ASN A 49 11.72 21.97 3.86
CA ASN A 49 11.47 21.43 2.47
C ASN A 49 10.58 22.35 1.62
N GLY A 50 10.78 23.64 1.68
CA GLY A 50 9.97 24.58 0.83
C GLY A 50 8.71 25.08 1.55
N GLY A 51 8.24 24.38 2.56
CA GLY A 51 7.02 24.86 3.29
C GLY A 51 5.78 24.11 2.79
N HIS A 52 5.06 23.50 3.70
CA HIS A 52 3.81 22.77 3.31
C HIS A 52 2.99 22.37 4.55
N TRP A 53 1.73 22.08 4.35
CA TRP A 53 0.85 21.68 5.51
C TRP A 53 1.06 20.21 5.91
N ILE A 54 0.69 19.86 7.13
CA ILE A 54 0.79 18.43 7.58
C ILE A 54 -0.44 18.04 8.42
N ALA A 55 -1.29 17.20 7.90
CA ALA A 55 -2.46 16.75 8.71
C ALA A 55 -1.93 15.70 9.71
N THR A 56 -2.04 15.96 10.99
CA THR A 56 -1.47 15.01 12.00
C THR A 56 -2.47 13.98 12.54
N ARG A 57 -3.74 14.10 12.24
CA ARG A 57 -4.71 13.08 12.78
C ARG A 57 -5.35 12.29 11.65
N GLY A 58 -5.77 11.07 11.95
CA GLY A 58 -6.38 10.19 10.91
C GLY A 58 -7.66 10.80 10.32
N GLN A 59 -8.48 11.45 11.12
CA GLN A 59 -9.73 12.06 10.57
C GLN A 59 -9.40 13.03 9.44
N LEU A 60 -8.41 13.88 9.62
CA LEU A 60 -8.04 14.86 8.56
C LEU A 60 -7.38 14.16 7.37
N ILE A 61 -6.52 13.20 7.62
CA ILE A 61 -5.84 12.48 6.49
C ILE A 61 -6.85 11.69 5.66
N ARG A 62 -7.78 11.01 6.29
CA ARG A 62 -8.81 10.23 5.53
C ARG A 62 -9.70 11.19 4.73
N GLU A 63 -10.16 12.23 5.37
CA GLU A 63 -11.06 13.22 4.70
C GLU A 63 -10.37 13.87 3.49
N ALA A 64 -9.11 14.21 3.61
CA ALA A 64 -8.38 14.86 2.48
C ALA A 64 -8.17 13.88 1.32
N TYR A 65 -7.89 12.63 1.61
CA TYR A 65 -7.68 11.62 0.51
C TYR A 65 -9.01 11.26 -0.18
N GLU A 66 -10.11 11.46 0.52
CA GLU A 66 -11.45 11.15 -0.07
C GLU A 66 -11.89 12.28 -1.01
N ASP A 67 -11.58 13.50 -0.64
CA ASP A 67 -11.97 14.67 -1.46
C ASP A 67 -10.88 15.01 -2.47
N TYR A 68 -10.92 14.40 -3.63
CA TYR A 68 -9.88 14.72 -4.65
C TYR A 68 -10.23 16.02 -5.41
N ARG A 69 -11.42 16.54 -5.22
CA ARG A 69 -11.78 17.83 -5.91
C ARG A 69 -11.00 18.99 -5.29
N HIS A 70 -10.71 18.90 -4.01
CA HIS A 70 -9.93 19.99 -3.34
C HIS A 70 -8.46 19.57 -3.24
N PHE A 71 -8.20 18.33 -2.87
CA PHE A 71 -6.80 17.83 -2.75
C PHE A 71 -6.46 16.99 -3.99
N SER A 72 -5.66 17.53 -4.86
CA SER A 72 -5.34 16.82 -6.14
C SER A 72 -4.04 15.99 -6.05
N SER A 73 -3.97 14.92 -6.83
CA SER A 73 -2.74 14.07 -6.84
C SER A 73 -1.76 14.53 -7.93
N GLU A 74 -2.09 15.57 -8.65
CA GLU A 74 -1.17 16.07 -9.71
C GLU A 74 0.24 16.34 -9.11
N CYS A 75 0.31 16.89 -7.90
CA CYS A 75 1.67 17.17 -7.26
C CYS A 75 1.76 16.57 -5.80
N PRO A 76 2.07 15.28 -5.76
CA PRO A 76 2.11 14.44 -4.47
C PRO A 76 3.43 14.24 -3.64
N PHE A 77 4.58 14.68 -4.08
CA PHE A 77 5.86 14.51 -3.27
C PHE A 77 6.14 15.90 -2.57
N ILE A 78 7.20 16.14 -1.72
CA ILE A 78 7.25 17.53 -1.03
C ILE A 78 8.44 18.54 -1.18
N PRO A 79 9.35 18.39 -2.11
CA PRO A 79 10.28 19.52 -2.47
C PRO A 79 9.43 20.08 -3.60
N ARG A 80 8.77 21.24 -3.48
CA ARG A 80 7.76 21.52 -4.55
C ARG A 80 8.20 21.04 -5.93
N GLU A 81 9.47 20.96 -6.21
CA GLU A 81 9.95 20.46 -7.53
C GLU A 81 9.81 18.91 -7.75
N ALA A 82 9.81 18.06 -6.74
CA ALA A 82 9.65 16.57 -7.03
C ALA A 82 8.20 16.25 -7.36
N GLY A 83 7.30 16.95 -6.71
CA GLY A 83 5.84 16.74 -6.94
C GLY A 83 5.49 17.20 -8.36
N GLU A 84 6.11 18.26 -8.84
CA GLU A 84 5.82 18.77 -10.22
C GLU A 84 6.41 17.82 -11.26
N ALA A 85 7.53 17.22 -10.98
CA ALA A 85 8.14 16.27 -11.96
C ALA A 85 7.45 14.88 -11.90
N TYR A 86 6.79 14.57 -10.79
CA TYR A 86 6.13 13.23 -10.62
C TYR A 86 4.98 12.98 -11.65
N ASP A 87 5.07 11.89 -12.42
CA ASP A 87 4.01 11.57 -13.45
C ASP A 87 3.86 10.06 -13.74
N PHE A 88 3.95 9.26 -12.69
CA PHE A 88 3.71 7.77 -12.81
C PHE A 88 2.20 7.61 -13.28
N ILE A 89 1.50 6.45 -13.45
CA ILE A 89 0.05 6.65 -14.03
C ILE A 89 -1.26 6.14 -13.36
N PRO A 90 -1.30 5.69 -12.13
CA PRO A 90 -2.64 5.55 -11.47
C PRO A 90 -2.61 6.46 -10.23
N THR A 91 -1.69 7.44 -10.23
CA THR A 91 -1.43 8.31 -9.05
C THR A 91 -1.29 9.80 -9.37
N SER A 92 -0.58 10.20 -10.41
CA SER A 92 -0.48 11.69 -10.64
C SER A 92 -1.80 12.21 -11.30
N MET A 93 -2.88 11.39 -11.29
CA MET A 93 -4.19 11.75 -11.96
C MET A 93 -5.42 11.88 -10.98
N ASP A 94 -6.36 12.80 -11.24
CA ASP A 94 -7.61 12.83 -10.38
C ASP A 94 -8.68 11.96 -11.14
N PRO A 95 -9.50 11.23 -10.38
CA PRO A 95 -10.28 10.03 -10.89
C PRO A 95 -11.47 9.95 -11.91
N PRO A 96 -11.72 10.87 -12.83
CA PRO A 96 -12.71 10.50 -13.85
C PRO A 96 -11.81 9.61 -14.75
N GLU A 97 -10.74 10.23 -15.14
CA GLU A 97 -9.59 9.66 -15.90
C GLU A 97 -8.72 8.57 -15.18
N GLN A 98 -8.25 8.84 -13.94
CA GLN A 98 -7.28 7.84 -13.27
C GLN A 98 -7.80 6.39 -13.25
N ARG A 99 -9.08 6.23 -13.05
CA ARG A 99 -9.70 4.87 -12.98
C ARG A 99 -9.32 3.91 -14.12
N GLN A 100 -9.33 4.34 -15.37
CA GLN A 100 -9.03 3.37 -16.50
C GLN A 100 -7.61 2.78 -16.42
N PHE A 101 -6.68 3.42 -15.76
CA PHE A 101 -5.29 2.83 -15.69
C PHE A 101 -5.14 1.82 -14.53
N ARG A 102 -6.02 1.85 -13.57
CA ARG A 102 -5.91 0.90 -12.42
C ARG A 102 -6.18 -0.55 -12.84
N ALA A 103 -7.06 -0.76 -13.81
CA ALA A 103 -7.37 -2.15 -14.25
C ALA A 103 -6.14 -2.78 -14.93
N LEU A 104 -5.42 -2.01 -15.71
CA LEU A 104 -4.21 -2.57 -16.40
C LEU A 104 -3.12 -2.88 -15.37
N ALA A 105 -2.97 -2.03 -14.39
CA ALA A 105 -1.94 -2.28 -13.33
C ALA A 105 -2.36 -3.48 -12.47
N ASN A 106 -3.65 -3.68 -12.31
CA ASN A 106 -4.13 -4.83 -11.51
C ASN A 106 -3.74 -6.15 -12.21
N GLN A 107 -3.69 -6.13 -13.53
CA GLN A 107 -3.33 -7.36 -14.31
C GLN A 107 -1.91 -7.82 -14.00
N VAL A 108 -1.01 -6.91 -13.68
CA VAL A 108 0.41 -7.31 -13.43
C VAL A 108 0.81 -7.33 -11.94
N VAL A 109 0.09 -6.69 -11.04
CA VAL A 109 0.51 -6.80 -9.58
C VAL A 109 -0.68 -7.11 -8.68
N GLY A 110 -1.84 -7.34 -9.23
CA GLY A 110 -3.03 -7.64 -8.39
C GLY A 110 -3.03 -9.12 -7.98
N MET A 111 -4.16 -9.61 -7.52
CA MET A 111 -4.26 -11.05 -7.10
C MET A 111 -3.99 -12.04 -8.22
N PRO A 112 -4.40 -11.75 -9.44
CA PRO A 112 -4.18 -12.71 -10.55
C PRO A 112 -2.67 -12.95 -10.78
N VAL A 113 -1.81 -12.00 -10.44
CA VAL A 113 -0.33 -12.26 -10.62
C VAL A 113 0.20 -12.90 -9.33
N VAL A 114 -0.44 -12.64 -8.19
CA VAL A 114 0.02 -13.27 -6.92
C VAL A 114 -0.22 -14.78 -7.04
N ASP A 115 -1.27 -15.15 -7.74
CA ASP A 115 -1.56 -16.60 -7.94
C ASP A 115 -0.56 -17.20 -8.92
N LYS A 116 -0.17 -16.44 -9.90
CA LYS A 116 0.85 -16.94 -10.88
C LYS A 116 2.20 -17.12 -10.17
N LEU A 117 2.50 -16.24 -9.23
CA LEU A 117 3.83 -16.28 -8.52
C LEU A 117 3.76 -17.02 -7.17
N GLU A 118 2.63 -17.60 -6.80
CA GLU A 118 2.56 -18.29 -5.45
C GLU A 118 3.73 -19.27 -5.24
N ASN A 119 3.98 -20.15 -6.18
CA ASN A 119 5.07 -21.15 -6.00
C ASN A 119 6.46 -20.49 -5.89
N ARG A 120 6.80 -19.60 -6.79
CA ARG A 120 8.16 -18.94 -6.72
C ARG A 120 8.31 -18.09 -5.45
N ILE A 121 7.26 -17.44 -4.98
CA ILE A 121 7.39 -16.61 -3.73
C ILE A 121 7.69 -17.52 -2.55
N GLN A 122 7.01 -18.64 -2.47
CA GLN A 122 7.23 -19.59 -1.34
C GLN A 122 8.61 -20.25 -1.47
N GLU A 123 8.99 -20.62 -2.67
CA GLU A 123 10.32 -21.28 -2.87
C GLU A 123 11.48 -20.33 -2.54
N LEU A 124 11.42 -19.09 -2.99
CA LEU A 124 12.55 -18.15 -2.71
C LEU A 124 12.64 -17.84 -1.22
N ALA A 125 11.52 -17.66 -0.56
CA ALA A 125 11.55 -17.35 0.90
C ALA A 125 12.20 -18.52 1.66
N CYS A 126 11.81 -19.72 1.34
CA CYS A 126 12.39 -20.91 2.02
C CYS A 126 13.86 -21.10 1.65
N SER A 127 14.22 -20.88 0.40
CA SER A 127 15.64 -21.05 -0.03
C SER A 127 16.55 -20.00 0.62
N LEU A 128 16.14 -18.74 0.61
CA LEU A 128 16.98 -17.67 1.24
C LEU A 128 17.15 -17.91 2.74
N ILE A 129 16.09 -18.29 3.42
CA ILE A 129 16.18 -18.52 4.91
C ILE A 129 16.96 -19.80 5.24
N GLU A 130 16.78 -20.86 4.48
CA GLU A 130 17.53 -22.13 4.79
C GLU A 130 19.03 -21.89 4.59
N SER A 131 19.39 -21.07 3.64
CA SER A 131 20.84 -20.78 3.40
C SER A 131 21.41 -19.96 4.58
N LEU A 132 20.59 -19.13 5.19
CA LEU A 132 21.08 -18.31 6.34
C LEU A 132 21.00 -19.09 7.67
N ARG A 133 20.06 -19.99 7.78
CA ARG A 133 19.83 -20.74 9.08
C ARG A 133 21.11 -21.22 9.79
N PRO A 134 21.97 -21.95 9.11
CA PRO A 134 23.18 -22.51 9.76
C PRO A 134 24.25 -21.45 10.07
N GLN A 135 24.09 -20.23 9.61
CA GLN A 135 25.13 -19.19 9.90
C GLN A 135 24.99 -18.67 11.33
N GLY A 136 23.79 -18.59 11.84
CA GLY A 136 23.58 -18.08 13.22
C GLY A 136 23.57 -16.55 13.21
N GLN A 137 23.58 -15.93 12.06
CA GLN A 137 23.59 -14.44 12.00
C GLN A 137 23.39 -13.96 10.55
N CYS A 138 23.03 -12.71 10.36
CA CYS A 138 22.82 -12.20 8.97
C CYS A 138 22.46 -10.71 8.95
N ASN A 139 22.79 -10.03 7.88
CA ASN A 139 22.41 -8.59 7.74
C ASN A 139 21.05 -8.58 7.02
N PHE A 140 20.00 -8.71 7.79
CA PHE A 140 18.62 -8.83 7.23
C PHE A 140 18.30 -7.88 6.07
N THR A 141 18.71 -6.64 6.12
CA THR A 141 18.35 -5.72 4.98
C THR A 141 18.98 -6.16 3.66
N GLU A 142 20.20 -6.65 3.69
CA GLU A 142 20.87 -7.06 2.42
C GLU A 142 20.71 -8.57 2.17
N ASP A 143 20.54 -9.36 3.19
CA ASP A 143 20.43 -10.83 2.96
C ASP A 143 19.00 -11.31 2.68
N TYR A 144 17.98 -10.56 3.06
CA TYR A 144 16.59 -11.06 2.77
C TYR A 144 15.62 -9.92 2.41
N ALA A 145 15.53 -8.88 3.21
CA ALA A 145 14.56 -7.77 2.94
C ALA A 145 14.66 -7.23 1.51
N GLU A 146 15.84 -7.18 0.95
CA GLU A 146 16.00 -6.62 -0.44
C GLU A 146 15.86 -7.70 -1.52
N PRO A 147 16.64 -8.76 -1.42
CA PRO A 147 16.60 -9.84 -2.45
C PRO A 147 15.27 -10.60 -2.54
N PHE A 148 14.58 -10.85 -1.45
CA PHE A 148 13.30 -11.64 -1.56
C PHE A 148 12.23 -10.94 -2.41
N PRO A 149 11.83 -9.75 -2.01
CA PRO A 149 10.77 -9.05 -2.78
C PRO A 149 11.31 -8.36 -4.06
N ILE A 150 12.61 -8.10 -4.17
CA ILE A 150 13.12 -7.43 -5.43
C ILE A 150 13.35 -8.52 -6.49
N ARG A 151 13.83 -9.67 -6.10
CA ARG A 151 14.04 -10.76 -7.10
C ARG A 151 12.69 -11.24 -7.62
N ILE A 152 11.67 -11.27 -6.79
CA ILE A 152 10.32 -11.70 -7.28
C ILE A 152 9.78 -10.66 -8.26
N PHE A 153 10.03 -9.38 -8.02
CA PHE A 153 9.53 -8.36 -8.97
C PHE A 153 10.31 -8.43 -10.28
N MET A 154 11.62 -8.58 -10.20
CA MET A 154 12.43 -8.68 -11.46
C MET A 154 11.97 -9.90 -12.26
N LEU A 155 11.55 -10.95 -11.57
CA LEU A 155 11.03 -12.17 -12.27
C LEU A 155 9.67 -11.82 -12.90
N LEU A 156 8.87 -11.10 -12.15
CA LEU A 156 7.51 -10.68 -12.64
C LEU A 156 7.65 -9.67 -13.79
N ALA A 157 8.71 -8.87 -13.80
CA ALA A 157 8.87 -7.86 -14.89
C ALA A 157 9.77 -8.38 -16.01
N GLY A 158 10.33 -9.56 -15.87
CA GLY A 158 11.21 -10.11 -16.93
C GLY A 158 12.51 -9.31 -17.04
N LEU A 159 13.03 -8.83 -15.93
CA LEU A 159 14.32 -8.06 -15.97
C LEU A 159 15.43 -8.89 -15.31
N PRO A 160 16.64 -8.76 -15.83
CA PRO A 160 17.77 -9.55 -15.28
C PRO A 160 18.21 -9.00 -13.91
N GLU A 161 18.47 -9.89 -12.98
CA GLU A 161 18.87 -9.47 -11.59
C GLU A 161 20.15 -8.62 -11.55
N GLU A 162 20.95 -8.68 -12.58
CA GLU A 162 22.22 -7.87 -12.59
C GLU A 162 21.89 -6.37 -12.63
N ASP A 163 20.67 -6.01 -12.92
CA ASP A 163 20.28 -4.57 -12.99
C ASP A 163 19.68 -4.08 -11.66
N ILE A 164 19.65 -4.91 -10.65
CA ILE A 164 19.01 -4.51 -9.35
C ILE A 164 19.75 -3.36 -8.65
N PRO A 165 21.07 -3.41 -8.59
CA PRO A 165 21.79 -2.33 -7.89
C PRO A 165 21.75 -1.01 -8.69
N HIS A 166 21.38 -1.03 -9.96
CA HIS A 166 21.27 0.28 -10.72
C HIS A 166 19.87 0.82 -10.47
N LEU A 167 18.89 -0.05 -10.57
CA LEU A 167 17.48 0.37 -10.34
C LEU A 167 17.24 0.70 -8.86
N LYS A 168 17.64 -0.17 -7.95
CA LYS A 168 17.42 0.11 -6.49
C LYS A 168 18.02 1.46 -6.10
N TYR A 169 19.08 1.88 -6.77
CA TYR A 169 19.67 3.21 -6.44
C TYR A 169 18.75 4.33 -6.96
N LEU A 170 18.29 4.23 -8.19
CA LEU A 170 17.38 5.30 -8.73
C LEU A 170 16.10 5.41 -7.88
N THR A 171 15.45 4.29 -7.62
CA THR A 171 14.18 4.32 -6.80
C THR A 171 14.42 4.94 -5.42
N ASP A 172 15.54 4.65 -4.81
CA ASP A 172 15.81 5.20 -3.44
C ASP A 172 16.03 6.72 -3.49
N GLN A 173 16.50 7.25 -4.61
CA GLN A 173 16.70 8.74 -4.71
C GLN A 173 15.33 9.45 -4.81
N MET A 174 14.30 8.73 -5.20
CA MET A 174 12.95 9.36 -5.32
C MET A 174 12.21 9.32 -3.98
N THR A 175 12.62 8.47 -3.07
CA THR A 175 11.94 8.40 -1.75
C THR A 175 12.87 8.93 -0.65
N ARG A 176 14.11 8.48 -0.65
CA ARG A 176 15.09 8.98 0.37
C ARG A 176 16.35 9.44 -0.37
N PRO A 177 16.27 10.59 -0.99
CA PRO A 177 17.41 11.15 -1.77
C PRO A 177 18.61 11.48 -0.87
N ASP A 178 19.78 11.05 -1.27
CA ASP A 178 21.00 11.36 -0.48
C ASP A 178 21.62 12.71 -0.93
N GLY A 179 21.10 13.32 -1.99
CA GLY A 179 21.65 14.63 -2.43
C GLY A 179 22.34 14.56 -3.81
N SER A 180 22.72 13.40 -4.28
CA SER A 180 23.42 13.32 -5.61
C SER A 180 22.44 13.46 -6.80
N MET A 181 21.18 13.14 -6.62
CA MET A 181 20.23 13.26 -7.76
C MET A 181 18.91 13.92 -7.34
N THR A 182 18.35 14.74 -8.19
CA THR A 182 17.01 15.34 -7.86
C THR A 182 15.95 14.29 -8.18
N PHE A 183 14.72 14.52 -7.82
CA PHE A 183 13.68 13.50 -8.14
C PHE A 183 13.53 13.39 -9.67
N ALA A 184 13.58 14.51 -10.35
CA ALA A 184 13.44 14.52 -11.84
C ALA A 184 14.60 13.76 -12.52
N GLU A 185 15.81 13.93 -12.05
CA GLU A 185 16.97 13.22 -12.68
C GLU A 185 16.84 11.71 -12.46
N ALA A 186 16.43 11.31 -11.28
CA ALA A 186 16.26 9.85 -11.00
C ALA A 186 15.09 9.30 -11.79
N LYS A 187 14.03 10.06 -11.92
CA LYS A 187 12.85 9.58 -12.68
C LYS A 187 13.18 9.46 -14.17
N GLU A 188 13.91 10.42 -14.71
CA GLU A 188 14.27 10.35 -16.15
C GLU A 188 15.25 9.21 -16.38
N ALA A 189 16.12 8.95 -15.45
CA ALA A 189 17.08 7.82 -15.61
C ALA A 189 16.31 6.50 -15.58
N LEU A 190 15.26 6.42 -14.77
CA LEU A 190 14.44 5.17 -14.72
C LEU A 190 13.68 5.02 -16.05
N TYR A 191 13.22 6.13 -16.60
CA TYR A 191 12.51 6.10 -17.91
C TYR A 191 13.50 5.70 -19.01
N ASP A 192 14.71 6.23 -18.92
CA ASP A 192 15.77 5.89 -19.93
C ASP A 192 16.01 4.38 -19.97
N TYR A 193 15.91 3.74 -18.82
CA TYR A 193 16.13 2.26 -18.75
C TYR A 193 14.92 1.51 -19.33
N LEU A 194 13.73 2.03 -19.14
CA LEU A 194 12.49 1.35 -19.62
C LEU A 194 12.14 1.63 -21.10
N ILE A 195 12.50 2.79 -21.62
CA ILE A 195 12.09 3.14 -23.04
C ILE A 195 12.42 2.06 -24.08
N PRO A 196 13.67 1.65 -24.18
CA PRO A 196 14.03 0.63 -25.21
C PRO A 196 13.43 -0.75 -24.85
N ILE A 197 13.17 -1.03 -23.60
CA ILE A 197 12.58 -2.36 -23.23
C ILE A 197 11.08 -2.37 -23.58
N ILE A 198 10.41 -1.25 -23.47
CA ILE A 198 8.94 -1.20 -23.79
C ILE A 198 8.74 -1.30 -25.32
N GLU A 199 9.61 -0.71 -26.10
CA GLU A 199 9.46 -0.79 -27.58
C GLU A 199 9.76 -2.21 -28.06
N GLN A 200 10.73 -2.85 -27.47
CA GLN A 200 11.04 -4.24 -27.88
C GLN A 200 9.87 -5.15 -27.53
N ARG A 201 9.31 -4.97 -26.36
CA ARG A 201 8.17 -5.83 -25.93
C ARG A 201 6.88 -5.42 -26.63
N ARG A 202 6.85 -4.28 -27.27
CA ARG A 202 5.63 -3.91 -28.05
C ARG A 202 5.75 -4.56 -29.44
N GLN A 203 6.97 -4.81 -29.88
CA GLN A 203 7.20 -5.47 -31.20
C GLN A 203 7.05 -7.00 -31.00
N LYS A 204 7.69 -7.52 -29.97
CA LYS A 204 7.56 -8.96 -29.61
C LYS A 204 6.98 -9.01 -28.19
N PRO A 205 5.67 -8.99 -28.08
CA PRO A 205 5.05 -8.99 -26.74
C PRO A 205 5.13 -10.37 -26.06
N GLY A 206 5.64 -10.45 -24.84
CA GLY A 206 5.75 -11.79 -24.16
C GLY A 206 4.77 -11.95 -22.98
N THR A 207 5.25 -12.54 -21.89
CA THR A 207 4.37 -12.79 -20.68
C THR A 207 4.74 -11.91 -19.46
N ASP A 208 5.85 -11.21 -19.49
CA ASP A 208 6.23 -10.38 -18.30
C ASP A 208 5.30 -9.16 -18.11
N ALA A 209 5.40 -8.53 -16.96
CA ALA A 209 4.53 -7.34 -16.64
C ALA A 209 4.75 -6.17 -17.60
N ILE A 210 5.96 -5.90 -18.01
CA ILE A 210 6.20 -4.75 -18.94
C ILE A 210 5.56 -5.04 -20.31
N SER A 211 5.56 -6.29 -20.72
CA SER A 211 4.91 -6.62 -22.02
C SER A 211 3.40 -6.41 -21.90
N ILE A 212 2.82 -6.85 -20.81
CA ILE A 212 1.34 -6.70 -20.60
C ILE A 212 0.95 -5.21 -20.49
N VAL A 213 1.74 -4.41 -19.82
CA VAL A 213 1.39 -2.95 -19.71
C VAL A 213 1.61 -2.25 -21.06
N ALA A 214 2.73 -2.52 -21.69
CA ALA A 214 3.04 -1.86 -23.00
C ALA A 214 2.02 -2.27 -24.08
N ASN A 215 1.48 -3.46 -24.00
CA ASN A 215 0.49 -3.91 -25.02
C ASN A 215 -0.93 -3.92 -24.43
N GLY A 216 -1.12 -3.35 -23.25
CA GLY A 216 -2.47 -3.37 -22.60
C GLY A 216 -3.42 -2.31 -23.16
N GLN A 217 -4.67 -2.39 -22.77
CA GLN A 217 -5.70 -1.42 -23.25
C GLN A 217 -6.34 -0.74 -22.04
N VAL A 218 -6.71 0.51 -22.15
CA VAL A 218 -7.39 1.18 -21.00
C VAL A 218 -8.79 1.61 -21.42
N ASN A 219 -9.77 0.90 -20.93
CA ASN A 219 -11.20 1.18 -21.26
C ASN A 219 -11.47 1.02 -22.77
N GLY A 220 -10.93 -0.02 -23.37
CA GLY A 220 -11.23 -0.31 -24.82
C GLY A 220 -10.21 0.26 -25.81
N ARG A 221 -9.28 1.10 -25.40
CA ARG A 221 -8.31 1.63 -26.41
C ARG A 221 -6.86 1.27 -25.99
N PRO A 222 -5.98 1.21 -26.95
CA PRO A 222 -4.56 0.80 -26.69
C PRO A 222 -3.72 1.91 -26.07
N ILE A 223 -3.01 1.57 -25.02
CA ILE A 223 -2.13 2.54 -24.29
C ILE A 223 -0.96 3.05 -25.17
N THR A 224 -0.53 4.26 -24.93
CA THR A 224 0.62 4.84 -25.71
C THR A 224 1.94 4.45 -25.06
N SER A 225 3.02 4.55 -25.80
CA SER A 225 4.36 4.20 -25.22
C SER A 225 4.66 5.09 -24.01
N ASP A 226 4.22 6.33 -24.06
CA ASP A 226 4.45 7.28 -22.91
C ASP A 226 3.68 6.81 -21.68
N GLU A 227 2.42 6.44 -21.85
CA GLU A 227 1.61 5.97 -20.67
C GLU A 227 2.21 4.69 -20.10
N ALA A 228 2.64 3.79 -20.95
CA ALA A 228 3.24 2.52 -20.48
C ALA A 228 4.51 2.82 -19.68
N LYS A 229 5.30 3.76 -20.16
CA LYS A 229 6.56 4.13 -19.45
C LYS A 229 6.24 4.74 -18.08
N ARG A 230 5.24 5.60 -18.03
CA ARG A 230 4.86 6.25 -16.73
C ARG A 230 4.26 5.22 -15.76
N MET A 231 3.63 4.18 -16.26
CA MET A 231 3.07 3.15 -15.34
C MET A 231 4.17 2.17 -14.92
N CYS A 232 5.00 1.76 -15.86
CA CYS A 232 6.11 0.80 -15.53
C CYS A 232 7.06 1.43 -14.50
N GLY A 233 7.30 2.72 -14.62
CA GLY A 233 8.19 3.42 -13.66
C GLY A 233 7.61 3.30 -12.25
N LEU A 234 6.31 3.47 -12.12
CA LEU A 234 5.66 3.36 -10.78
C LEU A 234 5.75 1.93 -10.26
N LEU A 235 5.59 0.94 -11.11
CA LEU A 235 5.67 -0.48 -10.65
C LEU A 235 7.10 -0.80 -10.15
N LEU A 236 8.10 -0.27 -10.81
CA LEU A 236 9.50 -0.54 -10.38
C LEU A 236 9.76 0.04 -8.98
N VAL A 237 9.30 1.24 -8.72
CA VAL A 237 9.50 1.85 -7.37
C VAL A 237 8.71 1.06 -6.32
N GLY A 238 7.49 0.70 -6.64
CA GLY A 238 6.65 -0.06 -5.69
C GLY A 238 7.24 -1.46 -5.45
N GLY A 239 7.85 -2.04 -6.44
CA GLY A 239 8.43 -3.39 -6.27
C GLY A 239 9.83 -3.34 -5.62
N LEU A 240 10.51 -2.22 -5.68
CA LEU A 240 11.89 -2.16 -5.10
C LEU A 240 11.98 -1.34 -3.80
N ASP A 241 10.96 -0.59 -3.40
CA ASP A 241 11.13 0.21 -2.15
C ASP A 241 9.87 0.28 -1.25
N THR A 242 9.14 -0.79 -1.10
CA THR A 242 7.95 -0.74 -0.18
C THR A 242 8.03 -1.93 0.79
N VAL A 243 7.80 -3.13 0.31
CA VAL A 243 7.88 -4.33 1.20
C VAL A 243 9.33 -4.49 1.70
N VAL A 244 10.29 -4.13 0.87
CA VAL A 244 11.73 -4.23 1.28
C VAL A 244 11.95 -3.51 2.61
N ASN A 245 11.40 -2.34 2.77
CA ASN A 245 11.58 -1.58 4.05
C ASN A 245 10.67 -2.12 5.16
N PHE A 246 9.43 -2.42 4.86
CA PHE A 246 8.49 -2.93 5.93
C PHE A 246 8.99 -4.26 6.53
N LEU A 247 9.55 -5.15 5.73
CA LEU A 247 10.03 -6.45 6.29
C LEU A 247 11.06 -6.20 7.42
N SER A 248 11.91 -5.20 7.25
CA SER A 248 12.94 -4.90 8.28
C SER A 248 12.30 -4.32 9.56
N PHE A 249 11.31 -3.45 9.42
CA PHE A 249 10.64 -2.89 10.66
C PHE A 249 9.99 -4.03 11.44
N SER A 250 9.36 -4.94 10.72
CA SER A 250 8.67 -6.11 11.36
C SER A 250 9.67 -7.06 12.01
N MET A 251 10.72 -7.43 11.30
CA MET A 251 11.72 -8.39 11.90
C MET A 251 12.47 -7.72 13.04
N GLU A 252 12.70 -6.42 12.98
CA GLU A 252 13.39 -5.73 14.11
C GLU A 252 12.51 -5.82 15.36
N PHE A 253 11.22 -5.67 15.19
CA PHE A 253 10.29 -5.76 16.34
C PHE A 253 10.27 -7.21 16.88
N LEU A 254 10.10 -8.18 16.01
CA LEU A 254 10.08 -9.60 16.49
C LEU A 254 11.39 -9.95 17.19
N ALA A 255 12.49 -9.47 16.67
CA ALA A 255 13.81 -9.74 17.32
C ALA A 255 13.86 -9.11 18.71
N LYS A 256 13.17 -8.01 18.91
CA LYS A 256 13.19 -7.32 20.24
C LYS A 256 12.02 -7.76 21.14
N SER A 257 11.18 -8.64 20.67
CA SER A 257 10.03 -9.10 21.49
C SER A 257 9.84 -10.60 21.33
N PRO A 258 10.41 -11.35 22.25
CA PRO A 258 10.28 -12.82 22.20
C PRO A 258 8.88 -13.30 22.62
N GLU A 259 8.04 -12.44 23.20
CA GLU A 259 6.66 -12.89 23.59
C GLU A 259 5.82 -12.91 22.31
N HIS A 260 6.08 -11.99 21.42
CA HIS A 260 5.35 -11.93 20.12
C HIS A 260 5.84 -13.08 19.23
N ARG A 261 7.11 -13.42 19.30
CA ARG A 261 7.63 -14.56 18.48
C ARG A 261 6.92 -15.84 18.93
N GLN A 262 6.77 -16.00 20.23
CA GLN A 262 6.09 -17.21 20.78
C GLN A 262 4.61 -17.25 20.34
N GLU A 263 3.95 -16.11 20.35
CA GLU A 263 2.50 -16.07 19.97
C GLU A 263 2.31 -16.59 18.53
N LEU A 264 3.18 -16.25 17.63
CA LEU A 264 3.02 -16.72 16.21
C LEU A 264 3.53 -18.15 16.05
N ILE A 265 4.51 -18.56 16.83
CA ILE A 265 5.02 -19.97 16.73
C ILE A 265 3.98 -20.93 17.30
N GLN A 266 3.33 -20.54 18.39
CA GLN A 266 2.29 -21.40 19.00
C GLN A 266 1.04 -21.43 18.11
N ARG A 267 0.69 -20.30 17.53
CA ARG A 267 -0.53 -20.25 16.66
C ARG A 267 -0.20 -19.53 15.34
N PRO A 268 0.34 -20.28 14.41
CA PRO A 268 0.72 -19.73 13.08
C PRO A 268 -0.47 -19.19 12.29
N GLU A 269 -1.68 -19.61 12.60
CA GLU A 269 -2.85 -19.08 11.84
C GLU A 269 -3.16 -17.63 12.26
N ARG A 270 -2.42 -17.07 13.20
CA ARG A 270 -2.63 -15.65 13.62
C ARG A 270 -1.68 -14.72 12.84
N ILE A 271 -0.83 -15.27 12.01
CA ILE A 271 0.17 -14.45 11.27
C ILE A 271 -0.47 -13.41 10.34
N PRO A 272 -1.53 -13.76 9.64
CA PRO A 272 -2.13 -12.74 8.77
C PRO A 272 -2.89 -11.69 9.61
N ALA A 273 -3.21 -11.98 10.87
CA ALA A 273 -3.86 -10.92 11.72
C ALA A 273 -2.72 -10.08 12.29
N ALA A 274 -1.62 -10.74 12.58
CA ALA A 274 -0.40 -10.05 13.11
C ALA A 274 0.20 -9.16 12.02
N CYS A 275 0.15 -9.61 10.78
CA CYS A 275 0.70 -8.81 9.65
C CYS A 275 -0.04 -7.47 9.54
N GLU A 276 -1.34 -7.49 9.74
CA GLU A 276 -2.14 -6.24 9.67
C GLU A 276 -1.77 -5.33 10.84
N GLU A 277 -1.60 -5.89 12.03
CA GLU A 277 -1.24 -5.04 13.20
C GLU A 277 0.17 -4.47 13.01
N LEU A 278 1.05 -5.22 12.39
CA LEU A 278 2.42 -4.69 12.14
C LEU A 278 2.34 -3.62 11.05
N LEU A 279 1.47 -3.79 10.09
CA LEU A 279 1.30 -2.76 9.02
C LEU A 279 0.81 -1.46 9.66
N ARG A 280 0.09 -1.54 10.75
CA ARG A 280 -0.42 -0.30 11.44
C ARG A 280 0.69 0.32 12.30
N ARG A 281 1.29 -0.46 13.17
CA ARG A 281 2.35 0.11 14.06
C ARG A 281 3.58 0.53 13.26
N PHE A 282 3.98 -0.24 12.28
CA PHE A 282 5.19 0.13 11.49
C PHE A 282 4.83 0.67 10.10
N SER A 283 3.75 1.42 10.01
CA SER A 283 3.39 2.02 8.68
C SER A 283 4.61 2.84 8.23
N LEU A 284 4.80 3.07 6.95
CA LEU A 284 6.03 3.81 6.53
C LEU A 284 5.86 4.67 5.28
N VAL A 285 4.66 5.04 4.89
CA VAL A 285 4.55 5.89 3.65
C VAL A 285 4.00 7.28 4.00
N ALA A 286 4.42 8.31 3.31
CA ALA A 286 3.91 9.66 3.62
C ALA A 286 4.05 10.64 2.44
N ASP A 287 3.08 10.64 1.55
CA ASP A 287 3.09 11.60 0.40
C ASP A 287 1.90 12.56 0.60
N GLY A 288 1.37 13.20 -0.42
CA GLY A 288 0.22 14.12 -0.15
C GLY A 288 -0.45 14.63 -1.42
N ARG A 289 -1.05 15.81 -1.32
CA ARG A 289 -1.79 16.40 -2.48
C ARG A 289 -1.55 17.91 -2.54
N ILE A 290 -2.10 18.55 -3.55
CA ILE A 290 -1.96 20.04 -3.65
C ILE A 290 -3.37 20.65 -3.75
N LEU A 291 -3.58 21.77 -3.11
CA LEU A 291 -4.93 22.41 -3.12
C LEU A 291 -5.28 22.89 -4.52
N THR A 292 -6.45 22.55 -5.01
CA THR A 292 -6.86 23.01 -6.37
C THR A 292 -7.42 24.44 -6.28
N SER A 293 -7.77 24.88 -5.08
CA SER A 293 -8.33 26.26 -4.91
C SER A 293 -8.32 26.66 -3.44
N ASP A 294 -8.57 27.92 -3.14
CA ASP A 294 -8.61 28.33 -1.70
C ASP A 294 -9.70 27.51 -1.00
N TYR A 295 -9.47 27.08 0.21
CA TYR A 295 -10.49 26.20 0.88
C TYR A 295 -10.27 26.14 2.40
N GLU A 296 -11.30 26.39 3.17
CA GLU A 296 -11.17 26.29 4.65
C GLU A 296 -11.37 24.84 5.07
N PHE A 297 -10.37 24.28 5.68
CA PHE A 297 -10.43 22.86 6.12
C PHE A 297 -10.15 22.76 7.62
N HIS A 298 -11.17 22.46 8.40
CA HIS A 298 -11.03 22.33 9.89
C HIS A 298 -10.58 23.65 10.54
N GLY A 299 -11.14 24.76 10.11
CA GLY A 299 -10.80 26.08 10.72
C GLY A 299 -9.53 26.69 10.12
N VAL A 300 -8.85 26.03 9.21
CA VAL A 300 -7.60 26.65 8.63
C VAL A 300 -7.80 27.02 7.16
N GLN A 301 -7.35 28.19 6.78
CA GLN A 301 -7.51 28.63 5.36
C GLN A 301 -6.36 28.11 4.50
N LEU A 302 -6.67 27.27 3.54
CA LEU A 302 -5.61 26.76 2.61
C LEU A 302 -5.67 27.60 1.33
N LYS A 303 -4.55 27.77 0.69
CA LYS A 303 -4.51 28.61 -0.54
C LYS A 303 -4.23 27.74 -1.77
N LYS A 304 -4.84 28.07 -2.88
CA LYS A 304 -4.62 27.29 -4.15
C LYS A 304 -3.13 27.14 -4.43
N GLY A 305 -2.69 25.92 -4.62
CA GLY A 305 -1.24 25.69 -4.91
C GLY A 305 -0.54 25.19 -3.65
N ASP A 306 -1.14 25.33 -2.50
CA ASP A 306 -0.49 24.86 -1.23
C ASP A 306 -0.32 23.34 -1.22
N GLN A 307 0.81 22.88 -0.75
CA GLN A 307 1.05 21.40 -0.67
C GLN A 307 0.72 20.91 0.74
N ILE A 308 0.00 19.83 0.86
CA ILE A 308 -0.30 19.31 2.22
C ILE A 308 0.11 17.85 2.31
N LEU A 309 1.02 17.56 3.20
CA LEU A 309 1.49 16.18 3.39
C LEU A 309 0.48 15.40 4.22
N LEU A 310 -0.16 14.43 3.62
CA LEU A 310 -1.13 13.56 4.36
C LEU A 310 -0.39 12.23 4.55
N PRO A 311 0.32 12.11 5.65
CA PRO A 311 1.15 10.92 5.88
C PRO A 311 0.33 9.73 6.32
N GLN A 312 0.24 8.76 5.45
CA GLN A 312 -0.54 7.51 5.72
C GLN A 312 -0.11 6.81 7.01
N MET A 313 1.12 7.01 7.43
CA MET A 313 1.64 6.34 8.67
C MET A 313 1.00 6.92 9.94
N LEU A 314 0.50 8.13 9.87
CA LEU A 314 -0.06 8.79 11.09
C LEU A 314 -1.49 8.33 11.43
N SER A 315 -2.29 7.98 10.46
CA SER A 315 -3.69 7.58 10.79
C SER A 315 -3.73 6.38 11.76
N GLY A 316 -3.00 5.34 11.49
CA GLY A 316 -3.00 4.14 12.39
C GLY A 316 -2.34 4.45 13.74
N LEU A 317 -1.40 5.37 13.77
CA LEU A 317 -0.72 5.71 15.06
C LEU A 317 -1.56 6.70 15.90
N ASP A 318 -2.62 7.23 15.34
CA ASP A 318 -3.47 8.20 16.10
C ASP A 318 -4.19 7.50 17.26
N GLU A 319 -4.04 8.02 18.46
CA GLU A 319 -4.73 7.41 19.64
C GLU A 319 -6.25 7.51 19.49
N ARG A 320 -6.72 8.52 18.79
CA ARG A 320 -8.20 8.67 18.60
C ARG A 320 -8.72 7.55 17.69
N GLU A 321 -7.83 6.91 16.96
CA GLU A 321 -8.24 5.79 16.06
C GLU A 321 -7.94 4.43 16.72
N ASN A 322 -6.87 4.34 17.47
CA ASN A 322 -6.50 3.07 18.17
C ASN A 322 -5.94 3.37 19.57
N ALA A 323 -6.52 2.81 20.60
CA ALA A 323 -6.01 3.07 21.98
C ALA A 323 -4.62 2.44 22.12
N CYS A 324 -3.73 3.06 22.87
CA CYS A 324 -2.33 2.51 23.03
C CYS A 324 -1.78 2.12 21.65
N PRO A 325 -1.70 3.11 20.79
CA PRO A 325 -1.25 2.92 19.38
C PRO A 325 0.19 2.42 19.25
N MET A 326 1.08 2.78 20.13
CA MET A 326 2.50 2.31 20.00
C MET A 326 2.66 0.86 20.50
N HIS A 327 1.67 0.31 21.15
CA HIS A 327 1.80 -1.10 21.63
C HIS A 327 1.32 -2.07 20.54
N VAL A 328 2.06 -3.12 20.29
CA VAL A 328 1.63 -4.10 19.24
C VAL A 328 0.78 -5.21 19.85
N ASP A 329 -0.46 -5.28 19.44
CA ASP A 329 -1.38 -6.33 19.96
C ASP A 329 -1.96 -7.12 18.78
N PHE A 330 -1.48 -8.32 18.55
CA PHE A 330 -1.99 -9.14 17.40
C PHE A 330 -3.50 -9.40 17.54
N SER A 331 -4.02 -9.29 18.74
CA SER A 331 -5.48 -9.53 18.95
C SER A 331 -6.28 -8.21 18.94
N ARG A 332 -5.67 -7.10 18.58
CA ARG A 332 -6.43 -5.80 18.56
C ARG A 332 -7.74 -5.97 17.79
N GLN A 333 -8.85 -5.75 18.44
CA GLN A 333 -10.16 -5.94 17.77
C GLN A 333 -10.31 -5.06 16.53
N LYS A 334 -10.11 -3.76 16.64
CA LYS A 334 -10.26 -2.89 15.42
C LYS A 334 -8.92 -2.32 14.98
N VAL A 335 -8.25 -2.97 14.07
CA VAL A 335 -6.95 -2.45 13.58
C VAL A 335 -7.22 -1.46 12.43
N SER A 336 -7.34 -0.20 12.76
CA SER A 336 -7.63 0.83 11.72
C SER A 336 -6.33 1.50 11.24
N HIS A 337 -6.18 1.63 9.94
CA HIS A 337 -4.95 2.31 9.38
C HIS A 337 -5.12 2.61 7.89
N THR A 338 -4.27 3.47 7.38
CA THR A 338 -4.29 3.84 5.94
C THR A 338 -2.91 3.52 5.32
N THR A 339 -2.20 2.59 5.89
CA THR A 339 -0.85 2.20 5.40
C THR A 339 -0.84 2.00 3.87
N PHE A 340 -1.84 1.33 3.33
CA PHE A 340 -1.88 1.11 1.84
C PHE A 340 -2.57 2.28 1.11
N GLY A 341 -2.76 3.41 1.76
CA GLY A 341 -3.40 4.59 1.12
C GLY A 341 -4.87 4.68 1.53
N HIS A 342 -5.58 5.59 0.90
CA HIS A 342 -7.03 5.77 1.21
C HIS A 342 -7.70 6.55 0.07
N GLY A 343 -8.92 6.23 -0.25
CA GLY A 343 -9.61 6.95 -1.36
C GLY A 343 -9.54 6.12 -2.65
N SER A 344 -9.46 6.79 -3.79
CA SER A 344 -9.40 6.06 -5.09
C SER A 344 -7.98 5.59 -5.43
N HIS A 345 -6.97 6.02 -4.71
CA HIS A 345 -5.57 5.57 -5.04
C HIS A 345 -5.12 4.42 -4.12
N LEU A 346 -6.05 3.65 -3.60
CA LEU A 346 -5.65 2.53 -2.69
C LEU A 346 -4.59 1.65 -3.37
N CYS A 347 -3.61 1.22 -2.62
CA CYS A 347 -2.49 0.39 -3.19
C CYS A 347 -3.01 -0.80 -3.99
N LEU A 348 -2.54 -0.92 -5.21
CA LEU A 348 -2.96 -2.06 -6.09
C LEU A 348 -2.07 -3.29 -5.80
N GLY A 349 -0.91 -3.08 -5.20
CA GLY A 349 -0.01 -4.22 -4.90
C GLY A 349 -0.07 -4.60 -3.42
N GLN A 350 -1.15 -4.29 -2.73
CA GLN A 350 -1.23 -4.67 -1.28
C GLN A 350 -1.44 -6.18 -1.13
N HIS A 351 -1.97 -6.85 -2.13
CA HIS A 351 -2.15 -8.33 -2.03
C HIS A 351 -0.79 -9.02 -2.19
N LEU A 352 0.03 -8.51 -3.10
CA LEU A 352 1.39 -9.10 -3.28
C LEU A 352 2.23 -8.77 -2.04
N ALA A 353 1.98 -7.61 -1.45
CA ALA A 353 2.74 -7.20 -0.23
C ALA A 353 2.33 -8.08 0.94
N ARG A 354 1.05 -8.24 1.19
CA ARG A 354 0.58 -9.10 2.33
C ARG A 354 1.11 -10.52 2.16
N ARG A 355 1.09 -11.04 0.96
CA ARG A 355 1.58 -12.42 0.71
C ARG A 355 3.07 -12.51 1.03
N GLU A 356 3.85 -11.55 0.58
CA GLU A 356 5.32 -11.59 0.86
C GLU A 356 5.60 -11.43 2.36
N ILE A 357 4.81 -10.63 3.05
CA ILE A 357 5.00 -10.46 4.51
C ILE A 357 4.60 -11.73 5.27
N ILE A 358 3.42 -12.24 4.98
CA ILE A 358 2.93 -13.47 5.67
C ILE A 358 3.82 -14.68 5.34
N VAL A 359 4.26 -14.83 4.11
CA VAL A 359 5.16 -15.99 3.79
C VAL A 359 6.50 -15.83 4.51
N THR A 360 6.98 -14.61 4.65
CA THR A 360 8.28 -14.39 5.35
C THR A 360 8.14 -14.71 6.84
N LEU A 361 7.11 -14.22 7.48
CA LEU A 361 6.92 -14.50 8.95
C LEU A 361 6.72 -15.99 9.21
N LYS A 362 5.91 -16.64 8.41
CA LYS A 362 5.66 -18.09 8.63
C LYS A 362 6.91 -18.94 8.34
N GLU A 363 7.56 -18.71 7.22
CA GLU A 363 8.76 -19.55 6.88
C GLU A 363 9.98 -19.18 7.73
N TRP A 364 10.08 -17.95 8.21
CA TRP A 364 11.26 -17.61 9.05
C TRP A 364 11.09 -18.22 10.45
N LEU A 365 9.93 -18.05 11.04
CA LEU A 365 9.70 -18.62 12.41
C LEU A 365 9.72 -20.16 12.38
N THR A 366 9.42 -20.75 11.24
CA THR A 366 9.45 -22.25 11.15
C THR A 366 10.91 -22.74 11.17
N ARG A 367 11.82 -22.02 10.55
CA ARG A 367 13.24 -22.46 10.53
C ARG A 367 14.02 -21.79 11.66
N ILE A 368 13.82 -20.50 11.84
CA ILE A 368 14.54 -19.76 12.91
C ILE A 368 13.52 -19.13 13.88
N PRO A 369 13.02 -19.94 14.78
CA PRO A 369 12.02 -19.48 15.77
C PRO A 369 12.61 -18.49 16.79
N ASP A 370 13.88 -18.59 17.11
CA ASP A 370 14.47 -17.65 18.11
C ASP A 370 15.63 -16.85 17.51
N PHE A 371 15.54 -15.55 17.57
CA PHE A 371 16.64 -14.68 17.07
C PHE A 371 16.58 -13.32 17.78
N SER A 372 17.70 -12.63 17.85
CA SER A 372 17.73 -11.32 18.56
C SER A 372 18.61 -10.31 17.81
N ILE A 373 18.58 -9.07 18.23
CA ILE A 373 19.46 -8.04 17.57
C ILE A 373 20.90 -8.34 17.98
N ALA A 374 21.85 -8.21 17.06
CA ALA A 374 23.27 -8.50 17.45
C ALA A 374 23.59 -7.68 18.71
N PRO A 375 24.32 -8.29 19.62
CA PRO A 375 24.65 -7.63 20.91
C PRO A 375 25.44 -6.32 20.73
N GLY A 376 24.94 -5.24 21.29
CA GLY A 376 25.67 -3.93 21.19
C GLY A 376 25.16 -3.11 19.99
N ALA A 377 24.39 -3.69 19.10
CA ALA A 377 23.92 -2.92 17.90
C ALA A 377 22.73 -2.01 18.19
N GLN A 378 22.79 -0.79 17.71
CA GLN A 378 21.67 0.18 17.88
C GLN A 378 21.05 0.42 16.49
N ILE A 379 19.87 -0.12 16.27
CA ILE A 379 19.22 0.03 14.91
C ILE A 379 18.90 1.49 14.58
N GLN A 380 19.28 1.91 13.41
CA GLN A 380 19.02 3.31 12.96
C GLN A 380 18.02 3.30 11.79
N HIS A 381 17.05 4.17 11.83
CA HIS A 381 16.05 4.24 10.72
C HIS A 381 16.30 5.48 9.85
N LYS A 382 15.65 5.55 8.70
CA LYS A 382 15.79 6.73 7.80
C LYS A 382 14.39 7.19 7.35
N SER A 383 14.20 8.48 7.17
CA SER A 383 12.85 8.97 6.79
C SER A 383 12.80 9.55 5.37
N GLY A 384 11.61 9.69 4.85
CA GLY A 384 11.41 10.23 3.47
C GLY A 384 10.00 9.84 3.00
N ILE A 385 9.74 9.83 1.70
CA ILE A 385 8.37 9.41 1.22
C ILE A 385 8.07 8.02 1.78
N VAL A 386 9.09 7.16 1.80
CA VAL A 386 8.93 5.81 2.39
C VAL A 386 10.05 5.63 3.42
N SER A 387 9.72 5.39 4.67
CA SER A 387 10.79 5.22 5.69
C SER A 387 11.39 3.83 5.60
N GLY A 388 12.55 3.61 6.21
CA GLY A 388 13.17 2.26 6.13
C GLY A 388 14.20 2.06 7.26
N VAL A 389 14.91 0.96 7.22
CA VAL A 389 15.94 0.68 8.28
C VAL A 389 17.33 0.63 7.62
N GLN A 390 18.29 1.34 8.16
CA GLN A 390 19.66 1.35 7.54
C GLN A 390 20.31 -0.02 7.61
N ALA A 391 20.20 -0.68 8.73
CA ALA A 391 20.81 -2.05 8.84
C ALA A 391 20.16 -2.83 9.99
N LEU A 392 20.08 -4.13 9.87
CA LEU A 392 19.45 -4.95 10.94
C LEU A 392 20.22 -6.28 11.16
N PRO A 393 21.28 -6.20 11.92
CA PRO A 393 22.10 -7.41 12.22
C PRO A 393 21.38 -8.31 13.23
N LEU A 394 21.10 -9.54 12.84
CA LEU A 394 20.41 -10.51 13.76
C LEU A 394 21.35 -11.67 14.12
N VAL A 395 21.13 -12.29 15.26
CA VAL A 395 21.95 -13.47 15.66
C VAL A 395 21.05 -14.52 16.29
N TRP A 396 21.42 -15.76 16.14
CA TRP A 396 20.63 -16.85 16.76
C TRP A 396 21.49 -18.12 16.86
N ASP A 397 21.16 -18.99 17.77
CA ASP A 397 21.93 -20.24 17.92
C ASP A 397 21.40 -21.22 16.87
N PRO A 398 22.25 -21.67 16.00
CA PRO A 398 21.82 -22.61 14.95
C PRO A 398 21.50 -23.99 15.54
N ALA A 399 21.58 -24.14 16.85
CA ALA A 399 21.21 -25.43 17.49
C ALA A 399 19.71 -25.39 17.78
N THR A 400 19.14 -24.20 17.79
CA THR A 400 17.68 -24.03 18.05
C THR A 400 16.90 -23.95 16.72
N THR A 401 17.57 -23.99 15.58
CA THR A 401 16.83 -23.89 14.27
C THR A 401 16.52 -25.29 13.73
N LYS A 402 15.75 -25.39 12.68
CA LYS A 402 15.44 -26.75 12.11
C LYS A 402 15.20 -26.67 10.60
N ALA A 403 15.84 -27.53 9.86
CA ALA A 403 15.64 -27.54 8.38
C ALA A 403 14.35 -28.26 8.04
N VAL A 404 13.56 -27.72 7.14
CA VAL A 404 12.27 -28.39 6.76
C VAL A 404 12.56 -29.57 5.83
N SER B 1 -23.06 -16.08 8.22
CA SER B 1 -24.36 -16.11 7.50
C SER B 1 -24.12 -16.45 6.02
N LYS B 2 -25.10 -17.03 5.36
CA LYS B 2 -24.90 -17.43 3.93
C LYS B 2 -25.02 -16.25 2.96
N VAL B 3 -24.14 -16.21 1.98
CA VAL B 3 -24.17 -15.15 0.93
C VAL B 3 -23.91 -15.83 -0.43
N VAL B 4 -24.81 -15.69 -1.36
CA VAL B 4 -24.62 -16.37 -2.69
C VAL B 4 -24.23 -15.38 -3.78
N TYR B 5 -23.17 -15.67 -4.50
CA TYR B 5 -22.72 -14.78 -5.62
C TYR B 5 -23.00 -15.45 -6.96
N VAL B 6 -23.92 -14.95 -7.74
CA VAL B 6 -24.17 -15.57 -9.07
C VAL B 6 -23.36 -14.80 -10.12
N SER B 7 -22.57 -15.49 -10.90
CA SER B 7 -21.71 -14.80 -11.91
C SER B 7 -22.44 -14.55 -13.24
N HIS B 8 -21.79 -13.85 -14.14
CA HIS B 8 -22.39 -13.53 -15.48
C HIS B 8 -22.71 -14.82 -16.25
N ASP B 9 -21.78 -15.74 -16.28
CA ASP B 9 -22.02 -17.03 -17.01
C ASP B 9 -23.13 -17.86 -16.33
N GLY B 10 -23.55 -17.49 -15.14
CA GLY B 10 -24.63 -18.24 -14.44
C GLY B 10 -24.06 -19.18 -13.38
N THR B 11 -22.81 -19.01 -12.98
CA THR B 11 -22.24 -19.91 -11.92
C THR B 11 -22.66 -19.43 -10.53
N ARG B 12 -22.84 -20.33 -9.61
CA ARG B 12 -23.29 -19.95 -8.24
C ARG B 12 -22.26 -20.32 -7.17
N ARG B 13 -21.90 -19.37 -6.33
CA ARG B 13 -20.90 -19.66 -5.24
C ARG B 13 -21.50 -19.24 -3.88
N GLU B 14 -21.49 -20.12 -2.91
CA GLU B 14 -22.08 -19.80 -1.57
C GLU B 14 -20.99 -19.69 -0.48
N LEU B 15 -21.02 -18.62 0.28
CA LEU B 15 -20.00 -18.44 1.37
C LEU B 15 -20.69 -18.26 2.73
N ASP B 16 -19.95 -18.51 3.80
CA ASP B 16 -20.50 -18.29 5.17
C ASP B 16 -19.76 -17.07 5.73
N VAL B 17 -20.33 -15.90 5.54
CA VAL B 17 -19.64 -14.65 5.99
C VAL B 17 -20.02 -14.25 7.41
N ALA B 18 -19.04 -13.92 8.22
CA ALA B 18 -19.31 -13.50 9.63
C ALA B 18 -19.84 -12.06 9.66
N ASP B 19 -20.30 -11.61 10.81
CA ASP B 19 -20.84 -10.22 10.92
C ASP B 19 -19.72 -9.18 10.77
N GLY B 20 -20.07 -8.01 10.29
CA GLY B 20 -19.04 -6.93 10.13
C GLY B 20 -18.27 -7.05 8.80
N VAL B 21 -18.37 -8.16 8.10
CA VAL B 21 -17.62 -8.30 6.82
C VAL B 21 -18.46 -7.80 5.64
N SER B 22 -17.86 -7.00 4.78
CA SER B 22 -18.59 -6.49 3.59
C SER B 22 -18.61 -7.58 2.51
N LEU B 23 -19.62 -7.57 1.66
CA LEU B 23 -19.68 -8.61 0.59
C LEU B 23 -18.47 -8.50 -0.35
N MET B 24 -17.86 -7.34 -0.43
CA MET B 24 -16.66 -7.17 -1.31
C MET B 24 -15.48 -7.94 -0.71
N GLN B 25 -15.23 -7.76 0.57
CA GLN B 25 -14.09 -8.47 1.24
C GLN B 25 -14.29 -9.98 1.14
N ALA B 26 -15.51 -10.44 1.35
CA ALA B 26 -15.78 -11.90 1.27
C ALA B 26 -15.56 -12.40 -0.17
N ALA B 27 -15.97 -11.63 -1.15
CA ALA B 27 -15.80 -12.07 -2.57
C ALA B 27 -14.31 -12.06 -2.97
N VAL B 28 -13.61 -10.99 -2.69
CA VAL B 28 -12.16 -10.93 -3.06
C VAL B 28 -11.34 -11.95 -2.25
N SER B 29 -11.67 -12.13 -0.99
CA SER B 29 -10.91 -13.11 -0.14
C SER B 29 -11.21 -14.56 -0.56
N ASN B 30 -12.22 -14.79 -1.35
CA ASN B 30 -12.54 -16.19 -1.78
C ASN B 30 -12.42 -16.33 -3.30
N GLY B 31 -11.65 -15.47 -3.93
CA GLY B 31 -11.45 -15.55 -5.40
C GLY B 31 -12.79 -15.56 -6.16
N ILE B 32 -13.78 -14.81 -5.73
CA ILE B 32 -15.07 -14.80 -6.47
C ILE B 32 -14.88 -14.03 -7.79
N TYR B 33 -15.59 -14.45 -8.79
CA TYR B 33 -15.41 -13.87 -10.17
C TYR B 33 -15.73 -12.38 -10.36
N ASP B 34 -14.92 -11.76 -11.19
CA ASP B 34 -15.05 -10.32 -11.64
C ASP B 34 -14.95 -9.24 -10.54
N ILE B 35 -15.43 -9.46 -9.33
CA ILE B 35 -15.35 -8.35 -8.30
C ILE B 35 -13.87 -7.98 -8.05
N VAL B 36 -13.54 -6.72 -8.24
CA VAL B 36 -12.13 -6.27 -8.03
C VAL B 36 -11.95 -5.59 -6.67
N GLY B 37 -12.78 -4.62 -6.34
CA GLY B 37 -12.61 -3.91 -5.03
C GLY B 37 -11.25 -3.20 -5.06
N ASP B 38 -11.05 -2.37 -6.04
CA ASP B 38 -9.74 -1.66 -6.21
C ASP B 38 -9.52 -0.58 -5.14
N CYS B 39 -10.49 0.28 -4.93
CA CYS B 39 -10.31 1.36 -3.92
C CYS B 39 -10.21 0.82 -2.47
N GLY B 40 -10.49 -0.44 -2.25
CA GLY B 40 -10.35 -1.01 -0.87
C GLY B 40 -11.69 -1.04 -0.12
N GLY B 41 -12.74 -0.48 -0.69
CA GLY B 41 -14.06 -0.51 0.02
C GLY B 41 -14.40 0.87 0.59
N SER B 42 -13.78 1.92 0.10
CA SER B 42 -14.09 3.29 0.63
C SER B 42 -15.07 4.04 -0.29
N ALA B 43 -15.77 3.32 -1.13
CA ALA B 43 -16.77 3.95 -2.06
C ALA B 43 -16.12 5.04 -2.94
N SER B 44 -14.94 4.80 -3.43
CA SER B 44 -14.26 5.80 -4.32
C SER B 44 -14.06 5.17 -5.72
N CYS B 45 -14.66 4.04 -5.97
CA CYS B 45 -14.53 3.36 -7.30
C CYS B 45 -15.82 2.58 -7.59
N ALA B 46 -15.89 1.90 -8.72
CA ALA B 46 -17.13 1.13 -9.04
C ALA B 46 -16.80 -0.28 -9.57
N THR B 47 -15.75 -0.89 -9.07
CA THR B 47 -15.40 -2.26 -9.56
C THR B 47 -15.93 -3.36 -8.59
N CYS B 48 -16.79 -2.99 -7.69
CA CYS B 48 -17.40 -3.98 -6.75
C CYS B 48 -18.93 -3.95 -6.96
N HIS B 49 -19.33 -3.66 -8.17
CA HIS B 49 -20.78 -3.56 -8.52
C HIS B 49 -21.49 -4.92 -8.55
N VAL B 50 -22.64 -5.00 -7.92
CA VAL B 50 -23.43 -6.27 -7.92
C VAL B 50 -24.93 -5.94 -7.92
N TYR B 51 -25.76 -6.87 -8.31
CA TYR B 51 -27.24 -6.61 -8.29
C TYR B 51 -27.85 -7.37 -7.12
N VAL B 52 -28.16 -6.70 -6.03
CA VAL B 52 -28.76 -7.40 -4.85
C VAL B 52 -30.11 -8.02 -5.26
N ASN B 53 -30.35 -9.25 -4.87
CA ASN B 53 -31.65 -9.91 -5.25
C ASN B 53 -32.81 -9.06 -4.71
N GLU B 54 -33.76 -8.82 -5.57
CA GLU B 54 -34.96 -7.98 -5.22
C GLU B 54 -35.57 -8.32 -3.85
N ALA B 55 -35.48 -9.56 -3.41
CA ALA B 55 -36.08 -9.94 -2.09
C ALA B 55 -35.24 -9.48 -0.88
N PHE B 56 -34.05 -8.94 -1.09
CA PHE B 56 -33.23 -8.50 0.09
C PHE B 56 -32.91 -7.00 0.05
N THR B 57 -33.26 -6.32 -1.03
CA THR B 57 -32.94 -4.86 -1.15
C THR B 57 -33.49 -4.02 0.03
N ASP B 58 -34.66 -4.33 0.54
CA ASP B 58 -35.21 -3.52 1.68
C ASP B 58 -34.60 -3.97 3.02
N LYS B 59 -33.82 -5.04 3.04
CA LYS B 59 -33.17 -5.49 4.31
C LYS B 59 -31.81 -4.81 4.47
N VAL B 60 -31.32 -4.18 3.43
CA VAL B 60 -30.00 -3.51 3.48
C VAL B 60 -30.21 -1.99 3.59
N PRO B 61 -29.39 -1.33 4.39
CA PRO B 61 -29.52 0.15 4.55
C PRO B 61 -29.00 0.83 3.28
N ALA B 62 -29.88 1.56 2.62
CA ALA B 62 -29.55 2.27 1.32
C ALA B 62 -28.13 2.87 1.19
N ALA B 63 -27.75 3.10 -0.05
CA ALA B 63 -26.41 3.71 -0.40
C ALA B 63 -26.33 5.15 0.11
N ASN B 64 -25.15 5.57 0.51
CA ASN B 64 -24.97 6.98 1.00
C ASN B 64 -24.61 7.91 -0.17
N GLU B 65 -24.25 9.13 0.12
CA GLU B 65 -23.90 10.11 -0.97
C GLU B 65 -22.72 9.61 -1.84
N ARG B 66 -21.71 9.04 -1.23
CA ARG B 66 -20.53 8.56 -2.02
C ARG B 66 -20.89 7.37 -2.92
N GLU B 67 -21.67 6.43 -2.44
CA GLU B 67 -22.02 5.26 -3.30
C GLU B 67 -22.93 5.69 -4.44
N ILE B 68 -23.91 6.51 -4.18
CA ILE B 68 -24.81 6.98 -5.29
C ILE B 68 -23.97 7.63 -6.40
N GLY B 69 -22.99 8.42 -6.02
CA GLY B 69 -22.11 9.08 -7.03
C GLY B 69 -21.32 8.03 -7.82
N MET B 70 -20.71 7.09 -7.15
CA MET B 70 -19.90 6.04 -7.85
C MET B 70 -20.79 5.14 -8.71
N LEU B 71 -22.01 4.88 -8.26
CA LEU B 71 -22.94 4.01 -9.06
C LEU B 71 -23.26 4.67 -10.41
N GLU B 72 -23.13 5.97 -10.50
CA GLU B 72 -23.42 6.68 -11.78
C GLU B 72 -22.35 6.37 -12.84
N SER B 73 -21.27 5.72 -12.45
CA SER B 73 -20.19 5.43 -13.44
C SER B 73 -19.93 3.91 -13.61
N VAL B 74 -20.80 3.06 -13.12
CA VAL B 74 -20.57 1.58 -13.29
C VAL B 74 -20.54 1.24 -14.79
N THR B 75 -19.65 0.36 -15.19
CA THR B 75 -19.56 -0.02 -16.63
C THR B 75 -20.74 -0.94 -17.01
N ALA B 76 -21.12 -1.84 -16.14
CA ALA B 76 -22.26 -2.75 -16.45
C ALA B 76 -23.58 -1.97 -16.39
N GLU B 77 -24.67 -2.56 -16.85
CA GLU B 77 -25.99 -1.86 -16.82
C GLU B 77 -26.36 -1.46 -15.39
N LEU B 78 -26.90 -0.28 -15.22
CA LEU B 78 -27.31 0.17 -13.85
C LEU B 78 -28.75 -0.22 -13.58
N LYS B 79 -28.97 -1.07 -12.63
CA LYS B 79 -30.36 -1.49 -12.29
C LYS B 79 -30.80 -0.76 -11.01
N PRO B 80 -32.07 -0.82 -10.70
CA PRO B 80 -32.56 -0.17 -9.46
C PRO B 80 -32.19 -1.01 -8.23
N ASN B 81 -31.51 -2.14 -8.41
CA ASN B 81 -31.06 -2.96 -7.24
C ASN B 81 -29.53 -3.08 -7.29
N SER B 82 -28.89 -2.15 -7.98
CA SER B 82 -27.41 -2.17 -8.11
C SER B 82 -26.76 -1.57 -6.86
N ARG B 83 -25.71 -2.19 -6.38
CA ARG B 83 -25.04 -1.67 -5.15
C ARG B 83 -23.54 -1.98 -5.16
N LEU B 84 -22.73 -1.11 -4.61
CA LEU B 84 -21.28 -1.42 -4.49
C LEU B 84 -21.16 -2.32 -3.26
N CYS B 85 -21.09 -3.62 -3.48
CA CYS B 85 -21.07 -4.62 -2.34
C CYS B 85 -20.08 -4.27 -1.22
N CYS B 86 -19.11 -3.43 -1.44
CA CYS B 86 -18.18 -3.07 -0.32
C CYS B 86 -18.93 -2.22 0.72
N GLN B 87 -20.09 -1.70 0.37
CA GLN B 87 -20.90 -0.88 1.31
C GLN B 87 -21.91 -1.77 2.08
N ILE B 88 -22.11 -3.00 1.64
CA ILE B 88 -23.07 -3.90 2.33
C ILE B 88 -22.37 -4.72 3.42
N ILE B 89 -22.55 -4.36 4.66
CA ILE B 89 -21.91 -5.15 5.76
C ILE B 89 -22.82 -6.32 6.11
N MET B 90 -22.26 -7.50 6.20
CA MET B 90 -23.10 -8.71 6.49
C MET B 90 -23.57 -8.81 7.93
N THR B 91 -24.80 -9.18 8.09
CA THR B 91 -25.40 -9.38 9.44
C THR B 91 -26.25 -10.66 9.34
N PRO B 92 -26.66 -11.22 10.46
CA PRO B 92 -27.48 -12.46 10.39
C PRO B 92 -28.91 -12.15 9.94
N GLU B 93 -29.22 -10.89 9.65
CA GLU B 93 -30.59 -10.58 9.14
C GLU B 93 -30.55 -10.75 7.62
N LEU B 94 -29.36 -10.66 7.05
CA LEU B 94 -29.19 -10.80 5.58
C LEU B 94 -28.84 -12.25 5.22
N ASP B 95 -29.01 -13.17 6.14
CA ASP B 95 -28.65 -14.60 5.86
C ASP B 95 -29.37 -15.12 4.60
N GLY B 96 -28.62 -15.64 3.66
CA GLY B 96 -29.25 -16.17 2.41
C GLY B 96 -29.35 -15.09 1.32
N ILE B 97 -28.79 -13.93 1.51
CA ILE B 97 -28.88 -12.87 0.45
C ILE B 97 -28.17 -13.34 -0.83
N VAL B 98 -28.73 -13.00 -1.98
CA VAL B 98 -28.10 -13.41 -3.27
C VAL B 98 -27.80 -12.17 -4.11
N VAL B 99 -26.62 -12.09 -4.67
CA VAL B 99 -26.27 -10.91 -5.52
C VAL B 99 -25.69 -11.39 -6.84
N ASP B 100 -26.11 -10.80 -7.92
CA ASP B 100 -25.56 -11.20 -9.25
C ASP B 100 -24.37 -10.30 -9.59
N VAL B 101 -23.29 -10.87 -10.04
CA VAL B 101 -22.09 -10.04 -10.37
C VAL B 101 -21.96 -9.86 -11.89
N PRO B 102 -21.85 -8.62 -12.30
CA PRO B 102 -21.71 -8.28 -13.73
C PRO B 102 -20.25 -8.50 -14.13
N ASP B 103 -20.02 -9.20 -15.21
CA ASP B 103 -18.61 -9.48 -15.66
C ASP B 103 -17.79 -8.22 -16.02
N ARG B 104 -18.31 -7.02 -15.86
CA ARG B 104 -17.50 -5.81 -16.22
C ARG B 104 -17.42 -4.85 -15.03
N GLN B 105 -16.25 -4.66 -14.49
CA GLN B 105 -16.11 -3.73 -13.32
C GLN B 105 -15.29 -2.51 -13.71
N TRP B 106 -14.16 -2.72 -14.33
CA TRP B 106 -13.31 -1.58 -14.78
C TRP B 106 -14.03 -0.73 -15.84
N LEU A 1 14.84 26.96 6.50
CA LEU A 1 13.39 27.30 6.64
C LEU A 1 12.96 28.27 5.53
N ALA A 2 11.85 28.01 4.90
CA ALA A 2 11.36 28.95 3.84
C ALA A 2 10.55 30.03 4.58
N PRO A 3 10.48 31.21 4.01
CA PRO A 3 9.79 32.33 4.69
C PRO A 3 8.28 32.09 4.81
N LEU A 4 7.77 32.12 6.02
CA LEU A 4 6.30 31.89 6.24
C LEU A 4 5.45 32.74 5.28
N PRO A 5 4.54 32.10 4.55
CA PRO A 5 3.65 32.83 3.62
C PRO A 5 2.58 33.54 4.45
N PRO A 6 2.19 34.69 3.97
CA PRO A 6 1.25 35.59 4.70
C PRO A 6 -0.16 35.05 4.96
N HIS A 7 -0.61 33.99 4.33
CA HIS A 7 -2.00 33.49 4.68
C HIS A 7 -1.89 32.44 5.78
N VAL A 8 -0.67 32.05 6.13
CA VAL A 8 -0.46 31.07 7.23
C VAL A 8 -0.18 31.83 8.54
N PRO A 9 -1.04 31.60 9.50
CA PRO A 9 -0.88 32.25 10.83
C PRO A 9 0.32 31.66 11.60
N GLU A 10 0.99 32.49 12.36
CA GLU A 10 2.19 32.03 13.15
C GLU A 10 1.88 30.90 14.13
N HIS A 11 0.68 30.84 14.67
CA HIS A 11 0.37 29.79 15.68
C HIS A 11 0.20 28.37 15.06
N LEU A 12 0.21 28.24 13.75
CA LEU A 12 0.10 26.86 13.15
C LEU A 12 1.47 26.36 12.67
N VAL A 13 2.54 27.05 13.00
CA VAL A 13 3.88 26.60 12.53
C VAL A 13 4.54 25.54 13.43
N PHE A 14 4.96 24.48 12.82
CA PHE A 14 5.69 23.38 13.52
C PHE A 14 6.72 22.86 12.51
N ASP A 15 7.95 23.27 12.65
CA ASP A 15 9.00 22.89 11.66
C ASP A 15 9.40 21.41 11.72
N PHE A 16 8.55 20.54 11.23
CA PHE A 16 8.88 19.09 11.18
C PHE A 16 9.50 18.75 9.82
N ASP A 17 10.66 18.13 9.82
CA ASP A 17 11.32 17.75 8.53
C ASP A 17 11.04 16.27 8.25
N MET A 18 10.31 15.98 7.19
CA MET A 18 9.97 14.55 6.87
C MET A 18 11.17 13.77 6.33
N TYR A 19 12.23 14.42 5.91
CA TYR A 19 13.42 13.66 5.42
C TYR A 19 14.46 13.48 6.53
N ASN A 20 14.30 14.19 7.63
CA ASN A 20 15.25 14.05 8.78
C ASN A 20 14.59 14.64 10.04
N PRO A 21 13.62 13.93 10.57
CA PRO A 21 12.90 14.38 11.79
C PRO A 21 13.84 14.44 13.01
N SER A 22 13.56 15.35 13.91
CA SER A 22 14.43 15.55 15.13
C SER A 22 14.50 14.32 16.06
N ASN A 23 13.45 13.56 16.19
CA ASN A 23 13.50 12.38 17.11
C ASN A 23 13.68 11.07 16.34
N LEU A 24 14.45 11.09 15.27
CA LEU A 24 14.67 9.84 14.46
C LEU A 24 15.39 8.76 15.26
N SER A 25 16.20 9.14 16.22
CA SER A 25 16.95 8.12 17.01
C SER A 25 15.99 7.29 17.89
N ALA A 26 14.84 7.79 18.21
CA ALA A 26 13.88 6.99 19.04
C ALA A 26 13.00 6.10 18.15
N GLY A 27 13.19 6.16 16.85
CA GLY A 27 12.37 5.34 15.91
C GLY A 27 11.65 6.33 14.97
N VAL A 28 11.62 6.05 13.69
CA VAL A 28 10.96 7.00 12.74
C VAL A 28 9.44 7.11 13.00
N GLN A 29 8.78 6.03 13.38
CA GLN A 29 7.30 6.13 13.68
C GLN A 29 7.13 7.00 14.94
N GLU A 30 8.05 6.88 15.85
CA GLU A 30 8.05 7.72 17.08
C GLU A 30 8.39 9.15 16.70
N ALA A 31 9.28 9.30 15.74
CA ALA A 31 9.69 10.66 15.27
C ALA A 31 8.49 11.38 14.65
N TRP A 32 7.75 10.72 13.80
CA TRP A 32 6.56 11.36 13.17
C TRP A 32 5.43 11.54 14.21
N ALA A 33 5.37 10.67 15.19
CA ALA A 33 4.29 10.76 16.23
C ALA A 33 4.42 12.01 17.12
N VAL A 34 5.53 12.72 17.08
CA VAL A 34 5.62 13.97 17.92
C VAL A 34 4.59 14.99 17.41
N LEU A 35 4.16 14.82 16.18
CA LEU A 35 3.12 15.74 15.60
C LEU A 35 1.77 15.48 16.30
N GLN A 36 1.64 14.37 17.01
CA GLN A 36 0.35 14.04 17.68
C GLN A 36 0.42 14.29 19.20
N GLU A 37 1.42 14.97 19.69
CA GLU A 37 1.47 15.24 21.16
C GLU A 37 0.36 16.26 21.51
N SER A 38 0.04 16.37 22.78
CA SER A 38 -1.06 17.28 23.22
C SER A 38 -0.93 18.72 22.68
N ASN A 39 0.24 19.27 22.69
CA ASN A 39 0.43 20.70 22.25
C ASN A 39 0.38 20.94 20.71
N VAL A 40 0.29 19.92 19.88
CA VAL A 40 0.27 20.22 18.40
C VAL A 40 -1.16 20.16 17.83
N PRO A 41 -1.48 21.17 17.03
CA PRO A 41 -2.83 21.25 16.40
C PRO A 41 -3.00 20.19 15.30
N ASP A 42 -4.22 19.90 14.95
CA ASP A 42 -4.51 18.86 13.91
C ASP A 42 -3.88 19.19 12.55
N LEU A 43 -3.69 20.45 12.23
CA LEU A 43 -3.11 20.81 10.90
C LEU A 43 -2.04 21.90 11.08
N VAL A 44 -0.79 21.53 10.87
CA VAL A 44 0.32 22.52 11.06
C VAL A 44 1.02 22.87 9.75
N TRP A 45 1.82 23.92 9.79
CA TRP A 45 2.60 24.33 8.60
C TRP A 45 4.10 24.28 8.93
N THR A 46 4.85 23.51 8.19
CA THR A 46 6.33 23.44 8.44
C THR A 46 7.08 24.26 7.39
N ARG A 47 8.06 25.02 7.79
CA ARG A 47 8.85 25.84 6.81
C ARG A 47 9.98 24.99 6.20
N CYS A 48 10.06 23.74 6.59
CA CYS A 48 11.12 22.83 6.04
C CYS A 48 10.73 22.34 4.64
N ASN A 49 11.72 21.97 3.86
CA ASN A 49 11.47 21.43 2.47
C ASN A 49 10.58 22.35 1.62
N GLY A 50 10.78 23.64 1.68
CA GLY A 50 9.97 24.58 0.83
C GLY A 50 8.71 25.08 1.55
N GLY A 51 8.24 24.38 2.56
CA GLY A 51 7.02 24.86 3.29
C GLY A 51 5.78 24.11 2.79
N HIS A 52 5.06 23.50 3.70
CA HIS A 52 3.81 22.77 3.31
C HIS A 52 2.99 22.37 4.55
N TRP A 53 1.73 22.08 4.35
CA TRP A 53 0.85 21.68 5.51
C TRP A 53 1.06 20.21 5.91
N ILE A 54 0.69 19.86 7.13
CA ILE A 54 0.79 18.43 7.58
C ILE A 54 -0.44 18.04 8.42
N ALA A 55 -1.29 17.20 7.90
CA ALA A 55 -2.46 16.75 8.71
C ALA A 55 -1.93 15.70 9.71
N THR A 56 -2.04 15.96 10.99
CA THR A 56 -1.47 15.01 12.00
C THR A 56 -2.47 13.98 12.54
N ARG A 57 -3.74 14.10 12.24
CA ARG A 57 -4.71 13.08 12.78
C ARG A 57 -5.35 12.29 11.65
N GLY A 58 -5.77 11.07 11.95
CA GLY A 58 -6.38 10.19 10.91
C GLY A 58 -7.66 10.80 10.32
N GLN A 59 -8.48 11.45 11.12
CA GLN A 59 -9.73 12.06 10.57
C GLN A 59 -9.40 13.03 9.44
N LEU A 60 -8.41 13.88 9.62
CA LEU A 60 -8.04 14.86 8.56
C LEU A 60 -7.38 14.16 7.37
N ILE A 61 -6.52 13.20 7.62
CA ILE A 61 -5.84 12.48 6.49
C ILE A 61 -6.85 11.69 5.66
N ARG A 62 -7.78 11.01 6.29
CA ARG A 62 -8.81 10.23 5.53
C ARG A 62 -9.70 11.19 4.73
N GLU A 63 -10.16 12.23 5.37
CA GLU A 63 -11.06 13.22 4.70
C GLU A 63 -10.37 13.87 3.49
N ALA A 64 -9.11 14.21 3.61
CA ALA A 64 -8.38 14.86 2.48
C ALA A 64 -8.17 13.88 1.32
N TYR A 65 -7.89 12.63 1.61
CA TYR A 65 -7.68 11.62 0.51
C TYR A 65 -9.01 11.26 -0.18
N GLU A 66 -10.11 11.46 0.52
CA GLU A 66 -11.45 11.15 -0.07
C GLU A 66 -11.89 12.28 -1.01
N ASP A 67 -11.58 13.50 -0.64
CA ASP A 67 -11.97 14.67 -1.46
C ASP A 67 -10.88 15.01 -2.47
N TYR A 68 -10.92 14.40 -3.63
CA TYR A 68 -9.88 14.72 -4.65
C TYR A 68 -10.23 16.02 -5.41
N ARG A 69 -11.42 16.54 -5.22
CA ARG A 69 -11.78 17.83 -5.91
C ARG A 69 -11.00 18.99 -5.29
N HIS A 70 -10.71 18.90 -4.01
CA HIS A 70 -9.93 19.99 -3.34
C HIS A 70 -8.46 19.57 -3.24
N PHE A 71 -8.20 18.33 -2.87
CA PHE A 71 -6.80 17.83 -2.75
C PHE A 71 -6.46 16.99 -3.99
N SER A 72 -5.66 17.53 -4.86
CA SER A 72 -5.34 16.82 -6.14
C SER A 72 -4.04 15.99 -6.05
N SER A 73 -3.97 14.92 -6.83
CA SER A 73 -2.74 14.07 -6.84
C SER A 73 -1.76 14.53 -7.93
N GLU A 74 -2.09 15.57 -8.65
CA GLU A 74 -1.17 16.07 -9.71
C GLU A 74 0.24 16.34 -9.11
N CYS A 75 0.31 16.89 -7.90
CA CYS A 75 1.67 17.17 -7.26
C CYS A 75 1.76 16.57 -5.80
N PRO A 76 2.07 15.28 -5.76
CA PRO A 76 2.11 14.44 -4.47
C PRO A 76 3.43 14.24 -3.64
N PHE A 77 4.58 14.68 -4.08
CA PHE A 77 5.86 14.51 -3.27
C PHE A 77 6.14 15.90 -2.57
N ILE A 78 7.20 16.14 -1.72
CA ILE A 78 7.25 17.53 -1.03
C ILE A 78 8.44 18.54 -1.18
N PRO A 79 9.35 18.39 -2.11
CA PRO A 79 10.28 19.52 -2.47
C PRO A 79 9.43 20.08 -3.60
N ARG A 80 8.77 21.24 -3.48
CA ARG A 80 7.76 21.52 -4.55
C ARG A 80 8.20 21.04 -5.93
N GLU A 81 9.47 20.96 -6.21
CA GLU A 81 9.95 20.46 -7.53
C GLU A 81 9.81 18.91 -7.75
N ALA A 82 9.81 18.06 -6.74
CA ALA A 82 9.65 16.57 -7.03
C ALA A 82 8.20 16.25 -7.36
N GLY A 83 7.30 16.95 -6.71
CA GLY A 83 5.84 16.74 -6.94
C GLY A 83 5.49 17.20 -8.36
N GLU A 84 6.11 18.26 -8.84
CA GLU A 84 5.82 18.77 -10.22
C GLU A 84 6.41 17.82 -11.26
N ALA A 85 7.53 17.22 -10.98
CA ALA A 85 8.14 16.27 -11.96
C ALA A 85 7.45 14.88 -11.90
N TYR A 86 6.79 14.57 -10.79
CA TYR A 86 6.13 13.23 -10.62
C TYR A 86 4.98 12.98 -11.65
N ASP A 87 5.07 11.89 -12.42
CA ASP A 87 4.01 11.57 -13.45
C ASP A 87 3.86 10.06 -13.74
N PHE A 88 3.95 9.26 -12.69
CA PHE A 88 3.71 7.77 -12.81
C PHE A 88 2.20 7.61 -13.28
N ILE A 89 1.50 6.45 -13.45
CA ILE A 89 0.05 6.65 -14.03
C ILE A 89 -1.26 6.14 -13.36
N PRO A 90 -1.30 5.69 -12.13
CA PRO A 90 -2.64 5.55 -11.47
C PRO A 90 -2.61 6.46 -10.23
N THR A 91 -1.69 7.44 -10.23
CA THR A 91 -1.43 8.31 -9.05
C THR A 91 -1.29 9.80 -9.37
N SER A 92 -0.58 10.20 -10.41
CA SER A 92 -0.48 11.69 -10.64
C SER A 92 -1.80 12.21 -11.30
N MET A 93 -2.88 11.39 -11.29
CA MET A 93 -4.19 11.75 -11.96
C MET A 93 -5.42 11.88 -10.98
N ASP A 94 -6.36 12.80 -11.24
CA ASP A 94 -7.61 12.83 -10.38
C ASP A 94 -8.68 11.96 -11.14
N PRO A 95 -9.50 11.23 -10.38
CA PRO A 95 -10.28 10.03 -10.89
C PRO A 95 -11.47 9.95 -11.91
N PRO A 96 -11.72 10.87 -12.83
CA PRO A 96 -12.71 10.50 -13.85
C PRO A 96 -11.81 9.61 -14.75
N GLU A 97 -10.74 10.23 -15.14
CA GLU A 97 -9.59 9.66 -15.90
C GLU A 97 -8.72 8.57 -15.18
N GLN A 98 -8.25 8.84 -13.94
CA GLN A 98 -7.28 7.84 -13.27
C GLN A 98 -7.80 6.39 -13.25
N ARG A 99 -9.08 6.23 -13.05
CA ARG A 99 -9.70 4.87 -12.98
C ARG A 99 -9.32 3.91 -14.12
N GLN A 100 -9.33 4.34 -15.37
CA GLN A 100 -9.03 3.37 -16.50
C GLN A 100 -7.61 2.78 -16.42
N PHE A 101 -6.68 3.42 -15.76
CA PHE A 101 -5.29 2.83 -15.69
C PHE A 101 -5.14 1.82 -14.53
N ARG A 102 -6.02 1.85 -13.57
CA ARG A 102 -5.91 0.90 -12.42
C ARG A 102 -6.18 -0.55 -12.84
N ALA A 103 -7.06 -0.76 -13.81
CA ALA A 103 -7.37 -2.15 -14.25
C ALA A 103 -6.14 -2.78 -14.93
N LEU A 104 -5.42 -2.01 -15.71
CA LEU A 104 -4.21 -2.57 -16.40
C LEU A 104 -3.12 -2.88 -15.37
N ALA A 105 -2.97 -2.03 -14.39
CA ALA A 105 -1.94 -2.28 -13.33
C ALA A 105 -2.36 -3.48 -12.47
N ASN A 106 -3.65 -3.68 -12.31
CA ASN A 106 -4.13 -4.83 -11.51
C ASN A 106 -3.74 -6.15 -12.21
N GLN A 107 -3.69 -6.13 -13.53
CA GLN A 107 -3.33 -7.36 -14.31
C GLN A 107 -1.91 -7.82 -14.00
N VAL A 108 -1.01 -6.91 -13.68
CA VAL A 108 0.41 -7.31 -13.43
C VAL A 108 0.81 -7.33 -11.94
N VAL A 109 0.09 -6.69 -11.04
CA VAL A 109 0.51 -6.80 -9.58
C VAL A 109 -0.68 -7.11 -8.68
N GLY A 110 -1.84 -7.34 -9.23
CA GLY A 110 -3.03 -7.64 -8.39
C GLY A 110 -3.03 -9.12 -7.98
N MET A 111 -4.16 -9.61 -7.52
CA MET A 111 -4.26 -11.05 -7.10
C MET A 111 -3.99 -12.04 -8.22
N PRO A 112 -4.40 -11.75 -9.44
CA PRO A 112 -4.18 -12.71 -10.55
C PRO A 112 -2.67 -12.95 -10.78
N VAL A 113 -1.81 -12.00 -10.44
CA VAL A 113 -0.33 -12.26 -10.62
C VAL A 113 0.20 -12.90 -9.33
N VAL A 114 -0.44 -12.64 -8.19
CA VAL A 114 0.02 -13.27 -6.92
C VAL A 114 -0.22 -14.78 -7.04
N ASP A 115 -1.27 -15.15 -7.74
CA ASP A 115 -1.56 -16.60 -7.94
C ASP A 115 -0.56 -17.20 -8.92
N LYS A 116 -0.17 -16.44 -9.90
CA LYS A 116 0.85 -16.94 -10.88
C LYS A 116 2.20 -17.12 -10.17
N LEU A 117 2.50 -16.24 -9.23
CA LEU A 117 3.83 -16.28 -8.52
C LEU A 117 3.76 -17.02 -7.17
N GLU A 118 2.63 -17.60 -6.80
CA GLU A 118 2.56 -18.29 -5.45
C GLU A 118 3.73 -19.27 -5.24
N ASN A 119 3.98 -20.15 -6.18
CA ASN A 119 5.07 -21.15 -6.00
C ASN A 119 6.46 -20.49 -5.89
N ARG A 120 6.80 -19.60 -6.79
CA ARG A 120 8.16 -18.94 -6.72
C ARG A 120 8.31 -18.09 -5.45
N ILE A 121 7.26 -17.44 -4.98
CA ILE A 121 7.39 -16.61 -3.73
C ILE A 121 7.69 -17.52 -2.55
N GLN A 122 7.01 -18.64 -2.47
CA GLN A 122 7.23 -19.59 -1.34
C GLN A 122 8.61 -20.25 -1.47
N GLU A 123 8.99 -20.62 -2.67
CA GLU A 123 10.32 -21.28 -2.87
C GLU A 123 11.48 -20.33 -2.54
N LEU A 124 11.42 -19.09 -2.99
CA LEU A 124 12.55 -18.15 -2.71
C LEU A 124 12.64 -17.84 -1.22
N ALA A 125 11.52 -17.66 -0.56
CA ALA A 125 11.55 -17.35 0.90
C ALA A 125 12.20 -18.52 1.66
N CYS A 126 11.81 -19.72 1.34
CA CYS A 126 12.39 -20.91 2.02
C CYS A 126 13.86 -21.10 1.65
N SER A 127 14.22 -20.88 0.40
CA SER A 127 15.64 -21.05 -0.03
C SER A 127 16.55 -20.00 0.62
N LEU A 128 16.14 -18.74 0.61
CA LEU A 128 16.98 -17.67 1.24
C LEU A 128 17.15 -17.91 2.74
N ILE A 129 16.09 -18.29 3.42
CA ILE A 129 16.18 -18.52 4.91
C ILE A 129 16.96 -19.80 5.24
N GLU A 130 16.78 -20.86 4.48
CA GLU A 130 17.53 -22.13 4.79
C GLU A 130 19.03 -21.89 4.59
N SER A 131 19.39 -21.07 3.64
CA SER A 131 20.84 -20.78 3.40
C SER A 131 21.41 -19.96 4.58
N LEU A 132 20.59 -19.13 5.19
CA LEU A 132 21.08 -18.31 6.34
C LEU A 132 21.00 -19.09 7.67
N ARG A 133 20.06 -19.99 7.78
CA ARG A 133 19.83 -20.74 9.08
C ARG A 133 21.11 -21.22 9.79
N PRO A 134 21.97 -21.95 9.11
CA PRO A 134 23.18 -22.51 9.76
C PRO A 134 24.25 -21.45 10.07
N GLN A 135 24.09 -20.23 9.61
CA GLN A 135 25.13 -19.19 9.90
C GLN A 135 24.99 -18.67 11.33
N GLY A 136 23.79 -18.59 11.84
CA GLY A 136 23.58 -18.08 13.22
C GLY A 136 23.57 -16.55 13.21
N GLN A 137 23.58 -15.93 12.06
CA GLN A 137 23.59 -14.44 12.00
C GLN A 137 23.39 -13.96 10.55
N CYS A 138 23.03 -12.71 10.36
CA CYS A 138 22.82 -12.20 8.97
C CYS A 138 22.46 -10.71 8.95
N ASN A 139 22.79 -10.03 7.88
CA ASN A 139 22.41 -8.59 7.74
C ASN A 139 21.05 -8.58 7.02
N PHE A 140 20.00 -8.71 7.79
CA PHE A 140 18.62 -8.83 7.23
C PHE A 140 18.30 -7.88 6.07
N THR A 141 18.71 -6.64 6.12
CA THR A 141 18.35 -5.72 4.98
C THR A 141 18.98 -6.16 3.66
N GLU A 142 20.20 -6.65 3.69
CA GLU A 142 20.87 -7.06 2.42
C GLU A 142 20.71 -8.57 2.17
N ASP A 143 20.54 -9.36 3.19
CA ASP A 143 20.43 -10.83 2.96
C ASP A 143 19.00 -11.31 2.68
N TYR A 144 17.98 -10.56 3.06
CA TYR A 144 16.59 -11.06 2.77
C TYR A 144 15.62 -9.92 2.41
N ALA A 145 15.53 -8.88 3.21
CA ALA A 145 14.56 -7.77 2.94
C ALA A 145 14.66 -7.23 1.51
N GLU A 146 15.84 -7.18 0.95
CA GLU A 146 16.00 -6.62 -0.44
C GLU A 146 15.86 -7.70 -1.52
N PRO A 147 16.64 -8.76 -1.42
CA PRO A 147 16.60 -9.84 -2.45
C PRO A 147 15.27 -10.60 -2.54
N PHE A 148 14.58 -10.85 -1.45
CA PHE A 148 13.30 -11.64 -1.56
C PHE A 148 12.23 -10.94 -2.41
N PRO A 149 11.83 -9.75 -2.01
CA PRO A 149 10.77 -9.05 -2.78
C PRO A 149 11.31 -8.36 -4.06
N ILE A 150 12.61 -8.10 -4.17
CA ILE A 150 13.12 -7.43 -5.43
C ILE A 150 13.35 -8.52 -6.49
N ARG A 151 13.83 -9.67 -6.10
CA ARG A 151 14.04 -10.76 -7.10
C ARG A 151 12.69 -11.24 -7.62
N ILE A 152 11.67 -11.27 -6.79
CA ILE A 152 10.32 -11.70 -7.28
C ILE A 152 9.78 -10.66 -8.26
N PHE A 153 10.03 -9.38 -8.02
CA PHE A 153 9.53 -8.36 -8.97
C PHE A 153 10.31 -8.43 -10.28
N MET A 154 11.62 -8.58 -10.20
CA MET A 154 12.43 -8.68 -11.46
C MET A 154 11.97 -9.90 -12.26
N LEU A 155 11.55 -10.95 -11.57
CA LEU A 155 11.03 -12.17 -12.27
C LEU A 155 9.67 -11.82 -12.90
N LEU A 156 8.87 -11.10 -12.15
CA LEU A 156 7.51 -10.68 -12.64
C LEU A 156 7.65 -9.67 -13.79
N ALA A 157 8.71 -8.87 -13.80
CA ALA A 157 8.87 -7.86 -14.89
C ALA A 157 9.77 -8.38 -16.01
N GLY A 158 10.33 -9.56 -15.87
CA GLY A 158 11.21 -10.11 -16.93
C GLY A 158 12.51 -9.31 -17.04
N LEU A 159 13.03 -8.83 -15.93
CA LEU A 159 14.32 -8.06 -15.97
C LEU A 159 15.43 -8.89 -15.31
N PRO A 160 16.64 -8.76 -15.83
CA PRO A 160 17.77 -9.55 -15.28
C PRO A 160 18.21 -9.00 -13.91
N GLU A 161 18.47 -9.89 -12.98
CA GLU A 161 18.87 -9.47 -11.59
C GLU A 161 20.15 -8.62 -11.55
N GLU A 162 20.95 -8.68 -12.58
CA GLU A 162 22.22 -7.87 -12.59
C GLU A 162 21.89 -6.37 -12.63
N ASP A 163 20.67 -6.01 -12.92
CA ASP A 163 20.28 -4.57 -12.99
C ASP A 163 19.68 -4.08 -11.66
N ILE A 164 19.65 -4.91 -10.65
CA ILE A 164 19.01 -4.51 -9.35
C ILE A 164 19.75 -3.36 -8.65
N PRO A 165 21.07 -3.41 -8.59
CA PRO A 165 21.79 -2.33 -7.89
C PRO A 165 21.75 -1.01 -8.69
N HIS A 166 21.38 -1.03 -9.96
CA HIS A 166 21.27 0.28 -10.72
C HIS A 166 19.87 0.82 -10.47
N LEU A 167 18.89 -0.05 -10.57
CA LEU A 167 17.48 0.37 -10.34
C LEU A 167 17.24 0.70 -8.86
N LYS A 168 17.64 -0.17 -7.95
CA LYS A 168 17.42 0.11 -6.49
C LYS A 168 18.02 1.46 -6.10
N TYR A 169 19.08 1.88 -6.77
CA TYR A 169 19.67 3.21 -6.44
C TYR A 169 18.75 4.33 -6.96
N LEU A 170 18.29 4.23 -8.19
CA LEU A 170 17.38 5.30 -8.73
C LEU A 170 16.10 5.41 -7.88
N THR A 171 15.45 4.29 -7.62
CA THR A 171 14.18 4.32 -6.80
C THR A 171 14.42 4.94 -5.42
N ASP A 172 15.54 4.65 -4.81
CA ASP A 172 15.81 5.20 -3.44
C ASP A 172 16.03 6.72 -3.49
N GLN A 173 16.50 7.25 -4.61
CA GLN A 173 16.70 8.74 -4.71
C GLN A 173 15.33 9.45 -4.81
N MET A 174 14.30 8.73 -5.20
CA MET A 174 12.95 9.36 -5.32
C MET A 174 12.21 9.32 -3.98
N THR A 175 12.62 8.47 -3.07
CA THR A 175 11.94 8.40 -1.75
C THR A 175 12.87 8.93 -0.65
N ARG A 176 14.11 8.48 -0.65
CA ARG A 176 15.09 8.98 0.37
C ARG A 176 16.35 9.44 -0.37
N PRO A 177 16.27 10.59 -0.99
CA PRO A 177 17.41 11.15 -1.77
C PRO A 177 18.61 11.48 -0.87
N ASP A 178 19.78 11.05 -1.27
CA ASP A 178 21.00 11.36 -0.48
C ASP A 178 21.62 12.71 -0.93
N GLY A 179 21.10 13.32 -1.99
CA GLY A 179 21.65 14.63 -2.43
C GLY A 179 22.34 14.56 -3.81
N SER A 180 22.72 13.40 -4.28
CA SER A 180 23.42 13.32 -5.61
C SER A 180 22.44 13.46 -6.80
N MET A 181 21.18 13.14 -6.62
CA MET A 181 20.23 13.26 -7.76
C MET A 181 18.91 13.92 -7.34
N THR A 182 18.35 14.74 -8.19
CA THR A 182 17.01 15.34 -7.86
C THR A 182 15.95 14.29 -8.18
N PHE A 183 14.72 14.52 -7.82
CA PHE A 183 13.68 13.50 -8.14
C PHE A 183 13.53 13.39 -9.67
N ALA A 184 13.58 14.51 -10.35
CA ALA A 184 13.44 14.52 -11.84
C ALA A 184 14.60 13.76 -12.52
N GLU A 185 15.81 13.93 -12.05
CA GLU A 185 16.97 13.22 -12.68
C GLU A 185 16.84 11.71 -12.46
N ALA A 186 16.43 11.31 -11.28
CA ALA A 186 16.26 9.85 -11.00
C ALA A 186 15.09 9.30 -11.79
N LYS A 187 14.03 10.06 -11.92
CA LYS A 187 12.85 9.58 -12.68
C LYS A 187 13.18 9.46 -14.17
N GLU A 188 13.91 10.42 -14.71
CA GLU A 188 14.27 10.35 -16.15
C GLU A 188 15.25 9.21 -16.38
N ALA A 189 16.12 8.95 -15.45
CA ALA A 189 17.08 7.82 -15.61
C ALA A 189 16.31 6.50 -15.58
N LEU A 190 15.26 6.42 -14.77
CA LEU A 190 14.44 5.17 -14.72
C LEU A 190 13.68 5.02 -16.05
N TYR A 191 13.22 6.13 -16.60
CA TYR A 191 12.51 6.10 -17.91
C TYR A 191 13.50 5.70 -19.01
N ASP A 192 14.71 6.23 -18.92
CA ASP A 192 15.77 5.89 -19.93
C ASP A 192 16.01 4.38 -19.97
N TYR A 193 15.91 3.74 -18.82
CA TYR A 193 16.13 2.26 -18.75
C TYR A 193 14.92 1.51 -19.33
N LEU A 194 13.73 2.03 -19.14
CA LEU A 194 12.49 1.35 -19.62
C LEU A 194 12.14 1.63 -21.10
N ILE A 195 12.50 2.79 -21.62
CA ILE A 195 12.09 3.14 -23.04
C ILE A 195 12.42 2.06 -24.08
N PRO A 196 13.67 1.65 -24.18
CA PRO A 196 14.03 0.63 -25.21
C PRO A 196 13.43 -0.75 -24.85
N ILE A 197 13.17 -1.03 -23.60
CA ILE A 197 12.58 -2.36 -23.23
C ILE A 197 11.08 -2.37 -23.58
N ILE A 198 10.41 -1.25 -23.47
CA ILE A 198 8.94 -1.20 -23.79
C ILE A 198 8.74 -1.30 -25.32
N GLU A 199 9.61 -0.71 -26.10
CA GLU A 199 9.46 -0.79 -27.58
C GLU A 199 9.76 -2.21 -28.06
N GLN A 200 10.73 -2.85 -27.47
CA GLN A 200 11.04 -4.24 -27.88
C GLN A 200 9.87 -5.15 -27.53
N ARG A 201 9.31 -4.97 -26.36
CA ARG A 201 8.17 -5.83 -25.93
C ARG A 201 6.88 -5.42 -26.63
N ARG A 202 6.85 -4.28 -27.27
CA ARG A 202 5.63 -3.91 -28.05
C ARG A 202 5.75 -4.56 -29.44
N GLN A 203 6.97 -4.81 -29.88
CA GLN A 203 7.20 -5.47 -31.20
C GLN A 203 7.05 -7.00 -31.00
N LYS A 204 7.69 -7.52 -29.97
CA LYS A 204 7.56 -8.96 -29.61
C LYS A 204 6.98 -9.01 -28.19
N PRO A 205 5.67 -8.99 -28.08
CA PRO A 205 5.05 -8.99 -26.74
C PRO A 205 5.13 -10.37 -26.06
N GLY A 206 5.64 -10.45 -24.84
CA GLY A 206 5.75 -11.79 -24.16
C GLY A 206 4.77 -11.95 -22.98
N THR A 207 5.25 -12.54 -21.89
CA THR A 207 4.37 -12.79 -20.68
C THR A 207 4.74 -11.91 -19.46
N ASP A 208 5.85 -11.21 -19.49
CA ASP A 208 6.23 -10.38 -18.30
C ASP A 208 5.30 -9.16 -18.11
N ALA A 209 5.40 -8.53 -16.96
CA ALA A 209 4.53 -7.34 -16.64
C ALA A 209 4.75 -6.17 -17.60
N ILE A 210 5.96 -5.90 -18.01
CA ILE A 210 6.20 -4.75 -18.94
C ILE A 210 5.56 -5.04 -20.31
N SER A 211 5.56 -6.29 -20.72
CA SER A 211 4.91 -6.62 -22.02
C SER A 211 3.40 -6.41 -21.90
N ILE A 212 2.82 -6.85 -20.81
CA ILE A 212 1.34 -6.70 -20.60
C ILE A 212 0.95 -5.21 -20.49
N VAL A 213 1.74 -4.41 -19.82
CA VAL A 213 1.39 -2.95 -19.71
C VAL A 213 1.61 -2.25 -21.06
N ALA A 214 2.73 -2.52 -21.69
CA ALA A 214 3.04 -1.86 -23.00
C ALA A 214 2.02 -2.27 -24.08
N ASN A 215 1.48 -3.46 -24.00
CA ASN A 215 0.49 -3.91 -25.02
C ASN A 215 -0.93 -3.92 -24.43
N GLY A 216 -1.12 -3.35 -23.25
CA GLY A 216 -2.47 -3.37 -22.60
C GLY A 216 -3.42 -2.31 -23.16
N GLN A 217 -4.67 -2.39 -22.77
CA GLN A 217 -5.70 -1.42 -23.25
C GLN A 217 -6.34 -0.74 -22.04
N VAL A 218 -6.71 0.51 -22.15
CA VAL A 218 -7.39 1.18 -21.00
C VAL A 218 -8.79 1.61 -21.42
N ASN A 219 -9.77 0.90 -20.93
CA ASN A 219 -11.20 1.18 -21.26
C ASN A 219 -11.47 1.02 -22.77
N GLY A 220 -10.93 -0.02 -23.37
CA GLY A 220 -11.23 -0.31 -24.82
C GLY A 220 -10.21 0.26 -25.81
N ARG A 221 -9.28 1.10 -25.40
CA ARG A 221 -8.31 1.63 -26.41
C ARG A 221 -6.86 1.27 -25.99
N PRO A 222 -5.98 1.21 -26.95
CA PRO A 222 -4.56 0.80 -26.69
C PRO A 222 -3.72 1.91 -26.07
N ILE A 223 -3.01 1.57 -25.02
CA ILE A 223 -2.13 2.54 -24.29
C ILE A 223 -0.96 3.05 -25.17
N THR A 224 -0.53 4.26 -24.93
CA THR A 224 0.62 4.84 -25.71
C THR A 224 1.94 4.45 -25.06
N SER A 225 3.02 4.55 -25.80
CA SER A 225 4.36 4.20 -25.22
C SER A 225 4.66 5.09 -24.01
N ASP A 226 4.22 6.33 -24.06
CA ASP A 226 4.45 7.28 -22.91
C ASP A 226 3.68 6.81 -21.68
N GLU A 227 2.42 6.44 -21.85
CA GLU A 227 1.61 5.97 -20.67
C GLU A 227 2.21 4.69 -20.10
N ALA A 228 2.64 3.79 -20.95
CA ALA A 228 3.24 2.52 -20.48
C ALA A 228 4.51 2.82 -19.68
N LYS A 229 5.30 3.76 -20.16
CA LYS A 229 6.56 4.13 -19.45
C LYS A 229 6.24 4.74 -18.08
N ARG A 230 5.24 5.60 -18.03
CA ARG A 230 4.86 6.25 -16.73
C ARG A 230 4.26 5.22 -15.76
N MET A 231 3.63 4.18 -16.26
CA MET A 231 3.07 3.15 -15.34
C MET A 231 4.17 2.17 -14.92
N CYS A 232 5.00 1.76 -15.86
CA CYS A 232 6.11 0.80 -15.53
C CYS A 232 7.06 1.43 -14.50
N GLY A 233 7.30 2.72 -14.62
CA GLY A 233 8.19 3.42 -13.66
C GLY A 233 7.61 3.30 -12.25
N LEU A 234 6.31 3.47 -12.12
CA LEU A 234 5.66 3.36 -10.78
C LEU A 234 5.75 1.93 -10.26
N LEU A 235 5.59 0.94 -11.11
CA LEU A 235 5.67 -0.48 -10.65
C LEU A 235 7.10 -0.80 -10.15
N LEU A 236 8.10 -0.27 -10.81
CA LEU A 236 9.50 -0.54 -10.38
C LEU A 236 9.76 0.04 -8.98
N VAL A 237 9.30 1.24 -8.72
CA VAL A 237 9.50 1.85 -7.37
C VAL A 237 8.71 1.06 -6.32
N GLY A 238 7.49 0.70 -6.64
CA GLY A 238 6.65 -0.06 -5.69
C GLY A 238 7.24 -1.46 -5.45
N GLY A 239 7.85 -2.04 -6.44
CA GLY A 239 8.43 -3.39 -6.27
C GLY A 239 9.83 -3.34 -5.62
N LEU A 240 10.51 -2.22 -5.68
CA LEU A 240 11.89 -2.16 -5.10
C LEU A 240 11.98 -1.34 -3.80
N ASP A 241 10.96 -0.59 -3.40
CA ASP A 241 11.13 0.21 -2.15
C ASP A 241 9.87 0.28 -1.25
N THR A 242 9.14 -0.79 -1.10
CA THR A 242 7.95 -0.74 -0.18
C THR A 242 8.03 -1.93 0.79
N VAL A 243 7.80 -3.13 0.31
CA VAL A 243 7.88 -4.33 1.20
C VAL A 243 9.33 -4.49 1.70
N VAL A 244 10.29 -4.13 0.87
CA VAL A 244 11.73 -4.23 1.28
C VAL A 244 11.95 -3.51 2.61
N ASN A 245 11.40 -2.34 2.77
CA ASN A 245 11.58 -1.58 4.05
C ASN A 245 10.67 -2.12 5.16
N PHE A 246 9.43 -2.42 4.86
CA PHE A 246 8.49 -2.93 5.93
C PHE A 246 8.99 -4.26 6.53
N LEU A 247 9.55 -5.15 5.73
CA LEU A 247 10.03 -6.45 6.29
C LEU A 247 11.06 -6.20 7.42
N SER A 248 11.91 -5.20 7.25
CA SER A 248 12.94 -4.90 8.28
C SER A 248 12.30 -4.32 9.56
N PHE A 249 11.31 -3.45 9.42
CA PHE A 249 10.64 -2.89 10.66
C PHE A 249 9.99 -4.03 11.44
N SER A 250 9.36 -4.94 10.72
CA SER A 250 8.67 -6.11 11.36
C SER A 250 9.67 -7.06 12.01
N MET A 251 10.72 -7.43 11.30
CA MET A 251 11.72 -8.39 11.90
C MET A 251 12.47 -7.72 13.04
N GLU A 252 12.70 -6.42 12.98
CA GLU A 252 13.39 -5.73 14.11
C GLU A 252 12.51 -5.82 15.36
N PHE A 253 11.22 -5.67 15.19
CA PHE A 253 10.29 -5.76 16.34
C PHE A 253 10.27 -7.21 16.88
N LEU A 254 10.10 -8.18 16.01
CA LEU A 254 10.08 -9.60 16.49
C LEU A 254 11.39 -9.95 17.19
N ALA A 255 12.49 -9.47 16.67
CA ALA A 255 13.81 -9.74 17.32
C ALA A 255 13.86 -9.11 18.71
N LYS A 256 13.17 -8.01 18.91
CA LYS A 256 13.19 -7.32 20.24
C LYS A 256 12.02 -7.76 21.14
N SER A 257 11.18 -8.64 20.67
CA SER A 257 10.03 -9.10 21.49
C SER A 257 9.84 -10.60 21.33
N PRO A 258 10.41 -11.35 22.25
CA PRO A 258 10.28 -12.82 22.20
C PRO A 258 8.88 -13.30 22.62
N GLU A 259 8.04 -12.44 23.20
CA GLU A 259 6.66 -12.89 23.59
C GLU A 259 5.82 -12.91 22.31
N HIS A 260 6.08 -11.99 21.42
CA HIS A 260 5.35 -11.93 20.12
C HIS A 260 5.84 -13.08 19.23
N ARG A 261 7.11 -13.42 19.30
CA ARG A 261 7.63 -14.56 18.48
C ARG A 261 6.92 -15.84 18.93
N GLN A 262 6.77 -16.00 20.23
CA GLN A 262 6.09 -17.21 20.78
C GLN A 262 4.61 -17.25 20.34
N GLU A 263 3.95 -16.11 20.35
CA GLU A 263 2.50 -16.07 19.97
C GLU A 263 2.31 -16.59 18.53
N LEU A 264 3.18 -16.25 17.63
CA LEU A 264 3.02 -16.72 16.21
C LEU A 264 3.53 -18.15 16.05
N ILE A 265 4.51 -18.56 16.83
CA ILE A 265 5.02 -19.97 16.73
C ILE A 265 3.98 -20.93 17.30
N GLN A 266 3.33 -20.54 18.39
CA GLN A 266 2.29 -21.40 19.00
C GLN A 266 1.04 -21.43 18.11
N ARG A 267 0.69 -20.30 17.53
CA ARG A 267 -0.53 -20.25 16.66
C ARG A 267 -0.20 -19.53 15.34
N PRO A 268 0.34 -20.28 14.41
CA PRO A 268 0.72 -19.73 13.08
C PRO A 268 -0.47 -19.19 12.29
N GLU A 269 -1.68 -19.61 12.60
CA GLU A 269 -2.85 -19.08 11.84
C GLU A 269 -3.16 -17.63 12.26
N ARG A 270 -2.42 -17.07 13.20
CA ARG A 270 -2.63 -15.65 13.62
C ARG A 270 -1.68 -14.72 12.84
N ILE A 271 -0.83 -15.27 12.01
CA ILE A 271 0.17 -14.45 11.27
C ILE A 271 -0.47 -13.41 10.34
N PRO A 272 -1.53 -13.76 9.64
CA PRO A 272 -2.13 -12.74 8.77
C PRO A 272 -2.89 -11.69 9.61
N ALA A 273 -3.21 -11.98 10.87
CA ALA A 273 -3.86 -10.92 11.72
C ALA A 273 -2.72 -10.08 12.29
N ALA A 274 -1.62 -10.74 12.58
CA ALA A 274 -0.40 -10.05 13.11
C ALA A 274 0.20 -9.16 12.02
N CYS A 275 0.15 -9.61 10.78
CA CYS A 275 0.70 -8.81 9.65
C CYS A 275 -0.04 -7.47 9.54
N GLU A 276 -1.34 -7.49 9.74
CA GLU A 276 -2.14 -6.24 9.67
C GLU A 276 -1.77 -5.33 10.84
N GLU A 277 -1.60 -5.89 12.03
CA GLU A 277 -1.24 -5.04 13.20
C GLU A 277 0.17 -4.47 13.01
N LEU A 278 1.05 -5.22 12.39
CA LEU A 278 2.42 -4.69 12.14
C LEU A 278 2.34 -3.62 11.05
N LEU A 279 1.47 -3.79 10.09
CA LEU A 279 1.30 -2.76 9.02
C LEU A 279 0.81 -1.46 9.66
N ARG A 280 0.09 -1.54 10.75
CA ARG A 280 -0.42 -0.30 11.44
C ARG A 280 0.69 0.32 12.30
N ARG A 281 1.29 -0.46 13.17
CA ARG A 281 2.35 0.11 14.06
C ARG A 281 3.58 0.53 13.26
N PHE A 282 3.98 -0.24 12.28
CA PHE A 282 5.19 0.13 11.49
C PHE A 282 4.83 0.67 10.10
N SER A 283 3.75 1.42 10.01
CA SER A 283 3.39 2.02 8.68
C SER A 283 4.61 2.84 8.23
N LEU A 284 4.80 3.07 6.95
CA LEU A 284 6.03 3.81 6.53
C LEU A 284 5.86 4.67 5.28
N VAL A 285 4.66 5.04 4.89
CA VAL A 285 4.55 5.89 3.65
C VAL A 285 4.00 7.28 4.00
N ALA A 286 4.42 8.31 3.31
CA ALA A 286 3.91 9.66 3.62
C ALA A 286 4.05 10.64 2.44
N ASP A 287 3.08 10.64 1.55
CA ASP A 287 3.09 11.60 0.40
C ASP A 287 1.90 12.56 0.60
N GLY A 288 1.37 13.20 -0.42
CA GLY A 288 0.22 14.12 -0.15
C GLY A 288 -0.45 14.63 -1.42
N ARG A 289 -1.05 15.81 -1.32
CA ARG A 289 -1.79 16.40 -2.48
C ARG A 289 -1.55 17.91 -2.54
N ILE A 290 -2.10 18.55 -3.55
CA ILE A 290 -1.96 20.04 -3.65
C ILE A 290 -3.37 20.65 -3.75
N LEU A 291 -3.58 21.77 -3.11
CA LEU A 291 -4.93 22.41 -3.12
C LEU A 291 -5.28 22.89 -4.52
N THR A 292 -6.45 22.55 -5.01
CA THR A 292 -6.86 23.01 -6.37
C THR A 292 -7.42 24.44 -6.28
N SER A 293 -7.77 24.88 -5.08
CA SER A 293 -8.33 26.26 -4.91
C SER A 293 -8.32 26.66 -3.44
N ASP A 294 -8.57 27.92 -3.14
CA ASP A 294 -8.61 28.33 -1.70
C ASP A 294 -9.70 27.51 -1.00
N TYR A 295 -9.47 27.08 0.21
CA TYR A 295 -10.49 26.20 0.88
C TYR A 295 -10.27 26.14 2.40
N GLU A 296 -11.30 26.39 3.17
CA GLU A 296 -11.17 26.29 4.65
C GLU A 296 -11.37 24.84 5.07
N PHE A 297 -10.37 24.28 5.68
CA PHE A 297 -10.43 22.86 6.12
C PHE A 297 -10.15 22.76 7.62
N HIS A 298 -11.17 22.46 8.40
CA HIS A 298 -11.03 22.33 9.89
C HIS A 298 -10.58 23.65 10.54
N GLY A 299 -11.14 24.76 10.11
CA GLY A 299 -10.80 26.08 10.72
C GLY A 299 -9.53 26.69 10.12
N VAL A 300 -8.85 26.03 9.21
CA VAL A 300 -7.60 26.65 8.63
C VAL A 300 -7.80 27.02 7.16
N GLN A 301 -7.35 28.19 6.78
CA GLN A 301 -7.51 28.63 5.36
C GLN A 301 -6.36 28.11 4.50
N LEU A 302 -6.67 27.27 3.54
CA LEU A 302 -5.61 26.76 2.61
C LEU A 302 -5.67 27.60 1.33
N LYS A 303 -4.55 27.77 0.69
CA LYS A 303 -4.51 28.61 -0.54
C LYS A 303 -4.23 27.74 -1.77
N LYS A 304 -4.84 28.07 -2.88
CA LYS A 304 -4.62 27.29 -4.15
C LYS A 304 -3.13 27.14 -4.43
N GLY A 305 -2.69 25.92 -4.62
CA GLY A 305 -1.24 25.69 -4.91
C GLY A 305 -0.54 25.19 -3.65
N ASP A 306 -1.14 25.33 -2.50
CA ASP A 306 -0.49 24.86 -1.23
C ASP A 306 -0.32 23.34 -1.22
N GLN A 307 0.81 22.88 -0.75
CA GLN A 307 1.05 21.40 -0.67
C GLN A 307 0.72 20.91 0.74
N ILE A 308 0.00 19.83 0.86
CA ILE A 308 -0.30 19.31 2.22
C ILE A 308 0.11 17.85 2.31
N LEU A 309 1.02 17.56 3.20
CA LEU A 309 1.49 16.18 3.39
C LEU A 309 0.48 15.40 4.22
N LEU A 310 -0.16 14.43 3.62
CA LEU A 310 -1.13 13.56 4.36
C LEU A 310 -0.39 12.23 4.55
N PRO A 311 0.32 12.11 5.65
CA PRO A 311 1.15 10.92 5.88
C PRO A 311 0.33 9.73 6.32
N GLN A 312 0.24 8.76 5.45
CA GLN A 312 -0.54 7.51 5.72
C GLN A 312 -0.11 6.81 7.01
N MET A 313 1.12 7.01 7.43
CA MET A 313 1.64 6.34 8.67
C MET A 313 1.00 6.92 9.94
N LEU A 314 0.50 8.13 9.87
CA LEU A 314 -0.06 8.79 11.09
C LEU A 314 -1.49 8.33 11.43
N SER A 315 -2.29 7.98 10.46
CA SER A 315 -3.69 7.58 10.79
C SER A 315 -3.73 6.38 11.76
N GLY A 316 -3.00 5.34 11.49
CA GLY A 316 -3.00 4.14 12.39
C GLY A 316 -2.34 4.45 13.74
N LEU A 317 -1.40 5.37 13.77
CA LEU A 317 -0.72 5.71 15.06
C LEU A 317 -1.56 6.70 15.90
N ASP A 318 -2.62 7.23 15.34
CA ASP A 318 -3.47 8.20 16.10
C ASP A 318 -4.19 7.50 17.26
N GLU A 319 -4.04 8.02 18.46
CA GLU A 319 -4.73 7.41 19.64
C GLU A 319 -6.25 7.51 19.49
N ARG A 320 -6.72 8.52 18.79
CA ARG A 320 -8.20 8.67 18.60
C ARG A 320 -8.72 7.55 17.69
N GLU A 321 -7.83 6.91 16.96
CA GLU A 321 -8.24 5.79 16.06
C GLU A 321 -7.94 4.43 16.72
N ASN A 322 -6.87 4.34 17.47
CA ASN A 322 -6.50 3.07 18.17
C ASN A 322 -5.94 3.37 19.57
N ALA A 323 -6.52 2.81 20.60
CA ALA A 323 -6.01 3.07 21.98
C ALA A 323 -4.62 2.44 22.12
N CYS A 324 -3.73 3.06 22.87
CA CYS A 324 -2.33 2.51 23.03
C CYS A 324 -1.78 2.12 21.65
N PRO A 325 -1.70 3.11 20.79
CA PRO A 325 -1.25 2.92 19.38
C PRO A 325 0.19 2.42 19.25
N MET A 326 1.08 2.78 20.13
CA MET A 326 2.50 2.31 20.00
C MET A 326 2.66 0.86 20.50
N HIS A 327 1.67 0.31 21.15
CA HIS A 327 1.80 -1.10 21.63
C HIS A 327 1.32 -2.07 20.54
N VAL A 328 2.06 -3.12 20.29
CA VAL A 328 1.63 -4.10 19.24
C VAL A 328 0.78 -5.21 19.85
N ASP A 329 -0.46 -5.28 19.44
CA ASP A 329 -1.38 -6.33 19.96
C ASP A 329 -1.96 -7.12 18.78
N PHE A 330 -1.48 -8.32 18.55
CA PHE A 330 -1.99 -9.14 17.40
C PHE A 330 -3.50 -9.40 17.54
N SER A 331 -4.02 -9.29 18.74
CA SER A 331 -5.48 -9.53 18.95
C SER A 331 -6.28 -8.21 18.94
N ARG A 332 -5.67 -7.10 18.58
CA ARG A 332 -6.43 -5.80 18.56
C ARG A 332 -7.74 -5.97 17.79
N GLN A 333 -8.85 -5.75 18.44
CA GLN A 333 -10.16 -5.94 17.77
C GLN A 333 -10.31 -5.06 16.53
N LYS A 334 -10.11 -3.76 16.64
CA LYS A 334 -10.26 -2.89 15.42
C LYS A 334 -8.92 -2.32 14.98
N VAL A 335 -8.25 -2.97 14.07
CA VAL A 335 -6.95 -2.45 13.58
C VAL A 335 -7.22 -1.46 12.43
N SER A 336 -7.34 -0.20 12.76
CA SER A 336 -7.63 0.83 11.72
C SER A 336 -6.33 1.50 11.24
N HIS A 337 -6.18 1.63 9.94
CA HIS A 337 -4.95 2.31 9.38
C HIS A 337 -5.12 2.61 7.89
N THR A 338 -4.27 3.47 7.38
CA THR A 338 -4.29 3.84 5.94
C THR A 338 -2.91 3.52 5.32
N THR A 339 -2.20 2.59 5.89
CA THR A 339 -0.85 2.20 5.40
C THR A 339 -0.84 2.00 3.87
N PHE A 340 -1.84 1.33 3.33
CA PHE A 340 -1.88 1.11 1.84
C PHE A 340 -2.57 2.28 1.11
N GLY A 341 -2.76 3.41 1.76
CA GLY A 341 -3.40 4.59 1.12
C GLY A 341 -4.87 4.68 1.53
N HIS A 342 -5.58 5.59 0.90
CA HIS A 342 -7.03 5.77 1.21
C HIS A 342 -7.70 6.55 0.07
N GLY A 343 -8.92 6.23 -0.25
CA GLY A 343 -9.61 6.95 -1.36
C GLY A 343 -9.54 6.12 -2.65
N SER A 344 -9.46 6.79 -3.79
CA SER A 344 -9.40 6.06 -5.09
C SER A 344 -7.98 5.59 -5.43
N HIS A 345 -6.97 6.02 -4.71
CA HIS A 345 -5.57 5.57 -5.04
C HIS A 345 -5.12 4.42 -4.12
N LEU A 346 -6.05 3.65 -3.60
CA LEU A 346 -5.65 2.53 -2.69
C LEU A 346 -4.59 1.65 -3.37
N CYS A 347 -3.61 1.22 -2.62
CA CYS A 347 -2.49 0.39 -3.19
C CYS A 347 -3.01 -0.80 -3.99
N LEU A 348 -2.54 -0.92 -5.21
CA LEU A 348 -2.96 -2.06 -6.09
C LEU A 348 -2.07 -3.29 -5.80
N GLY A 349 -0.91 -3.08 -5.20
CA GLY A 349 -0.01 -4.22 -4.90
C GLY A 349 -0.07 -4.60 -3.42
N GLN A 350 -1.15 -4.29 -2.73
CA GLN A 350 -1.23 -4.67 -1.28
C GLN A 350 -1.44 -6.18 -1.13
N HIS A 351 -1.97 -6.85 -2.13
CA HIS A 351 -2.15 -8.33 -2.03
C HIS A 351 -0.79 -9.02 -2.19
N LEU A 352 0.03 -8.51 -3.10
CA LEU A 352 1.39 -9.10 -3.28
C LEU A 352 2.23 -8.77 -2.04
N ALA A 353 1.98 -7.61 -1.45
CA ALA A 353 2.74 -7.20 -0.23
C ALA A 353 2.33 -8.08 0.94
N ARG A 354 1.05 -8.24 1.19
CA ARG A 354 0.58 -9.10 2.33
C ARG A 354 1.11 -10.52 2.16
N ARG A 355 1.09 -11.04 0.96
CA ARG A 355 1.58 -12.42 0.71
C ARG A 355 3.07 -12.51 1.03
N GLU A 356 3.85 -11.55 0.58
CA GLU A 356 5.32 -11.59 0.86
C GLU A 356 5.60 -11.43 2.36
N ILE A 357 4.81 -10.63 3.05
CA ILE A 357 5.00 -10.46 4.51
C ILE A 357 4.60 -11.73 5.27
N ILE A 358 3.42 -12.24 4.98
CA ILE A 358 2.93 -13.47 5.67
C ILE A 358 3.82 -14.68 5.34
N VAL A 359 4.26 -14.83 4.11
CA VAL A 359 5.16 -15.99 3.79
C VAL A 359 6.50 -15.83 4.51
N THR A 360 6.98 -14.61 4.65
CA THR A 360 8.28 -14.39 5.35
C THR A 360 8.14 -14.71 6.84
N LEU A 361 7.11 -14.22 7.48
CA LEU A 361 6.92 -14.50 8.95
C LEU A 361 6.72 -15.99 9.21
N LYS A 362 5.91 -16.64 8.41
CA LYS A 362 5.66 -18.09 8.63
C LYS A 362 6.91 -18.94 8.34
N GLU A 363 7.56 -18.71 7.22
CA GLU A 363 8.76 -19.55 6.88
C GLU A 363 9.98 -19.18 7.73
N TRP A 364 10.08 -17.95 8.21
CA TRP A 364 11.26 -17.61 9.05
C TRP A 364 11.09 -18.22 10.45
N LEU A 365 9.93 -18.05 11.04
CA LEU A 365 9.70 -18.62 12.41
C LEU A 365 9.72 -20.16 12.38
N THR A 366 9.42 -20.75 11.24
CA THR A 366 9.45 -22.25 11.15
C THR A 366 10.91 -22.74 11.17
N ARG A 367 11.82 -22.02 10.55
CA ARG A 367 13.24 -22.46 10.53
C ARG A 367 14.02 -21.79 11.66
N ILE A 368 13.82 -20.50 11.84
CA ILE A 368 14.54 -19.76 12.91
C ILE A 368 13.52 -19.13 13.88
N PRO A 369 13.02 -19.94 14.78
CA PRO A 369 12.02 -19.48 15.77
C PRO A 369 12.61 -18.49 16.79
N ASP A 370 13.88 -18.59 17.11
CA ASP A 370 14.47 -17.65 18.11
C ASP A 370 15.63 -16.85 17.51
N PHE A 371 15.54 -15.55 17.57
CA PHE A 371 16.64 -14.68 17.07
C PHE A 371 16.58 -13.32 17.78
N SER A 372 17.70 -12.63 17.85
CA SER A 372 17.73 -11.32 18.56
C SER A 372 18.61 -10.31 17.81
N ILE A 373 18.58 -9.07 18.23
CA ILE A 373 19.46 -8.04 17.57
C ILE A 373 20.90 -8.34 17.98
N ALA A 374 21.85 -8.21 17.06
CA ALA A 374 23.27 -8.50 17.45
C ALA A 374 23.59 -7.68 18.71
N PRO A 375 24.32 -8.29 19.62
CA PRO A 375 24.65 -7.63 20.91
C PRO A 375 25.44 -6.32 20.73
N GLY A 376 24.94 -5.24 21.29
CA GLY A 376 25.67 -3.93 21.19
C GLY A 376 25.16 -3.11 19.99
N ALA A 377 24.39 -3.69 19.10
CA ALA A 377 23.92 -2.92 17.90
C ALA A 377 22.73 -2.01 18.19
N GLN A 378 22.79 -0.79 17.71
CA GLN A 378 21.67 0.18 17.88
C GLN A 378 21.05 0.42 16.49
N ILE A 379 19.87 -0.12 16.27
CA ILE A 379 19.22 0.03 14.91
C ILE A 379 18.90 1.49 14.58
N GLN A 380 19.28 1.91 13.41
CA GLN A 380 19.02 3.31 12.96
C GLN A 380 18.02 3.30 11.79
N HIS A 381 17.05 4.17 11.83
CA HIS A 381 16.05 4.24 10.72
C HIS A 381 16.30 5.48 9.85
N LYS A 382 15.65 5.55 8.70
CA LYS A 382 15.79 6.73 7.80
C LYS A 382 14.39 7.19 7.35
N SER A 383 14.20 8.48 7.17
CA SER A 383 12.85 8.97 6.79
C SER A 383 12.80 9.55 5.37
N GLY A 384 11.61 9.69 4.85
CA GLY A 384 11.41 10.23 3.47
C GLY A 384 10.00 9.84 3.00
N ILE A 385 9.74 9.83 1.70
CA ILE A 385 8.37 9.41 1.22
C ILE A 385 8.07 8.02 1.78
N VAL A 386 9.09 7.16 1.80
CA VAL A 386 8.93 5.81 2.39
C VAL A 386 10.05 5.63 3.42
N SER A 387 9.72 5.39 4.67
CA SER A 387 10.79 5.22 5.69
C SER A 387 11.39 3.83 5.60
N GLY A 388 12.55 3.61 6.21
CA GLY A 388 13.17 2.26 6.13
C GLY A 388 14.20 2.06 7.26
N VAL A 389 14.91 0.96 7.22
CA VAL A 389 15.94 0.68 8.28
C VAL A 389 17.33 0.63 7.62
N GLN A 390 18.29 1.34 8.16
CA GLN A 390 19.66 1.35 7.54
C GLN A 390 20.31 -0.02 7.61
N ALA A 391 20.20 -0.68 8.73
CA ALA A 391 20.81 -2.05 8.84
C ALA A 391 20.16 -2.83 9.99
N LEU A 392 20.08 -4.13 9.87
CA LEU A 392 19.45 -4.95 10.94
C LEU A 392 20.22 -6.28 11.16
N PRO A 393 21.28 -6.20 11.92
CA PRO A 393 22.10 -7.41 12.22
C PRO A 393 21.38 -8.31 13.23
N LEU A 394 21.10 -9.54 12.84
CA LEU A 394 20.41 -10.51 13.76
C LEU A 394 21.35 -11.67 14.12
N VAL A 395 21.13 -12.29 15.26
CA VAL A 395 21.95 -13.47 15.66
C VAL A 395 21.05 -14.52 16.29
N TRP A 396 21.42 -15.76 16.14
CA TRP A 396 20.63 -16.85 16.76
C TRP A 396 21.49 -18.12 16.86
N ASP A 397 21.16 -18.99 17.77
CA ASP A 397 21.93 -20.24 17.92
C ASP A 397 21.40 -21.22 16.87
N PRO A 398 22.25 -21.67 16.00
CA PRO A 398 21.82 -22.61 14.95
C PRO A 398 21.50 -23.99 15.54
N ALA A 399 21.58 -24.14 16.85
CA ALA A 399 21.21 -25.43 17.49
C ALA A 399 19.71 -25.39 17.78
N THR A 400 19.14 -24.20 17.79
CA THR A 400 17.68 -24.03 18.05
C THR A 400 16.90 -23.95 16.72
N THR A 401 17.57 -23.99 15.58
CA THR A 401 16.83 -23.89 14.27
C THR A 401 16.52 -25.29 13.73
N LYS A 402 15.75 -25.39 12.68
CA LYS A 402 15.44 -26.75 12.11
C LYS A 402 15.20 -26.67 10.60
N ALA A 403 15.84 -27.53 9.86
CA ALA A 403 15.64 -27.54 8.38
C ALA A 403 14.35 -28.26 8.04
N VAL A 404 13.56 -27.72 7.14
CA VAL A 404 12.27 -28.39 6.76
C VAL A 404 12.56 -29.57 5.83
N SER B 1 -22.40 -18.15 8.72
CA SER B 1 -23.68 -18.26 7.96
C SER B 1 -23.38 -18.52 6.47
N LYS B 2 -24.29 -19.15 5.77
CA LYS B 2 -24.03 -19.46 4.33
C LYS B 2 -24.24 -18.25 3.41
N VAL B 3 -23.35 -18.10 2.46
CA VAL B 3 -23.46 -16.99 1.45
C VAL B 3 -23.12 -17.59 0.08
N VAL B 4 -24.01 -17.48 -0.88
CA VAL B 4 -23.72 -18.08 -2.22
C VAL B 4 -23.42 -17.00 -3.27
N TYR B 5 -22.32 -17.17 -3.98
CA TYR B 5 -21.93 -16.18 -5.04
C TYR B 5 -22.12 -16.81 -6.43
N VAL B 6 -23.08 -16.37 -7.19
CA VAL B 6 -23.24 -16.95 -8.56
C VAL B 6 -22.48 -16.06 -9.56
N SER B 7 -21.63 -16.65 -10.35
CA SER B 7 -20.81 -15.83 -11.30
C SER B 7 -21.53 -15.59 -12.63
N HIS B 8 -20.93 -14.80 -13.49
CA HIS B 8 -21.54 -14.46 -14.82
C HIS B 8 -21.72 -15.73 -15.65
N ASP B 9 -20.72 -16.57 -15.72
CA ASP B 9 -20.82 -17.84 -16.50
C ASP B 9 -21.87 -18.80 -15.87
N GLY B 10 -22.34 -18.52 -14.68
CA GLY B 10 -23.37 -19.40 -14.05
C GLY B 10 -22.73 -20.34 -13.01
N THR B 11 -21.52 -20.07 -12.58
CA THR B 11 -20.88 -20.96 -11.56
C THR B 11 -21.37 -20.58 -10.15
N ARG B 12 -21.49 -21.55 -9.28
CA ARG B 12 -22.00 -21.27 -7.90
C ARG B 12 -20.95 -21.59 -6.82
N ARG B 13 -20.68 -20.66 -5.93
CA ARG B 13 -19.69 -20.90 -4.84
C ARG B 13 -20.35 -20.60 -3.48
N GLU B 14 -20.27 -21.53 -2.55
CA GLU B 14 -20.91 -21.31 -1.21
C GLU B 14 -19.86 -21.16 -0.10
N LEU B 15 -19.99 -20.14 0.72
CA LEU B 15 -19.02 -19.91 1.83
C LEU B 15 -19.74 -19.87 3.19
N ASP B 16 -19.01 -20.09 4.25
CA ASP B 16 -19.60 -19.98 5.62
C ASP B 16 -18.98 -18.73 6.26
N VAL B 17 -19.64 -17.60 6.11
CA VAL B 17 -19.08 -16.32 6.62
C VAL B 17 -19.52 -16.03 8.07
N ALA B 18 -18.59 -15.65 8.90
CA ALA B 18 -18.92 -15.32 10.32
C ALA B 18 -19.58 -13.93 10.41
N ASP B 19 -20.10 -13.59 11.56
CA ASP B 19 -20.77 -12.26 11.72
C ASP B 19 -19.74 -11.12 11.64
N GLY B 20 -20.17 -9.95 11.21
CA GLY B 20 -19.25 -8.79 11.12
C GLY B 20 -18.45 -8.77 9.80
N VAL B 21 -18.45 -9.86 9.05
CA VAL B 21 -17.66 -9.87 7.78
C VAL B 21 -18.51 -9.39 6.60
N SER B 22 -17.97 -8.51 5.80
CA SER B 22 -18.73 -8.00 4.62
C SER B 22 -18.64 -9.03 3.49
N LEU B 23 -19.62 -9.08 2.63
CA LEU B 23 -19.58 -10.07 1.50
C LEU B 23 -18.35 -9.81 0.60
N MET B 24 -17.86 -8.59 0.58
CA MET B 24 -16.66 -8.29 -0.27
C MET B 24 -15.42 -8.97 0.33
N GLN B 25 -15.20 -8.81 1.62
CA GLN B 25 -14.02 -9.46 2.27
C GLN B 25 -14.10 -10.98 2.11
N ALA B 26 -15.26 -11.55 2.26
CA ALA B 26 -15.41 -13.02 2.11
C ALA B 26 -15.11 -13.44 0.67
N ALA B 27 -15.57 -12.67 -0.29
CA ALA B 27 -15.34 -13.02 -1.72
C ALA B 27 -13.85 -12.87 -2.09
N VAL B 28 -13.25 -11.75 -1.76
CA VAL B 28 -11.80 -11.53 -2.08
C VAL B 28 -10.91 -12.52 -1.30
N SER B 29 -11.25 -12.78 -0.06
CA SER B 29 -10.42 -13.73 0.76
C SER B 29 -10.57 -15.18 0.27
N ASN B 30 -11.56 -15.46 -0.55
CA ASN B 30 -11.73 -16.87 -1.04
C ASN B 30 -11.57 -16.93 -2.57
N GLY B 31 -10.88 -15.98 -3.15
CA GLY B 31 -10.65 -15.97 -4.62
C GLY B 31 -11.96 -16.06 -5.40
N ILE B 32 -13.02 -15.42 -4.95
CA ILE B 32 -14.29 -15.49 -5.72
C ILE B 32 -14.16 -14.65 -7.00
N TYR B 33 -14.80 -15.08 -8.04
CA TYR B 33 -14.65 -14.43 -9.39
C TYR B 33 -15.10 -12.96 -9.52
N ASP B 34 -14.32 -12.24 -10.30
CA ASP B 34 -14.59 -10.80 -10.69
C ASP B 34 -14.61 -9.76 -9.53
N ILE B 35 -15.09 -10.08 -8.35
CA ILE B 35 -15.12 -9.02 -7.28
C ILE B 35 -13.68 -8.52 -6.98
N VAL B 36 -13.46 -7.23 -7.11
CA VAL B 36 -12.10 -6.67 -6.84
C VAL B 36 -12.02 -6.04 -5.44
N GLY B 37 -12.93 -5.16 -5.09
CA GLY B 37 -12.85 -4.50 -3.75
C GLY B 37 -11.57 -3.68 -3.72
N ASP B 38 -11.41 -2.79 -4.66
CA ASP B 38 -10.17 -1.96 -4.76
C ASP B 38 -10.07 -0.91 -3.64
N CYS B 39 -11.11 -0.16 -3.42
CA CYS B 39 -11.06 0.90 -2.35
C CYS B 39 -10.93 0.30 -0.93
N GLY B 40 -11.10 -0.99 -0.77
CA GLY B 40 -10.93 -1.62 0.58
C GLY B 40 -12.28 -1.80 1.30
N GLY B 41 -13.37 -1.32 0.74
CA GLY B 41 -14.70 -1.48 1.40
C GLY B 41 -15.17 -0.17 2.04
N SER B 42 -14.62 0.96 1.61
CA SER B 42 -15.07 2.26 2.20
C SER B 42 -16.09 2.97 1.29
N ALA B 43 -16.73 2.23 0.40
CA ALA B 43 -17.75 2.81 -0.52
C ALA B 43 -17.20 3.99 -1.33
N SER B 44 -15.98 3.88 -1.81
CA SER B 44 -15.38 4.97 -2.65
C SER B 44 -15.09 4.44 -4.06
N CYS B 45 -15.59 3.26 -4.38
CA CYS B 45 -15.37 2.66 -5.73
C CYS B 45 -16.58 1.78 -6.09
N ALA B 46 -16.57 1.15 -7.24
CA ALA B 46 -17.73 0.30 -7.63
C ALA B 46 -17.26 -1.06 -8.21
N THR B 47 -16.18 -1.60 -7.72
CA THR B 47 -15.70 -2.91 -8.26
C THR B 47 -16.14 -4.08 -7.36
N CYS B 48 -17.06 -3.84 -6.45
CA CYS B 48 -17.59 -4.93 -5.57
C CYS B 48 -19.10 -5.02 -5.81
N HIS B 49 -19.51 -4.72 -7.03
CA HIS B 49 -20.95 -4.72 -7.39
C HIS B 49 -21.54 -6.13 -7.50
N VAL B 50 -22.69 -6.35 -6.91
CA VAL B 50 -23.36 -7.68 -6.98
C VAL B 50 -24.88 -7.48 -7.00
N TYR B 51 -25.63 -8.46 -7.45
CA TYR B 51 -27.12 -8.35 -7.44
C TYR B 51 -27.68 -9.21 -6.32
N VAL B 52 -28.07 -8.61 -5.22
CA VAL B 52 -28.62 -9.43 -4.07
C VAL B 52 -29.90 -10.15 -4.55
N ASN B 53 -30.04 -11.41 -4.21
CA ASN B 53 -31.26 -12.16 -4.64
C ASN B 53 -32.51 -11.45 -4.10
N GLU B 54 -33.45 -11.25 -4.97
CA GLU B 54 -34.74 -10.53 -4.61
C GLU B 54 -35.33 -11.00 -3.26
N ALA B 55 -35.14 -12.24 -2.88
CA ALA B 55 -35.73 -12.74 -1.59
C ALA B 55 -34.95 -12.26 -0.34
N PHE B 56 -33.82 -11.60 -0.50
CA PHE B 56 -33.05 -11.14 0.72
C PHE B 56 -32.88 -9.62 0.73
N THR B 57 -33.27 -8.93 -0.31
CA THR B 57 -33.08 -7.44 -0.36
C THR B 57 -33.71 -6.71 0.84
N ASP B 58 -34.86 -7.14 1.31
CA ASP B 58 -35.50 -6.44 2.48
C ASP B 58 -34.88 -6.89 3.81
N LYS B 59 -34.01 -7.88 3.80
CA LYS B 59 -33.35 -8.34 5.06
C LYS B 59 -32.05 -7.55 5.28
N VAL B 60 -31.62 -6.84 4.27
CA VAL B 60 -30.36 -6.05 4.39
C VAL B 60 -30.71 -4.56 4.57
N PRO B 61 -29.96 -3.87 5.41
CA PRO B 61 -30.23 -2.42 5.64
C PRO B 61 -29.75 -1.63 4.41
N ALA B 62 -30.67 -0.95 3.76
CA ALA B 62 -30.39 -0.16 2.51
C ALA B 62 -29.03 0.56 2.42
N ALA B 63 -28.65 0.90 1.20
CA ALA B 63 -27.37 1.64 0.92
C ALA B 63 -27.42 3.05 1.49
N ASN B 64 -26.28 3.56 1.93
CA ASN B 64 -26.25 4.95 2.49
C ASN B 64 -25.95 5.96 1.36
N GLU B 65 -25.70 7.19 1.72
CA GLU B 65 -25.42 8.25 0.68
C GLU B 65 -24.20 7.89 -0.17
N ARG B 66 -23.15 7.39 0.43
CA ARG B 66 -21.92 7.06 -0.36
C ARG B 66 -22.15 5.88 -1.31
N GLU B 67 -22.84 4.85 -0.89
CA GLU B 67 -23.07 3.69 -1.81
C GLU B 67 -24.00 4.11 -2.97
N ILE B 68 -25.06 4.83 -2.68
CA ILE B 68 -25.98 5.25 -3.79
C ILE B 68 -25.17 6.02 -4.85
N GLY B 69 -24.28 6.88 -4.42
CA GLY B 69 -23.45 7.66 -5.38
C GLY B 69 -22.55 6.73 -6.20
N MET B 70 -21.86 5.82 -5.54
CA MET B 70 -20.96 4.88 -6.28
C MET B 70 -21.75 3.93 -7.19
N LEU B 71 -22.94 3.55 -6.79
CA LEU B 71 -23.78 2.64 -7.65
C LEU B 71 -24.14 3.33 -8.97
N GLU B 72 -24.13 4.64 -9.00
CA GLU B 72 -24.46 5.38 -10.26
C GLU B 72 -23.33 5.22 -11.30
N SER B 73 -22.21 4.65 -10.92
CA SER B 73 -21.08 4.50 -11.90
C SER B 73 -20.70 3.02 -12.13
N VAL B 74 -21.50 2.07 -11.69
CA VAL B 74 -21.12 0.63 -11.93
C VAL B 74 -21.04 0.37 -13.44
N THR B 75 -20.07 -0.41 -13.86
CA THR B 75 -19.92 -0.72 -15.32
C THR B 75 -21.00 -1.72 -15.76
N ALA B 76 -21.31 -2.69 -14.94
CA ALA B 76 -22.37 -3.69 -15.31
C ALA B 76 -23.75 -3.03 -15.24
N GLU B 77 -24.77 -3.70 -15.75
CA GLU B 77 -26.15 -3.12 -15.73
C GLU B 77 -26.58 -2.81 -14.29
N LEU B 78 -27.23 -1.69 -14.07
CA LEU B 78 -27.69 -1.34 -12.69
C LEU B 78 -29.11 -1.87 -12.48
N LYS B 79 -29.27 -2.79 -11.56
CA LYS B 79 -30.61 -3.34 -11.27
C LYS B 79 -31.13 -2.71 -9.98
N PRO B 80 -32.41 -2.91 -9.70
CA PRO B 80 -32.98 -2.36 -8.45
C PRO B 80 -32.55 -3.22 -7.23
N ASN B 81 -31.78 -4.28 -7.46
CA ASN B 81 -31.27 -5.10 -6.31
C ASN B 81 -29.74 -5.08 -6.33
N SER B 82 -29.17 -4.08 -6.97
CA SER B 82 -27.69 -3.95 -7.06
C SER B 82 -27.12 -3.36 -5.78
N ARG B 83 -26.02 -3.90 -5.30
CA ARG B 83 -25.42 -3.37 -4.04
C ARG B 83 -23.90 -3.55 -4.02
N LEU B 84 -23.18 -2.64 -3.43
CA LEU B 84 -21.71 -2.82 -3.29
C LEU B 84 -21.54 -3.77 -2.10
N CYS B 85 -21.34 -5.04 -2.37
CA CYS B 85 -21.27 -6.08 -1.28
C CYS B 85 -20.33 -5.71 -0.12
N CYS B 86 -19.43 -4.77 -0.29
CA CYS B 86 -18.55 -4.39 0.87
C CYS B 86 -19.40 -3.65 1.93
N GLN B 87 -20.59 -3.22 1.57
CA GLN B 87 -21.49 -2.52 2.54
C GLN B 87 -22.42 -3.52 3.24
N ILE B 88 -22.50 -4.75 2.74
CA ILE B 88 -23.41 -5.76 3.37
C ILE B 88 -22.64 -6.57 4.43
N ILE B 89 -22.88 -6.29 5.70
CA ILE B 89 -22.19 -7.07 6.78
C ILE B 89 -23.00 -8.33 7.06
N MET B 90 -22.34 -9.46 7.10
CA MET B 90 -23.06 -10.75 7.31
C MET B 90 -23.55 -10.95 8.75
N THR B 91 -24.75 -11.44 8.86
CA THR B 91 -25.36 -11.76 10.18
C THR B 91 -26.08 -13.11 10.01
N PRO B 92 -26.46 -13.74 11.09
CA PRO B 92 -27.16 -15.04 10.95
C PRO B 92 -28.61 -14.84 10.49
N GLU B 93 -29.02 -13.62 10.24
CA GLU B 93 -30.41 -13.39 9.72
C GLU B 93 -30.32 -13.49 8.19
N LEU B 94 -29.14 -13.26 7.65
CA LEU B 94 -28.92 -13.33 6.18
C LEU B 94 -28.45 -14.73 5.76
N ASP B 95 -28.54 -15.71 6.64
CA ASP B 95 -28.05 -17.07 6.29
C ASP B 95 -28.70 -17.58 5.01
N GLY B 96 -27.89 -18.00 4.06
CA GLY B 96 -28.44 -18.53 2.78
C GLY B 96 -28.62 -17.42 1.73
N ILE B 97 -28.17 -16.21 1.99
CA ILE B 97 -28.34 -15.12 0.97
C ILE B 97 -27.58 -15.46 -0.31
N VAL B 98 -28.13 -15.12 -1.45
CA VAL B 98 -27.45 -15.42 -2.75
C VAL B 98 -27.25 -14.12 -3.53
N VAL B 99 -26.07 -13.91 -4.05
CA VAL B 99 -25.82 -12.67 -4.84
C VAL B 99 -25.16 -13.02 -6.18
N ASP B 100 -25.62 -12.43 -7.24
CA ASP B 100 -25.01 -12.72 -8.57
C ASP B 100 -23.91 -11.70 -8.84
N VAL B 101 -22.77 -12.14 -9.30
CA VAL B 101 -21.65 -11.20 -9.56
C VAL B 101 -21.51 -10.94 -11.07
N PRO B 102 -21.50 -9.67 -11.41
CA PRO B 102 -21.37 -9.26 -12.83
C PRO B 102 -19.89 -9.32 -13.21
N ASP B 103 -19.57 -9.95 -14.31
CA ASP B 103 -18.14 -10.09 -14.74
C ASP B 103 -17.43 -8.74 -15.03
N ARG B 104 -18.05 -7.61 -14.83
CA ARG B 104 -17.36 -6.31 -15.11
C ARG B 104 -17.38 -5.42 -13.88
N GLN B 105 -16.24 -5.14 -13.30
CA GLN B 105 -16.20 -4.26 -12.10
C GLN B 105 -15.49 -2.95 -12.42
N TRP B 106 -14.33 -3.03 -13.03
CA TRP B 106 -13.58 -1.79 -13.39
C TRP B 106 -14.36 -0.98 -14.44
N LEU A 1 14.84 26.96 6.50
CA LEU A 1 13.39 27.30 6.64
C LEU A 1 12.96 28.27 5.53
N ALA A 2 11.85 28.01 4.90
CA ALA A 2 11.36 28.95 3.84
C ALA A 2 10.55 30.03 4.58
N PRO A 3 10.48 31.21 4.01
CA PRO A 3 9.79 32.33 4.69
C PRO A 3 8.28 32.09 4.81
N LEU A 4 7.77 32.12 6.02
CA LEU A 4 6.30 31.89 6.24
C LEU A 4 5.45 32.74 5.28
N PRO A 5 4.54 32.10 4.55
CA PRO A 5 3.65 32.83 3.62
C PRO A 5 2.58 33.54 4.45
N PRO A 6 2.19 34.69 3.97
CA PRO A 6 1.25 35.59 4.70
C PRO A 6 -0.16 35.05 4.96
N HIS A 7 -0.61 33.99 4.33
CA HIS A 7 -2.00 33.49 4.68
C HIS A 7 -1.89 32.44 5.78
N VAL A 8 -0.67 32.05 6.13
CA VAL A 8 -0.46 31.07 7.23
C VAL A 8 -0.18 31.83 8.54
N PRO A 9 -1.04 31.60 9.50
CA PRO A 9 -0.88 32.25 10.83
C PRO A 9 0.32 31.66 11.60
N GLU A 10 0.99 32.49 12.36
CA GLU A 10 2.19 32.03 13.15
C GLU A 10 1.88 30.90 14.13
N HIS A 11 0.68 30.84 14.67
CA HIS A 11 0.37 29.79 15.68
C HIS A 11 0.20 28.37 15.06
N LEU A 12 0.21 28.24 13.75
CA LEU A 12 0.10 26.86 13.15
C LEU A 12 1.47 26.36 12.67
N VAL A 13 2.54 27.05 13.00
CA VAL A 13 3.88 26.60 12.53
C VAL A 13 4.54 25.54 13.43
N PHE A 14 4.96 24.48 12.82
CA PHE A 14 5.69 23.38 13.52
C PHE A 14 6.72 22.86 12.51
N ASP A 15 7.95 23.27 12.65
CA ASP A 15 9.00 22.89 11.66
C ASP A 15 9.40 21.41 11.72
N PHE A 16 8.55 20.54 11.23
CA PHE A 16 8.88 19.09 11.18
C PHE A 16 9.50 18.75 9.82
N ASP A 17 10.66 18.13 9.82
CA ASP A 17 11.32 17.75 8.53
C ASP A 17 11.04 16.27 8.25
N MET A 18 10.31 15.98 7.19
CA MET A 18 9.97 14.55 6.87
C MET A 18 11.17 13.77 6.33
N TYR A 19 12.23 14.42 5.91
CA TYR A 19 13.42 13.66 5.42
C TYR A 19 14.46 13.48 6.53
N ASN A 20 14.30 14.19 7.63
CA ASN A 20 15.25 14.05 8.78
C ASN A 20 14.59 14.64 10.04
N PRO A 21 13.62 13.93 10.57
CA PRO A 21 12.90 14.38 11.79
C PRO A 21 13.84 14.44 13.01
N SER A 22 13.56 15.35 13.91
CA SER A 22 14.43 15.55 15.13
C SER A 22 14.50 14.32 16.06
N ASN A 23 13.45 13.56 16.19
CA ASN A 23 13.50 12.38 17.11
C ASN A 23 13.68 11.07 16.34
N LEU A 24 14.45 11.09 15.27
CA LEU A 24 14.67 9.84 14.46
C LEU A 24 15.39 8.76 15.26
N SER A 25 16.20 9.14 16.22
CA SER A 25 16.95 8.12 17.01
C SER A 25 15.99 7.29 17.89
N ALA A 26 14.84 7.79 18.21
CA ALA A 26 13.88 6.99 19.04
C ALA A 26 13.00 6.10 18.15
N GLY A 27 13.19 6.16 16.85
CA GLY A 27 12.37 5.34 15.91
C GLY A 27 11.65 6.33 14.97
N VAL A 28 11.62 6.05 13.69
CA VAL A 28 10.96 7.00 12.74
C VAL A 28 9.44 7.11 13.00
N GLN A 29 8.78 6.03 13.38
CA GLN A 29 7.30 6.13 13.68
C GLN A 29 7.13 7.00 14.94
N GLU A 30 8.05 6.88 15.85
CA GLU A 30 8.05 7.72 17.08
C GLU A 30 8.39 9.15 16.70
N ALA A 31 9.28 9.30 15.74
CA ALA A 31 9.69 10.66 15.27
C ALA A 31 8.49 11.38 14.65
N TRP A 32 7.75 10.72 13.80
CA TRP A 32 6.56 11.36 13.17
C TRP A 32 5.43 11.54 14.21
N ALA A 33 5.37 10.67 15.19
CA ALA A 33 4.29 10.76 16.23
C ALA A 33 4.42 12.01 17.12
N VAL A 34 5.53 12.72 17.08
CA VAL A 34 5.62 13.97 17.92
C VAL A 34 4.59 14.99 17.41
N LEU A 35 4.16 14.82 16.18
CA LEU A 35 3.12 15.74 15.60
C LEU A 35 1.77 15.48 16.30
N GLN A 36 1.64 14.37 17.01
CA GLN A 36 0.35 14.04 17.68
C GLN A 36 0.42 14.29 19.20
N GLU A 37 1.42 14.97 19.69
CA GLU A 37 1.47 15.24 21.16
C GLU A 37 0.36 16.26 21.51
N SER A 38 0.04 16.37 22.78
CA SER A 38 -1.06 17.28 23.22
C SER A 38 -0.93 18.72 22.68
N ASN A 39 0.24 19.27 22.69
CA ASN A 39 0.43 20.70 22.25
C ASN A 39 0.38 20.94 20.71
N VAL A 40 0.29 19.92 19.88
CA VAL A 40 0.27 20.22 18.40
C VAL A 40 -1.16 20.16 17.83
N PRO A 41 -1.48 21.17 17.03
CA PRO A 41 -2.83 21.25 16.40
C PRO A 41 -3.00 20.19 15.30
N ASP A 42 -4.22 19.90 14.95
CA ASP A 42 -4.51 18.86 13.91
C ASP A 42 -3.88 19.19 12.55
N LEU A 43 -3.69 20.45 12.23
CA LEU A 43 -3.11 20.81 10.90
C LEU A 43 -2.04 21.90 11.08
N VAL A 44 -0.79 21.53 10.87
CA VAL A 44 0.32 22.52 11.06
C VAL A 44 1.02 22.87 9.75
N TRP A 45 1.82 23.92 9.79
CA TRP A 45 2.60 24.33 8.60
C TRP A 45 4.10 24.28 8.93
N THR A 46 4.85 23.51 8.19
CA THR A 46 6.33 23.44 8.44
C THR A 46 7.08 24.26 7.39
N ARG A 47 8.06 25.02 7.79
CA ARG A 47 8.85 25.84 6.81
C ARG A 47 9.98 24.99 6.20
N CYS A 48 10.06 23.74 6.59
CA CYS A 48 11.12 22.83 6.04
C CYS A 48 10.73 22.34 4.64
N ASN A 49 11.72 21.97 3.86
CA ASN A 49 11.47 21.43 2.47
C ASN A 49 10.58 22.35 1.62
N GLY A 50 10.78 23.64 1.68
CA GLY A 50 9.97 24.58 0.83
C GLY A 50 8.71 25.08 1.55
N GLY A 51 8.24 24.38 2.56
CA GLY A 51 7.02 24.86 3.29
C GLY A 51 5.78 24.11 2.79
N HIS A 52 5.06 23.50 3.70
CA HIS A 52 3.81 22.77 3.31
C HIS A 52 2.99 22.37 4.55
N TRP A 53 1.73 22.08 4.35
CA TRP A 53 0.85 21.68 5.51
C TRP A 53 1.06 20.21 5.91
N ILE A 54 0.69 19.86 7.13
CA ILE A 54 0.79 18.43 7.58
C ILE A 54 -0.44 18.04 8.42
N ALA A 55 -1.29 17.20 7.90
CA ALA A 55 -2.46 16.75 8.71
C ALA A 55 -1.93 15.70 9.71
N THR A 56 -2.04 15.96 10.99
CA THR A 56 -1.47 15.01 12.00
C THR A 56 -2.47 13.98 12.54
N ARG A 57 -3.74 14.10 12.24
CA ARG A 57 -4.71 13.08 12.78
C ARG A 57 -5.35 12.29 11.65
N GLY A 58 -5.77 11.07 11.95
CA GLY A 58 -6.38 10.19 10.91
C GLY A 58 -7.66 10.80 10.32
N GLN A 59 -8.48 11.45 11.12
CA GLN A 59 -9.73 12.06 10.57
C GLN A 59 -9.40 13.03 9.44
N LEU A 60 -8.41 13.88 9.62
CA LEU A 60 -8.04 14.86 8.56
C LEU A 60 -7.38 14.16 7.37
N ILE A 61 -6.52 13.20 7.62
CA ILE A 61 -5.84 12.48 6.49
C ILE A 61 -6.85 11.69 5.66
N ARG A 62 -7.78 11.01 6.29
CA ARG A 62 -8.81 10.23 5.53
C ARG A 62 -9.70 11.19 4.73
N GLU A 63 -10.16 12.23 5.37
CA GLU A 63 -11.06 13.22 4.70
C GLU A 63 -10.37 13.87 3.49
N ALA A 64 -9.11 14.21 3.61
CA ALA A 64 -8.38 14.86 2.48
C ALA A 64 -8.17 13.88 1.32
N TYR A 65 -7.89 12.63 1.61
CA TYR A 65 -7.68 11.62 0.51
C TYR A 65 -9.01 11.26 -0.18
N GLU A 66 -10.11 11.46 0.52
CA GLU A 66 -11.45 11.15 -0.07
C GLU A 66 -11.89 12.28 -1.01
N ASP A 67 -11.58 13.50 -0.64
CA ASP A 67 -11.97 14.67 -1.46
C ASP A 67 -10.88 15.01 -2.47
N TYR A 68 -10.92 14.40 -3.63
CA TYR A 68 -9.88 14.72 -4.65
C TYR A 68 -10.23 16.02 -5.41
N ARG A 69 -11.42 16.54 -5.22
CA ARG A 69 -11.78 17.83 -5.91
C ARG A 69 -11.00 18.99 -5.29
N HIS A 70 -10.71 18.90 -4.01
CA HIS A 70 -9.93 19.99 -3.34
C HIS A 70 -8.46 19.57 -3.24
N PHE A 71 -8.20 18.33 -2.87
CA PHE A 71 -6.80 17.83 -2.75
C PHE A 71 -6.46 16.99 -3.99
N SER A 72 -5.66 17.53 -4.86
CA SER A 72 -5.34 16.82 -6.14
C SER A 72 -4.04 15.99 -6.05
N SER A 73 -3.97 14.92 -6.83
CA SER A 73 -2.74 14.07 -6.84
C SER A 73 -1.76 14.53 -7.93
N GLU A 74 -2.09 15.57 -8.65
CA GLU A 74 -1.17 16.07 -9.71
C GLU A 74 0.24 16.34 -9.11
N CYS A 75 0.31 16.89 -7.90
CA CYS A 75 1.67 17.17 -7.26
C CYS A 75 1.76 16.57 -5.80
N PRO A 76 2.07 15.28 -5.76
CA PRO A 76 2.11 14.44 -4.47
C PRO A 76 3.43 14.24 -3.64
N PHE A 77 4.58 14.68 -4.08
CA PHE A 77 5.86 14.51 -3.27
C PHE A 77 6.14 15.90 -2.57
N ILE A 78 7.20 16.14 -1.72
CA ILE A 78 7.25 17.53 -1.03
C ILE A 78 8.44 18.54 -1.18
N PRO A 79 9.35 18.39 -2.11
CA PRO A 79 10.28 19.52 -2.47
C PRO A 79 9.43 20.08 -3.60
N ARG A 80 8.77 21.24 -3.48
CA ARG A 80 7.76 21.52 -4.55
C ARG A 80 8.20 21.04 -5.93
N GLU A 81 9.47 20.96 -6.21
CA GLU A 81 9.95 20.46 -7.53
C GLU A 81 9.81 18.91 -7.75
N ALA A 82 9.81 18.06 -6.74
CA ALA A 82 9.65 16.57 -7.03
C ALA A 82 8.20 16.25 -7.36
N GLY A 83 7.30 16.95 -6.71
CA GLY A 83 5.84 16.74 -6.94
C GLY A 83 5.49 17.20 -8.36
N GLU A 84 6.11 18.26 -8.84
CA GLU A 84 5.82 18.77 -10.22
C GLU A 84 6.41 17.82 -11.26
N ALA A 85 7.53 17.22 -10.98
CA ALA A 85 8.14 16.27 -11.96
C ALA A 85 7.45 14.88 -11.90
N TYR A 86 6.79 14.57 -10.79
CA TYR A 86 6.13 13.23 -10.62
C TYR A 86 4.98 12.98 -11.65
N ASP A 87 5.07 11.89 -12.42
CA ASP A 87 4.01 11.57 -13.45
C ASP A 87 3.86 10.06 -13.74
N PHE A 88 3.95 9.26 -12.69
CA PHE A 88 3.71 7.77 -12.81
C PHE A 88 2.20 7.61 -13.28
N ILE A 89 1.50 6.45 -13.45
CA ILE A 89 0.05 6.65 -14.03
C ILE A 89 -1.26 6.14 -13.36
N PRO A 90 -1.30 5.69 -12.13
CA PRO A 90 -2.64 5.55 -11.47
C PRO A 90 -2.61 6.46 -10.23
N THR A 91 -1.69 7.44 -10.23
CA THR A 91 -1.43 8.31 -9.05
C THR A 91 -1.29 9.80 -9.37
N SER A 92 -0.58 10.20 -10.41
CA SER A 92 -0.48 11.69 -10.64
C SER A 92 -1.80 12.21 -11.30
N MET A 93 -2.88 11.39 -11.29
CA MET A 93 -4.19 11.75 -11.96
C MET A 93 -5.42 11.88 -10.98
N ASP A 94 -6.36 12.80 -11.24
CA ASP A 94 -7.61 12.83 -10.38
C ASP A 94 -8.68 11.96 -11.14
N PRO A 95 -9.50 11.23 -10.38
CA PRO A 95 -10.28 10.03 -10.89
C PRO A 95 -11.47 9.95 -11.91
N PRO A 96 -11.72 10.87 -12.83
CA PRO A 96 -12.71 10.50 -13.85
C PRO A 96 -11.81 9.61 -14.75
N GLU A 97 -10.74 10.23 -15.14
CA GLU A 97 -9.59 9.66 -15.90
C GLU A 97 -8.72 8.57 -15.18
N GLN A 98 -8.25 8.84 -13.94
CA GLN A 98 -7.28 7.84 -13.27
C GLN A 98 -7.80 6.39 -13.25
N ARG A 99 -9.08 6.23 -13.05
CA ARG A 99 -9.70 4.87 -12.98
C ARG A 99 -9.32 3.91 -14.12
N GLN A 100 -9.33 4.34 -15.37
CA GLN A 100 -9.03 3.37 -16.50
C GLN A 100 -7.61 2.78 -16.42
N PHE A 101 -6.68 3.42 -15.76
CA PHE A 101 -5.29 2.83 -15.69
C PHE A 101 -5.14 1.82 -14.53
N ARG A 102 -6.02 1.85 -13.57
CA ARG A 102 -5.91 0.90 -12.42
C ARG A 102 -6.18 -0.55 -12.84
N ALA A 103 -7.06 -0.76 -13.81
CA ALA A 103 -7.37 -2.15 -14.25
C ALA A 103 -6.14 -2.78 -14.93
N LEU A 104 -5.42 -2.01 -15.71
CA LEU A 104 -4.21 -2.57 -16.40
C LEU A 104 -3.12 -2.88 -15.37
N ALA A 105 -2.97 -2.03 -14.39
CA ALA A 105 -1.94 -2.28 -13.33
C ALA A 105 -2.36 -3.48 -12.47
N ASN A 106 -3.65 -3.68 -12.31
CA ASN A 106 -4.13 -4.83 -11.51
C ASN A 106 -3.74 -6.15 -12.21
N GLN A 107 -3.69 -6.13 -13.53
CA GLN A 107 -3.33 -7.36 -14.31
C GLN A 107 -1.91 -7.82 -14.00
N VAL A 108 -1.01 -6.91 -13.68
CA VAL A 108 0.41 -7.31 -13.43
C VAL A 108 0.81 -7.33 -11.94
N VAL A 109 0.09 -6.69 -11.04
CA VAL A 109 0.51 -6.80 -9.58
C VAL A 109 -0.68 -7.11 -8.68
N GLY A 110 -1.84 -7.34 -9.23
CA GLY A 110 -3.03 -7.64 -8.39
C GLY A 110 -3.03 -9.12 -7.98
N MET A 111 -4.16 -9.61 -7.52
CA MET A 111 -4.26 -11.05 -7.10
C MET A 111 -3.99 -12.04 -8.22
N PRO A 112 -4.40 -11.75 -9.44
CA PRO A 112 -4.18 -12.71 -10.55
C PRO A 112 -2.67 -12.95 -10.78
N VAL A 113 -1.81 -12.00 -10.44
CA VAL A 113 -0.33 -12.26 -10.62
C VAL A 113 0.20 -12.90 -9.33
N VAL A 114 -0.44 -12.64 -8.19
CA VAL A 114 0.02 -13.27 -6.92
C VAL A 114 -0.22 -14.78 -7.04
N ASP A 115 -1.27 -15.15 -7.74
CA ASP A 115 -1.56 -16.60 -7.94
C ASP A 115 -0.56 -17.20 -8.92
N LYS A 116 -0.17 -16.44 -9.90
CA LYS A 116 0.85 -16.94 -10.88
C LYS A 116 2.20 -17.12 -10.17
N LEU A 117 2.50 -16.24 -9.23
CA LEU A 117 3.83 -16.28 -8.52
C LEU A 117 3.76 -17.02 -7.17
N GLU A 118 2.63 -17.60 -6.80
CA GLU A 118 2.56 -18.29 -5.45
C GLU A 118 3.73 -19.27 -5.24
N ASN A 119 3.98 -20.15 -6.18
CA ASN A 119 5.07 -21.15 -6.00
C ASN A 119 6.46 -20.49 -5.89
N ARG A 120 6.80 -19.60 -6.79
CA ARG A 120 8.16 -18.94 -6.72
C ARG A 120 8.31 -18.09 -5.45
N ILE A 121 7.26 -17.44 -4.98
CA ILE A 121 7.39 -16.61 -3.73
C ILE A 121 7.69 -17.52 -2.55
N GLN A 122 7.01 -18.64 -2.47
CA GLN A 122 7.23 -19.59 -1.34
C GLN A 122 8.61 -20.25 -1.47
N GLU A 123 8.99 -20.62 -2.67
CA GLU A 123 10.32 -21.28 -2.87
C GLU A 123 11.48 -20.33 -2.54
N LEU A 124 11.42 -19.09 -2.99
CA LEU A 124 12.55 -18.15 -2.71
C LEU A 124 12.64 -17.84 -1.22
N ALA A 125 11.52 -17.66 -0.56
CA ALA A 125 11.55 -17.35 0.90
C ALA A 125 12.20 -18.52 1.66
N CYS A 126 11.81 -19.72 1.34
CA CYS A 126 12.39 -20.91 2.02
C CYS A 126 13.86 -21.10 1.65
N SER A 127 14.22 -20.88 0.40
CA SER A 127 15.64 -21.05 -0.03
C SER A 127 16.55 -20.00 0.62
N LEU A 128 16.14 -18.74 0.61
CA LEU A 128 16.98 -17.67 1.24
C LEU A 128 17.15 -17.91 2.74
N ILE A 129 16.09 -18.29 3.42
CA ILE A 129 16.18 -18.52 4.91
C ILE A 129 16.96 -19.80 5.24
N GLU A 130 16.78 -20.86 4.48
CA GLU A 130 17.53 -22.13 4.79
C GLU A 130 19.03 -21.89 4.59
N SER A 131 19.39 -21.07 3.64
CA SER A 131 20.84 -20.78 3.40
C SER A 131 21.41 -19.96 4.58
N LEU A 132 20.59 -19.13 5.19
CA LEU A 132 21.08 -18.31 6.34
C LEU A 132 21.00 -19.09 7.67
N ARG A 133 20.06 -19.99 7.78
CA ARG A 133 19.83 -20.74 9.08
C ARG A 133 21.11 -21.22 9.79
N PRO A 134 21.97 -21.95 9.11
CA PRO A 134 23.18 -22.51 9.76
C PRO A 134 24.25 -21.45 10.07
N GLN A 135 24.09 -20.23 9.61
CA GLN A 135 25.13 -19.19 9.90
C GLN A 135 24.99 -18.67 11.33
N GLY A 136 23.79 -18.59 11.84
CA GLY A 136 23.58 -18.08 13.22
C GLY A 136 23.57 -16.55 13.21
N GLN A 137 23.58 -15.93 12.06
CA GLN A 137 23.59 -14.44 12.00
C GLN A 137 23.39 -13.96 10.55
N CYS A 138 23.03 -12.71 10.36
CA CYS A 138 22.82 -12.20 8.97
C CYS A 138 22.46 -10.71 8.95
N ASN A 139 22.79 -10.03 7.88
CA ASN A 139 22.41 -8.59 7.74
C ASN A 139 21.05 -8.58 7.02
N PHE A 140 20.00 -8.71 7.79
CA PHE A 140 18.62 -8.83 7.23
C PHE A 140 18.30 -7.88 6.07
N THR A 141 18.71 -6.64 6.12
CA THR A 141 18.35 -5.72 4.98
C THR A 141 18.98 -6.16 3.66
N GLU A 142 20.20 -6.65 3.69
CA GLU A 142 20.87 -7.06 2.42
C GLU A 142 20.71 -8.57 2.17
N ASP A 143 20.54 -9.36 3.19
CA ASP A 143 20.43 -10.83 2.96
C ASP A 143 19.00 -11.31 2.68
N TYR A 144 17.98 -10.56 3.06
CA TYR A 144 16.59 -11.06 2.77
C TYR A 144 15.62 -9.92 2.41
N ALA A 145 15.53 -8.88 3.21
CA ALA A 145 14.56 -7.77 2.94
C ALA A 145 14.66 -7.23 1.51
N GLU A 146 15.84 -7.18 0.95
CA GLU A 146 16.00 -6.62 -0.44
C GLU A 146 15.86 -7.70 -1.52
N PRO A 147 16.64 -8.76 -1.42
CA PRO A 147 16.60 -9.84 -2.45
C PRO A 147 15.27 -10.60 -2.54
N PHE A 148 14.58 -10.85 -1.45
CA PHE A 148 13.30 -11.64 -1.56
C PHE A 148 12.23 -10.94 -2.41
N PRO A 149 11.83 -9.75 -2.01
CA PRO A 149 10.77 -9.05 -2.78
C PRO A 149 11.31 -8.36 -4.06
N ILE A 150 12.61 -8.10 -4.17
CA ILE A 150 13.12 -7.43 -5.43
C ILE A 150 13.35 -8.52 -6.49
N ARG A 151 13.83 -9.67 -6.10
CA ARG A 151 14.04 -10.76 -7.10
C ARG A 151 12.69 -11.24 -7.62
N ILE A 152 11.67 -11.27 -6.79
CA ILE A 152 10.32 -11.70 -7.28
C ILE A 152 9.78 -10.66 -8.26
N PHE A 153 10.03 -9.38 -8.02
CA PHE A 153 9.53 -8.36 -8.97
C PHE A 153 10.31 -8.43 -10.28
N MET A 154 11.62 -8.58 -10.20
CA MET A 154 12.43 -8.68 -11.46
C MET A 154 11.97 -9.90 -12.26
N LEU A 155 11.55 -10.95 -11.57
CA LEU A 155 11.03 -12.17 -12.27
C LEU A 155 9.67 -11.82 -12.90
N LEU A 156 8.87 -11.10 -12.15
CA LEU A 156 7.51 -10.68 -12.64
C LEU A 156 7.65 -9.67 -13.79
N ALA A 157 8.71 -8.87 -13.80
CA ALA A 157 8.87 -7.86 -14.89
C ALA A 157 9.77 -8.38 -16.01
N GLY A 158 10.33 -9.56 -15.87
CA GLY A 158 11.21 -10.11 -16.93
C GLY A 158 12.51 -9.31 -17.04
N LEU A 159 13.03 -8.83 -15.93
CA LEU A 159 14.32 -8.06 -15.97
C LEU A 159 15.43 -8.89 -15.31
N PRO A 160 16.64 -8.76 -15.83
CA PRO A 160 17.77 -9.55 -15.28
C PRO A 160 18.21 -9.00 -13.91
N GLU A 161 18.47 -9.89 -12.98
CA GLU A 161 18.87 -9.47 -11.59
C GLU A 161 20.15 -8.62 -11.55
N GLU A 162 20.95 -8.68 -12.58
CA GLU A 162 22.22 -7.87 -12.59
C GLU A 162 21.89 -6.37 -12.63
N ASP A 163 20.67 -6.01 -12.92
CA ASP A 163 20.28 -4.57 -12.99
C ASP A 163 19.68 -4.08 -11.66
N ILE A 164 19.65 -4.91 -10.65
CA ILE A 164 19.01 -4.51 -9.35
C ILE A 164 19.75 -3.36 -8.65
N PRO A 165 21.07 -3.41 -8.59
CA PRO A 165 21.79 -2.33 -7.89
C PRO A 165 21.75 -1.01 -8.69
N HIS A 166 21.38 -1.03 -9.96
CA HIS A 166 21.27 0.28 -10.72
C HIS A 166 19.87 0.82 -10.47
N LEU A 167 18.89 -0.05 -10.57
CA LEU A 167 17.48 0.37 -10.34
C LEU A 167 17.24 0.70 -8.86
N LYS A 168 17.64 -0.17 -7.95
CA LYS A 168 17.42 0.11 -6.49
C LYS A 168 18.02 1.46 -6.10
N TYR A 169 19.08 1.88 -6.77
CA TYR A 169 19.67 3.21 -6.44
C TYR A 169 18.75 4.33 -6.96
N LEU A 170 18.29 4.23 -8.19
CA LEU A 170 17.38 5.30 -8.73
C LEU A 170 16.10 5.41 -7.88
N THR A 171 15.45 4.29 -7.62
CA THR A 171 14.18 4.32 -6.80
C THR A 171 14.42 4.94 -5.42
N ASP A 172 15.54 4.65 -4.81
CA ASP A 172 15.81 5.20 -3.44
C ASP A 172 16.03 6.72 -3.49
N GLN A 173 16.50 7.25 -4.61
CA GLN A 173 16.70 8.74 -4.71
C GLN A 173 15.33 9.45 -4.81
N MET A 174 14.30 8.73 -5.20
CA MET A 174 12.95 9.36 -5.32
C MET A 174 12.21 9.32 -3.98
N THR A 175 12.62 8.47 -3.07
CA THR A 175 11.94 8.40 -1.75
C THR A 175 12.87 8.93 -0.65
N ARG A 176 14.11 8.48 -0.65
CA ARG A 176 15.09 8.98 0.37
C ARG A 176 16.35 9.44 -0.37
N PRO A 177 16.27 10.59 -0.99
CA PRO A 177 17.41 11.15 -1.77
C PRO A 177 18.61 11.48 -0.87
N ASP A 178 19.78 11.05 -1.27
CA ASP A 178 21.00 11.36 -0.48
C ASP A 178 21.62 12.71 -0.93
N GLY A 179 21.10 13.32 -1.99
CA GLY A 179 21.65 14.63 -2.43
C GLY A 179 22.34 14.56 -3.81
N SER A 180 22.72 13.40 -4.28
CA SER A 180 23.42 13.32 -5.61
C SER A 180 22.44 13.46 -6.80
N MET A 181 21.18 13.14 -6.62
CA MET A 181 20.23 13.26 -7.76
C MET A 181 18.91 13.92 -7.34
N THR A 182 18.35 14.74 -8.19
CA THR A 182 17.01 15.34 -7.86
C THR A 182 15.95 14.29 -8.18
N PHE A 183 14.72 14.52 -7.82
CA PHE A 183 13.68 13.50 -8.14
C PHE A 183 13.53 13.39 -9.67
N ALA A 184 13.58 14.51 -10.35
CA ALA A 184 13.44 14.52 -11.84
C ALA A 184 14.60 13.76 -12.52
N GLU A 185 15.81 13.93 -12.05
CA GLU A 185 16.97 13.22 -12.68
C GLU A 185 16.84 11.71 -12.46
N ALA A 186 16.43 11.31 -11.28
CA ALA A 186 16.26 9.85 -11.00
C ALA A 186 15.09 9.30 -11.79
N LYS A 187 14.03 10.06 -11.92
CA LYS A 187 12.85 9.58 -12.68
C LYS A 187 13.18 9.46 -14.17
N GLU A 188 13.91 10.42 -14.71
CA GLU A 188 14.27 10.35 -16.15
C GLU A 188 15.25 9.21 -16.38
N ALA A 189 16.12 8.95 -15.45
CA ALA A 189 17.08 7.82 -15.61
C ALA A 189 16.31 6.50 -15.58
N LEU A 190 15.26 6.42 -14.77
CA LEU A 190 14.44 5.17 -14.72
C LEU A 190 13.68 5.02 -16.05
N TYR A 191 13.22 6.13 -16.60
CA TYR A 191 12.51 6.10 -17.91
C TYR A 191 13.50 5.70 -19.01
N ASP A 192 14.71 6.23 -18.92
CA ASP A 192 15.77 5.89 -19.93
C ASP A 192 16.01 4.38 -19.97
N TYR A 193 15.91 3.74 -18.82
CA TYR A 193 16.13 2.26 -18.75
C TYR A 193 14.92 1.51 -19.33
N LEU A 194 13.73 2.03 -19.14
CA LEU A 194 12.49 1.35 -19.62
C LEU A 194 12.14 1.63 -21.10
N ILE A 195 12.50 2.79 -21.62
CA ILE A 195 12.09 3.14 -23.04
C ILE A 195 12.42 2.06 -24.08
N PRO A 196 13.67 1.65 -24.18
CA PRO A 196 14.03 0.63 -25.21
C PRO A 196 13.43 -0.75 -24.85
N ILE A 197 13.17 -1.03 -23.60
CA ILE A 197 12.58 -2.36 -23.23
C ILE A 197 11.08 -2.37 -23.58
N ILE A 198 10.41 -1.25 -23.47
CA ILE A 198 8.94 -1.20 -23.79
C ILE A 198 8.74 -1.30 -25.32
N GLU A 199 9.61 -0.71 -26.10
CA GLU A 199 9.46 -0.79 -27.58
C GLU A 199 9.76 -2.21 -28.06
N GLN A 200 10.73 -2.85 -27.47
CA GLN A 200 11.04 -4.24 -27.88
C GLN A 200 9.87 -5.15 -27.53
N ARG A 201 9.31 -4.97 -26.36
CA ARG A 201 8.17 -5.83 -25.93
C ARG A 201 6.88 -5.42 -26.63
N ARG A 202 6.85 -4.28 -27.27
CA ARG A 202 5.63 -3.91 -28.05
C ARG A 202 5.75 -4.56 -29.44
N GLN A 203 6.97 -4.81 -29.88
CA GLN A 203 7.20 -5.47 -31.20
C GLN A 203 7.05 -7.00 -31.00
N LYS A 204 7.69 -7.52 -29.97
CA LYS A 204 7.56 -8.96 -29.61
C LYS A 204 6.98 -9.01 -28.19
N PRO A 205 5.67 -8.99 -28.08
CA PRO A 205 5.05 -8.99 -26.74
C PRO A 205 5.13 -10.37 -26.06
N GLY A 206 5.64 -10.45 -24.84
CA GLY A 206 5.75 -11.79 -24.16
C GLY A 206 4.77 -11.95 -22.98
N THR A 207 5.25 -12.54 -21.89
CA THR A 207 4.37 -12.79 -20.68
C THR A 207 4.74 -11.91 -19.46
N ASP A 208 5.85 -11.21 -19.49
CA ASP A 208 6.23 -10.38 -18.30
C ASP A 208 5.30 -9.16 -18.11
N ALA A 209 5.40 -8.53 -16.96
CA ALA A 209 4.53 -7.34 -16.64
C ALA A 209 4.75 -6.17 -17.60
N ILE A 210 5.96 -5.90 -18.01
CA ILE A 210 6.20 -4.75 -18.94
C ILE A 210 5.56 -5.04 -20.31
N SER A 211 5.56 -6.29 -20.72
CA SER A 211 4.91 -6.62 -22.02
C SER A 211 3.40 -6.41 -21.90
N ILE A 212 2.82 -6.85 -20.81
CA ILE A 212 1.34 -6.70 -20.60
C ILE A 212 0.95 -5.21 -20.49
N VAL A 213 1.74 -4.41 -19.82
CA VAL A 213 1.39 -2.95 -19.71
C VAL A 213 1.61 -2.25 -21.06
N ALA A 214 2.73 -2.52 -21.69
CA ALA A 214 3.04 -1.86 -23.00
C ALA A 214 2.02 -2.27 -24.08
N ASN A 215 1.48 -3.46 -24.00
CA ASN A 215 0.49 -3.91 -25.02
C ASN A 215 -0.93 -3.92 -24.43
N GLY A 216 -1.12 -3.35 -23.25
CA GLY A 216 -2.47 -3.37 -22.60
C GLY A 216 -3.42 -2.31 -23.16
N GLN A 217 -4.67 -2.39 -22.77
CA GLN A 217 -5.70 -1.42 -23.25
C GLN A 217 -6.34 -0.74 -22.04
N VAL A 218 -6.71 0.51 -22.15
CA VAL A 218 -7.39 1.18 -21.00
C VAL A 218 -8.79 1.61 -21.42
N ASN A 219 -9.77 0.90 -20.93
CA ASN A 219 -11.20 1.18 -21.26
C ASN A 219 -11.47 1.02 -22.77
N GLY A 220 -10.93 -0.02 -23.37
CA GLY A 220 -11.23 -0.31 -24.82
C GLY A 220 -10.21 0.26 -25.81
N ARG A 221 -9.28 1.10 -25.40
CA ARG A 221 -8.31 1.63 -26.41
C ARG A 221 -6.86 1.27 -25.99
N PRO A 222 -5.98 1.21 -26.95
CA PRO A 222 -4.56 0.80 -26.69
C PRO A 222 -3.72 1.91 -26.07
N ILE A 223 -3.01 1.57 -25.02
CA ILE A 223 -2.13 2.54 -24.29
C ILE A 223 -0.96 3.05 -25.17
N THR A 224 -0.53 4.26 -24.93
CA THR A 224 0.62 4.84 -25.71
C THR A 224 1.94 4.45 -25.06
N SER A 225 3.02 4.55 -25.80
CA SER A 225 4.36 4.20 -25.22
C SER A 225 4.66 5.09 -24.01
N ASP A 226 4.22 6.33 -24.06
CA ASP A 226 4.45 7.28 -22.91
C ASP A 226 3.68 6.81 -21.68
N GLU A 227 2.42 6.44 -21.85
CA GLU A 227 1.61 5.97 -20.67
C GLU A 227 2.21 4.69 -20.10
N ALA A 228 2.64 3.79 -20.95
CA ALA A 228 3.24 2.52 -20.48
C ALA A 228 4.51 2.82 -19.68
N LYS A 229 5.30 3.76 -20.16
CA LYS A 229 6.56 4.13 -19.45
C LYS A 229 6.24 4.74 -18.08
N ARG A 230 5.24 5.60 -18.03
CA ARG A 230 4.86 6.25 -16.73
C ARG A 230 4.26 5.22 -15.76
N MET A 231 3.63 4.18 -16.26
CA MET A 231 3.07 3.15 -15.34
C MET A 231 4.17 2.17 -14.92
N CYS A 232 5.00 1.76 -15.86
CA CYS A 232 6.11 0.80 -15.53
C CYS A 232 7.06 1.43 -14.50
N GLY A 233 7.30 2.72 -14.62
CA GLY A 233 8.19 3.42 -13.66
C GLY A 233 7.61 3.30 -12.25
N LEU A 234 6.31 3.47 -12.12
CA LEU A 234 5.66 3.36 -10.78
C LEU A 234 5.75 1.93 -10.26
N LEU A 235 5.59 0.94 -11.11
CA LEU A 235 5.67 -0.48 -10.65
C LEU A 235 7.10 -0.80 -10.15
N LEU A 236 8.10 -0.27 -10.81
CA LEU A 236 9.50 -0.54 -10.38
C LEU A 236 9.76 0.04 -8.98
N VAL A 237 9.30 1.24 -8.72
CA VAL A 237 9.50 1.85 -7.37
C VAL A 237 8.71 1.06 -6.32
N GLY A 238 7.49 0.70 -6.64
CA GLY A 238 6.65 -0.06 -5.69
C GLY A 238 7.24 -1.46 -5.45
N GLY A 239 7.85 -2.04 -6.44
CA GLY A 239 8.43 -3.39 -6.27
C GLY A 239 9.83 -3.34 -5.62
N LEU A 240 10.51 -2.22 -5.68
CA LEU A 240 11.89 -2.16 -5.10
C LEU A 240 11.98 -1.34 -3.80
N ASP A 241 10.96 -0.59 -3.40
CA ASP A 241 11.13 0.21 -2.15
C ASP A 241 9.87 0.28 -1.25
N THR A 242 9.14 -0.79 -1.10
CA THR A 242 7.95 -0.74 -0.18
C THR A 242 8.03 -1.93 0.79
N VAL A 243 7.80 -3.13 0.31
CA VAL A 243 7.88 -4.33 1.20
C VAL A 243 9.33 -4.49 1.70
N VAL A 244 10.29 -4.13 0.87
CA VAL A 244 11.73 -4.23 1.28
C VAL A 244 11.95 -3.51 2.61
N ASN A 245 11.40 -2.34 2.77
CA ASN A 245 11.58 -1.58 4.05
C ASN A 245 10.67 -2.12 5.16
N PHE A 246 9.43 -2.42 4.86
CA PHE A 246 8.49 -2.93 5.93
C PHE A 246 8.99 -4.26 6.53
N LEU A 247 9.55 -5.15 5.73
CA LEU A 247 10.03 -6.45 6.29
C LEU A 247 11.06 -6.20 7.42
N SER A 248 11.91 -5.20 7.25
CA SER A 248 12.94 -4.90 8.28
C SER A 248 12.30 -4.32 9.56
N PHE A 249 11.31 -3.45 9.42
CA PHE A 249 10.64 -2.89 10.66
C PHE A 249 9.99 -4.03 11.44
N SER A 250 9.36 -4.94 10.72
CA SER A 250 8.67 -6.11 11.36
C SER A 250 9.67 -7.06 12.01
N MET A 251 10.72 -7.43 11.30
CA MET A 251 11.72 -8.39 11.90
C MET A 251 12.47 -7.72 13.04
N GLU A 252 12.70 -6.42 12.98
CA GLU A 252 13.39 -5.73 14.11
C GLU A 252 12.51 -5.82 15.36
N PHE A 253 11.22 -5.67 15.19
CA PHE A 253 10.29 -5.76 16.34
C PHE A 253 10.27 -7.21 16.88
N LEU A 254 10.10 -8.18 16.01
CA LEU A 254 10.08 -9.60 16.49
C LEU A 254 11.39 -9.95 17.19
N ALA A 255 12.49 -9.47 16.67
CA ALA A 255 13.81 -9.74 17.32
C ALA A 255 13.86 -9.11 18.71
N LYS A 256 13.17 -8.01 18.91
CA LYS A 256 13.19 -7.32 20.24
C LYS A 256 12.02 -7.76 21.14
N SER A 257 11.18 -8.64 20.67
CA SER A 257 10.03 -9.10 21.49
C SER A 257 9.84 -10.60 21.33
N PRO A 258 10.41 -11.35 22.25
CA PRO A 258 10.28 -12.82 22.20
C PRO A 258 8.88 -13.30 22.62
N GLU A 259 8.04 -12.44 23.20
CA GLU A 259 6.66 -12.89 23.59
C GLU A 259 5.82 -12.91 22.31
N HIS A 260 6.08 -11.99 21.42
CA HIS A 260 5.35 -11.93 20.12
C HIS A 260 5.84 -13.08 19.23
N ARG A 261 7.11 -13.42 19.30
CA ARG A 261 7.63 -14.56 18.48
C ARG A 261 6.92 -15.84 18.93
N GLN A 262 6.77 -16.00 20.23
CA GLN A 262 6.09 -17.21 20.78
C GLN A 262 4.61 -17.25 20.34
N GLU A 263 3.95 -16.11 20.35
CA GLU A 263 2.50 -16.07 19.97
C GLU A 263 2.31 -16.59 18.53
N LEU A 264 3.18 -16.25 17.63
CA LEU A 264 3.02 -16.72 16.21
C LEU A 264 3.53 -18.15 16.05
N ILE A 265 4.51 -18.56 16.83
CA ILE A 265 5.02 -19.97 16.73
C ILE A 265 3.98 -20.93 17.30
N GLN A 266 3.33 -20.54 18.39
CA GLN A 266 2.29 -21.40 19.00
C GLN A 266 1.04 -21.43 18.11
N ARG A 267 0.69 -20.30 17.53
CA ARG A 267 -0.53 -20.25 16.66
C ARG A 267 -0.20 -19.53 15.34
N PRO A 268 0.34 -20.28 14.41
CA PRO A 268 0.72 -19.73 13.08
C PRO A 268 -0.47 -19.19 12.29
N GLU A 269 -1.68 -19.61 12.60
CA GLU A 269 -2.85 -19.08 11.84
C GLU A 269 -3.16 -17.63 12.26
N ARG A 270 -2.42 -17.07 13.20
CA ARG A 270 -2.63 -15.65 13.62
C ARG A 270 -1.68 -14.72 12.84
N ILE A 271 -0.83 -15.27 12.01
CA ILE A 271 0.17 -14.45 11.27
C ILE A 271 -0.47 -13.41 10.34
N PRO A 272 -1.53 -13.76 9.64
CA PRO A 272 -2.13 -12.74 8.77
C PRO A 272 -2.89 -11.69 9.61
N ALA A 273 -3.21 -11.98 10.87
CA ALA A 273 -3.86 -10.92 11.72
C ALA A 273 -2.72 -10.08 12.29
N ALA A 274 -1.62 -10.74 12.58
CA ALA A 274 -0.40 -10.05 13.11
C ALA A 274 0.20 -9.16 12.02
N CYS A 275 0.15 -9.61 10.78
CA CYS A 275 0.70 -8.81 9.65
C CYS A 275 -0.04 -7.47 9.54
N GLU A 276 -1.34 -7.49 9.74
CA GLU A 276 -2.14 -6.24 9.67
C GLU A 276 -1.77 -5.33 10.84
N GLU A 277 -1.60 -5.89 12.03
CA GLU A 277 -1.24 -5.04 13.20
C GLU A 277 0.17 -4.47 13.01
N LEU A 278 1.05 -5.22 12.39
CA LEU A 278 2.42 -4.69 12.14
C LEU A 278 2.34 -3.62 11.05
N LEU A 279 1.47 -3.79 10.09
CA LEU A 279 1.30 -2.76 9.02
C LEU A 279 0.81 -1.46 9.66
N ARG A 280 0.09 -1.54 10.75
CA ARG A 280 -0.42 -0.30 11.44
C ARG A 280 0.69 0.32 12.30
N ARG A 281 1.29 -0.46 13.17
CA ARG A 281 2.35 0.11 14.06
C ARG A 281 3.58 0.53 13.26
N PHE A 282 3.98 -0.24 12.28
CA PHE A 282 5.19 0.13 11.49
C PHE A 282 4.83 0.67 10.10
N SER A 283 3.75 1.42 10.01
CA SER A 283 3.39 2.02 8.68
C SER A 283 4.61 2.84 8.23
N LEU A 284 4.80 3.07 6.95
CA LEU A 284 6.03 3.81 6.53
C LEU A 284 5.86 4.67 5.28
N VAL A 285 4.66 5.04 4.89
CA VAL A 285 4.55 5.89 3.65
C VAL A 285 4.00 7.28 4.00
N ALA A 286 4.42 8.31 3.31
CA ALA A 286 3.91 9.66 3.62
C ALA A 286 4.05 10.64 2.44
N ASP A 287 3.08 10.64 1.55
CA ASP A 287 3.09 11.60 0.40
C ASP A 287 1.90 12.56 0.60
N GLY A 288 1.37 13.20 -0.42
CA GLY A 288 0.22 14.12 -0.15
C GLY A 288 -0.45 14.63 -1.42
N ARG A 289 -1.05 15.81 -1.32
CA ARG A 289 -1.79 16.40 -2.48
C ARG A 289 -1.55 17.91 -2.54
N ILE A 290 -2.10 18.55 -3.55
CA ILE A 290 -1.96 20.04 -3.65
C ILE A 290 -3.37 20.65 -3.75
N LEU A 291 -3.58 21.77 -3.11
CA LEU A 291 -4.93 22.41 -3.12
C LEU A 291 -5.28 22.89 -4.52
N THR A 292 -6.45 22.55 -5.01
CA THR A 292 -6.86 23.01 -6.37
C THR A 292 -7.42 24.44 -6.28
N SER A 293 -7.77 24.88 -5.08
CA SER A 293 -8.33 26.26 -4.91
C SER A 293 -8.32 26.66 -3.44
N ASP A 294 -8.57 27.92 -3.14
CA ASP A 294 -8.61 28.33 -1.70
C ASP A 294 -9.70 27.51 -1.00
N TYR A 295 -9.47 27.08 0.21
CA TYR A 295 -10.49 26.20 0.88
C TYR A 295 -10.27 26.14 2.40
N GLU A 296 -11.30 26.39 3.17
CA GLU A 296 -11.17 26.29 4.65
C GLU A 296 -11.37 24.84 5.07
N PHE A 297 -10.37 24.28 5.68
CA PHE A 297 -10.43 22.86 6.12
C PHE A 297 -10.15 22.76 7.62
N HIS A 298 -11.17 22.46 8.40
CA HIS A 298 -11.03 22.33 9.89
C HIS A 298 -10.58 23.65 10.54
N GLY A 299 -11.14 24.76 10.11
CA GLY A 299 -10.80 26.08 10.72
C GLY A 299 -9.53 26.69 10.12
N VAL A 300 -8.85 26.03 9.21
CA VAL A 300 -7.60 26.65 8.63
C VAL A 300 -7.80 27.02 7.16
N GLN A 301 -7.35 28.19 6.78
CA GLN A 301 -7.51 28.63 5.36
C GLN A 301 -6.36 28.11 4.50
N LEU A 302 -6.67 27.27 3.54
CA LEU A 302 -5.61 26.76 2.61
C LEU A 302 -5.67 27.60 1.33
N LYS A 303 -4.55 27.77 0.69
CA LYS A 303 -4.51 28.61 -0.54
C LYS A 303 -4.23 27.74 -1.77
N LYS A 304 -4.84 28.07 -2.88
CA LYS A 304 -4.62 27.29 -4.15
C LYS A 304 -3.13 27.14 -4.43
N GLY A 305 -2.69 25.92 -4.62
CA GLY A 305 -1.24 25.69 -4.91
C GLY A 305 -0.54 25.19 -3.65
N ASP A 306 -1.14 25.33 -2.50
CA ASP A 306 -0.49 24.86 -1.23
C ASP A 306 -0.32 23.34 -1.22
N GLN A 307 0.81 22.88 -0.75
CA GLN A 307 1.05 21.40 -0.67
C GLN A 307 0.72 20.91 0.74
N ILE A 308 0.00 19.83 0.86
CA ILE A 308 -0.30 19.31 2.22
C ILE A 308 0.11 17.85 2.31
N LEU A 309 1.02 17.56 3.20
CA LEU A 309 1.49 16.18 3.39
C LEU A 309 0.48 15.40 4.22
N LEU A 310 -0.16 14.43 3.62
CA LEU A 310 -1.13 13.56 4.36
C LEU A 310 -0.39 12.23 4.55
N PRO A 311 0.32 12.11 5.65
CA PRO A 311 1.15 10.92 5.88
C PRO A 311 0.33 9.73 6.32
N GLN A 312 0.24 8.76 5.45
CA GLN A 312 -0.54 7.51 5.72
C GLN A 312 -0.11 6.81 7.01
N MET A 313 1.12 7.01 7.43
CA MET A 313 1.64 6.34 8.67
C MET A 313 1.00 6.92 9.94
N LEU A 314 0.50 8.13 9.87
CA LEU A 314 -0.06 8.79 11.09
C LEU A 314 -1.49 8.33 11.43
N SER A 315 -2.29 7.98 10.46
CA SER A 315 -3.69 7.58 10.79
C SER A 315 -3.73 6.38 11.76
N GLY A 316 -3.00 5.34 11.49
CA GLY A 316 -3.00 4.14 12.39
C GLY A 316 -2.34 4.45 13.74
N LEU A 317 -1.40 5.37 13.77
CA LEU A 317 -0.72 5.71 15.06
C LEU A 317 -1.56 6.70 15.90
N ASP A 318 -2.62 7.23 15.34
CA ASP A 318 -3.47 8.20 16.10
C ASP A 318 -4.19 7.50 17.26
N GLU A 319 -4.04 8.02 18.46
CA GLU A 319 -4.73 7.41 19.64
C GLU A 319 -6.25 7.51 19.49
N ARG A 320 -6.72 8.52 18.79
CA ARG A 320 -8.20 8.67 18.60
C ARG A 320 -8.72 7.55 17.69
N GLU A 321 -7.83 6.91 16.96
CA GLU A 321 -8.24 5.79 16.06
C GLU A 321 -7.94 4.43 16.72
N ASN A 322 -6.87 4.34 17.47
CA ASN A 322 -6.50 3.07 18.17
C ASN A 322 -5.94 3.37 19.57
N ALA A 323 -6.52 2.81 20.60
CA ALA A 323 -6.01 3.07 21.98
C ALA A 323 -4.62 2.44 22.12
N CYS A 324 -3.73 3.06 22.87
CA CYS A 324 -2.33 2.51 23.03
C CYS A 324 -1.78 2.12 21.65
N PRO A 325 -1.70 3.11 20.79
CA PRO A 325 -1.25 2.92 19.38
C PRO A 325 0.19 2.42 19.25
N MET A 326 1.08 2.78 20.13
CA MET A 326 2.50 2.31 20.00
C MET A 326 2.66 0.86 20.50
N HIS A 327 1.67 0.31 21.15
CA HIS A 327 1.80 -1.10 21.63
C HIS A 327 1.32 -2.07 20.54
N VAL A 328 2.06 -3.12 20.29
CA VAL A 328 1.63 -4.10 19.24
C VAL A 328 0.78 -5.21 19.85
N ASP A 329 -0.46 -5.28 19.44
CA ASP A 329 -1.38 -6.33 19.96
C ASP A 329 -1.96 -7.12 18.78
N PHE A 330 -1.48 -8.32 18.55
CA PHE A 330 -1.99 -9.14 17.40
C PHE A 330 -3.50 -9.40 17.54
N SER A 331 -4.02 -9.29 18.74
CA SER A 331 -5.48 -9.53 18.95
C SER A 331 -6.28 -8.21 18.94
N ARG A 332 -5.67 -7.10 18.58
CA ARG A 332 -6.43 -5.80 18.56
C ARG A 332 -7.74 -5.97 17.79
N GLN A 333 -8.85 -5.75 18.44
CA GLN A 333 -10.16 -5.94 17.77
C GLN A 333 -10.31 -5.06 16.53
N LYS A 334 -10.11 -3.76 16.64
CA LYS A 334 -10.26 -2.89 15.42
C LYS A 334 -8.92 -2.32 14.98
N VAL A 335 -8.25 -2.97 14.07
CA VAL A 335 -6.95 -2.45 13.58
C VAL A 335 -7.22 -1.46 12.43
N SER A 336 -7.34 -0.20 12.76
CA SER A 336 -7.63 0.83 11.72
C SER A 336 -6.33 1.50 11.24
N HIS A 337 -6.18 1.63 9.94
CA HIS A 337 -4.95 2.31 9.38
C HIS A 337 -5.12 2.61 7.89
N THR A 338 -4.27 3.47 7.38
CA THR A 338 -4.29 3.84 5.94
C THR A 338 -2.91 3.52 5.32
N THR A 339 -2.20 2.59 5.89
CA THR A 339 -0.85 2.20 5.40
C THR A 339 -0.84 2.00 3.87
N PHE A 340 -1.84 1.33 3.33
CA PHE A 340 -1.88 1.11 1.84
C PHE A 340 -2.57 2.28 1.11
N GLY A 341 -2.76 3.41 1.76
CA GLY A 341 -3.40 4.59 1.12
C GLY A 341 -4.87 4.68 1.53
N HIS A 342 -5.58 5.59 0.90
CA HIS A 342 -7.03 5.77 1.21
C HIS A 342 -7.70 6.55 0.07
N GLY A 343 -8.92 6.23 -0.25
CA GLY A 343 -9.61 6.95 -1.36
C GLY A 343 -9.54 6.12 -2.65
N SER A 344 -9.46 6.79 -3.79
CA SER A 344 -9.40 6.06 -5.09
C SER A 344 -7.98 5.59 -5.43
N HIS A 345 -6.97 6.02 -4.71
CA HIS A 345 -5.57 5.57 -5.04
C HIS A 345 -5.12 4.42 -4.12
N LEU A 346 -6.05 3.65 -3.60
CA LEU A 346 -5.65 2.53 -2.69
C LEU A 346 -4.59 1.65 -3.37
N CYS A 347 -3.61 1.22 -2.62
CA CYS A 347 -2.49 0.39 -3.19
C CYS A 347 -3.01 -0.80 -3.99
N LEU A 348 -2.54 -0.92 -5.21
CA LEU A 348 -2.96 -2.06 -6.09
C LEU A 348 -2.07 -3.29 -5.80
N GLY A 349 -0.91 -3.08 -5.20
CA GLY A 349 -0.01 -4.22 -4.90
C GLY A 349 -0.07 -4.60 -3.42
N GLN A 350 -1.15 -4.29 -2.73
CA GLN A 350 -1.23 -4.67 -1.28
C GLN A 350 -1.44 -6.18 -1.13
N HIS A 351 -1.97 -6.85 -2.13
CA HIS A 351 -2.15 -8.33 -2.03
C HIS A 351 -0.79 -9.02 -2.19
N LEU A 352 0.03 -8.51 -3.10
CA LEU A 352 1.39 -9.10 -3.28
C LEU A 352 2.23 -8.77 -2.04
N ALA A 353 1.98 -7.61 -1.45
CA ALA A 353 2.74 -7.20 -0.23
C ALA A 353 2.33 -8.08 0.94
N ARG A 354 1.05 -8.24 1.19
CA ARG A 354 0.58 -9.10 2.33
C ARG A 354 1.11 -10.52 2.16
N ARG A 355 1.09 -11.04 0.96
CA ARG A 355 1.58 -12.42 0.71
C ARG A 355 3.07 -12.51 1.03
N GLU A 356 3.85 -11.55 0.58
CA GLU A 356 5.32 -11.59 0.86
C GLU A 356 5.60 -11.43 2.36
N ILE A 357 4.81 -10.63 3.05
CA ILE A 357 5.00 -10.46 4.51
C ILE A 357 4.60 -11.73 5.27
N ILE A 358 3.42 -12.24 4.98
CA ILE A 358 2.93 -13.47 5.67
C ILE A 358 3.82 -14.68 5.34
N VAL A 359 4.26 -14.83 4.11
CA VAL A 359 5.16 -15.99 3.79
C VAL A 359 6.50 -15.83 4.51
N THR A 360 6.98 -14.61 4.65
CA THR A 360 8.28 -14.39 5.35
C THR A 360 8.14 -14.71 6.84
N LEU A 361 7.11 -14.22 7.48
CA LEU A 361 6.92 -14.50 8.95
C LEU A 361 6.72 -15.99 9.21
N LYS A 362 5.91 -16.64 8.41
CA LYS A 362 5.66 -18.09 8.63
C LYS A 362 6.91 -18.94 8.34
N GLU A 363 7.56 -18.71 7.22
CA GLU A 363 8.76 -19.55 6.88
C GLU A 363 9.98 -19.18 7.73
N TRP A 364 10.08 -17.95 8.21
CA TRP A 364 11.26 -17.61 9.05
C TRP A 364 11.09 -18.22 10.45
N LEU A 365 9.93 -18.05 11.04
CA LEU A 365 9.70 -18.62 12.41
C LEU A 365 9.72 -20.16 12.38
N THR A 366 9.42 -20.75 11.24
CA THR A 366 9.45 -22.25 11.15
C THR A 366 10.91 -22.74 11.17
N ARG A 367 11.82 -22.02 10.55
CA ARG A 367 13.24 -22.46 10.53
C ARG A 367 14.02 -21.79 11.66
N ILE A 368 13.82 -20.50 11.84
CA ILE A 368 14.54 -19.76 12.91
C ILE A 368 13.52 -19.13 13.88
N PRO A 369 13.02 -19.94 14.78
CA PRO A 369 12.02 -19.48 15.77
C PRO A 369 12.61 -18.49 16.79
N ASP A 370 13.88 -18.59 17.11
CA ASP A 370 14.47 -17.65 18.11
C ASP A 370 15.63 -16.85 17.51
N PHE A 371 15.54 -15.55 17.57
CA PHE A 371 16.64 -14.68 17.07
C PHE A 371 16.58 -13.32 17.78
N SER A 372 17.70 -12.63 17.85
CA SER A 372 17.73 -11.32 18.56
C SER A 372 18.61 -10.31 17.81
N ILE A 373 18.58 -9.07 18.23
CA ILE A 373 19.46 -8.04 17.57
C ILE A 373 20.90 -8.34 17.98
N ALA A 374 21.85 -8.21 17.06
CA ALA A 374 23.27 -8.50 17.45
C ALA A 374 23.59 -7.68 18.71
N PRO A 375 24.32 -8.29 19.62
CA PRO A 375 24.65 -7.63 20.91
C PRO A 375 25.44 -6.32 20.73
N GLY A 376 24.94 -5.24 21.29
CA GLY A 376 25.67 -3.93 21.19
C GLY A 376 25.16 -3.11 19.99
N ALA A 377 24.39 -3.69 19.10
CA ALA A 377 23.92 -2.92 17.90
C ALA A 377 22.73 -2.01 18.19
N GLN A 378 22.79 -0.79 17.71
CA GLN A 378 21.67 0.18 17.88
C GLN A 378 21.05 0.42 16.49
N ILE A 379 19.87 -0.12 16.27
CA ILE A 379 19.22 0.03 14.91
C ILE A 379 18.90 1.49 14.58
N GLN A 380 19.28 1.91 13.41
CA GLN A 380 19.02 3.31 12.96
C GLN A 380 18.02 3.30 11.79
N HIS A 381 17.05 4.17 11.83
CA HIS A 381 16.05 4.24 10.72
C HIS A 381 16.30 5.48 9.85
N LYS A 382 15.65 5.55 8.70
CA LYS A 382 15.79 6.73 7.80
C LYS A 382 14.39 7.19 7.35
N SER A 383 14.20 8.48 7.17
CA SER A 383 12.85 8.97 6.79
C SER A 383 12.80 9.55 5.37
N GLY A 384 11.61 9.69 4.85
CA GLY A 384 11.41 10.23 3.47
C GLY A 384 10.00 9.84 3.00
N ILE A 385 9.74 9.83 1.70
CA ILE A 385 8.37 9.41 1.22
C ILE A 385 8.07 8.02 1.78
N VAL A 386 9.09 7.16 1.80
CA VAL A 386 8.93 5.81 2.39
C VAL A 386 10.05 5.63 3.42
N SER A 387 9.72 5.39 4.67
CA SER A 387 10.79 5.22 5.69
C SER A 387 11.39 3.83 5.60
N GLY A 388 12.55 3.61 6.21
CA GLY A 388 13.17 2.26 6.13
C GLY A 388 14.20 2.06 7.26
N VAL A 389 14.91 0.96 7.22
CA VAL A 389 15.94 0.68 8.28
C VAL A 389 17.33 0.63 7.62
N GLN A 390 18.29 1.34 8.16
CA GLN A 390 19.66 1.35 7.54
C GLN A 390 20.31 -0.02 7.61
N ALA A 391 20.20 -0.68 8.73
CA ALA A 391 20.81 -2.05 8.84
C ALA A 391 20.16 -2.83 9.99
N LEU A 392 20.08 -4.13 9.87
CA LEU A 392 19.45 -4.95 10.94
C LEU A 392 20.22 -6.28 11.16
N PRO A 393 21.28 -6.20 11.92
CA PRO A 393 22.10 -7.41 12.22
C PRO A 393 21.38 -8.31 13.23
N LEU A 394 21.10 -9.54 12.84
CA LEU A 394 20.41 -10.51 13.76
C LEU A 394 21.35 -11.67 14.12
N VAL A 395 21.13 -12.29 15.26
CA VAL A 395 21.95 -13.47 15.66
C VAL A 395 21.05 -14.52 16.29
N TRP A 396 21.42 -15.76 16.14
CA TRP A 396 20.63 -16.85 16.76
C TRP A 396 21.49 -18.12 16.86
N ASP A 397 21.16 -18.99 17.77
CA ASP A 397 21.93 -20.24 17.92
C ASP A 397 21.40 -21.22 16.87
N PRO A 398 22.25 -21.67 16.00
CA PRO A 398 21.82 -22.61 14.95
C PRO A 398 21.50 -23.99 15.54
N ALA A 399 21.58 -24.14 16.85
CA ALA A 399 21.21 -25.43 17.49
C ALA A 399 19.71 -25.39 17.78
N THR A 400 19.14 -24.20 17.79
CA THR A 400 17.68 -24.03 18.05
C THR A 400 16.90 -23.95 16.72
N THR A 401 17.57 -23.99 15.58
CA THR A 401 16.83 -23.89 14.27
C THR A 401 16.52 -25.29 13.73
N LYS A 402 15.75 -25.39 12.68
CA LYS A 402 15.44 -26.75 12.11
C LYS A 402 15.20 -26.67 10.60
N ALA A 403 15.84 -27.53 9.86
CA ALA A 403 15.64 -27.54 8.38
C ALA A 403 14.35 -28.26 8.04
N VAL A 404 13.56 -27.72 7.14
CA VAL A 404 12.27 -28.39 6.76
C VAL A 404 12.56 -29.57 5.83
N SER B 1 -23.48 -15.77 7.96
CA SER B 1 -24.78 -15.76 7.22
C SER B 1 -24.54 -16.08 5.74
N LYS B 2 -25.52 -16.63 5.07
CA LYS B 2 -25.32 -17.01 3.63
C LYS B 2 -25.42 -15.80 2.68
N VAL B 3 -24.53 -15.77 1.72
CA VAL B 3 -24.54 -14.69 0.67
C VAL B 3 -24.30 -15.34 -0.68
N VAL B 4 -25.19 -15.17 -1.63
CA VAL B 4 -25.00 -15.83 -2.96
C VAL B 4 -24.59 -14.81 -4.04
N TYR B 5 -23.54 -15.11 -4.77
CA TYR B 5 -23.07 -14.20 -5.86
C TYR B 5 -23.34 -14.84 -7.22
N VAL B 6 -24.26 -14.31 -7.99
CA VAL B 6 -24.51 -14.91 -9.33
C VAL B 6 -23.68 -14.14 -10.37
N SER B 7 -22.90 -14.83 -11.16
CA SER B 7 -22.03 -14.13 -12.14
C SER B 7 -22.75 -13.84 -13.48
N HIS B 8 -22.07 -13.14 -14.36
CA HIS B 8 -22.66 -12.78 -15.69
C HIS B 8 -23.01 -14.04 -16.48
N ASP B 9 -22.09 -14.98 -16.53
CA ASP B 9 -22.35 -16.26 -17.28
C ASP B 9 -23.48 -17.08 -16.62
N GLY B 10 -23.89 -16.72 -15.43
CA GLY B 10 -24.99 -17.47 -14.75
C GLY B 10 -24.44 -18.45 -13.70
N THR B 11 -23.20 -18.29 -13.30
CA THR B 11 -22.64 -19.23 -12.26
C THR B 11 -23.06 -18.76 -10.85
N ARG B 12 -23.26 -19.69 -9.95
CA ARG B 12 -23.71 -19.32 -8.58
C ARG B 12 -22.68 -19.73 -7.51
N ARG B 13 -22.31 -18.81 -6.66
CA ARG B 13 -21.33 -19.12 -5.56
C ARG B 13 -21.92 -18.72 -4.20
N GLU B 14 -21.93 -19.63 -3.25
CA GLU B 14 -22.52 -19.32 -1.90
C GLU B 14 -21.44 -19.25 -0.81
N LEU B 15 -21.44 -18.19 -0.03
CA LEU B 15 -20.44 -18.04 1.07
C LEU B 15 -21.12 -17.89 2.43
N ASP B 16 -20.40 -18.16 3.49
CA ASP B 16 -20.94 -17.96 4.86
C ASP B 16 -20.19 -16.76 5.46
N VAL B 17 -20.73 -15.59 5.29
CA VAL B 17 -20.03 -14.35 5.76
C VAL B 17 -20.41 -13.98 7.20
N ALA B 18 -19.43 -13.67 8.01
CA ALA B 18 -19.69 -13.28 9.42
C ALA B 18 -20.20 -11.83 9.49
N ASP B 19 -20.66 -11.40 10.64
CA ASP B 19 -21.18 -10.01 10.77
C ASP B 19 -20.04 -8.98 10.65
N GLY B 20 -20.35 -7.79 10.18
CA GLY B 20 -19.32 -6.73 10.05
C GLY B 20 -18.54 -6.83 8.73
N VAL B 21 -18.67 -7.93 8.01
CA VAL B 21 -17.91 -8.06 6.72
C VAL B 21 -18.73 -7.51 5.55
N SER B 22 -18.11 -6.72 4.72
CA SER B 22 -18.83 -6.16 3.52
C SER B 22 -18.88 -7.22 2.42
N LEU B 23 -19.87 -7.19 1.57
CA LEU B 23 -19.96 -8.21 0.48
C LEU B 23 -18.73 -8.11 -0.45
N MET B 24 -18.11 -6.95 -0.50
CA MET B 24 -16.90 -6.79 -1.38
C MET B 24 -15.73 -7.59 -0.78
N GLN B 25 -15.48 -7.43 0.49
CA GLN B 25 -14.35 -8.17 1.15
C GLN B 25 -14.59 -9.68 1.02
N ALA B 26 -15.81 -10.11 1.21
CA ALA B 26 -16.11 -11.57 1.10
C ALA B 26 -15.89 -12.06 -0.34
N ALA B 27 -16.29 -11.26 -1.31
CA ALA B 27 -16.11 -11.67 -2.74
C ALA B 27 -14.63 -11.69 -3.12
N VAL B 28 -13.90 -10.63 -2.82
CA VAL B 28 -12.44 -10.57 -3.18
C VAL B 28 -11.65 -11.63 -2.40
N SER B 29 -11.99 -11.83 -1.14
CA SER B 29 -11.26 -12.84 -0.30
C SER B 29 -11.57 -14.28 -0.75
N ASN B 30 -12.59 -14.48 -1.55
CA ASN B 30 -12.91 -15.86 -2.01
C ASN B 30 -12.80 -15.97 -3.53
N GLY B 31 -12.02 -15.11 -4.14
CA GLY B 31 -11.81 -15.17 -5.62
C GLY B 31 -13.15 -15.15 -6.38
N ILE B 32 -14.12 -14.38 -5.93
CA ILE B 32 -15.41 -14.34 -6.67
C ILE B 32 -15.20 -13.55 -7.98
N TYR B 33 -15.91 -13.93 -9.00
CA TYR B 33 -15.72 -13.34 -10.37
C TYR B 33 -16.02 -11.84 -10.52
N ASP B 34 -15.18 -11.22 -11.35
CA ASP B 34 -15.30 -9.77 -11.76
C ASP B 34 -15.19 -8.71 -10.64
N ILE B 35 -15.67 -8.94 -9.45
CA ILE B 35 -15.57 -7.86 -8.39
C ILE B 35 -14.10 -7.51 -8.13
N VAL B 36 -13.74 -6.25 -8.29
CA VAL B 36 -12.32 -5.84 -8.06
C VAL B 36 -12.15 -5.18 -6.69
N GLY B 37 -12.95 -4.19 -6.34
CA GLY B 37 -12.78 -3.51 -5.02
C GLY B 37 -11.41 -2.83 -5.03
N ASP B 38 -11.18 -1.98 -6.00
CA ASP B 38 -9.86 -1.29 -6.14
C ASP B 38 -9.63 -0.24 -5.06
N CYS B 39 -10.58 0.62 -4.83
CA CYS B 39 -10.40 1.70 -3.80
C CYS B 39 -10.31 1.13 -2.36
N GLY B 40 -10.61 -0.15 -2.17
CA GLY B 40 -10.49 -0.74 -0.80
C GLY B 40 -11.84 -0.76 -0.06
N GLY B 41 -12.87 -0.19 -0.62
CA GLY B 41 -14.20 -0.20 0.07
C GLY B 41 -14.51 1.18 0.68
N SER B 42 -13.87 2.23 0.23
CA SER B 42 -14.16 3.59 0.78
C SER B 42 -15.12 4.37 -0.14
N ALA B 43 -15.84 3.68 -1.00
CA ALA B 43 -16.83 4.35 -1.91
C ALA B 43 -16.16 5.45 -2.77
N SER B 44 -14.97 5.19 -3.26
CA SER B 44 -14.28 6.20 -4.13
C SER B 44 -14.07 5.60 -5.54
N CYS B 45 -14.70 4.47 -5.82
CA CYS B 45 -14.57 3.82 -7.15
C CYS B 45 -15.86 3.07 -7.48
N ALA B 46 -15.94 2.42 -8.61
CA ALA B 46 -17.20 1.67 -8.95
C ALA B 46 -16.89 0.27 -9.50
N THR B 47 -15.85 -0.38 -9.02
CA THR B 47 -15.52 -1.75 -9.53
C THR B 47 -16.07 -2.85 -8.59
N CYS B 48 -16.94 -2.48 -7.68
CA CYS B 48 -17.56 -3.48 -6.76
C CYS B 48 -19.08 -3.42 -6.98
N HIS B 49 -19.48 -3.11 -8.19
CA HIS B 49 -20.92 -2.96 -8.54
C HIS B 49 -21.66 -4.31 -8.59
N VAL B 50 -22.82 -4.39 -7.98
CA VAL B 50 -23.62 -5.64 -8.01
C VAL B 50 -25.12 -5.29 -7.99
N TYR B 51 -25.97 -6.20 -8.41
CA TYR B 51 -27.43 -5.92 -8.39
C TYR B 51 -28.07 -6.69 -7.23
N VAL B 52 -28.38 -6.03 -6.14
CA VAL B 52 -28.99 -6.76 -4.97
C VAL B 52 -30.34 -7.35 -5.39
N ASN B 53 -30.60 -8.58 -5.03
CA ASN B 53 -31.90 -9.20 -5.42
C ASN B 53 -33.06 -8.35 -4.88
N GLU B 54 -34.00 -8.07 -5.73
CA GLU B 54 -35.19 -7.22 -5.37
C GLU B 54 -35.81 -7.58 -4.01
N ALA B 55 -35.74 -8.82 -3.60
CA ALA B 55 -36.37 -9.22 -2.29
C ALA B 55 -35.51 -8.80 -1.07
N PHE B 56 -34.32 -8.27 -1.25
CA PHE B 56 -33.48 -7.87 -0.06
C PHE B 56 -33.15 -6.38 -0.09
N THR B 57 -33.48 -5.67 -1.15
CA THR B 57 -33.14 -4.21 -1.24
C THR B 57 -33.67 -3.39 -0.04
N ASP B 58 -34.85 -3.68 0.45
CA ASP B 58 -35.39 -2.89 1.61
C ASP B 58 -34.79 -3.37 2.94
N LYS B 59 -34.04 -4.45 2.94
CA LYS B 59 -33.40 -4.94 4.21
C LYS B 59 -32.02 -4.29 4.38
N VAL B 60 -31.54 -3.65 3.36
CA VAL B 60 -30.19 -3.00 3.43
C VAL B 60 -30.38 -1.48 3.57
N PRO B 61 -29.55 -0.85 4.38
CA PRO B 61 -29.67 0.62 4.58
C PRO B 61 -29.13 1.33 3.32
N ALA B 62 -29.99 2.09 2.67
CA ALA B 62 -29.65 2.82 1.38
C ALA B 62 -28.21 3.39 1.26
N ALA B 63 -27.82 3.64 0.02
CA ALA B 63 -26.48 4.24 -0.30
C ALA B 63 -26.36 5.66 0.23
N ASN B 64 -25.18 6.05 0.65
CA ASN B 64 -24.99 7.45 1.17
C ASN B 64 -24.60 8.40 0.01
N GLU B 65 -24.22 9.61 0.33
CA GLU B 65 -23.85 10.60 -0.74
C GLU B 65 -22.68 10.09 -1.60
N ARG B 66 -21.68 9.51 -1.01
CA ARG B 66 -20.50 9.02 -1.81
C ARG B 66 -20.88 7.85 -2.73
N GLU B 67 -21.67 6.91 -2.26
CA GLU B 67 -22.04 5.76 -3.15
C GLU B 67 -22.94 6.24 -4.29
N ILE B 68 -23.91 7.07 -4.02
CA ILE B 68 -24.80 7.57 -5.12
C ILE B 68 -23.95 8.22 -6.21
N GLY B 69 -22.95 8.99 -5.81
CA GLY B 69 -22.06 9.66 -6.81
C GLY B 69 -21.28 8.61 -7.62
N MET B 70 -20.68 7.65 -6.95
CA MET B 70 -19.89 6.60 -7.68
C MET B 70 -20.81 5.73 -8.55
N LEU B 71 -22.02 5.48 -8.12
CA LEU B 71 -22.95 4.64 -8.94
C LEU B 71 -23.27 5.33 -10.27
N GLU B 72 -23.12 6.64 -10.34
CA GLU B 72 -23.39 7.37 -11.61
C GLU B 72 -22.31 7.07 -12.66
N SER B 73 -21.24 6.39 -12.29
CA SER B 73 -20.16 6.09 -13.28
C SER B 73 -19.93 4.58 -13.48
N VAL B 74 -20.83 3.73 -13.00
CA VAL B 74 -20.62 2.26 -13.21
C VAL B 74 -20.58 1.94 -14.71
N THR B 75 -19.71 1.06 -15.13
CA THR B 75 -19.62 0.70 -16.57
C THR B 75 -20.81 -0.19 -16.98
N ALA B 76 -21.21 -1.10 -16.13
CA ALA B 76 -22.37 -1.99 -16.46
C ALA B 76 -23.67 -1.19 -16.38
N GLU B 77 -24.76 -1.76 -16.86
CA GLU B 77 -26.08 -1.03 -16.82
C GLU B 77 -26.45 -0.64 -15.39
N LEU B 78 -26.97 0.54 -15.19
CA LEU B 78 -27.36 0.97 -13.81
C LEU B 78 -28.82 0.60 -13.56
N LYS B 79 -29.07 -0.27 -12.63
CA LYS B 79 -30.46 -0.67 -12.30
C LYS B 79 -30.89 0.04 -11.01
N PRO B 80 -32.16 -0.01 -10.70
CA PRO B 80 -32.65 0.63 -9.46
C PRO B 80 -32.29 -0.25 -8.24
N ASN B 81 -31.64 -1.38 -8.44
CA ASN B 81 -31.20 -2.22 -7.29
C ASN B 81 -29.68 -2.37 -7.33
N SER B 82 -29.02 -1.44 -8.00
CA SER B 82 -27.54 -1.48 -8.12
C SER B 82 -26.88 -0.92 -6.86
N ARG B 83 -25.84 -1.56 -6.39
CA ARG B 83 -25.16 -1.06 -5.15
C ARG B 83 -23.67 -1.41 -5.16
N LEU B 84 -22.85 -0.56 -4.59
CA LEU B 84 -21.40 -0.90 -4.47
C LEU B 84 -21.31 -1.83 -3.26
N CYS B 85 -21.26 -3.12 -3.50
CA CYS B 85 -21.27 -4.13 -2.38
C CYS B 85 -20.28 -3.83 -1.25
N CYS B 86 -19.28 -2.99 -1.45
CA CYS B 86 -18.35 -2.68 -0.32
C CYS B 86 -19.10 -1.83 0.73
N GLN B 87 -20.25 -1.30 0.38
CA GLN B 87 -21.04 -0.48 1.34
C GLN B 87 -22.07 -1.36 2.08
N ILE B 88 -22.28 -2.58 1.63
CA ILE B 88 -23.27 -3.47 2.30
C ILE B 88 -22.58 -4.33 3.37
N ILE B 89 -22.76 -3.99 4.63
CA ILE B 89 -22.14 -4.80 5.72
C ILE B 89 -23.07 -5.98 6.04
N MET B 90 -22.53 -7.17 6.11
CA MET B 90 -23.39 -8.37 6.35
C MET B 90 -23.86 -8.48 7.80
N THR B 91 -25.11 -8.84 7.95
CA THR B 91 -25.71 -9.06 9.30
C THR B 91 -26.59 -10.32 9.17
N PRO B 92 -27.02 -10.89 10.27
CA PRO B 92 -27.84 -12.11 10.18
C PRO B 92 -29.28 -11.77 9.73
N GLU B 93 -29.57 -10.52 9.46
CA GLU B 93 -30.92 -10.16 8.95
C GLU B 93 -30.88 -10.30 7.42
N LEU B 94 -29.69 -10.22 6.86
CA LEU B 94 -29.51 -10.33 5.38
C LEU B 94 -29.19 -11.79 5.00
N ASP B 95 -29.37 -12.73 5.90
CA ASP B 95 -29.04 -14.15 5.59
C ASP B 95 -29.76 -14.62 4.33
N GLY B 96 -29.02 -15.14 3.38
CA GLY B 96 -29.64 -15.65 2.12
C GLY B 96 -29.72 -14.55 1.05
N ILE B 97 -29.14 -13.39 1.27
CA ILE B 97 -29.21 -12.32 0.22
C ILE B 97 -28.51 -12.77 -1.07
N VAL B 98 -29.05 -12.39 -2.20
CA VAL B 98 -28.43 -12.79 -3.50
C VAL B 98 -28.11 -11.54 -4.32
N VAL B 99 -26.92 -11.48 -4.87
CA VAL B 99 -26.56 -10.29 -5.69
C VAL B 99 -25.96 -10.75 -7.03
N ASP B 100 -26.37 -10.13 -8.10
CA ASP B 100 -25.83 -10.51 -9.44
C ASP B 100 -24.62 -9.63 -9.75
N VAL B 101 -23.55 -10.20 -10.21
CA VAL B 101 -22.33 -9.39 -10.52
C VAL B 101 -22.19 -9.18 -12.03
N PRO B 102 -22.06 -7.93 -12.41
CA PRO B 102 -21.91 -7.58 -13.84
C PRO B 102 -20.46 -7.81 -14.24
N ASP B 103 -20.23 -8.49 -15.33
CA ASP B 103 -18.83 -8.79 -15.78
C ASP B 103 -17.98 -7.53 -16.12
N ARG B 104 -18.48 -6.33 -15.92
CA ARG B 104 -17.66 -5.13 -16.27
C ARG B 104 -17.56 -4.20 -15.05
N GLN B 105 -16.38 -4.03 -14.51
CA GLN B 105 -16.24 -3.14 -13.31
C GLN B 105 -15.40 -1.91 -13.68
N TRP B 106 -14.26 -2.12 -14.31
CA TRP B 106 -13.40 -0.99 -14.73
C TRP B 106 -14.10 -0.12 -15.78
N LEU A 1 14.84 26.96 6.50
CA LEU A 1 13.39 27.30 6.64
C LEU A 1 12.96 28.27 5.53
N ALA A 2 11.85 28.01 4.90
CA ALA A 2 11.36 28.95 3.84
C ALA A 2 10.55 30.03 4.58
N PRO A 3 10.48 31.21 4.01
CA PRO A 3 9.79 32.33 4.69
C PRO A 3 8.28 32.09 4.81
N LEU A 4 7.77 32.12 6.02
CA LEU A 4 6.30 31.89 6.24
C LEU A 4 5.45 32.74 5.28
N PRO A 5 4.54 32.10 4.55
CA PRO A 5 3.65 32.83 3.62
C PRO A 5 2.58 33.54 4.45
N PRO A 6 2.19 34.69 3.97
CA PRO A 6 1.25 35.59 4.70
C PRO A 6 -0.16 35.05 4.96
N HIS A 7 -0.61 33.99 4.33
CA HIS A 7 -2.00 33.49 4.68
C HIS A 7 -1.89 32.44 5.78
N VAL A 8 -0.67 32.05 6.13
CA VAL A 8 -0.46 31.07 7.23
C VAL A 8 -0.18 31.83 8.54
N PRO A 9 -1.04 31.60 9.50
CA PRO A 9 -0.88 32.25 10.83
C PRO A 9 0.32 31.66 11.60
N GLU A 10 0.99 32.49 12.36
CA GLU A 10 2.19 32.03 13.15
C GLU A 10 1.88 30.90 14.13
N HIS A 11 0.68 30.84 14.67
CA HIS A 11 0.37 29.79 15.68
C HIS A 11 0.20 28.37 15.06
N LEU A 12 0.21 28.24 13.75
CA LEU A 12 0.10 26.86 13.15
C LEU A 12 1.47 26.36 12.67
N VAL A 13 2.54 27.05 13.00
CA VAL A 13 3.88 26.60 12.53
C VAL A 13 4.54 25.54 13.43
N PHE A 14 4.96 24.48 12.82
CA PHE A 14 5.69 23.38 13.52
C PHE A 14 6.72 22.86 12.51
N ASP A 15 7.95 23.27 12.65
CA ASP A 15 9.00 22.89 11.66
C ASP A 15 9.40 21.41 11.72
N PHE A 16 8.55 20.54 11.23
CA PHE A 16 8.88 19.09 11.18
C PHE A 16 9.50 18.75 9.82
N ASP A 17 10.66 18.13 9.82
CA ASP A 17 11.32 17.75 8.53
C ASP A 17 11.04 16.27 8.25
N MET A 18 10.31 15.98 7.19
CA MET A 18 9.97 14.55 6.87
C MET A 18 11.17 13.77 6.33
N TYR A 19 12.23 14.42 5.91
CA TYR A 19 13.42 13.66 5.42
C TYR A 19 14.46 13.48 6.53
N ASN A 20 14.30 14.19 7.63
CA ASN A 20 15.25 14.05 8.78
C ASN A 20 14.59 14.64 10.04
N PRO A 21 13.62 13.93 10.57
CA PRO A 21 12.90 14.38 11.79
C PRO A 21 13.84 14.44 13.01
N SER A 22 13.56 15.35 13.91
CA SER A 22 14.43 15.55 15.13
C SER A 22 14.50 14.32 16.06
N ASN A 23 13.45 13.56 16.19
CA ASN A 23 13.50 12.38 17.11
C ASN A 23 13.68 11.07 16.34
N LEU A 24 14.45 11.09 15.27
CA LEU A 24 14.67 9.84 14.46
C LEU A 24 15.39 8.76 15.26
N SER A 25 16.20 9.14 16.22
CA SER A 25 16.95 8.12 17.01
C SER A 25 15.99 7.29 17.89
N ALA A 26 14.84 7.79 18.21
CA ALA A 26 13.88 6.99 19.04
C ALA A 26 13.00 6.10 18.15
N GLY A 27 13.19 6.16 16.85
CA GLY A 27 12.37 5.34 15.91
C GLY A 27 11.65 6.33 14.97
N VAL A 28 11.62 6.05 13.69
CA VAL A 28 10.96 7.00 12.74
C VAL A 28 9.44 7.11 13.00
N GLN A 29 8.78 6.03 13.38
CA GLN A 29 7.30 6.13 13.68
C GLN A 29 7.13 7.00 14.94
N GLU A 30 8.05 6.88 15.85
CA GLU A 30 8.05 7.72 17.08
C GLU A 30 8.39 9.15 16.70
N ALA A 31 9.28 9.30 15.74
CA ALA A 31 9.69 10.66 15.27
C ALA A 31 8.49 11.38 14.65
N TRP A 32 7.75 10.72 13.80
CA TRP A 32 6.56 11.36 13.17
C TRP A 32 5.43 11.54 14.21
N ALA A 33 5.37 10.67 15.19
CA ALA A 33 4.29 10.76 16.23
C ALA A 33 4.42 12.01 17.12
N VAL A 34 5.53 12.72 17.08
CA VAL A 34 5.62 13.97 17.92
C VAL A 34 4.59 14.99 17.41
N LEU A 35 4.16 14.82 16.18
CA LEU A 35 3.12 15.74 15.60
C LEU A 35 1.77 15.48 16.30
N GLN A 36 1.64 14.37 17.01
CA GLN A 36 0.35 14.04 17.68
C GLN A 36 0.42 14.29 19.20
N GLU A 37 1.42 14.97 19.69
CA GLU A 37 1.47 15.24 21.16
C GLU A 37 0.36 16.26 21.51
N SER A 38 0.04 16.37 22.78
CA SER A 38 -1.06 17.28 23.22
C SER A 38 -0.93 18.72 22.68
N ASN A 39 0.24 19.27 22.69
CA ASN A 39 0.43 20.70 22.25
C ASN A 39 0.38 20.94 20.71
N VAL A 40 0.29 19.92 19.88
CA VAL A 40 0.27 20.22 18.40
C VAL A 40 -1.16 20.16 17.83
N PRO A 41 -1.48 21.17 17.03
CA PRO A 41 -2.83 21.25 16.40
C PRO A 41 -3.00 20.19 15.30
N ASP A 42 -4.22 19.90 14.95
CA ASP A 42 -4.51 18.86 13.91
C ASP A 42 -3.88 19.19 12.55
N LEU A 43 -3.69 20.45 12.23
CA LEU A 43 -3.11 20.81 10.90
C LEU A 43 -2.04 21.90 11.08
N VAL A 44 -0.79 21.53 10.87
CA VAL A 44 0.32 22.52 11.06
C VAL A 44 1.02 22.87 9.75
N TRP A 45 1.82 23.92 9.79
CA TRP A 45 2.60 24.33 8.60
C TRP A 45 4.10 24.28 8.93
N THR A 46 4.85 23.51 8.19
CA THR A 46 6.33 23.44 8.44
C THR A 46 7.08 24.26 7.39
N ARG A 47 8.06 25.02 7.79
CA ARG A 47 8.85 25.84 6.81
C ARG A 47 9.98 24.99 6.20
N CYS A 48 10.06 23.74 6.59
CA CYS A 48 11.12 22.83 6.04
C CYS A 48 10.73 22.34 4.64
N ASN A 49 11.72 21.97 3.86
CA ASN A 49 11.47 21.43 2.47
C ASN A 49 10.58 22.35 1.62
N GLY A 50 10.78 23.64 1.68
CA GLY A 50 9.97 24.58 0.83
C GLY A 50 8.71 25.08 1.55
N GLY A 51 8.24 24.38 2.56
CA GLY A 51 7.02 24.86 3.29
C GLY A 51 5.78 24.11 2.79
N HIS A 52 5.06 23.50 3.70
CA HIS A 52 3.81 22.77 3.31
C HIS A 52 2.99 22.37 4.55
N TRP A 53 1.73 22.08 4.35
CA TRP A 53 0.85 21.68 5.51
C TRP A 53 1.06 20.21 5.91
N ILE A 54 0.69 19.86 7.13
CA ILE A 54 0.79 18.43 7.58
C ILE A 54 -0.44 18.04 8.42
N ALA A 55 -1.29 17.20 7.90
CA ALA A 55 -2.46 16.75 8.71
C ALA A 55 -1.93 15.70 9.71
N THR A 56 -2.04 15.96 10.99
CA THR A 56 -1.47 15.01 12.00
C THR A 56 -2.47 13.98 12.54
N ARG A 57 -3.74 14.10 12.24
CA ARG A 57 -4.71 13.08 12.78
C ARG A 57 -5.35 12.29 11.65
N GLY A 58 -5.77 11.07 11.95
CA GLY A 58 -6.38 10.19 10.91
C GLY A 58 -7.66 10.80 10.32
N GLN A 59 -8.48 11.45 11.12
CA GLN A 59 -9.73 12.06 10.57
C GLN A 59 -9.40 13.03 9.44
N LEU A 60 -8.41 13.88 9.62
CA LEU A 60 -8.04 14.86 8.56
C LEU A 60 -7.38 14.16 7.37
N ILE A 61 -6.52 13.20 7.62
CA ILE A 61 -5.84 12.48 6.49
C ILE A 61 -6.85 11.69 5.66
N ARG A 62 -7.78 11.01 6.29
CA ARG A 62 -8.81 10.23 5.53
C ARG A 62 -9.70 11.19 4.73
N GLU A 63 -10.16 12.23 5.37
CA GLU A 63 -11.06 13.22 4.70
C GLU A 63 -10.37 13.87 3.49
N ALA A 64 -9.11 14.21 3.61
CA ALA A 64 -8.38 14.86 2.48
C ALA A 64 -8.17 13.88 1.32
N TYR A 65 -7.89 12.63 1.61
CA TYR A 65 -7.68 11.62 0.51
C TYR A 65 -9.01 11.26 -0.18
N GLU A 66 -10.11 11.46 0.52
CA GLU A 66 -11.45 11.15 -0.07
C GLU A 66 -11.89 12.28 -1.01
N ASP A 67 -11.58 13.50 -0.64
CA ASP A 67 -11.97 14.67 -1.46
C ASP A 67 -10.88 15.01 -2.47
N TYR A 68 -10.92 14.40 -3.63
CA TYR A 68 -9.88 14.72 -4.65
C TYR A 68 -10.23 16.02 -5.41
N ARG A 69 -11.42 16.54 -5.22
CA ARG A 69 -11.78 17.83 -5.91
C ARG A 69 -11.00 18.99 -5.29
N HIS A 70 -10.71 18.90 -4.01
CA HIS A 70 -9.93 19.99 -3.34
C HIS A 70 -8.46 19.57 -3.24
N PHE A 71 -8.20 18.33 -2.87
CA PHE A 71 -6.80 17.83 -2.75
C PHE A 71 -6.46 16.99 -3.99
N SER A 72 -5.66 17.53 -4.86
CA SER A 72 -5.34 16.82 -6.14
C SER A 72 -4.04 15.99 -6.05
N SER A 73 -3.97 14.92 -6.83
CA SER A 73 -2.74 14.07 -6.84
C SER A 73 -1.76 14.53 -7.93
N GLU A 74 -2.09 15.57 -8.65
CA GLU A 74 -1.17 16.07 -9.71
C GLU A 74 0.24 16.34 -9.11
N CYS A 75 0.31 16.89 -7.90
CA CYS A 75 1.67 17.17 -7.26
C CYS A 75 1.76 16.57 -5.80
N PRO A 76 2.07 15.28 -5.76
CA PRO A 76 2.11 14.44 -4.47
C PRO A 76 3.43 14.24 -3.64
N PHE A 77 4.58 14.68 -4.08
CA PHE A 77 5.86 14.51 -3.27
C PHE A 77 6.14 15.90 -2.57
N ILE A 78 7.20 16.14 -1.72
CA ILE A 78 7.25 17.53 -1.03
C ILE A 78 8.44 18.54 -1.18
N PRO A 79 9.35 18.39 -2.11
CA PRO A 79 10.28 19.52 -2.47
C PRO A 79 9.43 20.08 -3.60
N ARG A 80 8.77 21.24 -3.48
CA ARG A 80 7.76 21.52 -4.55
C ARG A 80 8.20 21.04 -5.93
N GLU A 81 9.47 20.96 -6.21
CA GLU A 81 9.95 20.46 -7.53
C GLU A 81 9.81 18.91 -7.75
N ALA A 82 9.81 18.06 -6.74
CA ALA A 82 9.65 16.57 -7.03
C ALA A 82 8.20 16.25 -7.36
N GLY A 83 7.30 16.95 -6.71
CA GLY A 83 5.84 16.74 -6.94
C GLY A 83 5.49 17.20 -8.36
N GLU A 84 6.11 18.26 -8.84
CA GLU A 84 5.82 18.77 -10.22
C GLU A 84 6.41 17.82 -11.26
N ALA A 85 7.53 17.22 -10.98
CA ALA A 85 8.14 16.27 -11.96
C ALA A 85 7.45 14.88 -11.90
N TYR A 86 6.79 14.57 -10.79
CA TYR A 86 6.13 13.23 -10.62
C TYR A 86 4.98 12.98 -11.65
N ASP A 87 5.07 11.89 -12.42
CA ASP A 87 4.01 11.57 -13.45
C ASP A 87 3.86 10.06 -13.74
N PHE A 88 3.95 9.26 -12.69
CA PHE A 88 3.71 7.77 -12.81
C PHE A 88 2.20 7.61 -13.28
N ILE A 89 1.50 6.45 -13.45
CA ILE A 89 0.05 6.65 -14.03
C ILE A 89 -1.26 6.14 -13.36
N PRO A 90 -1.30 5.69 -12.13
CA PRO A 90 -2.64 5.55 -11.47
C PRO A 90 -2.61 6.46 -10.23
N THR A 91 -1.69 7.44 -10.23
CA THR A 91 -1.43 8.31 -9.05
C THR A 91 -1.29 9.80 -9.37
N SER A 92 -0.58 10.20 -10.41
CA SER A 92 -0.48 11.69 -10.64
C SER A 92 -1.80 12.21 -11.30
N MET A 93 -2.88 11.39 -11.29
CA MET A 93 -4.19 11.75 -11.96
C MET A 93 -5.42 11.88 -10.98
N ASP A 94 -6.36 12.80 -11.24
CA ASP A 94 -7.61 12.83 -10.38
C ASP A 94 -8.68 11.96 -11.14
N PRO A 95 -9.50 11.23 -10.38
CA PRO A 95 -10.28 10.03 -10.89
C PRO A 95 -11.47 9.95 -11.91
N PRO A 96 -11.72 10.87 -12.83
CA PRO A 96 -12.71 10.50 -13.85
C PRO A 96 -11.81 9.61 -14.75
N GLU A 97 -10.74 10.23 -15.14
CA GLU A 97 -9.59 9.66 -15.90
C GLU A 97 -8.72 8.57 -15.18
N GLN A 98 -8.25 8.84 -13.94
CA GLN A 98 -7.28 7.84 -13.27
C GLN A 98 -7.80 6.39 -13.25
N ARG A 99 -9.08 6.23 -13.05
CA ARG A 99 -9.70 4.87 -12.98
C ARG A 99 -9.32 3.91 -14.12
N GLN A 100 -9.33 4.34 -15.37
CA GLN A 100 -9.03 3.37 -16.50
C GLN A 100 -7.61 2.78 -16.42
N PHE A 101 -6.68 3.42 -15.76
CA PHE A 101 -5.29 2.83 -15.69
C PHE A 101 -5.14 1.82 -14.53
N ARG A 102 -6.02 1.85 -13.57
CA ARG A 102 -5.91 0.90 -12.42
C ARG A 102 -6.18 -0.55 -12.84
N ALA A 103 -7.06 -0.76 -13.81
CA ALA A 103 -7.37 -2.15 -14.25
C ALA A 103 -6.14 -2.78 -14.93
N LEU A 104 -5.42 -2.01 -15.71
CA LEU A 104 -4.21 -2.57 -16.40
C LEU A 104 -3.12 -2.88 -15.37
N ALA A 105 -2.97 -2.03 -14.39
CA ALA A 105 -1.94 -2.28 -13.33
C ALA A 105 -2.36 -3.48 -12.47
N ASN A 106 -3.65 -3.68 -12.31
CA ASN A 106 -4.13 -4.83 -11.51
C ASN A 106 -3.74 -6.15 -12.21
N GLN A 107 -3.69 -6.13 -13.53
CA GLN A 107 -3.33 -7.36 -14.31
C GLN A 107 -1.91 -7.82 -14.00
N VAL A 108 -1.01 -6.91 -13.68
CA VAL A 108 0.41 -7.31 -13.43
C VAL A 108 0.81 -7.33 -11.94
N VAL A 109 0.09 -6.69 -11.04
CA VAL A 109 0.51 -6.80 -9.58
C VAL A 109 -0.68 -7.11 -8.68
N GLY A 110 -1.84 -7.34 -9.23
CA GLY A 110 -3.03 -7.64 -8.39
C GLY A 110 -3.03 -9.12 -7.98
N MET A 111 -4.16 -9.61 -7.52
CA MET A 111 -4.26 -11.05 -7.10
C MET A 111 -3.99 -12.04 -8.22
N PRO A 112 -4.40 -11.75 -9.44
CA PRO A 112 -4.18 -12.71 -10.55
C PRO A 112 -2.67 -12.95 -10.78
N VAL A 113 -1.81 -12.00 -10.44
CA VAL A 113 -0.33 -12.26 -10.62
C VAL A 113 0.20 -12.90 -9.33
N VAL A 114 -0.44 -12.64 -8.19
CA VAL A 114 0.02 -13.27 -6.92
C VAL A 114 -0.22 -14.78 -7.04
N ASP A 115 -1.27 -15.15 -7.74
CA ASP A 115 -1.56 -16.60 -7.94
C ASP A 115 -0.56 -17.20 -8.92
N LYS A 116 -0.17 -16.44 -9.90
CA LYS A 116 0.85 -16.94 -10.88
C LYS A 116 2.20 -17.12 -10.17
N LEU A 117 2.50 -16.24 -9.23
CA LEU A 117 3.83 -16.28 -8.52
C LEU A 117 3.76 -17.02 -7.17
N GLU A 118 2.63 -17.60 -6.80
CA GLU A 118 2.56 -18.29 -5.45
C GLU A 118 3.73 -19.27 -5.24
N ASN A 119 3.98 -20.15 -6.18
CA ASN A 119 5.07 -21.15 -6.00
C ASN A 119 6.46 -20.49 -5.89
N ARG A 120 6.80 -19.60 -6.79
CA ARG A 120 8.16 -18.94 -6.72
C ARG A 120 8.31 -18.09 -5.45
N ILE A 121 7.26 -17.44 -4.98
CA ILE A 121 7.39 -16.61 -3.73
C ILE A 121 7.69 -17.52 -2.55
N GLN A 122 7.01 -18.64 -2.47
CA GLN A 122 7.23 -19.59 -1.34
C GLN A 122 8.61 -20.25 -1.47
N GLU A 123 8.99 -20.62 -2.67
CA GLU A 123 10.32 -21.28 -2.87
C GLU A 123 11.48 -20.33 -2.54
N LEU A 124 11.42 -19.09 -2.99
CA LEU A 124 12.55 -18.15 -2.71
C LEU A 124 12.64 -17.84 -1.22
N ALA A 125 11.52 -17.66 -0.56
CA ALA A 125 11.55 -17.35 0.90
C ALA A 125 12.20 -18.52 1.66
N CYS A 126 11.81 -19.72 1.34
CA CYS A 126 12.39 -20.91 2.02
C CYS A 126 13.86 -21.10 1.65
N SER A 127 14.22 -20.88 0.40
CA SER A 127 15.64 -21.05 -0.03
C SER A 127 16.55 -20.00 0.62
N LEU A 128 16.14 -18.74 0.61
CA LEU A 128 16.98 -17.67 1.24
C LEU A 128 17.15 -17.91 2.74
N ILE A 129 16.09 -18.29 3.42
CA ILE A 129 16.18 -18.52 4.91
C ILE A 129 16.96 -19.80 5.24
N GLU A 130 16.78 -20.86 4.48
CA GLU A 130 17.53 -22.13 4.79
C GLU A 130 19.03 -21.89 4.59
N SER A 131 19.39 -21.07 3.64
CA SER A 131 20.84 -20.78 3.40
C SER A 131 21.41 -19.96 4.58
N LEU A 132 20.59 -19.13 5.19
CA LEU A 132 21.08 -18.31 6.34
C LEU A 132 21.00 -19.09 7.67
N ARG A 133 20.06 -19.99 7.78
CA ARG A 133 19.83 -20.74 9.08
C ARG A 133 21.11 -21.22 9.79
N PRO A 134 21.97 -21.95 9.11
CA PRO A 134 23.18 -22.51 9.76
C PRO A 134 24.25 -21.45 10.07
N GLN A 135 24.09 -20.23 9.61
CA GLN A 135 25.13 -19.19 9.90
C GLN A 135 24.99 -18.67 11.33
N GLY A 136 23.79 -18.59 11.84
CA GLY A 136 23.58 -18.08 13.22
C GLY A 136 23.57 -16.55 13.21
N GLN A 137 23.58 -15.93 12.06
CA GLN A 137 23.59 -14.44 12.00
C GLN A 137 23.39 -13.96 10.55
N CYS A 138 23.03 -12.71 10.36
CA CYS A 138 22.82 -12.20 8.97
C CYS A 138 22.46 -10.71 8.95
N ASN A 139 22.79 -10.03 7.88
CA ASN A 139 22.41 -8.59 7.74
C ASN A 139 21.05 -8.58 7.02
N PHE A 140 20.00 -8.71 7.79
CA PHE A 140 18.62 -8.83 7.23
C PHE A 140 18.30 -7.88 6.07
N THR A 141 18.71 -6.64 6.12
CA THR A 141 18.35 -5.72 4.98
C THR A 141 18.98 -6.16 3.66
N GLU A 142 20.20 -6.65 3.69
CA GLU A 142 20.87 -7.06 2.42
C GLU A 142 20.71 -8.57 2.17
N ASP A 143 20.54 -9.36 3.19
CA ASP A 143 20.43 -10.83 2.96
C ASP A 143 19.00 -11.31 2.68
N TYR A 144 17.98 -10.56 3.06
CA TYR A 144 16.59 -11.06 2.77
C TYR A 144 15.62 -9.92 2.41
N ALA A 145 15.53 -8.88 3.21
CA ALA A 145 14.56 -7.77 2.94
C ALA A 145 14.66 -7.23 1.51
N GLU A 146 15.84 -7.18 0.95
CA GLU A 146 16.00 -6.62 -0.44
C GLU A 146 15.86 -7.70 -1.52
N PRO A 147 16.64 -8.76 -1.42
CA PRO A 147 16.60 -9.84 -2.45
C PRO A 147 15.27 -10.60 -2.54
N PHE A 148 14.58 -10.85 -1.45
CA PHE A 148 13.30 -11.64 -1.56
C PHE A 148 12.23 -10.94 -2.41
N PRO A 149 11.83 -9.75 -2.01
CA PRO A 149 10.77 -9.05 -2.78
C PRO A 149 11.31 -8.36 -4.06
N ILE A 150 12.61 -8.10 -4.17
CA ILE A 150 13.12 -7.43 -5.43
C ILE A 150 13.35 -8.52 -6.49
N ARG A 151 13.83 -9.67 -6.10
CA ARG A 151 14.04 -10.76 -7.10
C ARG A 151 12.69 -11.24 -7.62
N ILE A 152 11.67 -11.27 -6.79
CA ILE A 152 10.32 -11.70 -7.28
C ILE A 152 9.78 -10.66 -8.26
N PHE A 153 10.03 -9.38 -8.02
CA PHE A 153 9.53 -8.36 -8.97
C PHE A 153 10.31 -8.43 -10.28
N MET A 154 11.62 -8.58 -10.20
CA MET A 154 12.43 -8.68 -11.46
C MET A 154 11.97 -9.90 -12.26
N LEU A 155 11.55 -10.95 -11.57
CA LEU A 155 11.03 -12.17 -12.27
C LEU A 155 9.67 -11.82 -12.90
N LEU A 156 8.87 -11.10 -12.15
CA LEU A 156 7.51 -10.68 -12.64
C LEU A 156 7.65 -9.67 -13.79
N ALA A 157 8.71 -8.87 -13.80
CA ALA A 157 8.87 -7.86 -14.89
C ALA A 157 9.77 -8.38 -16.01
N GLY A 158 10.33 -9.56 -15.87
CA GLY A 158 11.21 -10.11 -16.93
C GLY A 158 12.51 -9.31 -17.04
N LEU A 159 13.03 -8.83 -15.93
CA LEU A 159 14.32 -8.06 -15.97
C LEU A 159 15.43 -8.89 -15.31
N PRO A 160 16.64 -8.76 -15.83
CA PRO A 160 17.77 -9.55 -15.28
C PRO A 160 18.21 -9.00 -13.91
N GLU A 161 18.47 -9.89 -12.98
CA GLU A 161 18.87 -9.47 -11.59
C GLU A 161 20.15 -8.62 -11.55
N GLU A 162 20.95 -8.68 -12.58
CA GLU A 162 22.22 -7.87 -12.59
C GLU A 162 21.89 -6.37 -12.63
N ASP A 163 20.67 -6.01 -12.92
CA ASP A 163 20.28 -4.57 -12.99
C ASP A 163 19.68 -4.08 -11.66
N ILE A 164 19.65 -4.91 -10.65
CA ILE A 164 19.01 -4.51 -9.35
C ILE A 164 19.75 -3.36 -8.65
N PRO A 165 21.07 -3.41 -8.59
CA PRO A 165 21.79 -2.33 -7.89
C PRO A 165 21.75 -1.01 -8.69
N HIS A 166 21.38 -1.03 -9.96
CA HIS A 166 21.27 0.28 -10.72
C HIS A 166 19.87 0.82 -10.47
N LEU A 167 18.89 -0.05 -10.57
CA LEU A 167 17.48 0.37 -10.34
C LEU A 167 17.24 0.70 -8.86
N LYS A 168 17.64 -0.17 -7.95
CA LYS A 168 17.42 0.11 -6.49
C LYS A 168 18.02 1.46 -6.10
N TYR A 169 19.08 1.88 -6.77
CA TYR A 169 19.67 3.21 -6.44
C TYR A 169 18.75 4.33 -6.96
N LEU A 170 18.29 4.23 -8.19
CA LEU A 170 17.38 5.30 -8.73
C LEU A 170 16.10 5.41 -7.88
N THR A 171 15.45 4.29 -7.62
CA THR A 171 14.18 4.32 -6.80
C THR A 171 14.42 4.94 -5.42
N ASP A 172 15.54 4.65 -4.81
CA ASP A 172 15.81 5.20 -3.44
C ASP A 172 16.03 6.72 -3.49
N GLN A 173 16.50 7.25 -4.61
CA GLN A 173 16.70 8.74 -4.71
C GLN A 173 15.33 9.45 -4.81
N MET A 174 14.30 8.73 -5.20
CA MET A 174 12.95 9.36 -5.32
C MET A 174 12.21 9.32 -3.98
N THR A 175 12.62 8.47 -3.07
CA THR A 175 11.94 8.40 -1.75
C THR A 175 12.87 8.93 -0.65
N ARG A 176 14.11 8.48 -0.65
CA ARG A 176 15.09 8.98 0.37
C ARG A 176 16.35 9.44 -0.37
N PRO A 177 16.27 10.59 -0.99
CA PRO A 177 17.41 11.15 -1.77
C PRO A 177 18.61 11.48 -0.87
N ASP A 178 19.78 11.05 -1.27
CA ASP A 178 21.00 11.36 -0.48
C ASP A 178 21.62 12.71 -0.93
N GLY A 179 21.10 13.32 -1.99
CA GLY A 179 21.65 14.63 -2.43
C GLY A 179 22.34 14.56 -3.81
N SER A 180 22.72 13.40 -4.28
CA SER A 180 23.42 13.32 -5.61
C SER A 180 22.44 13.46 -6.80
N MET A 181 21.18 13.14 -6.62
CA MET A 181 20.23 13.26 -7.76
C MET A 181 18.91 13.92 -7.34
N THR A 182 18.35 14.74 -8.19
CA THR A 182 17.01 15.34 -7.86
C THR A 182 15.95 14.29 -8.18
N PHE A 183 14.72 14.52 -7.82
CA PHE A 183 13.68 13.50 -8.14
C PHE A 183 13.53 13.39 -9.67
N ALA A 184 13.58 14.51 -10.35
CA ALA A 184 13.44 14.52 -11.84
C ALA A 184 14.60 13.76 -12.52
N GLU A 185 15.81 13.93 -12.05
CA GLU A 185 16.97 13.22 -12.68
C GLU A 185 16.84 11.71 -12.46
N ALA A 186 16.43 11.31 -11.28
CA ALA A 186 16.26 9.85 -11.00
C ALA A 186 15.09 9.30 -11.79
N LYS A 187 14.03 10.06 -11.92
CA LYS A 187 12.85 9.58 -12.68
C LYS A 187 13.18 9.46 -14.17
N GLU A 188 13.91 10.42 -14.71
CA GLU A 188 14.27 10.35 -16.15
C GLU A 188 15.25 9.21 -16.38
N ALA A 189 16.12 8.95 -15.45
CA ALA A 189 17.08 7.82 -15.61
C ALA A 189 16.31 6.50 -15.58
N LEU A 190 15.26 6.42 -14.77
CA LEU A 190 14.44 5.17 -14.72
C LEU A 190 13.68 5.02 -16.05
N TYR A 191 13.22 6.13 -16.60
CA TYR A 191 12.51 6.10 -17.91
C TYR A 191 13.50 5.70 -19.01
N ASP A 192 14.71 6.23 -18.92
CA ASP A 192 15.77 5.89 -19.93
C ASP A 192 16.01 4.38 -19.97
N TYR A 193 15.91 3.74 -18.82
CA TYR A 193 16.13 2.26 -18.75
C TYR A 193 14.92 1.51 -19.33
N LEU A 194 13.73 2.03 -19.14
CA LEU A 194 12.49 1.35 -19.62
C LEU A 194 12.14 1.63 -21.10
N ILE A 195 12.50 2.79 -21.62
CA ILE A 195 12.09 3.14 -23.04
C ILE A 195 12.42 2.06 -24.08
N PRO A 196 13.67 1.65 -24.18
CA PRO A 196 14.03 0.63 -25.21
C PRO A 196 13.43 -0.75 -24.85
N ILE A 197 13.17 -1.03 -23.60
CA ILE A 197 12.58 -2.36 -23.23
C ILE A 197 11.08 -2.37 -23.58
N ILE A 198 10.41 -1.25 -23.47
CA ILE A 198 8.94 -1.20 -23.79
C ILE A 198 8.74 -1.30 -25.32
N GLU A 199 9.61 -0.71 -26.10
CA GLU A 199 9.46 -0.79 -27.58
C GLU A 199 9.76 -2.21 -28.06
N GLN A 200 10.73 -2.85 -27.47
CA GLN A 200 11.04 -4.24 -27.88
C GLN A 200 9.87 -5.15 -27.53
N ARG A 201 9.31 -4.97 -26.36
CA ARG A 201 8.17 -5.83 -25.93
C ARG A 201 6.88 -5.42 -26.63
N ARG A 202 6.85 -4.28 -27.27
CA ARG A 202 5.63 -3.91 -28.05
C ARG A 202 5.75 -4.56 -29.44
N GLN A 203 6.97 -4.81 -29.88
CA GLN A 203 7.20 -5.47 -31.20
C GLN A 203 7.05 -7.00 -31.00
N LYS A 204 7.69 -7.52 -29.97
CA LYS A 204 7.56 -8.96 -29.61
C LYS A 204 6.98 -9.01 -28.19
N PRO A 205 5.67 -8.99 -28.08
CA PRO A 205 5.05 -8.99 -26.74
C PRO A 205 5.13 -10.37 -26.06
N GLY A 206 5.64 -10.45 -24.84
CA GLY A 206 5.75 -11.79 -24.16
C GLY A 206 4.77 -11.95 -22.98
N THR A 207 5.25 -12.54 -21.89
CA THR A 207 4.37 -12.79 -20.68
C THR A 207 4.74 -11.91 -19.46
N ASP A 208 5.85 -11.21 -19.49
CA ASP A 208 6.23 -10.38 -18.30
C ASP A 208 5.30 -9.16 -18.11
N ALA A 209 5.40 -8.53 -16.96
CA ALA A 209 4.53 -7.34 -16.64
C ALA A 209 4.75 -6.17 -17.60
N ILE A 210 5.96 -5.90 -18.01
CA ILE A 210 6.20 -4.75 -18.94
C ILE A 210 5.56 -5.04 -20.31
N SER A 211 5.56 -6.29 -20.72
CA SER A 211 4.91 -6.62 -22.02
C SER A 211 3.40 -6.41 -21.90
N ILE A 212 2.82 -6.85 -20.81
CA ILE A 212 1.34 -6.70 -20.60
C ILE A 212 0.95 -5.21 -20.49
N VAL A 213 1.74 -4.41 -19.82
CA VAL A 213 1.39 -2.95 -19.71
C VAL A 213 1.61 -2.25 -21.06
N ALA A 214 2.73 -2.52 -21.69
CA ALA A 214 3.04 -1.86 -23.00
C ALA A 214 2.02 -2.27 -24.08
N ASN A 215 1.48 -3.46 -24.00
CA ASN A 215 0.49 -3.91 -25.02
C ASN A 215 -0.93 -3.92 -24.43
N GLY A 216 -1.12 -3.35 -23.25
CA GLY A 216 -2.47 -3.37 -22.60
C GLY A 216 -3.42 -2.31 -23.16
N GLN A 217 -4.67 -2.39 -22.77
CA GLN A 217 -5.70 -1.42 -23.25
C GLN A 217 -6.34 -0.74 -22.04
N VAL A 218 -6.71 0.51 -22.15
CA VAL A 218 -7.39 1.18 -21.00
C VAL A 218 -8.79 1.61 -21.42
N ASN A 219 -9.77 0.90 -20.93
CA ASN A 219 -11.20 1.18 -21.26
C ASN A 219 -11.47 1.02 -22.77
N GLY A 220 -10.93 -0.02 -23.37
CA GLY A 220 -11.23 -0.31 -24.82
C GLY A 220 -10.21 0.26 -25.81
N ARG A 221 -9.28 1.10 -25.40
CA ARG A 221 -8.31 1.63 -26.41
C ARG A 221 -6.86 1.27 -25.99
N PRO A 222 -5.98 1.21 -26.95
CA PRO A 222 -4.56 0.80 -26.69
C PRO A 222 -3.72 1.91 -26.07
N ILE A 223 -3.01 1.57 -25.02
CA ILE A 223 -2.13 2.54 -24.29
C ILE A 223 -0.96 3.05 -25.17
N THR A 224 -0.53 4.26 -24.93
CA THR A 224 0.62 4.84 -25.71
C THR A 224 1.94 4.45 -25.06
N SER A 225 3.02 4.55 -25.80
CA SER A 225 4.36 4.20 -25.22
C SER A 225 4.66 5.09 -24.01
N ASP A 226 4.22 6.33 -24.06
CA ASP A 226 4.45 7.28 -22.91
C ASP A 226 3.68 6.81 -21.68
N GLU A 227 2.42 6.44 -21.85
CA GLU A 227 1.61 5.97 -20.67
C GLU A 227 2.21 4.69 -20.10
N ALA A 228 2.64 3.79 -20.95
CA ALA A 228 3.24 2.52 -20.48
C ALA A 228 4.51 2.82 -19.68
N LYS A 229 5.30 3.76 -20.16
CA LYS A 229 6.56 4.13 -19.45
C LYS A 229 6.24 4.74 -18.08
N ARG A 230 5.24 5.60 -18.03
CA ARG A 230 4.86 6.25 -16.73
C ARG A 230 4.26 5.22 -15.76
N MET A 231 3.63 4.18 -16.26
CA MET A 231 3.07 3.15 -15.34
C MET A 231 4.17 2.17 -14.92
N CYS A 232 5.00 1.76 -15.86
CA CYS A 232 6.11 0.80 -15.53
C CYS A 232 7.06 1.43 -14.50
N GLY A 233 7.30 2.72 -14.62
CA GLY A 233 8.19 3.42 -13.66
C GLY A 233 7.61 3.30 -12.25
N LEU A 234 6.31 3.47 -12.12
CA LEU A 234 5.66 3.36 -10.78
C LEU A 234 5.75 1.93 -10.26
N LEU A 235 5.59 0.94 -11.11
CA LEU A 235 5.67 -0.48 -10.65
C LEU A 235 7.10 -0.80 -10.15
N LEU A 236 8.10 -0.27 -10.81
CA LEU A 236 9.50 -0.54 -10.38
C LEU A 236 9.76 0.04 -8.98
N VAL A 237 9.30 1.24 -8.72
CA VAL A 237 9.50 1.85 -7.37
C VAL A 237 8.71 1.06 -6.32
N GLY A 238 7.49 0.70 -6.64
CA GLY A 238 6.65 -0.06 -5.69
C GLY A 238 7.24 -1.46 -5.45
N GLY A 239 7.85 -2.04 -6.44
CA GLY A 239 8.43 -3.39 -6.27
C GLY A 239 9.83 -3.34 -5.62
N LEU A 240 10.51 -2.22 -5.68
CA LEU A 240 11.89 -2.16 -5.10
C LEU A 240 11.98 -1.34 -3.80
N ASP A 241 10.96 -0.59 -3.40
CA ASP A 241 11.13 0.21 -2.15
C ASP A 241 9.87 0.28 -1.25
N THR A 242 9.14 -0.79 -1.10
CA THR A 242 7.95 -0.74 -0.18
C THR A 242 8.03 -1.93 0.79
N VAL A 243 7.80 -3.13 0.31
CA VAL A 243 7.88 -4.33 1.20
C VAL A 243 9.33 -4.49 1.70
N VAL A 244 10.29 -4.13 0.87
CA VAL A 244 11.73 -4.23 1.28
C VAL A 244 11.95 -3.51 2.61
N ASN A 245 11.40 -2.34 2.77
CA ASN A 245 11.58 -1.58 4.05
C ASN A 245 10.67 -2.12 5.16
N PHE A 246 9.43 -2.42 4.86
CA PHE A 246 8.49 -2.93 5.93
C PHE A 246 8.99 -4.26 6.53
N LEU A 247 9.55 -5.15 5.73
CA LEU A 247 10.03 -6.45 6.29
C LEU A 247 11.06 -6.20 7.42
N SER A 248 11.91 -5.20 7.25
CA SER A 248 12.94 -4.90 8.28
C SER A 248 12.30 -4.32 9.56
N PHE A 249 11.31 -3.45 9.42
CA PHE A 249 10.64 -2.89 10.66
C PHE A 249 9.99 -4.03 11.44
N SER A 250 9.36 -4.94 10.72
CA SER A 250 8.67 -6.11 11.36
C SER A 250 9.67 -7.06 12.01
N MET A 251 10.72 -7.43 11.30
CA MET A 251 11.72 -8.39 11.90
C MET A 251 12.47 -7.72 13.04
N GLU A 252 12.70 -6.42 12.98
CA GLU A 252 13.39 -5.73 14.11
C GLU A 252 12.51 -5.82 15.36
N PHE A 253 11.22 -5.67 15.19
CA PHE A 253 10.29 -5.76 16.34
C PHE A 253 10.27 -7.21 16.88
N LEU A 254 10.10 -8.18 16.01
CA LEU A 254 10.08 -9.60 16.49
C LEU A 254 11.39 -9.95 17.19
N ALA A 255 12.49 -9.47 16.67
CA ALA A 255 13.81 -9.74 17.32
C ALA A 255 13.86 -9.11 18.71
N LYS A 256 13.17 -8.01 18.91
CA LYS A 256 13.19 -7.32 20.24
C LYS A 256 12.02 -7.76 21.14
N SER A 257 11.18 -8.64 20.67
CA SER A 257 10.03 -9.10 21.49
C SER A 257 9.84 -10.60 21.33
N PRO A 258 10.41 -11.35 22.25
CA PRO A 258 10.28 -12.82 22.20
C PRO A 258 8.88 -13.30 22.62
N GLU A 259 8.04 -12.44 23.20
CA GLU A 259 6.66 -12.89 23.59
C GLU A 259 5.82 -12.91 22.31
N HIS A 260 6.08 -11.99 21.42
CA HIS A 260 5.35 -11.93 20.12
C HIS A 260 5.84 -13.08 19.23
N ARG A 261 7.11 -13.42 19.30
CA ARG A 261 7.63 -14.56 18.48
C ARG A 261 6.92 -15.84 18.93
N GLN A 262 6.77 -16.00 20.23
CA GLN A 262 6.09 -17.21 20.78
C GLN A 262 4.61 -17.25 20.34
N GLU A 263 3.95 -16.11 20.35
CA GLU A 263 2.50 -16.07 19.97
C GLU A 263 2.31 -16.59 18.53
N LEU A 264 3.18 -16.25 17.63
CA LEU A 264 3.02 -16.72 16.21
C LEU A 264 3.53 -18.15 16.05
N ILE A 265 4.51 -18.56 16.83
CA ILE A 265 5.02 -19.97 16.73
C ILE A 265 3.98 -20.93 17.30
N GLN A 266 3.33 -20.54 18.39
CA GLN A 266 2.29 -21.40 19.00
C GLN A 266 1.04 -21.43 18.11
N ARG A 267 0.69 -20.30 17.53
CA ARG A 267 -0.53 -20.25 16.66
C ARG A 267 -0.20 -19.53 15.34
N PRO A 268 0.34 -20.28 14.41
CA PRO A 268 0.72 -19.73 13.08
C PRO A 268 -0.47 -19.19 12.29
N GLU A 269 -1.68 -19.61 12.60
CA GLU A 269 -2.85 -19.08 11.84
C GLU A 269 -3.16 -17.63 12.26
N ARG A 270 -2.42 -17.07 13.20
CA ARG A 270 -2.63 -15.65 13.62
C ARG A 270 -1.68 -14.72 12.84
N ILE A 271 -0.83 -15.27 12.01
CA ILE A 271 0.17 -14.45 11.27
C ILE A 271 -0.47 -13.41 10.34
N PRO A 272 -1.53 -13.76 9.64
CA PRO A 272 -2.13 -12.74 8.77
C PRO A 272 -2.89 -11.69 9.61
N ALA A 273 -3.21 -11.98 10.87
CA ALA A 273 -3.86 -10.92 11.72
C ALA A 273 -2.72 -10.08 12.29
N ALA A 274 -1.62 -10.74 12.58
CA ALA A 274 -0.40 -10.05 13.11
C ALA A 274 0.20 -9.16 12.02
N CYS A 275 0.15 -9.61 10.78
CA CYS A 275 0.70 -8.81 9.65
C CYS A 275 -0.04 -7.47 9.54
N GLU A 276 -1.34 -7.49 9.74
CA GLU A 276 -2.14 -6.24 9.67
C GLU A 276 -1.77 -5.33 10.84
N GLU A 277 -1.60 -5.89 12.03
CA GLU A 277 -1.24 -5.04 13.20
C GLU A 277 0.17 -4.47 13.01
N LEU A 278 1.05 -5.22 12.39
CA LEU A 278 2.42 -4.69 12.14
C LEU A 278 2.34 -3.62 11.05
N LEU A 279 1.47 -3.79 10.09
CA LEU A 279 1.30 -2.76 9.02
C LEU A 279 0.81 -1.46 9.66
N ARG A 280 0.09 -1.54 10.75
CA ARG A 280 -0.42 -0.30 11.44
C ARG A 280 0.69 0.32 12.30
N ARG A 281 1.29 -0.46 13.17
CA ARG A 281 2.35 0.11 14.06
C ARG A 281 3.58 0.53 13.26
N PHE A 282 3.98 -0.24 12.28
CA PHE A 282 5.19 0.13 11.49
C PHE A 282 4.83 0.67 10.10
N SER A 283 3.75 1.42 10.01
CA SER A 283 3.39 2.02 8.68
C SER A 283 4.61 2.84 8.23
N LEU A 284 4.80 3.07 6.95
CA LEU A 284 6.03 3.81 6.53
C LEU A 284 5.86 4.67 5.28
N VAL A 285 4.66 5.04 4.89
CA VAL A 285 4.55 5.89 3.65
C VAL A 285 4.00 7.28 4.00
N ALA A 286 4.42 8.31 3.31
CA ALA A 286 3.91 9.66 3.62
C ALA A 286 4.05 10.64 2.44
N ASP A 287 3.08 10.64 1.55
CA ASP A 287 3.09 11.60 0.40
C ASP A 287 1.90 12.56 0.60
N GLY A 288 1.37 13.20 -0.42
CA GLY A 288 0.22 14.12 -0.15
C GLY A 288 -0.45 14.63 -1.42
N ARG A 289 -1.05 15.81 -1.32
CA ARG A 289 -1.79 16.40 -2.48
C ARG A 289 -1.55 17.91 -2.54
N ILE A 290 -2.10 18.55 -3.55
CA ILE A 290 -1.96 20.04 -3.65
C ILE A 290 -3.37 20.65 -3.75
N LEU A 291 -3.58 21.77 -3.11
CA LEU A 291 -4.93 22.41 -3.12
C LEU A 291 -5.28 22.89 -4.52
N THR A 292 -6.45 22.55 -5.01
CA THR A 292 -6.86 23.01 -6.37
C THR A 292 -7.42 24.44 -6.28
N SER A 293 -7.77 24.88 -5.08
CA SER A 293 -8.33 26.26 -4.91
C SER A 293 -8.32 26.66 -3.44
N ASP A 294 -8.57 27.92 -3.14
CA ASP A 294 -8.61 28.33 -1.70
C ASP A 294 -9.70 27.51 -1.00
N TYR A 295 -9.47 27.08 0.21
CA TYR A 295 -10.49 26.20 0.88
C TYR A 295 -10.27 26.14 2.40
N GLU A 296 -11.30 26.39 3.17
CA GLU A 296 -11.17 26.29 4.65
C GLU A 296 -11.37 24.84 5.07
N PHE A 297 -10.37 24.28 5.68
CA PHE A 297 -10.43 22.86 6.12
C PHE A 297 -10.15 22.76 7.62
N HIS A 298 -11.17 22.46 8.40
CA HIS A 298 -11.03 22.33 9.89
C HIS A 298 -10.58 23.65 10.54
N GLY A 299 -11.14 24.76 10.11
CA GLY A 299 -10.80 26.08 10.72
C GLY A 299 -9.53 26.69 10.12
N VAL A 300 -8.85 26.03 9.21
CA VAL A 300 -7.60 26.65 8.63
C VAL A 300 -7.80 27.02 7.16
N GLN A 301 -7.35 28.19 6.78
CA GLN A 301 -7.51 28.63 5.36
C GLN A 301 -6.36 28.11 4.50
N LEU A 302 -6.67 27.27 3.54
CA LEU A 302 -5.61 26.76 2.61
C LEU A 302 -5.67 27.60 1.33
N LYS A 303 -4.55 27.77 0.69
CA LYS A 303 -4.51 28.61 -0.54
C LYS A 303 -4.23 27.74 -1.77
N LYS A 304 -4.84 28.07 -2.88
CA LYS A 304 -4.62 27.29 -4.15
C LYS A 304 -3.13 27.14 -4.43
N GLY A 305 -2.69 25.92 -4.62
CA GLY A 305 -1.24 25.69 -4.91
C GLY A 305 -0.54 25.19 -3.65
N ASP A 306 -1.14 25.33 -2.50
CA ASP A 306 -0.49 24.86 -1.23
C ASP A 306 -0.32 23.34 -1.22
N GLN A 307 0.81 22.88 -0.75
CA GLN A 307 1.05 21.40 -0.67
C GLN A 307 0.72 20.91 0.74
N ILE A 308 0.00 19.83 0.86
CA ILE A 308 -0.30 19.31 2.22
C ILE A 308 0.11 17.85 2.31
N LEU A 309 1.02 17.56 3.20
CA LEU A 309 1.49 16.18 3.39
C LEU A 309 0.48 15.40 4.22
N LEU A 310 -0.16 14.43 3.62
CA LEU A 310 -1.13 13.56 4.36
C LEU A 310 -0.39 12.23 4.55
N PRO A 311 0.32 12.11 5.65
CA PRO A 311 1.15 10.92 5.88
C PRO A 311 0.33 9.73 6.32
N GLN A 312 0.24 8.76 5.45
CA GLN A 312 -0.54 7.51 5.72
C GLN A 312 -0.11 6.81 7.01
N MET A 313 1.12 7.01 7.43
CA MET A 313 1.64 6.34 8.67
C MET A 313 1.00 6.92 9.94
N LEU A 314 0.50 8.13 9.87
CA LEU A 314 -0.06 8.79 11.09
C LEU A 314 -1.49 8.33 11.43
N SER A 315 -2.29 7.98 10.46
CA SER A 315 -3.69 7.58 10.79
C SER A 315 -3.73 6.38 11.76
N GLY A 316 -3.00 5.34 11.49
CA GLY A 316 -3.00 4.14 12.39
C GLY A 316 -2.34 4.45 13.74
N LEU A 317 -1.40 5.37 13.77
CA LEU A 317 -0.72 5.71 15.06
C LEU A 317 -1.56 6.70 15.90
N ASP A 318 -2.62 7.23 15.34
CA ASP A 318 -3.47 8.20 16.10
C ASP A 318 -4.19 7.50 17.26
N GLU A 319 -4.04 8.02 18.46
CA GLU A 319 -4.73 7.41 19.64
C GLU A 319 -6.25 7.51 19.49
N ARG A 320 -6.72 8.52 18.79
CA ARG A 320 -8.20 8.67 18.60
C ARG A 320 -8.72 7.55 17.69
N GLU A 321 -7.83 6.91 16.96
CA GLU A 321 -8.24 5.79 16.06
C GLU A 321 -7.94 4.43 16.72
N ASN A 322 -6.87 4.34 17.47
CA ASN A 322 -6.50 3.07 18.17
C ASN A 322 -5.94 3.37 19.57
N ALA A 323 -6.52 2.81 20.60
CA ALA A 323 -6.01 3.07 21.98
C ALA A 323 -4.62 2.44 22.12
N CYS A 324 -3.73 3.06 22.87
CA CYS A 324 -2.33 2.51 23.03
C CYS A 324 -1.78 2.12 21.65
N PRO A 325 -1.70 3.11 20.79
CA PRO A 325 -1.25 2.92 19.38
C PRO A 325 0.19 2.42 19.25
N MET A 326 1.08 2.78 20.13
CA MET A 326 2.50 2.31 20.00
C MET A 326 2.66 0.86 20.50
N HIS A 327 1.67 0.31 21.15
CA HIS A 327 1.80 -1.10 21.63
C HIS A 327 1.32 -2.07 20.54
N VAL A 328 2.06 -3.12 20.29
CA VAL A 328 1.63 -4.10 19.24
C VAL A 328 0.78 -5.21 19.85
N ASP A 329 -0.46 -5.28 19.44
CA ASP A 329 -1.38 -6.33 19.96
C ASP A 329 -1.96 -7.12 18.78
N PHE A 330 -1.48 -8.32 18.55
CA PHE A 330 -1.99 -9.14 17.40
C PHE A 330 -3.50 -9.40 17.54
N SER A 331 -4.02 -9.29 18.74
CA SER A 331 -5.48 -9.53 18.95
C SER A 331 -6.28 -8.21 18.94
N ARG A 332 -5.67 -7.10 18.58
CA ARG A 332 -6.43 -5.80 18.56
C ARG A 332 -7.74 -5.97 17.79
N GLN A 333 -8.85 -5.75 18.44
CA GLN A 333 -10.16 -5.94 17.77
C GLN A 333 -10.31 -5.06 16.53
N LYS A 334 -10.11 -3.76 16.64
CA LYS A 334 -10.26 -2.89 15.42
C LYS A 334 -8.92 -2.32 14.98
N VAL A 335 -8.25 -2.97 14.07
CA VAL A 335 -6.95 -2.45 13.58
C VAL A 335 -7.22 -1.46 12.43
N SER A 336 -7.34 -0.20 12.76
CA SER A 336 -7.63 0.83 11.72
C SER A 336 -6.33 1.50 11.24
N HIS A 337 -6.18 1.63 9.94
CA HIS A 337 -4.95 2.31 9.38
C HIS A 337 -5.12 2.61 7.89
N THR A 338 -4.27 3.47 7.38
CA THR A 338 -4.29 3.84 5.94
C THR A 338 -2.91 3.52 5.32
N THR A 339 -2.20 2.59 5.89
CA THR A 339 -0.85 2.20 5.40
C THR A 339 -0.84 2.00 3.87
N PHE A 340 -1.84 1.33 3.33
CA PHE A 340 -1.88 1.11 1.84
C PHE A 340 -2.57 2.28 1.11
N GLY A 341 -2.76 3.41 1.76
CA GLY A 341 -3.40 4.59 1.12
C GLY A 341 -4.87 4.68 1.53
N HIS A 342 -5.58 5.59 0.90
CA HIS A 342 -7.03 5.77 1.21
C HIS A 342 -7.70 6.55 0.07
N GLY A 343 -8.92 6.23 -0.25
CA GLY A 343 -9.61 6.95 -1.36
C GLY A 343 -9.54 6.12 -2.65
N SER A 344 -9.46 6.79 -3.79
CA SER A 344 -9.40 6.06 -5.09
C SER A 344 -7.98 5.59 -5.43
N HIS A 345 -6.97 6.02 -4.71
CA HIS A 345 -5.57 5.57 -5.04
C HIS A 345 -5.12 4.42 -4.12
N LEU A 346 -6.05 3.65 -3.60
CA LEU A 346 -5.65 2.53 -2.69
C LEU A 346 -4.59 1.65 -3.37
N CYS A 347 -3.61 1.22 -2.62
CA CYS A 347 -2.49 0.39 -3.19
C CYS A 347 -3.01 -0.80 -3.99
N LEU A 348 -2.54 -0.92 -5.21
CA LEU A 348 -2.96 -2.06 -6.09
C LEU A 348 -2.07 -3.29 -5.80
N GLY A 349 -0.91 -3.08 -5.20
CA GLY A 349 -0.01 -4.22 -4.90
C GLY A 349 -0.07 -4.60 -3.42
N GLN A 350 -1.15 -4.29 -2.73
CA GLN A 350 -1.23 -4.67 -1.28
C GLN A 350 -1.44 -6.18 -1.13
N HIS A 351 -1.97 -6.85 -2.13
CA HIS A 351 -2.15 -8.33 -2.03
C HIS A 351 -0.79 -9.02 -2.19
N LEU A 352 0.03 -8.51 -3.10
CA LEU A 352 1.39 -9.10 -3.28
C LEU A 352 2.23 -8.77 -2.04
N ALA A 353 1.98 -7.61 -1.45
CA ALA A 353 2.74 -7.20 -0.23
C ALA A 353 2.33 -8.08 0.94
N ARG A 354 1.05 -8.24 1.19
CA ARG A 354 0.58 -9.10 2.33
C ARG A 354 1.11 -10.52 2.16
N ARG A 355 1.09 -11.04 0.96
CA ARG A 355 1.58 -12.42 0.71
C ARG A 355 3.07 -12.51 1.03
N GLU A 356 3.85 -11.55 0.58
CA GLU A 356 5.32 -11.59 0.86
C GLU A 356 5.60 -11.43 2.36
N ILE A 357 4.81 -10.63 3.05
CA ILE A 357 5.00 -10.46 4.51
C ILE A 357 4.60 -11.73 5.27
N ILE A 358 3.42 -12.24 4.98
CA ILE A 358 2.93 -13.47 5.67
C ILE A 358 3.82 -14.68 5.34
N VAL A 359 4.26 -14.83 4.11
CA VAL A 359 5.16 -15.99 3.79
C VAL A 359 6.50 -15.83 4.51
N THR A 360 6.98 -14.61 4.65
CA THR A 360 8.28 -14.39 5.35
C THR A 360 8.14 -14.71 6.84
N LEU A 361 7.11 -14.22 7.48
CA LEU A 361 6.92 -14.50 8.95
C LEU A 361 6.72 -15.99 9.21
N LYS A 362 5.91 -16.64 8.41
CA LYS A 362 5.66 -18.09 8.63
C LYS A 362 6.91 -18.94 8.34
N GLU A 363 7.56 -18.71 7.22
CA GLU A 363 8.76 -19.55 6.88
C GLU A 363 9.98 -19.18 7.73
N TRP A 364 10.08 -17.95 8.21
CA TRP A 364 11.26 -17.61 9.05
C TRP A 364 11.09 -18.22 10.45
N LEU A 365 9.93 -18.05 11.04
CA LEU A 365 9.70 -18.62 12.41
C LEU A 365 9.72 -20.16 12.38
N THR A 366 9.42 -20.75 11.24
CA THR A 366 9.45 -22.25 11.15
C THR A 366 10.91 -22.74 11.17
N ARG A 367 11.82 -22.02 10.55
CA ARG A 367 13.24 -22.46 10.53
C ARG A 367 14.02 -21.79 11.66
N ILE A 368 13.82 -20.50 11.84
CA ILE A 368 14.54 -19.76 12.91
C ILE A 368 13.52 -19.13 13.88
N PRO A 369 13.02 -19.94 14.78
CA PRO A 369 12.02 -19.48 15.77
C PRO A 369 12.61 -18.49 16.79
N ASP A 370 13.88 -18.59 17.11
CA ASP A 370 14.47 -17.65 18.11
C ASP A 370 15.63 -16.85 17.51
N PHE A 371 15.54 -15.55 17.57
CA PHE A 371 16.64 -14.68 17.07
C PHE A 371 16.58 -13.32 17.78
N SER A 372 17.70 -12.63 17.85
CA SER A 372 17.73 -11.32 18.56
C SER A 372 18.61 -10.31 17.81
N ILE A 373 18.58 -9.07 18.23
CA ILE A 373 19.46 -8.04 17.57
C ILE A 373 20.90 -8.34 17.98
N ALA A 374 21.85 -8.21 17.06
CA ALA A 374 23.27 -8.50 17.45
C ALA A 374 23.59 -7.68 18.71
N PRO A 375 24.32 -8.29 19.62
CA PRO A 375 24.65 -7.63 20.91
C PRO A 375 25.44 -6.32 20.73
N GLY A 376 24.94 -5.24 21.29
CA GLY A 376 25.67 -3.93 21.19
C GLY A 376 25.16 -3.11 19.99
N ALA A 377 24.39 -3.69 19.10
CA ALA A 377 23.92 -2.92 17.90
C ALA A 377 22.73 -2.01 18.19
N GLN A 378 22.79 -0.79 17.71
CA GLN A 378 21.67 0.18 17.88
C GLN A 378 21.05 0.42 16.49
N ILE A 379 19.87 -0.12 16.27
CA ILE A 379 19.22 0.03 14.91
C ILE A 379 18.90 1.49 14.58
N GLN A 380 19.28 1.91 13.41
CA GLN A 380 19.02 3.31 12.96
C GLN A 380 18.02 3.30 11.79
N HIS A 381 17.05 4.17 11.83
CA HIS A 381 16.05 4.24 10.72
C HIS A 381 16.30 5.48 9.85
N LYS A 382 15.65 5.55 8.70
CA LYS A 382 15.79 6.73 7.80
C LYS A 382 14.39 7.19 7.35
N SER A 383 14.20 8.48 7.17
CA SER A 383 12.85 8.97 6.79
C SER A 383 12.80 9.55 5.37
N GLY A 384 11.61 9.69 4.85
CA GLY A 384 11.41 10.23 3.47
C GLY A 384 10.00 9.84 3.00
N ILE A 385 9.74 9.83 1.70
CA ILE A 385 8.37 9.41 1.22
C ILE A 385 8.07 8.02 1.78
N VAL A 386 9.09 7.16 1.80
CA VAL A 386 8.93 5.81 2.39
C VAL A 386 10.05 5.63 3.42
N SER A 387 9.72 5.39 4.67
CA SER A 387 10.79 5.22 5.69
C SER A 387 11.39 3.83 5.60
N GLY A 388 12.55 3.61 6.21
CA GLY A 388 13.17 2.26 6.13
C GLY A 388 14.20 2.06 7.26
N VAL A 389 14.91 0.96 7.22
CA VAL A 389 15.94 0.68 8.28
C VAL A 389 17.33 0.63 7.62
N GLN A 390 18.29 1.34 8.16
CA GLN A 390 19.66 1.35 7.54
C GLN A 390 20.31 -0.02 7.61
N ALA A 391 20.20 -0.68 8.73
CA ALA A 391 20.81 -2.05 8.84
C ALA A 391 20.16 -2.83 9.99
N LEU A 392 20.08 -4.13 9.87
CA LEU A 392 19.45 -4.95 10.94
C LEU A 392 20.22 -6.28 11.16
N PRO A 393 21.28 -6.20 11.92
CA PRO A 393 22.10 -7.41 12.22
C PRO A 393 21.38 -8.31 13.23
N LEU A 394 21.10 -9.54 12.84
CA LEU A 394 20.41 -10.51 13.76
C LEU A 394 21.35 -11.67 14.12
N VAL A 395 21.13 -12.29 15.26
CA VAL A 395 21.95 -13.47 15.66
C VAL A 395 21.05 -14.52 16.29
N TRP A 396 21.42 -15.76 16.14
CA TRP A 396 20.63 -16.85 16.76
C TRP A 396 21.49 -18.12 16.86
N ASP A 397 21.16 -18.99 17.77
CA ASP A 397 21.93 -20.24 17.92
C ASP A 397 21.40 -21.22 16.87
N PRO A 398 22.25 -21.67 16.00
CA PRO A 398 21.82 -22.61 14.95
C PRO A 398 21.50 -23.99 15.54
N ALA A 399 21.58 -24.14 16.85
CA ALA A 399 21.21 -25.43 17.49
C ALA A 399 19.71 -25.39 17.78
N THR A 400 19.14 -24.20 17.79
CA THR A 400 17.68 -24.03 18.05
C THR A 400 16.90 -23.95 16.72
N THR A 401 17.57 -23.99 15.58
CA THR A 401 16.83 -23.89 14.27
C THR A 401 16.52 -25.29 13.73
N LYS A 402 15.75 -25.39 12.68
CA LYS A 402 15.44 -26.75 12.11
C LYS A 402 15.20 -26.67 10.60
N ALA A 403 15.84 -27.53 9.86
CA ALA A 403 15.64 -27.54 8.38
C ALA A 403 14.35 -28.26 8.04
N VAL A 404 13.56 -27.72 7.14
CA VAL A 404 12.27 -28.39 6.76
C VAL A 404 12.56 -29.57 5.83
N SER B 1 -22.15 -17.87 6.63
CA SER B 1 -23.43 -17.95 5.87
C SER B 1 -23.14 -18.34 4.42
N LYS B 2 -24.09 -18.96 3.75
CA LYS B 2 -23.85 -19.40 2.34
C LYS B 2 -23.97 -18.25 1.33
N VAL B 3 -23.06 -18.23 0.37
CA VAL B 3 -23.08 -17.21 -0.71
C VAL B 3 -22.78 -17.93 -2.03
N VAL B 4 -23.66 -17.84 -3.00
CA VAL B 4 -23.41 -18.55 -4.29
C VAL B 4 -23.01 -17.59 -5.42
N TYR B 5 -21.94 -17.88 -6.11
CA TYR B 5 -21.48 -17.02 -7.23
C TYR B 5 -21.70 -17.73 -8.57
N VAL B 6 -22.62 -17.28 -9.38
CA VAL B 6 -22.82 -17.95 -10.70
C VAL B 6 -22.00 -17.20 -11.75
N SER B 7 -21.18 -17.90 -12.49
CA SER B 7 -20.30 -17.24 -13.50
C SER B 7 -21.00 -17.03 -14.85
N HIS B 8 -20.33 -16.36 -15.75
CA HIS B 8 -20.91 -16.09 -17.12
C HIS B 8 -21.19 -17.41 -17.85
N ASP B 9 -20.24 -18.31 -17.83
CA ASP B 9 -20.44 -19.63 -18.52
C ASP B 9 -21.55 -20.46 -17.84
N GLY B 10 -22.01 -20.06 -16.67
CA GLY B 10 -23.09 -20.81 -15.99
C GLY B 10 -22.54 -21.71 -14.87
N THR B 11 -21.32 -21.49 -14.45
CA THR B 11 -20.74 -22.35 -13.36
C THR B 11 -21.21 -21.83 -11.99
N ARG B 12 -21.40 -22.71 -11.04
CA ARG B 12 -21.90 -22.29 -9.70
C ARG B 12 -20.88 -22.60 -8.58
N ARG B 13 -20.56 -21.63 -7.77
CA ARG B 13 -19.59 -21.85 -6.65
C ARG B 13 -20.22 -21.40 -5.32
N GLU B 14 -20.22 -22.26 -4.32
CA GLU B 14 -20.86 -21.89 -3.01
C GLU B 14 -19.79 -21.74 -1.90
N LEU B 15 -19.86 -20.65 -1.17
CA LEU B 15 -18.88 -20.40 -0.07
C LEU B 15 -19.60 -20.20 1.28
N ASP B 16 -18.89 -20.39 2.36
CA ASP B 16 -19.46 -20.13 3.71
C ASP B 16 -18.77 -18.88 4.26
N VAL B 17 -19.35 -17.73 4.01
CA VAL B 17 -18.69 -16.45 4.44
C VAL B 17 -19.12 -16.03 5.84
N ALA B 18 -18.17 -15.64 6.65
CA ALA B 18 -18.48 -15.18 8.04
C ALA B 18 -19.03 -13.76 8.01
N ASP B 19 -19.53 -13.28 9.13
CA ASP B 19 -20.10 -11.90 9.19
C ASP B 19 -18.99 -10.84 9.03
N GLY B 20 -19.34 -9.69 8.50
CA GLY B 20 -18.34 -8.60 8.33
C GLY B 20 -17.53 -8.75 7.03
N VAL B 21 -17.60 -9.88 6.37
CA VAL B 21 -16.80 -10.05 5.10
C VAL B 21 -17.62 -9.59 3.88
N SER B 22 -17.01 -8.83 3.03
CA SER B 22 -17.72 -8.37 1.80
C SER B 22 -17.70 -9.48 0.74
N LEU B 23 -18.68 -9.53 -0.11
CA LEU B 23 -18.71 -10.60 -1.17
C LEU B 23 -17.47 -10.50 -2.07
N MET B 24 -16.88 -9.33 -2.18
CA MET B 24 -15.65 -9.18 -3.03
C MET B 24 -14.48 -9.90 -2.37
N GLN B 25 -14.26 -9.66 -1.10
CA GLN B 25 -13.12 -10.34 -0.38
C GLN B 25 -13.31 -11.85 -0.43
N ALA B 26 -14.51 -12.32 -0.25
CA ALA B 26 -14.77 -13.79 -0.29
C ALA B 26 -14.49 -14.33 -1.69
N ALA B 27 -14.90 -13.61 -2.71
CA ALA B 27 -14.68 -14.08 -4.11
C ALA B 27 -13.18 -14.08 -4.47
N VAL B 28 -12.51 -12.98 -4.21
CA VAL B 28 -11.05 -12.89 -4.54
C VAL B 28 -10.23 -13.88 -3.68
N SER B 29 -10.59 -14.03 -2.43
CA SER B 29 -9.84 -14.96 -1.52
C SER B 29 -10.09 -16.43 -1.90
N ASN B 30 -11.10 -16.70 -2.71
CA ASN B 30 -11.37 -18.12 -3.10
C ASN B 30 -11.21 -18.32 -4.61
N GLY B 31 -10.44 -17.47 -5.25
CA GLY B 31 -10.20 -17.58 -6.71
C GLY B 31 -11.53 -17.65 -7.51
N ILE B 32 -12.53 -16.90 -7.12
CA ILE B 32 -13.81 -16.92 -7.89
C ILE B 32 -13.59 -16.20 -9.23
N TYR B 33 -14.28 -16.66 -10.24
CA TYR B 33 -14.07 -16.13 -11.63
C TYR B 33 -14.41 -14.66 -11.87
N ASP B 34 -13.58 -14.06 -12.71
CA ASP B 34 -13.73 -12.63 -13.21
C ASP B 34 -13.68 -11.51 -12.14
N ILE B 35 -14.19 -11.69 -10.94
CA ILE B 35 -14.14 -10.56 -9.95
C ILE B 35 -12.69 -10.14 -9.67
N VAL B 36 -12.37 -8.89 -9.89
CA VAL B 36 -10.97 -8.41 -9.67
C VAL B 36 -10.84 -7.68 -8.31
N GLY B 37 -11.69 -6.72 -8.04
CA GLY B 37 -11.58 -5.95 -6.76
C GLY B 37 -10.23 -5.23 -6.78
N ASP B 38 -10.01 -4.43 -7.79
CA ASP B 38 -8.71 -3.70 -7.94
C ASP B 38 -8.54 -2.58 -6.91
N CYS B 39 -9.52 -1.74 -6.74
CA CYS B 39 -9.40 -0.61 -5.77
C CYS B 39 -9.31 -1.10 -4.30
N GLY B 40 -9.57 -2.37 -4.04
CA GLY B 40 -9.47 -2.88 -2.64
C GLY B 40 -10.83 -2.91 -1.93
N GLY B 41 -11.87 -2.40 -2.53
CA GLY B 41 -13.22 -2.42 -1.87
C GLY B 41 -13.58 -1.03 -1.35
N SER B 42 -12.97 0.01 -1.84
CA SER B 42 -13.31 1.40 -1.37
C SER B 42 -14.29 2.09 -2.35
N ALA B 43 -14.96 1.33 -3.18
CA ALA B 43 -15.94 1.92 -4.15
C ALA B 43 -15.30 2.99 -5.05
N SER B 44 -14.09 2.75 -5.50
CA SER B 44 -13.42 3.73 -6.41
C SER B 44 -13.15 3.07 -7.78
N CYS B 45 -13.74 1.92 -8.00
CA CYS B 45 -13.56 1.19 -9.31
C CYS B 45 -14.82 0.38 -9.62
N ALA B 46 -14.86 -0.34 -10.72
CA ALA B 46 -16.08 -1.14 -11.04
C ALA B 46 -15.71 -2.56 -11.50
N THR B 47 -14.66 -3.13 -10.97
CA THR B 47 -14.27 -4.52 -11.40
C THR B 47 -14.80 -5.58 -10.42
N CYS B 48 -15.70 -5.21 -9.54
CA CYS B 48 -16.31 -6.18 -8.59
C CYS B 48 -17.83 -6.18 -8.84
N HIS B 49 -18.22 -5.94 -10.07
CA HIS B 49 -19.65 -5.86 -10.46
C HIS B 49 -20.34 -7.24 -10.46
N VAL B 50 -21.50 -7.32 -9.87
CA VAL B 50 -22.27 -8.61 -9.84
C VAL B 50 -23.78 -8.31 -9.88
N TYR B 51 -24.59 -9.26 -10.27
CA TYR B 51 -26.06 -9.03 -10.29
C TYR B 51 -26.70 -9.77 -9.10
N VAL B 52 -27.05 -9.06 -8.05
CA VAL B 52 -27.66 -9.74 -6.87
C VAL B 52 -28.98 -10.40 -7.28
N ASN B 53 -29.22 -11.62 -6.87
CA ASN B 53 -30.48 -12.30 -7.25
C ASN B 53 -31.68 -11.47 -6.76
N GLU B 54 -32.61 -11.26 -7.66
CA GLU B 54 -33.84 -10.44 -7.37
C GLU B 54 -34.47 -10.75 -6.00
N ALA B 55 -34.37 -11.97 -5.52
CA ALA B 55 -35.01 -12.32 -4.20
C ALA B 55 -34.20 -11.79 -2.98
N PHE B 56 -33.02 -11.24 -3.18
CA PHE B 56 -32.23 -10.75 -2.00
C PHE B 56 -31.94 -9.25 -2.10
N THR B 57 -32.27 -8.61 -3.19
CA THR B 57 -31.98 -7.14 -3.35
C THR B 57 -32.57 -6.29 -2.22
N ASP B 58 -33.75 -6.60 -1.73
CA ASP B 58 -34.32 -5.76 -0.63
C ASP B 58 -33.75 -6.15 0.74
N LYS B 59 -32.96 -7.20 0.81
CA LYS B 59 -32.34 -7.59 2.12
C LYS B 59 -30.98 -6.90 2.29
N VAL B 60 -30.49 -6.29 1.24
CA VAL B 60 -29.18 -5.60 1.30
C VAL B 60 -29.42 -4.07 1.35
N PRO B 61 -28.64 -3.38 2.15
CA PRO B 61 -28.79 -1.91 2.26
C PRO B 61 -28.26 -1.24 0.98
N ALA B 62 -29.11 -0.55 0.28
CA ALA B 62 -28.78 0.12 -1.04
C ALA B 62 -27.36 0.74 -1.16
N ALA B 63 -26.95 0.94 -2.39
CA ALA B 63 -25.62 1.56 -2.72
C ALA B 63 -25.56 3.03 -2.27
N ASN B 64 -24.41 3.47 -1.85
CA ASN B 64 -24.27 4.89 -1.40
C ASN B 64 -23.89 5.79 -2.59
N GLU B 65 -23.56 7.03 -2.34
CA GLU B 65 -23.20 7.98 -3.45
C GLU B 65 -22.00 7.47 -4.26
N ARG B 66 -20.99 6.94 -3.62
CA ARG B 66 -19.78 6.46 -4.36
C ARG B 66 -20.10 5.23 -5.23
N GLU B 67 -20.87 4.29 -4.73
CA GLU B 67 -21.18 3.09 -5.56
C GLU B 67 -22.07 3.47 -6.75
N ILE B 68 -23.07 4.28 -6.53
CA ILE B 68 -23.96 4.70 -7.68
C ILE B 68 -23.09 5.32 -8.79
N GLY B 69 -22.14 6.14 -8.42
CA GLY B 69 -21.25 6.79 -9.43
C GLY B 69 -20.41 5.72 -10.16
N MET B 70 -19.80 4.82 -9.44
CA MET B 70 -18.96 3.76 -10.08
C MET B 70 -19.82 2.81 -10.94
N LEU B 71 -21.03 2.55 -10.51
CA LEU B 71 -21.92 1.63 -11.30
C LEU B 71 -22.23 2.24 -12.68
N GLU B 72 -22.12 3.54 -12.81
CA GLU B 72 -22.39 4.21 -14.13
C GLU B 72 -21.28 3.88 -15.14
N SER B 73 -20.20 3.26 -14.71
CA SER B 73 -19.09 2.96 -15.66
C SER B 73 -18.81 1.44 -15.77
N VAL B 74 -19.68 0.58 -15.27
CA VAL B 74 -19.41 -0.89 -15.39
C VAL B 74 -19.33 -1.28 -16.88
N THR B 75 -18.43 -2.16 -17.22
CA THR B 75 -18.29 -2.58 -18.66
C THR B 75 -19.45 -3.53 -19.03
N ALA B 76 -19.83 -4.41 -18.14
CA ALA B 76 -20.95 -5.35 -18.44
C ALA B 76 -22.29 -4.59 -18.44
N GLU B 77 -23.35 -5.23 -18.91
CA GLU B 77 -24.68 -4.54 -18.94
C GLU B 77 -25.10 -4.10 -17.53
N LEU B 78 -25.66 -2.92 -17.41
CA LEU B 78 -26.11 -2.43 -16.08
C LEU B 78 -27.56 -2.84 -15.84
N LYS B 79 -27.77 -3.67 -14.85
CA LYS B 79 -29.16 -4.10 -14.52
C LYS B 79 -29.65 -3.34 -13.29
N PRO B 80 -30.93 -3.42 -13.01
CA PRO B 80 -31.47 -2.73 -11.81
C PRO B 80 -31.11 -3.52 -10.53
N ASN B 81 -30.42 -4.65 -10.66
CA ASN B 81 -29.98 -5.42 -9.45
C ASN B 81 -28.45 -5.51 -9.46
N SER B 82 -27.80 -4.60 -10.17
CA SER B 82 -26.32 -4.59 -10.26
C SER B 82 -25.70 -3.95 -9.02
N ARG B 83 -24.65 -4.52 -8.49
CA ARG B 83 -24.02 -3.95 -7.26
C ARG B 83 -22.53 -4.23 -7.23
N LEU B 84 -21.75 -3.33 -6.68
CA LEU B 84 -20.29 -3.61 -6.53
C LEU B 84 -20.19 -4.47 -5.26
N CYS B 85 -20.09 -5.77 -5.42
CA CYS B 85 -20.09 -6.73 -4.26
C CYS B 85 -19.13 -6.33 -3.12
N CYS B 86 -18.17 -5.47 -3.35
CA CYS B 86 -17.27 -5.06 -2.22
C CYS B 86 -18.06 -4.19 -1.22
N GLN B 87 -19.22 -3.72 -1.63
CA GLN B 87 -20.06 -2.88 -0.73
C GLN B 87 -21.08 -3.75 0.03
N ILE B 88 -21.24 -5.00 -0.36
CA ILE B 88 -22.22 -5.89 0.34
C ILE B 88 -21.53 -6.67 1.47
N ILE B 89 -21.75 -6.27 2.70
CA ILE B 89 -21.12 -7.01 3.84
C ILE B 89 -22.02 -8.19 4.20
N MET B 90 -21.44 -9.35 4.35
CA MET B 90 -22.27 -10.58 4.64
C MET B 90 -22.76 -10.62 6.09
N THR B 91 -24.01 -11.01 6.23
CA THR B 91 -24.63 -11.19 7.56
C THR B 91 -25.45 -12.48 7.49
N PRO B 92 -25.88 -13.01 8.61
CA PRO B 92 -26.68 -14.26 8.57
C PRO B 92 -28.11 -14.00 8.07
N GLU B 93 -28.43 -12.77 7.73
CA GLU B 93 -29.79 -12.48 7.18
C GLU B 93 -29.70 -12.70 5.66
N LEU B 94 -28.50 -12.61 5.12
CA LEU B 94 -28.29 -12.79 3.65
C LEU B 94 -27.91 -14.25 3.35
N ASP B 95 -28.08 -15.15 4.31
CA ASP B 95 -27.69 -16.57 4.08
C ASP B 95 -28.37 -17.13 2.82
N GLY B 96 -27.60 -17.68 1.91
CA GLY B 96 -28.17 -18.27 0.67
C GLY B 96 -28.27 -17.23 -0.46
N ILE B 97 -27.74 -16.04 -0.29
CA ILE B 97 -27.82 -15.03 -1.39
C ILE B 97 -27.07 -15.52 -2.64
N VAL B 98 -27.60 -15.23 -3.80
CA VAL B 98 -26.94 -15.67 -5.06
C VAL B 98 -26.64 -14.46 -5.94
N VAL B 99 -25.44 -14.38 -6.47
CA VAL B 99 -25.10 -13.21 -7.35
C VAL B 99 -24.47 -13.72 -8.65
N ASP B 100 -24.87 -13.18 -9.76
CA ASP B 100 -24.29 -13.61 -11.05
C ASP B 100 -23.10 -12.70 -11.39
N VAL B 101 -22.00 -13.27 -11.80
CA VAL B 101 -20.81 -12.43 -12.12
C VAL B 101 -20.64 -12.29 -13.65
N PRO B 102 -20.54 -11.06 -14.08
CA PRO B 102 -20.37 -10.78 -15.54
C PRO B 102 -18.90 -10.98 -15.89
N ASP B 103 -18.63 -11.72 -16.94
CA ASP B 103 -17.20 -11.98 -17.34
C ASP B 103 -16.39 -10.72 -17.72
N ARG B 104 -16.94 -9.52 -17.62
CA ARG B 104 -16.15 -8.31 -17.99
C ARG B 104 -16.11 -7.32 -16.83
N GLN B 105 -14.95 -7.09 -16.27
CA GLN B 105 -14.86 -6.12 -15.13
C GLN B 105 -14.06 -4.89 -15.54
N TRP B 106 -12.90 -5.10 -16.13
CA TRP B 106 -12.05 -3.96 -16.59
C TRP B 106 -12.77 -3.17 -17.70
N LEU A 1 14.84 26.96 6.50
CA LEU A 1 13.39 27.30 6.64
C LEU A 1 12.96 28.27 5.53
N ALA A 2 11.85 28.01 4.90
CA ALA A 2 11.36 28.95 3.84
C ALA A 2 10.55 30.03 4.58
N PRO A 3 10.48 31.21 4.01
CA PRO A 3 9.79 32.33 4.69
C PRO A 3 8.28 32.09 4.81
N LEU A 4 7.77 32.12 6.02
CA LEU A 4 6.30 31.89 6.24
C LEU A 4 5.45 32.74 5.28
N PRO A 5 4.54 32.10 4.55
CA PRO A 5 3.65 32.83 3.62
C PRO A 5 2.58 33.54 4.45
N PRO A 6 2.19 34.69 3.97
CA PRO A 6 1.25 35.59 4.70
C PRO A 6 -0.16 35.05 4.96
N HIS A 7 -0.61 33.99 4.33
CA HIS A 7 -2.00 33.49 4.68
C HIS A 7 -1.89 32.44 5.78
N VAL A 8 -0.67 32.05 6.13
CA VAL A 8 -0.46 31.07 7.23
C VAL A 8 -0.18 31.83 8.54
N PRO A 9 -1.04 31.60 9.50
CA PRO A 9 -0.88 32.25 10.83
C PRO A 9 0.32 31.66 11.60
N GLU A 10 0.99 32.49 12.36
CA GLU A 10 2.19 32.03 13.15
C GLU A 10 1.88 30.90 14.13
N HIS A 11 0.68 30.84 14.67
CA HIS A 11 0.37 29.79 15.68
C HIS A 11 0.20 28.37 15.06
N LEU A 12 0.21 28.24 13.75
CA LEU A 12 0.10 26.86 13.15
C LEU A 12 1.47 26.36 12.67
N VAL A 13 2.54 27.05 13.00
CA VAL A 13 3.88 26.60 12.53
C VAL A 13 4.54 25.54 13.43
N PHE A 14 4.96 24.48 12.82
CA PHE A 14 5.69 23.38 13.52
C PHE A 14 6.72 22.86 12.51
N ASP A 15 7.95 23.27 12.65
CA ASP A 15 9.00 22.89 11.66
C ASP A 15 9.40 21.41 11.72
N PHE A 16 8.55 20.54 11.23
CA PHE A 16 8.88 19.09 11.18
C PHE A 16 9.50 18.75 9.82
N ASP A 17 10.66 18.13 9.82
CA ASP A 17 11.32 17.75 8.53
C ASP A 17 11.04 16.27 8.25
N MET A 18 10.31 15.98 7.19
CA MET A 18 9.97 14.55 6.87
C MET A 18 11.17 13.77 6.33
N TYR A 19 12.23 14.42 5.91
CA TYR A 19 13.42 13.66 5.42
C TYR A 19 14.46 13.48 6.53
N ASN A 20 14.30 14.19 7.63
CA ASN A 20 15.25 14.05 8.78
C ASN A 20 14.59 14.64 10.04
N PRO A 21 13.62 13.93 10.57
CA PRO A 21 12.90 14.38 11.79
C PRO A 21 13.84 14.44 13.01
N SER A 22 13.56 15.35 13.91
CA SER A 22 14.43 15.55 15.13
C SER A 22 14.50 14.32 16.06
N ASN A 23 13.45 13.56 16.19
CA ASN A 23 13.50 12.38 17.11
C ASN A 23 13.68 11.07 16.34
N LEU A 24 14.45 11.09 15.27
CA LEU A 24 14.67 9.84 14.46
C LEU A 24 15.39 8.76 15.26
N SER A 25 16.20 9.14 16.22
CA SER A 25 16.95 8.12 17.01
C SER A 25 15.99 7.29 17.89
N ALA A 26 14.84 7.79 18.21
CA ALA A 26 13.88 6.99 19.04
C ALA A 26 13.00 6.10 18.15
N GLY A 27 13.19 6.16 16.85
CA GLY A 27 12.37 5.34 15.91
C GLY A 27 11.65 6.33 14.97
N VAL A 28 11.62 6.05 13.69
CA VAL A 28 10.96 7.00 12.74
C VAL A 28 9.44 7.11 13.00
N GLN A 29 8.78 6.03 13.38
CA GLN A 29 7.30 6.13 13.68
C GLN A 29 7.13 7.00 14.94
N GLU A 30 8.05 6.88 15.85
CA GLU A 30 8.05 7.72 17.08
C GLU A 30 8.39 9.15 16.70
N ALA A 31 9.28 9.30 15.74
CA ALA A 31 9.69 10.66 15.27
C ALA A 31 8.49 11.38 14.65
N TRP A 32 7.75 10.72 13.80
CA TRP A 32 6.56 11.36 13.17
C TRP A 32 5.43 11.54 14.21
N ALA A 33 5.37 10.67 15.19
CA ALA A 33 4.29 10.76 16.23
C ALA A 33 4.42 12.01 17.12
N VAL A 34 5.53 12.72 17.08
CA VAL A 34 5.62 13.97 17.92
C VAL A 34 4.59 14.99 17.41
N LEU A 35 4.16 14.82 16.18
CA LEU A 35 3.12 15.74 15.60
C LEU A 35 1.77 15.48 16.30
N GLN A 36 1.64 14.37 17.01
CA GLN A 36 0.35 14.04 17.68
C GLN A 36 0.42 14.29 19.20
N GLU A 37 1.42 14.97 19.69
CA GLU A 37 1.47 15.24 21.16
C GLU A 37 0.36 16.26 21.51
N SER A 38 0.04 16.37 22.78
CA SER A 38 -1.06 17.28 23.22
C SER A 38 -0.93 18.72 22.68
N ASN A 39 0.24 19.27 22.69
CA ASN A 39 0.43 20.70 22.25
C ASN A 39 0.38 20.94 20.71
N VAL A 40 0.29 19.92 19.88
CA VAL A 40 0.27 20.22 18.40
C VAL A 40 -1.16 20.16 17.83
N PRO A 41 -1.48 21.17 17.03
CA PRO A 41 -2.83 21.25 16.40
C PRO A 41 -3.00 20.19 15.30
N ASP A 42 -4.22 19.90 14.95
CA ASP A 42 -4.51 18.86 13.91
C ASP A 42 -3.88 19.19 12.55
N LEU A 43 -3.69 20.45 12.23
CA LEU A 43 -3.11 20.81 10.90
C LEU A 43 -2.04 21.90 11.08
N VAL A 44 -0.79 21.53 10.87
CA VAL A 44 0.32 22.52 11.06
C VAL A 44 1.02 22.87 9.75
N TRP A 45 1.82 23.92 9.79
CA TRP A 45 2.60 24.33 8.60
C TRP A 45 4.10 24.28 8.93
N THR A 46 4.85 23.51 8.19
CA THR A 46 6.33 23.44 8.44
C THR A 46 7.08 24.26 7.39
N ARG A 47 8.06 25.02 7.79
CA ARG A 47 8.85 25.84 6.81
C ARG A 47 9.98 24.99 6.20
N CYS A 48 10.06 23.74 6.59
CA CYS A 48 11.12 22.83 6.04
C CYS A 48 10.73 22.34 4.64
N ASN A 49 11.72 21.97 3.86
CA ASN A 49 11.47 21.43 2.47
C ASN A 49 10.58 22.35 1.62
N GLY A 50 10.78 23.64 1.68
CA GLY A 50 9.97 24.58 0.83
C GLY A 50 8.71 25.08 1.55
N GLY A 51 8.24 24.38 2.56
CA GLY A 51 7.02 24.86 3.29
C GLY A 51 5.78 24.11 2.79
N HIS A 52 5.06 23.50 3.70
CA HIS A 52 3.81 22.77 3.31
C HIS A 52 2.99 22.37 4.55
N TRP A 53 1.73 22.08 4.35
CA TRP A 53 0.85 21.68 5.51
C TRP A 53 1.06 20.21 5.91
N ILE A 54 0.69 19.86 7.13
CA ILE A 54 0.79 18.43 7.58
C ILE A 54 -0.44 18.04 8.42
N ALA A 55 -1.29 17.20 7.90
CA ALA A 55 -2.46 16.75 8.71
C ALA A 55 -1.93 15.70 9.71
N THR A 56 -2.04 15.96 10.99
CA THR A 56 -1.47 15.01 12.00
C THR A 56 -2.47 13.98 12.54
N ARG A 57 -3.74 14.10 12.24
CA ARG A 57 -4.71 13.08 12.78
C ARG A 57 -5.35 12.29 11.65
N GLY A 58 -5.77 11.07 11.95
CA GLY A 58 -6.38 10.19 10.91
C GLY A 58 -7.66 10.80 10.32
N GLN A 59 -8.48 11.45 11.12
CA GLN A 59 -9.73 12.06 10.57
C GLN A 59 -9.40 13.03 9.44
N LEU A 60 -8.41 13.88 9.62
CA LEU A 60 -8.04 14.86 8.56
C LEU A 60 -7.38 14.16 7.37
N ILE A 61 -6.52 13.20 7.62
CA ILE A 61 -5.84 12.48 6.49
C ILE A 61 -6.85 11.69 5.66
N ARG A 62 -7.78 11.01 6.29
CA ARG A 62 -8.81 10.23 5.53
C ARG A 62 -9.70 11.19 4.73
N GLU A 63 -10.16 12.23 5.37
CA GLU A 63 -11.06 13.22 4.70
C GLU A 63 -10.37 13.87 3.49
N ALA A 64 -9.11 14.21 3.61
CA ALA A 64 -8.38 14.86 2.48
C ALA A 64 -8.17 13.88 1.32
N TYR A 65 -7.89 12.63 1.61
CA TYR A 65 -7.68 11.62 0.51
C TYR A 65 -9.01 11.26 -0.18
N GLU A 66 -10.11 11.46 0.52
CA GLU A 66 -11.45 11.15 -0.07
C GLU A 66 -11.89 12.28 -1.01
N ASP A 67 -11.58 13.50 -0.64
CA ASP A 67 -11.97 14.67 -1.46
C ASP A 67 -10.88 15.01 -2.47
N TYR A 68 -10.92 14.40 -3.63
CA TYR A 68 -9.88 14.72 -4.65
C TYR A 68 -10.23 16.02 -5.41
N ARG A 69 -11.42 16.54 -5.22
CA ARG A 69 -11.78 17.83 -5.91
C ARG A 69 -11.00 18.99 -5.29
N HIS A 70 -10.71 18.90 -4.01
CA HIS A 70 -9.93 19.99 -3.34
C HIS A 70 -8.46 19.57 -3.24
N PHE A 71 -8.20 18.33 -2.87
CA PHE A 71 -6.80 17.83 -2.75
C PHE A 71 -6.46 16.99 -3.99
N SER A 72 -5.66 17.53 -4.86
CA SER A 72 -5.34 16.82 -6.14
C SER A 72 -4.04 15.99 -6.05
N SER A 73 -3.97 14.92 -6.83
CA SER A 73 -2.74 14.07 -6.84
C SER A 73 -1.76 14.53 -7.93
N GLU A 74 -2.09 15.57 -8.65
CA GLU A 74 -1.17 16.07 -9.71
C GLU A 74 0.24 16.34 -9.11
N CYS A 75 0.31 16.89 -7.90
CA CYS A 75 1.67 17.17 -7.26
C CYS A 75 1.76 16.57 -5.80
N PRO A 76 2.07 15.28 -5.76
CA PRO A 76 2.11 14.44 -4.47
C PRO A 76 3.43 14.24 -3.64
N PHE A 77 4.58 14.68 -4.08
CA PHE A 77 5.86 14.51 -3.27
C PHE A 77 6.14 15.90 -2.57
N ILE A 78 7.20 16.14 -1.72
CA ILE A 78 7.25 17.53 -1.03
C ILE A 78 8.44 18.54 -1.18
N PRO A 79 9.35 18.39 -2.11
CA PRO A 79 10.28 19.52 -2.47
C PRO A 79 9.43 20.08 -3.60
N ARG A 80 8.77 21.24 -3.48
CA ARG A 80 7.76 21.52 -4.55
C ARG A 80 8.20 21.04 -5.93
N GLU A 81 9.47 20.96 -6.21
CA GLU A 81 9.95 20.46 -7.53
C GLU A 81 9.81 18.91 -7.75
N ALA A 82 9.81 18.06 -6.74
CA ALA A 82 9.65 16.57 -7.03
C ALA A 82 8.20 16.25 -7.36
N GLY A 83 7.30 16.95 -6.71
CA GLY A 83 5.84 16.74 -6.94
C GLY A 83 5.49 17.20 -8.36
N GLU A 84 6.11 18.26 -8.84
CA GLU A 84 5.82 18.77 -10.22
C GLU A 84 6.41 17.82 -11.26
N ALA A 85 7.53 17.22 -10.98
CA ALA A 85 8.14 16.27 -11.96
C ALA A 85 7.45 14.88 -11.90
N TYR A 86 6.79 14.57 -10.79
CA TYR A 86 6.13 13.23 -10.62
C TYR A 86 4.98 12.98 -11.65
N ASP A 87 5.07 11.89 -12.42
CA ASP A 87 4.01 11.57 -13.45
C ASP A 87 3.86 10.06 -13.74
N PHE A 88 3.95 9.26 -12.69
CA PHE A 88 3.71 7.77 -12.81
C PHE A 88 2.20 7.61 -13.28
N ILE A 89 1.50 6.45 -13.45
CA ILE A 89 0.05 6.65 -14.03
C ILE A 89 -1.26 6.14 -13.36
N PRO A 90 -1.30 5.69 -12.13
CA PRO A 90 -2.64 5.55 -11.47
C PRO A 90 -2.61 6.46 -10.23
N THR A 91 -1.69 7.44 -10.23
CA THR A 91 -1.43 8.31 -9.05
C THR A 91 -1.29 9.80 -9.37
N SER A 92 -0.58 10.20 -10.41
CA SER A 92 -0.48 11.69 -10.64
C SER A 92 -1.80 12.21 -11.30
N MET A 93 -2.88 11.39 -11.29
CA MET A 93 -4.19 11.75 -11.96
C MET A 93 -5.42 11.88 -10.98
N ASP A 94 -6.36 12.80 -11.24
CA ASP A 94 -7.61 12.83 -10.38
C ASP A 94 -8.68 11.96 -11.14
N PRO A 95 -9.50 11.23 -10.38
CA PRO A 95 -10.28 10.03 -10.89
C PRO A 95 -11.47 9.95 -11.91
N PRO A 96 -11.72 10.87 -12.83
CA PRO A 96 -12.71 10.50 -13.85
C PRO A 96 -11.81 9.61 -14.75
N GLU A 97 -10.74 10.23 -15.14
CA GLU A 97 -9.59 9.66 -15.90
C GLU A 97 -8.72 8.57 -15.18
N GLN A 98 -8.25 8.84 -13.94
CA GLN A 98 -7.28 7.84 -13.27
C GLN A 98 -7.80 6.39 -13.25
N ARG A 99 -9.08 6.23 -13.05
CA ARG A 99 -9.70 4.87 -12.98
C ARG A 99 -9.32 3.91 -14.12
N GLN A 100 -9.33 4.34 -15.37
CA GLN A 100 -9.03 3.37 -16.50
C GLN A 100 -7.61 2.78 -16.42
N PHE A 101 -6.68 3.42 -15.76
CA PHE A 101 -5.29 2.83 -15.69
C PHE A 101 -5.14 1.82 -14.53
N ARG A 102 -6.02 1.85 -13.57
CA ARG A 102 -5.91 0.90 -12.42
C ARG A 102 -6.18 -0.55 -12.84
N ALA A 103 -7.06 -0.76 -13.81
CA ALA A 103 -7.37 -2.15 -14.25
C ALA A 103 -6.14 -2.78 -14.93
N LEU A 104 -5.42 -2.01 -15.71
CA LEU A 104 -4.21 -2.57 -16.40
C LEU A 104 -3.12 -2.88 -15.37
N ALA A 105 -2.97 -2.03 -14.39
CA ALA A 105 -1.94 -2.28 -13.33
C ALA A 105 -2.36 -3.48 -12.47
N ASN A 106 -3.65 -3.68 -12.31
CA ASN A 106 -4.13 -4.83 -11.51
C ASN A 106 -3.74 -6.15 -12.21
N GLN A 107 -3.69 -6.13 -13.53
CA GLN A 107 -3.33 -7.36 -14.31
C GLN A 107 -1.91 -7.82 -14.00
N VAL A 108 -1.01 -6.91 -13.68
CA VAL A 108 0.41 -7.31 -13.43
C VAL A 108 0.81 -7.33 -11.94
N VAL A 109 0.09 -6.69 -11.04
CA VAL A 109 0.51 -6.80 -9.58
C VAL A 109 -0.68 -7.11 -8.68
N GLY A 110 -1.84 -7.34 -9.23
CA GLY A 110 -3.03 -7.64 -8.39
C GLY A 110 -3.03 -9.12 -7.98
N MET A 111 -4.16 -9.61 -7.52
CA MET A 111 -4.26 -11.05 -7.10
C MET A 111 -3.99 -12.04 -8.22
N PRO A 112 -4.40 -11.75 -9.44
CA PRO A 112 -4.18 -12.71 -10.55
C PRO A 112 -2.67 -12.95 -10.78
N VAL A 113 -1.81 -12.00 -10.44
CA VAL A 113 -0.33 -12.26 -10.62
C VAL A 113 0.20 -12.90 -9.33
N VAL A 114 -0.44 -12.64 -8.19
CA VAL A 114 0.02 -13.27 -6.92
C VAL A 114 -0.22 -14.78 -7.04
N ASP A 115 -1.27 -15.15 -7.74
CA ASP A 115 -1.56 -16.60 -7.94
C ASP A 115 -0.56 -17.20 -8.92
N LYS A 116 -0.17 -16.44 -9.90
CA LYS A 116 0.85 -16.94 -10.88
C LYS A 116 2.20 -17.12 -10.17
N LEU A 117 2.50 -16.24 -9.23
CA LEU A 117 3.83 -16.28 -8.52
C LEU A 117 3.76 -17.02 -7.17
N GLU A 118 2.63 -17.60 -6.80
CA GLU A 118 2.56 -18.29 -5.45
C GLU A 118 3.73 -19.27 -5.24
N ASN A 119 3.98 -20.15 -6.18
CA ASN A 119 5.07 -21.15 -6.00
C ASN A 119 6.46 -20.49 -5.89
N ARG A 120 6.80 -19.60 -6.79
CA ARG A 120 8.16 -18.94 -6.72
C ARG A 120 8.31 -18.09 -5.45
N ILE A 121 7.26 -17.44 -4.98
CA ILE A 121 7.39 -16.61 -3.73
C ILE A 121 7.69 -17.52 -2.55
N GLN A 122 7.01 -18.64 -2.47
CA GLN A 122 7.23 -19.59 -1.34
C GLN A 122 8.61 -20.25 -1.47
N GLU A 123 8.99 -20.62 -2.67
CA GLU A 123 10.32 -21.28 -2.87
C GLU A 123 11.48 -20.33 -2.54
N LEU A 124 11.42 -19.09 -2.99
CA LEU A 124 12.55 -18.15 -2.71
C LEU A 124 12.64 -17.84 -1.22
N ALA A 125 11.52 -17.66 -0.56
CA ALA A 125 11.55 -17.35 0.90
C ALA A 125 12.20 -18.52 1.66
N CYS A 126 11.81 -19.72 1.34
CA CYS A 126 12.39 -20.91 2.02
C CYS A 126 13.86 -21.10 1.65
N SER A 127 14.22 -20.88 0.40
CA SER A 127 15.64 -21.05 -0.03
C SER A 127 16.55 -20.00 0.62
N LEU A 128 16.14 -18.74 0.61
CA LEU A 128 16.98 -17.67 1.24
C LEU A 128 17.15 -17.91 2.74
N ILE A 129 16.09 -18.29 3.42
CA ILE A 129 16.18 -18.52 4.91
C ILE A 129 16.96 -19.80 5.24
N GLU A 130 16.78 -20.86 4.48
CA GLU A 130 17.53 -22.13 4.79
C GLU A 130 19.03 -21.89 4.59
N SER A 131 19.39 -21.07 3.64
CA SER A 131 20.84 -20.78 3.40
C SER A 131 21.41 -19.96 4.58
N LEU A 132 20.59 -19.13 5.19
CA LEU A 132 21.08 -18.31 6.34
C LEU A 132 21.00 -19.09 7.67
N ARG A 133 20.06 -19.99 7.78
CA ARG A 133 19.83 -20.74 9.08
C ARG A 133 21.11 -21.22 9.79
N PRO A 134 21.97 -21.95 9.11
CA PRO A 134 23.18 -22.51 9.76
C PRO A 134 24.25 -21.45 10.07
N GLN A 135 24.09 -20.23 9.61
CA GLN A 135 25.13 -19.19 9.90
C GLN A 135 24.99 -18.67 11.33
N GLY A 136 23.79 -18.59 11.84
CA GLY A 136 23.58 -18.08 13.22
C GLY A 136 23.57 -16.55 13.21
N GLN A 137 23.58 -15.93 12.06
CA GLN A 137 23.59 -14.44 12.00
C GLN A 137 23.39 -13.96 10.55
N CYS A 138 23.03 -12.71 10.36
CA CYS A 138 22.82 -12.20 8.97
C CYS A 138 22.46 -10.71 8.95
N ASN A 139 22.79 -10.03 7.88
CA ASN A 139 22.41 -8.59 7.74
C ASN A 139 21.05 -8.58 7.02
N PHE A 140 20.00 -8.71 7.79
CA PHE A 140 18.62 -8.83 7.23
C PHE A 140 18.30 -7.88 6.07
N THR A 141 18.71 -6.64 6.12
CA THR A 141 18.35 -5.72 4.98
C THR A 141 18.98 -6.16 3.66
N GLU A 142 20.20 -6.65 3.69
CA GLU A 142 20.87 -7.06 2.42
C GLU A 142 20.71 -8.57 2.17
N ASP A 143 20.54 -9.36 3.19
CA ASP A 143 20.43 -10.83 2.96
C ASP A 143 19.00 -11.31 2.68
N TYR A 144 17.98 -10.56 3.06
CA TYR A 144 16.59 -11.06 2.77
C TYR A 144 15.62 -9.92 2.41
N ALA A 145 15.53 -8.88 3.21
CA ALA A 145 14.56 -7.77 2.94
C ALA A 145 14.66 -7.23 1.51
N GLU A 146 15.84 -7.18 0.95
CA GLU A 146 16.00 -6.62 -0.44
C GLU A 146 15.86 -7.70 -1.52
N PRO A 147 16.64 -8.76 -1.42
CA PRO A 147 16.60 -9.84 -2.45
C PRO A 147 15.27 -10.60 -2.54
N PHE A 148 14.58 -10.85 -1.45
CA PHE A 148 13.30 -11.64 -1.56
C PHE A 148 12.23 -10.94 -2.41
N PRO A 149 11.83 -9.75 -2.01
CA PRO A 149 10.77 -9.05 -2.78
C PRO A 149 11.31 -8.36 -4.06
N ILE A 150 12.61 -8.10 -4.17
CA ILE A 150 13.12 -7.43 -5.43
C ILE A 150 13.35 -8.52 -6.49
N ARG A 151 13.83 -9.67 -6.10
CA ARG A 151 14.04 -10.76 -7.10
C ARG A 151 12.69 -11.24 -7.62
N ILE A 152 11.67 -11.27 -6.79
CA ILE A 152 10.32 -11.70 -7.28
C ILE A 152 9.78 -10.66 -8.26
N PHE A 153 10.03 -9.38 -8.02
CA PHE A 153 9.53 -8.36 -8.97
C PHE A 153 10.31 -8.43 -10.28
N MET A 154 11.62 -8.58 -10.20
CA MET A 154 12.43 -8.68 -11.46
C MET A 154 11.97 -9.90 -12.26
N LEU A 155 11.55 -10.95 -11.57
CA LEU A 155 11.03 -12.17 -12.27
C LEU A 155 9.67 -11.82 -12.90
N LEU A 156 8.87 -11.10 -12.15
CA LEU A 156 7.51 -10.68 -12.64
C LEU A 156 7.65 -9.67 -13.79
N ALA A 157 8.71 -8.87 -13.80
CA ALA A 157 8.87 -7.86 -14.89
C ALA A 157 9.77 -8.38 -16.01
N GLY A 158 10.33 -9.56 -15.87
CA GLY A 158 11.21 -10.11 -16.93
C GLY A 158 12.51 -9.31 -17.04
N LEU A 159 13.03 -8.83 -15.93
CA LEU A 159 14.32 -8.06 -15.97
C LEU A 159 15.43 -8.89 -15.31
N PRO A 160 16.64 -8.76 -15.83
CA PRO A 160 17.77 -9.55 -15.28
C PRO A 160 18.21 -9.00 -13.91
N GLU A 161 18.47 -9.89 -12.98
CA GLU A 161 18.87 -9.47 -11.59
C GLU A 161 20.15 -8.62 -11.55
N GLU A 162 20.95 -8.68 -12.58
CA GLU A 162 22.22 -7.87 -12.59
C GLU A 162 21.89 -6.37 -12.63
N ASP A 163 20.67 -6.01 -12.92
CA ASP A 163 20.28 -4.57 -12.99
C ASP A 163 19.68 -4.08 -11.66
N ILE A 164 19.65 -4.91 -10.65
CA ILE A 164 19.01 -4.51 -9.35
C ILE A 164 19.75 -3.36 -8.65
N PRO A 165 21.07 -3.41 -8.59
CA PRO A 165 21.79 -2.33 -7.89
C PRO A 165 21.75 -1.01 -8.69
N HIS A 166 21.38 -1.03 -9.96
CA HIS A 166 21.27 0.28 -10.72
C HIS A 166 19.87 0.82 -10.47
N LEU A 167 18.89 -0.05 -10.57
CA LEU A 167 17.48 0.37 -10.34
C LEU A 167 17.24 0.70 -8.86
N LYS A 168 17.64 -0.17 -7.95
CA LYS A 168 17.42 0.11 -6.49
C LYS A 168 18.02 1.46 -6.10
N TYR A 169 19.08 1.88 -6.77
CA TYR A 169 19.67 3.21 -6.44
C TYR A 169 18.75 4.33 -6.96
N LEU A 170 18.29 4.23 -8.19
CA LEU A 170 17.38 5.30 -8.73
C LEU A 170 16.10 5.41 -7.88
N THR A 171 15.45 4.29 -7.62
CA THR A 171 14.18 4.32 -6.80
C THR A 171 14.42 4.94 -5.42
N ASP A 172 15.54 4.65 -4.81
CA ASP A 172 15.81 5.20 -3.44
C ASP A 172 16.03 6.72 -3.49
N GLN A 173 16.50 7.25 -4.61
CA GLN A 173 16.70 8.74 -4.71
C GLN A 173 15.33 9.45 -4.81
N MET A 174 14.30 8.73 -5.20
CA MET A 174 12.95 9.36 -5.32
C MET A 174 12.21 9.32 -3.98
N THR A 175 12.62 8.47 -3.07
CA THR A 175 11.94 8.40 -1.75
C THR A 175 12.87 8.93 -0.65
N ARG A 176 14.11 8.48 -0.65
CA ARG A 176 15.09 8.98 0.37
C ARG A 176 16.35 9.44 -0.37
N PRO A 177 16.27 10.59 -0.99
CA PRO A 177 17.41 11.15 -1.77
C PRO A 177 18.61 11.48 -0.87
N ASP A 178 19.78 11.05 -1.27
CA ASP A 178 21.00 11.36 -0.48
C ASP A 178 21.62 12.71 -0.93
N GLY A 179 21.10 13.32 -1.99
CA GLY A 179 21.65 14.63 -2.43
C GLY A 179 22.34 14.56 -3.81
N SER A 180 22.72 13.40 -4.28
CA SER A 180 23.42 13.32 -5.61
C SER A 180 22.44 13.46 -6.80
N MET A 181 21.18 13.14 -6.62
CA MET A 181 20.23 13.26 -7.76
C MET A 181 18.91 13.92 -7.34
N THR A 182 18.35 14.74 -8.19
CA THR A 182 17.01 15.34 -7.86
C THR A 182 15.95 14.29 -8.18
N PHE A 183 14.72 14.52 -7.82
CA PHE A 183 13.68 13.50 -8.14
C PHE A 183 13.53 13.39 -9.67
N ALA A 184 13.58 14.51 -10.35
CA ALA A 184 13.44 14.52 -11.84
C ALA A 184 14.60 13.76 -12.52
N GLU A 185 15.81 13.93 -12.05
CA GLU A 185 16.97 13.22 -12.68
C GLU A 185 16.84 11.71 -12.46
N ALA A 186 16.43 11.31 -11.28
CA ALA A 186 16.26 9.85 -11.00
C ALA A 186 15.09 9.30 -11.79
N LYS A 187 14.03 10.06 -11.92
CA LYS A 187 12.85 9.58 -12.68
C LYS A 187 13.18 9.46 -14.17
N GLU A 188 13.91 10.42 -14.71
CA GLU A 188 14.27 10.35 -16.15
C GLU A 188 15.25 9.21 -16.38
N ALA A 189 16.12 8.95 -15.45
CA ALA A 189 17.08 7.82 -15.61
C ALA A 189 16.31 6.50 -15.58
N LEU A 190 15.26 6.42 -14.77
CA LEU A 190 14.44 5.17 -14.72
C LEU A 190 13.68 5.02 -16.05
N TYR A 191 13.22 6.13 -16.60
CA TYR A 191 12.51 6.10 -17.91
C TYR A 191 13.50 5.70 -19.01
N ASP A 192 14.71 6.23 -18.92
CA ASP A 192 15.77 5.89 -19.93
C ASP A 192 16.01 4.38 -19.97
N TYR A 193 15.91 3.74 -18.82
CA TYR A 193 16.13 2.26 -18.75
C TYR A 193 14.92 1.51 -19.33
N LEU A 194 13.73 2.03 -19.14
CA LEU A 194 12.49 1.35 -19.62
C LEU A 194 12.14 1.63 -21.10
N ILE A 195 12.50 2.79 -21.62
CA ILE A 195 12.09 3.14 -23.04
C ILE A 195 12.42 2.06 -24.08
N PRO A 196 13.67 1.65 -24.18
CA PRO A 196 14.03 0.63 -25.21
C PRO A 196 13.43 -0.75 -24.85
N ILE A 197 13.17 -1.03 -23.60
CA ILE A 197 12.58 -2.36 -23.23
C ILE A 197 11.08 -2.37 -23.58
N ILE A 198 10.41 -1.25 -23.47
CA ILE A 198 8.94 -1.20 -23.79
C ILE A 198 8.74 -1.30 -25.32
N GLU A 199 9.61 -0.71 -26.10
CA GLU A 199 9.46 -0.79 -27.58
C GLU A 199 9.76 -2.21 -28.06
N GLN A 200 10.73 -2.85 -27.47
CA GLN A 200 11.04 -4.24 -27.88
C GLN A 200 9.87 -5.15 -27.53
N ARG A 201 9.31 -4.97 -26.36
CA ARG A 201 8.17 -5.83 -25.93
C ARG A 201 6.88 -5.42 -26.63
N ARG A 202 6.85 -4.28 -27.27
CA ARG A 202 5.63 -3.91 -28.05
C ARG A 202 5.75 -4.56 -29.44
N GLN A 203 6.97 -4.81 -29.88
CA GLN A 203 7.20 -5.47 -31.20
C GLN A 203 7.05 -7.00 -31.00
N LYS A 204 7.69 -7.52 -29.97
CA LYS A 204 7.56 -8.96 -29.61
C LYS A 204 6.98 -9.01 -28.19
N PRO A 205 5.67 -8.99 -28.08
CA PRO A 205 5.05 -8.99 -26.74
C PRO A 205 5.13 -10.37 -26.06
N GLY A 206 5.64 -10.45 -24.84
CA GLY A 206 5.75 -11.79 -24.16
C GLY A 206 4.77 -11.95 -22.98
N THR A 207 5.25 -12.54 -21.89
CA THR A 207 4.37 -12.79 -20.68
C THR A 207 4.74 -11.91 -19.46
N ASP A 208 5.85 -11.21 -19.49
CA ASP A 208 6.23 -10.38 -18.30
C ASP A 208 5.30 -9.16 -18.11
N ALA A 209 5.40 -8.53 -16.96
CA ALA A 209 4.53 -7.34 -16.64
C ALA A 209 4.75 -6.17 -17.60
N ILE A 210 5.96 -5.90 -18.01
CA ILE A 210 6.20 -4.75 -18.94
C ILE A 210 5.56 -5.04 -20.31
N SER A 211 5.56 -6.29 -20.72
CA SER A 211 4.91 -6.62 -22.02
C SER A 211 3.40 -6.41 -21.90
N ILE A 212 2.82 -6.85 -20.81
CA ILE A 212 1.34 -6.70 -20.60
C ILE A 212 0.95 -5.21 -20.49
N VAL A 213 1.74 -4.41 -19.82
CA VAL A 213 1.39 -2.95 -19.71
C VAL A 213 1.61 -2.25 -21.06
N ALA A 214 2.73 -2.52 -21.69
CA ALA A 214 3.04 -1.86 -23.00
C ALA A 214 2.02 -2.27 -24.08
N ASN A 215 1.48 -3.46 -24.00
CA ASN A 215 0.49 -3.91 -25.02
C ASN A 215 -0.93 -3.92 -24.43
N GLY A 216 -1.12 -3.35 -23.25
CA GLY A 216 -2.47 -3.37 -22.60
C GLY A 216 -3.42 -2.31 -23.16
N GLN A 217 -4.67 -2.39 -22.77
CA GLN A 217 -5.70 -1.42 -23.25
C GLN A 217 -6.34 -0.74 -22.04
N VAL A 218 -6.71 0.51 -22.15
CA VAL A 218 -7.39 1.18 -21.00
C VAL A 218 -8.79 1.61 -21.42
N ASN A 219 -9.77 0.90 -20.93
CA ASN A 219 -11.20 1.18 -21.26
C ASN A 219 -11.47 1.02 -22.77
N GLY A 220 -10.93 -0.02 -23.37
CA GLY A 220 -11.23 -0.31 -24.82
C GLY A 220 -10.21 0.26 -25.81
N ARG A 221 -9.28 1.10 -25.40
CA ARG A 221 -8.31 1.63 -26.41
C ARG A 221 -6.86 1.27 -25.99
N PRO A 222 -5.98 1.21 -26.95
CA PRO A 222 -4.56 0.80 -26.69
C PRO A 222 -3.72 1.91 -26.07
N ILE A 223 -3.01 1.57 -25.02
CA ILE A 223 -2.13 2.54 -24.29
C ILE A 223 -0.96 3.05 -25.17
N THR A 224 -0.53 4.26 -24.93
CA THR A 224 0.62 4.84 -25.71
C THR A 224 1.94 4.45 -25.06
N SER A 225 3.02 4.55 -25.80
CA SER A 225 4.36 4.20 -25.22
C SER A 225 4.66 5.09 -24.01
N ASP A 226 4.22 6.33 -24.06
CA ASP A 226 4.45 7.28 -22.91
C ASP A 226 3.68 6.81 -21.68
N GLU A 227 2.42 6.44 -21.85
CA GLU A 227 1.61 5.97 -20.67
C GLU A 227 2.21 4.69 -20.10
N ALA A 228 2.64 3.79 -20.95
CA ALA A 228 3.24 2.52 -20.48
C ALA A 228 4.51 2.82 -19.68
N LYS A 229 5.30 3.76 -20.16
CA LYS A 229 6.56 4.13 -19.45
C LYS A 229 6.24 4.74 -18.08
N ARG A 230 5.24 5.60 -18.03
CA ARG A 230 4.86 6.25 -16.73
C ARG A 230 4.26 5.22 -15.76
N MET A 231 3.63 4.18 -16.26
CA MET A 231 3.07 3.15 -15.34
C MET A 231 4.17 2.17 -14.92
N CYS A 232 5.00 1.76 -15.86
CA CYS A 232 6.11 0.80 -15.53
C CYS A 232 7.06 1.43 -14.50
N GLY A 233 7.30 2.72 -14.62
CA GLY A 233 8.19 3.42 -13.66
C GLY A 233 7.61 3.30 -12.25
N LEU A 234 6.31 3.47 -12.12
CA LEU A 234 5.66 3.36 -10.78
C LEU A 234 5.75 1.93 -10.26
N LEU A 235 5.59 0.94 -11.11
CA LEU A 235 5.67 -0.48 -10.65
C LEU A 235 7.10 -0.80 -10.15
N LEU A 236 8.10 -0.27 -10.81
CA LEU A 236 9.50 -0.54 -10.38
C LEU A 236 9.76 0.04 -8.98
N VAL A 237 9.30 1.24 -8.72
CA VAL A 237 9.50 1.85 -7.37
C VAL A 237 8.71 1.06 -6.32
N GLY A 238 7.49 0.70 -6.64
CA GLY A 238 6.65 -0.06 -5.69
C GLY A 238 7.24 -1.46 -5.45
N GLY A 239 7.85 -2.04 -6.44
CA GLY A 239 8.43 -3.39 -6.27
C GLY A 239 9.83 -3.34 -5.62
N LEU A 240 10.51 -2.22 -5.68
CA LEU A 240 11.89 -2.16 -5.10
C LEU A 240 11.98 -1.34 -3.80
N ASP A 241 10.96 -0.59 -3.40
CA ASP A 241 11.13 0.21 -2.15
C ASP A 241 9.87 0.28 -1.25
N THR A 242 9.14 -0.79 -1.10
CA THR A 242 7.95 -0.74 -0.18
C THR A 242 8.03 -1.93 0.79
N VAL A 243 7.80 -3.13 0.31
CA VAL A 243 7.88 -4.33 1.20
C VAL A 243 9.33 -4.49 1.70
N VAL A 244 10.29 -4.13 0.87
CA VAL A 244 11.73 -4.23 1.28
C VAL A 244 11.95 -3.51 2.61
N ASN A 245 11.40 -2.34 2.77
CA ASN A 245 11.58 -1.58 4.05
C ASN A 245 10.67 -2.12 5.16
N PHE A 246 9.43 -2.42 4.86
CA PHE A 246 8.49 -2.93 5.93
C PHE A 246 8.99 -4.26 6.53
N LEU A 247 9.55 -5.15 5.73
CA LEU A 247 10.03 -6.45 6.29
C LEU A 247 11.06 -6.20 7.42
N SER A 248 11.91 -5.20 7.25
CA SER A 248 12.94 -4.90 8.28
C SER A 248 12.30 -4.32 9.56
N PHE A 249 11.31 -3.45 9.42
CA PHE A 249 10.64 -2.89 10.66
C PHE A 249 9.99 -4.03 11.44
N SER A 250 9.36 -4.94 10.72
CA SER A 250 8.67 -6.11 11.36
C SER A 250 9.67 -7.06 12.01
N MET A 251 10.72 -7.43 11.30
CA MET A 251 11.72 -8.39 11.90
C MET A 251 12.47 -7.72 13.04
N GLU A 252 12.70 -6.42 12.98
CA GLU A 252 13.39 -5.73 14.11
C GLU A 252 12.51 -5.82 15.36
N PHE A 253 11.22 -5.67 15.19
CA PHE A 253 10.29 -5.76 16.34
C PHE A 253 10.27 -7.21 16.88
N LEU A 254 10.10 -8.18 16.01
CA LEU A 254 10.08 -9.60 16.49
C LEU A 254 11.39 -9.95 17.19
N ALA A 255 12.49 -9.47 16.67
CA ALA A 255 13.81 -9.74 17.32
C ALA A 255 13.86 -9.11 18.71
N LYS A 256 13.17 -8.01 18.91
CA LYS A 256 13.19 -7.32 20.24
C LYS A 256 12.02 -7.76 21.14
N SER A 257 11.18 -8.64 20.67
CA SER A 257 10.03 -9.10 21.49
C SER A 257 9.84 -10.60 21.33
N PRO A 258 10.41 -11.35 22.25
CA PRO A 258 10.28 -12.82 22.20
C PRO A 258 8.88 -13.30 22.62
N GLU A 259 8.04 -12.44 23.20
CA GLU A 259 6.66 -12.89 23.59
C GLU A 259 5.82 -12.91 22.31
N HIS A 260 6.08 -11.99 21.42
CA HIS A 260 5.35 -11.93 20.12
C HIS A 260 5.84 -13.08 19.23
N ARG A 261 7.11 -13.42 19.30
CA ARG A 261 7.63 -14.56 18.48
C ARG A 261 6.92 -15.84 18.93
N GLN A 262 6.77 -16.00 20.23
CA GLN A 262 6.09 -17.21 20.78
C GLN A 262 4.61 -17.25 20.34
N GLU A 263 3.95 -16.11 20.35
CA GLU A 263 2.50 -16.07 19.97
C GLU A 263 2.31 -16.59 18.53
N LEU A 264 3.18 -16.25 17.63
CA LEU A 264 3.02 -16.72 16.21
C LEU A 264 3.53 -18.15 16.05
N ILE A 265 4.51 -18.56 16.83
CA ILE A 265 5.02 -19.97 16.73
C ILE A 265 3.98 -20.93 17.30
N GLN A 266 3.33 -20.54 18.39
CA GLN A 266 2.29 -21.40 19.00
C GLN A 266 1.04 -21.43 18.11
N ARG A 267 0.69 -20.30 17.53
CA ARG A 267 -0.53 -20.25 16.66
C ARG A 267 -0.20 -19.53 15.34
N PRO A 268 0.34 -20.28 14.41
CA PRO A 268 0.72 -19.73 13.08
C PRO A 268 -0.47 -19.19 12.29
N GLU A 269 -1.68 -19.61 12.60
CA GLU A 269 -2.85 -19.08 11.84
C GLU A 269 -3.16 -17.63 12.26
N ARG A 270 -2.42 -17.07 13.20
CA ARG A 270 -2.63 -15.65 13.62
C ARG A 270 -1.68 -14.72 12.84
N ILE A 271 -0.83 -15.27 12.01
CA ILE A 271 0.17 -14.45 11.27
C ILE A 271 -0.47 -13.41 10.34
N PRO A 272 -1.53 -13.76 9.64
CA PRO A 272 -2.13 -12.74 8.77
C PRO A 272 -2.89 -11.69 9.61
N ALA A 273 -3.21 -11.98 10.87
CA ALA A 273 -3.86 -10.92 11.72
C ALA A 273 -2.72 -10.08 12.29
N ALA A 274 -1.62 -10.74 12.58
CA ALA A 274 -0.40 -10.05 13.11
C ALA A 274 0.20 -9.16 12.02
N CYS A 275 0.15 -9.61 10.78
CA CYS A 275 0.70 -8.81 9.65
C CYS A 275 -0.04 -7.47 9.54
N GLU A 276 -1.34 -7.49 9.74
CA GLU A 276 -2.14 -6.24 9.67
C GLU A 276 -1.77 -5.33 10.84
N GLU A 277 -1.60 -5.89 12.03
CA GLU A 277 -1.24 -5.04 13.20
C GLU A 277 0.17 -4.47 13.01
N LEU A 278 1.05 -5.22 12.39
CA LEU A 278 2.42 -4.69 12.14
C LEU A 278 2.34 -3.62 11.05
N LEU A 279 1.47 -3.79 10.09
CA LEU A 279 1.30 -2.76 9.02
C LEU A 279 0.81 -1.46 9.66
N ARG A 280 0.09 -1.54 10.75
CA ARG A 280 -0.42 -0.30 11.44
C ARG A 280 0.69 0.32 12.30
N ARG A 281 1.29 -0.46 13.17
CA ARG A 281 2.35 0.11 14.06
C ARG A 281 3.58 0.53 13.26
N PHE A 282 3.98 -0.24 12.28
CA PHE A 282 5.19 0.13 11.49
C PHE A 282 4.83 0.67 10.10
N SER A 283 3.75 1.42 10.01
CA SER A 283 3.39 2.02 8.68
C SER A 283 4.61 2.84 8.23
N LEU A 284 4.80 3.07 6.95
CA LEU A 284 6.03 3.81 6.53
C LEU A 284 5.86 4.67 5.28
N VAL A 285 4.66 5.04 4.89
CA VAL A 285 4.55 5.89 3.65
C VAL A 285 4.00 7.28 4.00
N ALA A 286 4.42 8.31 3.31
CA ALA A 286 3.91 9.66 3.62
C ALA A 286 4.05 10.64 2.44
N ASP A 287 3.08 10.64 1.55
CA ASP A 287 3.09 11.60 0.40
C ASP A 287 1.90 12.56 0.60
N GLY A 288 1.37 13.20 -0.42
CA GLY A 288 0.22 14.12 -0.15
C GLY A 288 -0.45 14.63 -1.42
N ARG A 289 -1.05 15.81 -1.32
CA ARG A 289 -1.79 16.40 -2.48
C ARG A 289 -1.55 17.91 -2.54
N ILE A 290 -2.10 18.55 -3.55
CA ILE A 290 -1.96 20.04 -3.65
C ILE A 290 -3.37 20.65 -3.75
N LEU A 291 -3.58 21.77 -3.11
CA LEU A 291 -4.93 22.41 -3.12
C LEU A 291 -5.28 22.89 -4.52
N THR A 292 -6.45 22.55 -5.01
CA THR A 292 -6.86 23.01 -6.37
C THR A 292 -7.42 24.44 -6.28
N SER A 293 -7.77 24.88 -5.08
CA SER A 293 -8.33 26.26 -4.91
C SER A 293 -8.32 26.66 -3.44
N ASP A 294 -8.57 27.92 -3.14
CA ASP A 294 -8.61 28.33 -1.70
C ASP A 294 -9.70 27.51 -1.00
N TYR A 295 -9.47 27.08 0.21
CA TYR A 295 -10.49 26.20 0.88
C TYR A 295 -10.27 26.14 2.40
N GLU A 296 -11.30 26.39 3.17
CA GLU A 296 -11.17 26.29 4.65
C GLU A 296 -11.37 24.84 5.07
N PHE A 297 -10.37 24.28 5.68
CA PHE A 297 -10.43 22.86 6.12
C PHE A 297 -10.15 22.76 7.62
N HIS A 298 -11.17 22.46 8.40
CA HIS A 298 -11.03 22.33 9.89
C HIS A 298 -10.58 23.65 10.54
N GLY A 299 -11.14 24.76 10.11
CA GLY A 299 -10.80 26.08 10.72
C GLY A 299 -9.53 26.69 10.12
N VAL A 300 -8.85 26.03 9.21
CA VAL A 300 -7.60 26.65 8.63
C VAL A 300 -7.80 27.02 7.16
N GLN A 301 -7.35 28.19 6.78
CA GLN A 301 -7.51 28.63 5.36
C GLN A 301 -6.36 28.11 4.50
N LEU A 302 -6.67 27.27 3.54
CA LEU A 302 -5.61 26.76 2.61
C LEU A 302 -5.67 27.60 1.33
N LYS A 303 -4.55 27.77 0.69
CA LYS A 303 -4.51 28.61 -0.54
C LYS A 303 -4.23 27.74 -1.77
N LYS A 304 -4.84 28.07 -2.88
CA LYS A 304 -4.62 27.29 -4.15
C LYS A 304 -3.13 27.14 -4.43
N GLY A 305 -2.69 25.92 -4.62
CA GLY A 305 -1.24 25.69 -4.91
C GLY A 305 -0.54 25.19 -3.65
N ASP A 306 -1.14 25.33 -2.50
CA ASP A 306 -0.49 24.86 -1.23
C ASP A 306 -0.32 23.34 -1.22
N GLN A 307 0.81 22.88 -0.75
CA GLN A 307 1.05 21.40 -0.67
C GLN A 307 0.72 20.91 0.74
N ILE A 308 0.00 19.83 0.86
CA ILE A 308 -0.30 19.31 2.22
C ILE A 308 0.11 17.85 2.31
N LEU A 309 1.02 17.56 3.20
CA LEU A 309 1.49 16.18 3.39
C LEU A 309 0.48 15.40 4.22
N LEU A 310 -0.16 14.43 3.62
CA LEU A 310 -1.13 13.56 4.36
C LEU A 310 -0.39 12.23 4.55
N PRO A 311 0.32 12.11 5.65
CA PRO A 311 1.15 10.92 5.88
C PRO A 311 0.33 9.73 6.32
N GLN A 312 0.24 8.76 5.45
CA GLN A 312 -0.54 7.51 5.72
C GLN A 312 -0.11 6.81 7.01
N MET A 313 1.12 7.01 7.43
CA MET A 313 1.64 6.34 8.67
C MET A 313 1.00 6.92 9.94
N LEU A 314 0.50 8.13 9.87
CA LEU A 314 -0.06 8.79 11.09
C LEU A 314 -1.49 8.33 11.43
N SER A 315 -2.29 7.98 10.46
CA SER A 315 -3.69 7.58 10.79
C SER A 315 -3.73 6.38 11.76
N GLY A 316 -3.00 5.34 11.49
CA GLY A 316 -3.00 4.14 12.39
C GLY A 316 -2.34 4.45 13.74
N LEU A 317 -1.40 5.37 13.77
CA LEU A 317 -0.72 5.71 15.06
C LEU A 317 -1.56 6.70 15.90
N ASP A 318 -2.62 7.23 15.34
CA ASP A 318 -3.47 8.20 16.10
C ASP A 318 -4.19 7.50 17.26
N GLU A 319 -4.04 8.02 18.46
CA GLU A 319 -4.73 7.41 19.64
C GLU A 319 -6.25 7.51 19.49
N ARG A 320 -6.72 8.52 18.79
CA ARG A 320 -8.20 8.67 18.60
C ARG A 320 -8.72 7.55 17.69
N GLU A 321 -7.83 6.91 16.96
CA GLU A 321 -8.24 5.79 16.06
C GLU A 321 -7.94 4.43 16.72
N ASN A 322 -6.87 4.34 17.47
CA ASN A 322 -6.50 3.07 18.17
C ASN A 322 -5.94 3.37 19.57
N ALA A 323 -6.52 2.81 20.60
CA ALA A 323 -6.01 3.07 21.98
C ALA A 323 -4.62 2.44 22.12
N CYS A 324 -3.73 3.06 22.87
CA CYS A 324 -2.33 2.51 23.03
C CYS A 324 -1.78 2.12 21.65
N PRO A 325 -1.70 3.11 20.79
CA PRO A 325 -1.25 2.92 19.38
C PRO A 325 0.19 2.42 19.25
N MET A 326 1.08 2.78 20.13
CA MET A 326 2.50 2.31 20.00
C MET A 326 2.66 0.86 20.50
N HIS A 327 1.67 0.31 21.15
CA HIS A 327 1.80 -1.10 21.63
C HIS A 327 1.32 -2.07 20.54
N VAL A 328 2.06 -3.12 20.29
CA VAL A 328 1.63 -4.10 19.24
C VAL A 328 0.78 -5.21 19.85
N ASP A 329 -0.46 -5.28 19.44
CA ASP A 329 -1.38 -6.33 19.96
C ASP A 329 -1.96 -7.12 18.78
N PHE A 330 -1.48 -8.32 18.55
CA PHE A 330 -1.99 -9.14 17.40
C PHE A 330 -3.50 -9.40 17.54
N SER A 331 -4.02 -9.29 18.74
CA SER A 331 -5.48 -9.53 18.95
C SER A 331 -6.28 -8.21 18.94
N ARG A 332 -5.67 -7.10 18.58
CA ARG A 332 -6.43 -5.80 18.56
C ARG A 332 -7.74 -5.97 17.79
N GLN A 333 -8.85 -5.75 18.44
CA GLN A 333 -10.16 -5.94 17.77
C GLN A 333 -10.31 -5.06 16.53
N LYS A 334 -10.11 -3.76 16.64
CA LYS A 334 -10.26 -2.89 15.42
C LYS A 334 -8.92 -2.32 14.98
N VAL A 335 -8.25 -2.97 14.07
CA VAL A 335 -6.95 -2.45 13.58
C VAL A 335 -7.22 -1.46 12.43
N SER A 336 -7.34 -0.20 12.76
CA SER A 336 -7.63 0.83 11.72
C SER A 336 -6.33 1.50 11.24
N HIS A 337 -6.18 1.63 9.94
CA HIS A 337 -4.95 2.31 9.38
C HIS A 337 -5.12 2.61 7.89
N THR A 338 -4.27 3.47 7.38
CA THR A 338 -4.29 3.84 5.94
C THR A 338 -2.91 3.52 5.32
N THR A 339 -2.20 2.59 5.89
CA THR A 339 -0.85 2.20 5.40
C THR A 339 -0.84 2.00 3.87
N PHE A 340 -1.84 1.33 3.33
CA PHE A 340 -1.88 1.11 1.84
C PHE A 340 -2.57 2.28 1.11
N GLY A 341 -2.76 3.41 1.76
CA GLY A 341 -3.40 4.59 1.12
C GLY A 341 -4.87 4.68 1.53
N HIS A 342 -5.58 5.59 0.90
CA HIS A 342 -7.03 5.77 1.21
C HIS A 342 -7.70 6.55 0.07
N GLY A 343 -8.92 6.23 -0.25
CA GLY A 343 -9.61 6.95 -1.36
C GLY A 343 -9.54 6.12 -2.65
N SER A 344 -9.46 6.79 -3.79
CA SER A 344 -9.40 6.06 -5.09
C SER A 344 -7.98 5.59 -5.43
N HIS A 345 -6.97 6.02 -4.71
CA HIS A 345 -5.57 5.57 -5.04
C HIS A 345 -5.12 4.42 -4.12
N LEU A 346 -6.05 3.65 -3.60
CA LEU A 346 -5.65 2.53 -2.69
C LEU A 346 -4.59 1.65 -3.37
N CYS A 347 -3.61 1.22 -2.62
CA CYS A 347 -2.49 0.39 -3.19
C CYS A 347 -3.01 -0.80 -3.99
N LEU A 348 -2.54 -0.92 -5.21
CA LEU A 348 -2.96 -2.06 -6.09
C LEU A 348 -2.07 -3.29 -5.80
N GLY A 349 -0.91 -3.08 -5.20
CA GLY A 349 -0.01 -4.22 -4.90
C GLY A 349 -0.07 -4.60 -3.42
N GLN A 350 -1.15 -4.29 -2.73
CA GLN A 350 -1.23 -4.67 -1.28
C GLN A 350 -1.44 -6.18 -1.13
N HIS A 351 -1.97 -6.85 -2.13
CA HIS A 351 -2.15 -8.33 -2.03
C HIS A 351 -0.79 -9.02 -2.19
N LEU A 352 0.03 -8.51 -3.10
CA LEU A 352 1.39 -9.10 -3.28
C LEU A 352 2.23 -8.77 -2.04
N ALA A 353 1.98 -7.61 -1.45
CA ALA A 353 2.74 -7.20 -0.23
C ALA A 353 2.33 -8.08 0.94
N ARG A 354 1.05 -8.24 1.19
CA ARG A 354 0.58 -9.10 2.33
C ARG A 354 1.11 -10.52 2.16
N ARG A 355 1.09 -11.04 0.96
CA ARG A 355 1.58 -12.42 0.71
C ARG A 355 3.07 -12.51 1.03
N GLU A 356 3.85 -11.55 0.58
CA GLU A 356 5.32 -11.59 0.86
C GLU A 356 5.60 -11.43 2.36
N ILE A 357 4.81 -10.63 3.05
CA ILE A 357 5.00 -10.46 4.51
C ILE A 357 4.60 -11.73 5.27
N ILE A 358 3.42 -12.24 4.98
CA ILE A 358 2.93 -13.47 5.67
C ILE A 358 3.82 -14.68 5.34
N VAL A 359 4.26 -14.83 4.11
CA VAL A 359 5.16 -15.99 3.79
C VAL A 359 6.50 -15.83 4.51
N THR A 360 6.98 -14.61 4.65
CA THR A 360 8.28 -14.39 5.35
C THR A 360 8.14 -14.71 6.84
N LEU A 361 7.11 -14.22 7.48
CA LEU A 361 6.92 -14.50 8.95
C LEU A 361 6.72 -15.99 9.21
N LYS A 362 5.91 -16.64 8.41
CA LYS A 362 5.66 -18.09 8.63
C LYS A 362 6.91 -18.94 8.34
N GLU A 363 7.56 -18.71 7.22
CA GLU A 363 8.76 -19.55 6.88
C GLU A 363 9.98 -19.18 7.73
N TRP A 364 10.08 -17.95 8.21
CA TRP A 364 11.26 -17.61 9.05
C TRP A 364 11.09 -18.22 10.45
N LEU A 365 9.93 -18.05 11.04
CA LEU A 365 9.70 -18.62 12.41
C LEU A 365 9.72 -20.16 12.38
N THR A 366 9.42 -20.75 11.24
CA THR A 366 9.45 -22.25 11.15
C THR A 366 10.91 -22.74 11.17
N ARG A 367 11.82 -22.02 10.55
CA ARG A 367 13.24 -22.46 10.53
C ARG A 367 14.02 -21.79 11.66
N ILE A 368 13.82 -20.50 11.84
CA ILE A 368 14.54 -19.76 12.91
C ILE A 368 13.52 -19.13 13.88
N PRO A 369 13.02 -19.94 14.78
CA PRO A 369 12.02 -19.48 15.77
C PRO A 369 12.61 -18.49 16.79
N ASP A 370 13.88 -18.59 17.11
CA ASP A 370 14.47 -17.65 18.11
C ASP A 370 15.63 -16.85 17.51
N PHE A 371 15.54 -15.55 17.57
CA PHE A 371 16.64 -14.68 17.07
C PHE A 371 16.58 -13.32 17.78
N SER A 372 17.70 -12.63 17.85
CA SER A 372 17.73 -11.32 18.56
C SER A 372 18.61 -10.31 17.81
N ILE A 373 18.58 -9.07 18.23
CA ILE A 373 19.46 -8.04 17.57
C ILE A 373 20.90 -8.34 17.98
N ALA A 374 21.85 -8.21 17.06
CA ALA A 374 23.27 -8.50 17.45
C ALA A 374 23.59 -7.68 18.71
N PRO A 375 24.32 -8.29 19.62
CA PRO A 375 24.65 -7.63 20.91
C PRO A 375 25.44 -6.32 20.73
N GLY A 376 24.94 -5.24 21.29
CA GLY A 376 25.67 -3.93 21.19
C GLY A 376 25.16 -3.11 19.99
N ALA A 377 24.39 -3.69 19.10
CA ALA A 377 23.92 -2.92 17.90
C ALA A 377 22.73 -2.01 18.19
N GLN A 378 22.79 -0.79 17.71
CA GLN A 378 21.67 0.18 17.88
C GLN A 378 21.05 0.42 16.49
N ILE A 379 19.87 -0.12 16.27
CA ILE A 379 19.22 0.03 14.91
C ILE A 379 18.90 1.49 14.58
N GLN A 380 19.28 1.91 13.41
CA GLN A 380 19.02 3.31 12.96
C GLN A 380 18.02 3.30 11.79
N HIS A 381 17.05 4.17 11.83
CA HIS A 381 16.05 4.24 10.72
C HIS A 381 16.30 5.48 9.85
N LYS A 382 15.65 5.55 8.70
CA LYS A 382 15.79 6.73 7.80
C LYS A 382 14.39 7.19 7.35
N SER A 383 14.20 8.48 7.17
CA SER A 383 12.85 8.97 6.79
C SER A 383 12.80 9.55 5.37
N GLY A 384 11.61 9.69 4.85
CA GLY A 384 11.41 10.23 3.47
C GLY A 384 10.00 9.84 3.00
N ILE A 385 9.74 9.83 1.70
CA ILE A 385 8.37 9.41 1.22
C ILE A 385 8.07 8.02 1.78
N VAL A 386 9.09 7.16 1.80
CA VAL A 386 8.93 5.81 2.39
C VAL A 386 10.05 5.63 3.42
N SER A 387 9.72 5.39 4.67
CA SER A 387 10.79 5.22 5.69
C SER A 387 11.39 3.83 5.60
N GLY A 388 12.55 3.61 6.21
CA GLY A 388 13.17 2.26 6.13
C GLY A 388 14.20 2.06 7.26
N VAL A 389 14.91 0.96 7.22
CA VAL A 389 15.94 0.68 8.28
C VAL A 389 17.33 0.63 7.62
N GLN A 390 18.29 1.34 8.16
CA GLN A 390 19.66 1.35 7.54
C GLN A 390 20.31 -0.02 7.61
N ALA A 391 20.20 -0.68 8.73
CA ALA A 391 20.81 -2.05 8.84
C ALA A 391 20.16 -2.83 9.99
N LEU A 392 20.08 -4.13 9.87
CA LEU A 392 19.45 -4.95 10.94
C LEU A 392 20.22 -6.28 11.16
N PRO A 393 21.28 -6.20 11.92
CA PRO A 393 22.10 -7.41 12.22
C PRO A 393 21.38 -8.31 13.23
N LEU A 394 21.10 -9.54 12.84
CA LEU A 394 20.41 -10.51 13.76
C LEU A 394 21.35 -11.67 14.12
N VAL A 395 21.13 -12.29 15.26
CA VAL A 395 21.95 -13.47 15.66
C VAL A 395 21.05 -14.52 16.29
N TRP A 396 21.42 -15.76 16.14
CA TRP A 396 20.63 -16.85 16.76
C TRP A 396 21.49 -18.12 16.86
N ASP A 397 21.16 -18.99 17.77
CA ASP A 397 21.93 -20.24 17.92
C ASP A 397 21.40 -21.22 16.87
N PRO A 398 22.25 -21.67 16.00
CA PRO A 398 21.82 -22.61 14.95
C PRO A 398 21.50 -23.99 15.54
N ALA A 399 21.58 -24.14 16.85
CA ALA A 399 21.21 -25.43 17.49
C ALA A 399 19.71 -25.39 17.78
N THR A 400 19.14 -24.20 17.79
CA THR A 400 17.68 -24.03 18.05
C THR A 400 16.90 -23.95 16.72
N THR A 401 17.57 -23.99 15.58
CA THR A 401 16.83 -23.89 14.27
C THR A 401 16.52 -25.29 13.73
N LYS A 402 15.75 -25.39 12.68
CA LYS A 402 15.44 -26.75 12.11
C LYS A 402 15.20 -26.67 10.60
N ALA A 403 15.84 -27.53 9.86
CA ALA A 403 15.64 -27.54 8.38
C ALA A 403 14.35 -28.26 8.04
N VAL A 404 13.56 -27.72 7.14
CA VAL A 404 12.27 -28.39 6.76
C VAL A 404 12.56 -29.57 5.83
N SER B 1 -22.02 -18.53 6.72
CA SER B 1 -23.28 -18.62 5.92
C SER B 1 -22.96 -18.97 4.46
N LYS B 2 -23.87 -19.59 3.77
CA LYS B 2 -23.59 -20.00 2.36
C LYS B 2 -23.71 -18.83 1.37
N VAL B 3 -22.79 -18.79 0.44
CA VAL B 3 -22.80 -17.74 -0.64
C VAL B 3 -22.46 -18.43 -1.97
N VAL B 4 -23.32 -18.33 -2.95
CA VAL B 4 -23.03 -19.02 -4.24
C VAL B 4 -22.64 -18.02 -5.35
N TYR B 5 -21.53 -18.29 -6.01
CA TYR B 5 -21.06 -17.39 -7.11
C TYR B 5 -21.24 -18.09 -8.46
N VAL B 6 -22.16 -17.63 -9.29
CA VAL B 6 -22.31 -18.28 -10.62
C VAL B 6 -21.49 -17.50 -11.64
N SER B 7 -20.64 -18.18 -12.38
CA SER B 7 -19.75 -17.47 -13.35
C SER B 7 -20.43 -17.26 -14.71
N HIS B 8 -19.75 -16.55 -15.59
CA HIS B 8 -20.30 -16.26 -16.96
C HIS B 8 -20.54 -17.57 -17.73
N ASP B 9 -19.59 -18.46 -17.71
CA ASP B 9 -19.75 -19.78 -18.42
C ASP B 9 -20.86 -20.63 -17.78
N GLY B 10 -21.34 -20.25 -16.62
CA GLY B 10 -22.43 -21.03 -15.96
C GLY B 10 -21.89 -21.94 -14.85
N THR B 11 -20.67 -21.72 -14.41
CA THR B 11 -20.11 -22.59 -13.32
C THR B 11 -20.62 -22.10 -11.95
N ARG B 12 -20.81 -23.01 -11.02
CA ARG B 12 -21.34 -22.62 -9.69
C ARG B 12 -20.34 -22.94 -8.56
N ARG B 13 -20.05 -21.97 -7.72
CA ARG B 13 -19.11 -22.20 -6.58
C ARG B 13 -19.78 -21.79 -5.25
N GLU B 14 -19.78 -22.67 -4.28
CA GLU B 14 -20.44 -22.35 -2.97
C GLU B 14 -19.41 -22.19 -1.84
N LEU B 15 -19.51 -21.11 -1.08
CA LEU B 15 -18.56 -20.88 0.05
C LEU B 15 -19.31 -20.71 1.37
N ASP B 16 -18.62 -20.92 2.47
CA ASP B 16 -19.24 -20.69 3.81
C ASP B 16 -18.57 -19.44 4.40
N VAL B 17 -19.15 -18.30 4.16
CA VAL B 17 -18.53 -17.01 4.62
C VAL B 17 -19.00 -16.62 6.02
N ALA B 18 -18.07 -16.24 6.87
CA ALA B 18 -18.42 -15.82 8.25
C ALA B 18 -18.99 -14.39 8.24
N ASP B 19 -19.52 -13.95 9.36
CA ASP B 19 -20.12 -12.57 9.43
C ASP B 19 -19.03 -11.50 9.31
N GLY B 20 -19.38 -10.35 8.80
CA GLY B 20 -18.39 -9.23 8.67
C GLY B 20 -17.55 -9.35 7.39
N VAL B 21 -17.59 -10.46 6.70
CA VAL B 21 -16.77 -10.60 5.46
C VAL B 21 -17.56 -10.13 4.23
N SER B 22 -16.94 -9.34 3.39
CA SER B 22 -17.64 -8.86 2.16
C SER B 22 -17.58 -9.96 1.10
N LEU B 23 -18.54 -10.00 0.20
CA LEU B 23 -18.53 -11.05 -0.86
C LEU B 23 -17.27 -10.92 -1.74
N MET B 24 -16.70 -9.74 -1.81
CA MET B 24 -15.46 -9.55 -2.64
C MET B 24 -14.29 -10.26 -1.96
N GLN B 25 -14.10 -10.04 -0.68
CA GLN B 25 -12.97 -10.71 0.05
C GLN B 25 -13.12 -12.23 -0.04
N ALA B 26 -14.33 -12.72 0.11
CA ALA B 26 -14.55 -14.20 0.04
C ALA B 26 -14.25 -14.71 -1.37
N ALA B 27 -14.64 -13.97 -2.38
CA ALA B 27 -14.38 -14.41 -3.79
C ALA B 27 -12.88 -14.37 -4.11
N VAL B 28 -12.22 -13.27 -3.82
CA VAL B 28 -10.76 -13.16 -4.12
C VAL B 28 -9.94 -14.15 -3.26
N SER B 29 -10.33 -14.33 -2.01
CA SER B 29 -9.59 -15.26 -1.11
C SER B 29 -9.81 -16.73 -1.53
N ASN B 30 -10.78 -17.00 -2.37
CA ASN B 30 -11.03 -18.42 -2.78
C ASN B 30 -10.83 -18.58 -4.29
N GLY B 31 -10.07 -17.70 -4.90
CA GLY B 31 -9.80 -17.79 -6.37
C GLY B 31 -11.10 -17.86 -7.18
N ILE B 32 -12.13 -17.13 -6.80
CA ILE B 32 -13.38 -17.18 -7.60
C ILE B 32 -13.15 -16.41 -8.92
N TYR B 33 -13.80 -16.86 -9.96
CA TYR B 33 -13.59 -16.31 -11.33
C TYR B 33 -13.94 -14.82 -11.56
N ASP B 34 -13.10 -14.20 -12.36
CA ASP B 34 -13.26 -12.77 -12.83
C ASP B 34 -13.26 -11.66 -11.74
N ILE B 35 -13.79 -11.88 -10.56
CA ILE B 35 -13.77 -10.77 -9.54
C ILE B 35 -12.34 -10.33 -9.23
N VAL B 36 -12.03 -9.07 -9.42
CA VAL B 36 -10.65 -8.57 -9.15
C VAL B 36 -10.56 -7.87 -7.79
N GLY B 37 -11.43 -6.92 -7.51
CA GLY B 37 -11.35 -6.18 -6.21
C GLY B 37 -10.01 -5.44 -6.18
N ASP B 38 -9.79 -4.61 -7.17
CA ASP B 38 -8.50 -3.86 -7.29
C ASP B 38 -8.38 -2.76 -6.22
N CYS B 39 -9.37 -1.94 -6.07
CA CYS B 39 -9.28 -0.82 -5.06
C CYS B 39 -9.23 -1.34 -3.61
N GLY B 40 -9.47 -2.62 -3.38
CA GLY B 40 -9.38 -3.17 -1.99
C GLY B 40 -10.76 -3.23 -1.31
N GLY B 41 -11.80 -2.72 -1.93
CA GLY B 41 -13.15 -2.78 -1.29
C GLY B 41 -13.56 -1.40 -0.74
N SER B 42 -12.94 -0.34 -1.21
CA SER B 42 -13.33 1.03 -0.72
C SER B 42 -14.29 1.73 -1.70
N ALA B 43 -14.93 0.98 -2.57
CA ALA B 43 -15.91 1.57 -3.54
C ALA B 43 -15.26 2.66 -4.40
N SER B 44 -14.04 2.45 -4.84
CA SER B 44 -13.36 3.46 -5.71
C SER B 44 -13.06 2.83 -7.09
N CYS B 45 -13.62 1.67 -7.35
CA CYS B 45 -13.40 0.99 -8.67
C CYS B 45 -14.65 0.15 -9.02
N ALA B 46 -14.64 -0.55 -10.13
CA ALA B 46 -15.84 -1.35 -10.50
C ALA B 46 -15.44 -2.76 -10.98
N THR B 47 -14.39 -3.33 -10.43
CA THR B 47 -13.97 -4.70 -10.89
C THR B 47 -14.51 -5.79 -9.93
N CYS B 48 -15.43 -5.45 -9.07
CA CYS B 48 -16.06 -6.44 -8.15
C CYS B 48 -17.56 -6.47 -8.43
N HIS B 49 -17.91 -6.21 -9.66
CA HIS B 49 -19.35 -6.16 -10.08
C HIS B 49 -20.01 -7.54 -10.13
N VAL B 50 -21.20 -7.65 -9.56
CA VAL B 50 -21.94 -8.95 -9.57
C VAL B 50 -23.45 -8.66 -9.64
N TYR B 51 -24.23 -9.63 -10.06
CA TYR B 51 -25.72 -9.42 -10.12
C TYR B 51 -26.36 -10.19 -8.95
N VAL B 52 -26.74 -9.51 -7.90
CA VAL B 52 -27.37 -10.23 -6.73
C VAL B 52 -28.68 -10.90 -7.19
N ASN B 53 -28.89 -12.13 -6.81
CA ASN B 53 -30.14 -12.82 -7.23
C ASN B 53 -31.36 -12.01 -6.76
N GLU B 54 -32.28 -11.81 -7.66
CA GLU B 54 -33.53 -11.01 -7.38
C GLU B 54 -34.18 -11.36 -6.03
N ALA B 55 -34.08 -12.59 -5.57
CA ALA B 55 -34.72 -12.97 -4.29
C ALA B 55 -33.96 -12.46 -3.03
N PHE B 56 -32.78 -11.89 -3.20
CA PHE B 56 -32.02 -11.41 -1.99
C PHE B 56 -31.76 -9.89 -2.04
N THR B 57 -32.07 -9.24 -3.14
CA THR B 57 -31.80 -7.77 -3.26
C THR B 57 -32.43 -6.94 -2.13
N ASP B 58 -33.61 -7.28 -1.68
CA ASP B 58 -34.24 -6.48 -0.57
C ASP B 58 -33.68 -6.89 0.81
N LYS B 59 -32.87 -7.93 0.88
CA LYS B 59 -32.27 -8.34 2.18
C LYS B 59 -30.93 -7.62 2.39
N VAL B 60 -30.43 -6.98 1.37
CA VAL B 60 -29.13 -6.27 1.48
C VAL B 60 -29.40 -4.75 1.55
N PRO B 61 -28.63 -4.06 2.38
CA PRO B 61 -28.82 -2.59 2.52
C PRO B 61 -28.27 -1.90 1.26
N ALA B 62 -29.13 -1.20 0.55
CA ALA B 62 -28.77 -0.50 -0.74
C ALA B 62 -27.36 0.14 -0.82
N ALA B 63 -26.93 0.38 -2.06
CA ALA B 63 -25.61 1.02 -2.34
C ALA B 63 -25.59 2.47 -1.85
N ASN B 64 -24.44 2.94 -1.39
CA ASN B 64 -24.34 4.35 -0.92
C ASN B 64 -23.95 5.27 -2.09
N GLU B 65 -23.64 6.52 -1.79
CA GLU B 65 -23.27 7.49 -2.88
C GLU B 65 -22.05 7.02 -3.68
N ARG B 66 -21.04 6.49 -3.02
CA ARG B 66 -19.82 6.04 -3.75
C ARG B 66 -20.09 4.83 -4.65
N GLU B 67 -20.85 3.87 -4.18
CA GLU B 67 -21.13 2.68 -5.05
C GLU B 67 -21.99 3.07 -6.25
N ILE B 68 -23.02 3.86 -6.04
CA ILE B 68 -23.88 4.29 -7.19
C ILE B 68 -23.00 4.94 -8.27
N GLY B 69 -22.07 5.77 -7.86
CA GLY B 69 -21.18 6.45 -8.84
C GLY B 69 -20.31 5.41 -9.57
N MET B 70 -19.69 4.50 -8.85
CA MET B 70 -18.82 3.47 -9.51
C MET B 70 -19.65 2.53 -10.39
N LEU B 71 -20.87 2.23 -10.00
CA LEU B 71 -21.73 1.32 -10.83
C LEU B 71 -22.01 1.96 -12.21
N GLU B 72 -21.93 3.27 -12.30
CA GLU B 72 -22.17 3.95 -13.61
C GLU B 72 -21.04 3.66 -14.61
N SER B 73 -19.96 3.04 -14.17
CA SER B 73 -18.82 2.78 -15.09
C SER B 73 -18.51 1.27 -15.24
N VAL B 74 -19.38 0.39 -14.77
CA VAL B 74 -19.09 -1.07 -14.91
C VAL B 74 -18.98 -1.43 -16.40
N THR B 75 -18.05 -2.29 -16.75
CA THR B 75 -17.88 -2.69 -18.18
C THR B 75 -19.00 -3.65 -18.60
N ALA B 76 -19.39 -4.55 -17.74
CA ALA B 76 -20.48 -5.50 -18.08
C ALA B 76 -21.84 -4.77 -18.09
N GLU B 77 -22.87 -5.40 -18.60
CA GLU B 77 -24.22 -4.74 -18.64
C GLU B 77 -24.68 -4.33 -17.23
N LEU B 78 -25.26 -3.16 -17.10
CA LEU B 78 -25.74 -2.72 -15.76
C LEU B 78 -27.19 -3.16 -15.56
N LYS B 79 -27.42 -4.00 -14.60
CA LYS B 79 -28.81 -4.46 -14.32
C LYS B 79 -29.33 -3.72 -13.07
N PRO B 80 -30.62 -3.84 -12.83
CA PRO B 80 -31.19 -3.18 -11.62
C PRO B 80 -30.84 -3.99 -10.35
N ASN B 81 -30.13 -5.10 -10.49
CA ASN B 81 -29.71 -5.89 -9.29
C ASN B 81 -28.16 -5.96 -9.27
N SER B 82 -27.52 -5.02 -9.94
CA SER B 82 -26.04 -4.99 -10.00
C SER B 82 -25.47 -4.36 -8.74
N ARG B 83 -24.42 -4.93 -8.19
CA ARG B 83 -23.82 -4.37 -6.94
C ARG B 83 -22.31 -4.63 -6.88
N LEU B 84 -21.56 -3.72 -6.30
CA LEU B 84 -20.11 -3.98 -6.11
C LEU B 84 -20.03 -4.87 -4.87
N CYS B 85 -19.89 -6.16 -5.06
CA CYS B 85 -19.91 -7.14 -3.92
C CYS B 85 -18.99 -6.75 -2.75
N CYS B 86 -18.02 -5.88 -2.93
CA CYS B 86 -17.16 -5.48 -1.78
C CYS B 86 -17.99 -4.64 -0.78
N GLN B 87 -19.15 -4.16 -1.21
CA GLN B 87 -20.02 -3.36 -0.30
C GLN B 87 -21.04 -4.27 0.41
N ILE B 88 -21.17 -5.50 0.00
CA ILE B 88 -22.14 -6.44 0.65
C ILE B 88 -21.46 -7.22 1.78
N ILE B 89 -21.71 -6.85 3.02
CA ILE B 89 -21.10 -7.60 4.16
C ILE B 89 -22.00 -8.80 4.48
N MET B 90 -21.40 -9.97 4.62
CA MET B 90 -22.21 -11.19 4.87
C MET B 90 -22.74 -11.29 6.30
N THR B 91 -23.97 -11.70 6.40
CA THR B 91 -24.63 -11.91 7.72
C THR B 91 -25.42 -13.21 7.61
N PRO B 92 -25.88 -13.77 8.71
CA PRO B 92 -26.64 -15.02 8.62
C PRO B 92 -28.06 -14.77 8.10
N GLU B 93 -28.40 -13.55 7.78
CA GLU B 93 -29.74 -13.28 7.20
C GLU B 93 -29.63 -13.46 5.68
N LEU B 94 -28.42 -13.34 5.17
CA LEU B 94 -28.17 -13.50 3.71
C LEU B 94 -27.77 -14.95 3.39
N ASP B 95 -27.94 -15.86 4.32
CA ASP B 95 -27.52 -17.28 4.06
C ASP B 95 -28.17 -17.82 2.79
N GLY B 96 -27.37 -18.34 1.89
CA GLY B 96 -27.90 -18.91 0.62
C GLY B 96 -27.98 -17.85 -0.49
N ILE B 97 -27.48 -16.66 -0.28
CA ILE B 97 -27.55 -15.62 -1.37
C ILE B 97 -26.77 -16.08 -2.61
N VAL B 98 -27.28 -15.77 -3.78
CA VAL B 98 -26.59 -16.18 -5.04
C VAL B 98 -26.29 -14.94 -5.89
N VAL B 99 -25.08 -14.83 -6.39
CA VAL B 99 -24.74 -13.65 -7.24
C VAL B 99 -24.07 -14.12 -8.52
N ASP B 100 -24.46 -13.57 -9.64
CA ASP B 100 -23.84 -13.96 -10.93
C ASP B 100 -22.67 -13.03 -11.22
N VAL B 101 -21.55 -13.57 -11.62
CA VAL B 101 -20.36 -12.70 -11.89
C VAL B 101 -20.17 -12.54 -13.41
N PRO B 102 -20.07 -11.30 -13.83
CA PRO B 102 -19.88 -10.98 -15.27
C PRO B 102 -18.40 -11.14 -15.59
N ASP B 103 -18.09 -11.85 -16.64
CA ASP B 103 -16.65 -12.09 -17.03
C ASP B 103 -15.86 -10.80 -17.36
N ARG B 104 -16.43 -9.63 -17.25
CA ARG B 104 -15.65 -8.40 -17.59
C ARG B 104 -15.65 -7.42 -16.41
N GLN B 105 -14.51 -7.17 -15.81
CA GLN B 105 -14.46 -6.24 -14.65
C GLN B 105 -13.67 -4.99 -15.03
N TRP B 106 -12.50 -5.17 -15.59
CA TRP B 106 -11.66 -4.00 -16.00
C TRP B 106 -12.36 -3.21 -17.12
#